data_4C3E
#
_entry.id   4C3E
#
_cell.length_a   89.680
_cell.length_b   141.600
_cell.length_c   142.160
_cell.angle_alpha   90.00
_cell.angle_beta   93.92
_cell.angle_gamma   90.00
#
_symmetry.space_group_name_H-M   'P 1 21 1'
#
loop_
_entity.id
_entity.type
_entity.pdbx_description
1 polymer 'MATRIX M2-1'
2 non-polymer 'ZINC ION'
3 water water
#
_entity_poly.entity_id   1
_entity_poly.type   'polypeptide(L)'
_entity_poly.pdbx_seq_one_letter_code
;GPLGSMSRRNPCKFEIRGHCLNGKRCHFSHNYFEWPPHALLVRQNFMLNRILKSMDKSIDTLDEIDGAAELDRTEEYALG
VVGVLESYIGSINNITKQSACVAMSKLLTELNSDDIKKLRDNEELNSPKIRVYNTVISYIESNRKNNKQTIHLLKRLPAD
VLKKTIKNTLDIHKSITINNPKESTVSDTNDHAKNNDTT
;
_entity_poly.pdbx_strand_id   A,B,C,D,E,F,G,H,I,J,K,L,M,N,O,P
#
loop_
_chem_comp.id
_chem_comp.type
_chem_comp.name
_chem_comp.formula
ZN non-polymer 'ZINC ION' 'Zn 2'
#
# COMPACT_ATOMS: atom_id res chain seq x y z
N LEU A 3 12.46 0.75 -74.31
CA LEU A 3 13.16 1.66 -73.34
C LEU A 3 13.09 1.20 -71.86
N GLY A 4 12.10 0.34 -71.57
CA GLY A 4 11.75 -0.20 -70.24
C GLY A 4 10.35 0.33 -69.98
N SER A 5 9.74 -0.09 -68.88
CA SER A 5 8.53 0.59 -68.43
C SER A 5 8.90 1.99 -67.90
N MET A 6 8.00 2.94 -68.07
CA MET A 6 8.26 4.29 -67.61
C MET A 6 8.23 4.37 -66.04
N SER A 7 7.81 3.28 -65.38
CA SER A 7 7.37 3.32 -64.00
C SER A 7 7.63 2.04 -63.29
N ARG A 8 7.77 2.12 -61.98
CA ARG A 8 8.02 0.96 -61.17
C ARG A 8 7.10 1.11 -59.96
N ARG A 9 6.59 0.02 -59.44
CA ARG A 9 5.69 0.07 -58.31
C ARG A 9 6.42 0.36 -57.00
N ASN A 10 5.85 1.27 -56.21
CA ASN A 10 6.36 1.57 -54.90
C ASN A 10 6.00 0.46 -53.93
N PRO A 11 6.81 0.29 -52.90
CA PRO A 11 6.53 -0.72 -51.92
C PRO A 11 5.29 -0.43 -51.11
N CYS A 12 4.57 -1.48 -50.79
CA CYS A 12 3.37 -1.34 -50.08
C CYS A 12 3.67 -1.03 -48.61
N LYS A 13 3.09 0.09 -48.17
CA LYS A 13 3.28 0.54 -46.83
C LYS A 13 2.72 -0.42 -45.85
N PHE A 14 1.73 -1.20 -46.21
CA PHE A 14 1.26 -2.17 -45.24
C PHE A 14 2.25 -3.32 -45.08
N GLU A 15 2.92 -3.65 -46.15
CA GLU A 15 3.83 -4.78 -46.18
C GLU A 15 5.08 -4.32 -45.43
N ILE A 16 5.48 -3.06 -45.61
CA ILE A 16 6.58 -2.51 -44.86
C ILE A 16 6.40 -2.68 -43.36
N ARG A 17 5.17 -2.63 -42.84
CA ARG A 17 4.93 -2.87 -41.41
C ARG A 17 4.56 -4.25 -41.05
N GLY A 18 4.54 -5.17 -42.01
CA GLY A 18 4.24 -6.58 -41.66
C GLY A 18 3.81 -7.28 -42.95
N HIS A 19 2.52 -7.59 -43.00
CA HIS A 19 1.90 -8.25 -44.12
C HIS A 19 0.72 -7.43 -44.62
N CYS A 20 0.74 -7.04 -45.88
CA CYS A 20 -0.43 -6.48 -46.59
C CYS A 20 -1.59 -7.42 -46.60
N LEU A 21 -2.75 -6.93 -46.20
CA LEU A 21 -3.92 -7.83 -45.95
C LEU A 21 -5.01 -7.54 -46.99
N ASN A 22 -4.64 -6.75 -47.98
CA ASN A 22 -5.54 -6.26 -48.98
CA ASN A 22 -5.55 -6.29 -48.98
C ASN A 22 -5.61 -7.18 -50.22
N GLY A 23 -5.09 -8.41 -50.15
CA GLY A 23 -5.04 -9.34 -51.32
C GLY A 23 -4.65 -8.70 -52.64
N LYS A 24 -5.33 -9.10 -53.74
CA LYS A 24 -5.00 -8.61 -55.09
C LYS A 24 -5.51 -7.21 -55.39
N ARG A 25 -6.39 -6.69 -54.58
CA ARG A 25 -6.84 -5.31 -54.72
CA ARG A 25 -6.84 -5.31 -54.72
C ARG A 25 -5.69 -4.29 -54.58
N CYS A 26 -4.64 -4.65 -53.83
CA CYS A 26 -3.52 -3.71 -53.59
C CYS A 26 -2.64 -3.60 -54.80
N HIS A 27 -2.41 -2.38 -55.24
CA HIS A 27 -1.65 -2.09 -56.44
C HIS A 27 -0.18 -1.77 -56.14
N PHE A 28 0.23 -1.80 -54.88
CA PHE A 28 1.64 -1.55 -54.57
C PHE A 28 2.47 -2.83 -54.64
N SER A 29 3.79 -2.70 -54.60
CA SER A 29 4.68 -3.86 -54.69
C SER A 29 4.81 -4.63 -53.40
N HIS A 30 4.60 -5.94 -53.51
CA HIS A 30 4.77 -6.87 -52.43
C HIS A 30 5.95 -7.78 -52.76
N ASN A 31 6.74 -7.34 -53.72
CA ASN A 31 7.87 -8.15 -54.17
C ASN A 31 9.22 -7.56 -53.69
N TYR A 32 9.80 -8.18 -52.67
CA TYR A 32 11.00 -7.62 -52.03
C TYR A 32 12.17 -7.39 -53.00
N PHE A 33 12.25 -8.18 -54.09
CA PHE A 33 13.32 -7.98 -55.11
C PHE A 33 13.24 -6.65 -55.75
N GLU A 34 12.09 -5.99 -55.74
CA GLU A 34 12.05 -4.68 -56.42
C GLU A 34 11.99 -3.50 -55.45
N TRP A 35 12.06 -3.77 -54.16
CA TRP A 35 12.05 -2.69 -53.17
C TRP A 35 13.37 -1.97 -53.07
N PRO A 36 13.33 -0.68 -52.81
CA PRO A 36 14.58 -0.02 -52.44
C PRO A 36 15.06 -0.54 -51.09
N PRO A 37 16.36 -0.47 -50.87
CA PRO A 37 16.96 -0.93 -49.62
C PRO A 37 16.37 -0.31 -48.38
N HIS A 38 16.08 0.98 -48.41
CA HIS A 38 15.51 1.60 -47.19
C HIS A 38 14.22 0.95 -46.72
N ALA A 39 13.36 0.61 -47.67
CA ALA A 39 12.09 -0.03 -47.27
C ALA A 39 12.29 -1.41 -46.74
N LEU A 40 13.26 -2.14 -47.30
CA LEU A 40 13.58 -3.47 -46.75
C LEU A 40 14.16 -3.36 -45.35
N LEU A 41 15.00 -2.36 -45.12
CA LEU A 41 15.52 -2.08 -43.72
C LEU A 41 14.44 -1.72 -42.77
N VAL A 42 13.46 -0.87 -43.18
CA VAL A 42 12.39 -0.49 -42.24
C VAL A 42 11.53 -1.70 -41.89
N ARG A 43 11.20 -2.51 -42.88
CA ARG A 43 10.33 -3.70 -42.61
C ARG A 43 10.95 -4.71 -41.73
N GLN A 44 12.27 -4.90 -41.86
CA GLN A 44 12.94 -5.82 -40.91
C GLN A 44 12.74 -5.39 -39.51
N ASN A 45 12.83 -4.08 -39.28
CA ASN A 45 12.66 -3.60 -37.91
C ASN A 45 11.28 -3.83 -37.40
N PHE A 46 10.25 -3.52 -38.21
CA PHE A 46 8.88 -3.80 -37.72
C PHE A 46 8.70 -5.27 -37.51
N MET A 47 9.29 -6.09 -38.38
CA MET A 47 9.08 -7.57 -38.20
C MET A 47 9.85 -8.10 -36.98
N LEU A 48 11.07 -7.62 -36.77
CA LEU A 48 11.78 -8.04 -35.55
C LEU A 48 10.96 -7.65 -34.33
N ASN A 49 10.40 -6.43 -34.32
CA ASN A 49 9.57 -6.03 -33.14
C ASN A 49 8.46 -6.98 -32.93
N ARG A 50 7.84 -7.39 -34.03
CA ARG A 50 6.74 -8.33 -33.93
C ARG A 50 7.17 -9.74 -33.48
N ILE A 51 8.27 -10.23 -34.03
CA ILE A 51 8.79 -11.52 -33.54
C ILE A 51 9.13 -11.46 -32.03
N LEU A 52 9.83 -10.41 -31.60
CA LEU A 52 10.17 -10.28 -30.16
C LEU A 52 8.95 -10.23 -29.30
N LYS A 53 7.97 -9.40 -29.68
CA LYS A 53 6.72 -9.28 -28.92
C LYS A 53 6.00 -10.61 -28.82
N SER A 54 6.01 -11.38 -29.90
CA SER A 54 5.30 -12.65 -29.88
C SER A 54 5.93 -13.76 -29.04
N MET A 55 7.07 -13.52 -28.40
CA MET A 55 7.59 -14.50 -27.46
C MET A 55 7.75 -13.96 -26.04
N ASP A 56 6.93 -12.96 -25.68
CA ASP A 56 6.90 -12.38 -24.33
C ASP A 56 6.35 -13.34 -23.26
N LEU A 62 0.93 -11.35 -17.84
CA LEU A 62 1.16 -10.23 -16.89
C LEU A 62 -0.08 -9.55 -16.28
N ASP A 63 -1.13 -9.27 -17.07
CA ASP A 63 -2.37 -8.69 -16.49
C ASP A 63 -3.06 -9.66 -15.53
N GLU A 64 -2.48 -10.83 -15.36
CA GLU A 64 -2.65 -11.67 -14.19
C GLU A 64 -2.19 -11.03 -12.86
N ILE A 65 -1.33 -10.02 -12.92
CA ILE A 65 -0.62 -9.51 -11.73
C ILE A 65 -0.90 -8.05 -11.36
N ASP A 66 -0.94 -7.77 -10.06
CA ASP A 66 -1.29 -6.43 -9.52
C ASP A 66 -0.30 -5.32 -9.92
N GLY A 67 -0.84 -4.26 -10.51
CA GLY A 67 -0.07 -3.08 -10.93
C GLY A 67 0.22 -3.03 -12.41
N ALA A 68 -0.03 -4.16 -13.09
CA ALA A 68 0.33 -4.32 -14.51
C ALA A 68 -0.58 -3.54 -15.44
N ALA A 69 -1.89 -3.73 -15.28
CA ALA A 69 -2.90 -3.09 -16.15
C ALA A 69 -2.76 -1.56 -16.12
N GLU A 70 -2.41 -1.03 -14.94
CA GLU A 70 -2.23 0.41 -14.74
C GLU A 70 -1.21 0.99 -15.72
N LEU A 71 -0.18 0.20 -16.07
CA LEU A 71 0.85 0.68 -16.99
C LEU A 71 0.35 0.91 -18.43
N ASP A 72 -0.84 0.37 -18.75
CA ASP A 72 -1.46 0.50 -20.10
C ASP A 72 -2.40 1.69 -20.24
N ARG A 73 -2.70 2.34 -19.10
CA ARG A 73 -3.55 3.56 -19.09
C ARG A 73 -2.85 4.73 -19.74
N THR A 74 -3.62 5.74 -20.07
CA THR A 74 -3.18 6.85 -20.89
C THR A 74 -1.93 7.57 -20.33
N GLU A 75 -1.87 7.81 -19.03
CA GLU A 75 -0.80 8.67 -18.51
C GLU A 75 0.49 7.89 -18.20
N GLU A 76 0.36 6.60 -17.95
CA GLU A 76 1.51 5.72 -17.70
C GLU A 76 2.16 5.37 -19.05
N TYR A 77 1.35 5.30 -20.08
CA TYR A 77 1.84 5.17 -21.44
C TYR A 77 2.63 6.41 -21.87
N ALA A 78 2.17 7.58 -21.49
CA ALA A 78 2.90 8.81 -21.84
C ALA A 78 4.19 8.97 -21.04
N LEU A 79 4.16 8.49 -19.81
CA LEU A 79 5.35 8.52 -18.94
C LEU A 79 6.43 7.55 -19.46
N GLY A 80 5.97 6.42 -19.99
CA GLY A 80 6.86 5.32 -20.29
C GLY A 80 7.27 4.62 -19.02
N VAL A 81 7.91 3.48 -19.17
CA VAL A 81 8.45 2.76 -18.03
C VAL A 81 9.40 3.60 -17.19
N VAL A 82 10.23 4.39 -17.82
CA VAL A 82 11.22 5.16 -17.12
C VAL A 82 10.48 6.29 -16.34
N GLY A 83 9.52 6.98 -16.98
CA GLY A 83 8.71 7.98 -16.33
C GLY A 83 8.00 7.41 -15.13
N VAL A 84 7.46 6.23 -15.27
CA VAL A 84 6.76 5.60 -14.20
C VAL A 84 7.72 5.38 -13.06
N LEU A 85 8.94 4.91 -13.35
CA LEU A 85 9.84 4.56 -12.28
C LEU A 85 10.35 5.85 -11.59
N GLU A 86 10.68 6.86 -12.37
CA GLU A 86 11.19 8.12 -11.88
C GLU A 86 10.09 8.82 -11.04
N SER A 87 8.85 8.65 -11.46
CA SER A 87 7.70 9.16 -10.73
C SER A 87 7.55 8.46 -9.40
N TYR A 88 7.70 7.16 -9.37
CA TYR A 88 7.59 6.44 -8.10
C TYR A 88 8.67 6.91 -7.15
N ILE A 89 9.87 7.13 -7.66
CA ILE A 89 10.95 7.58 -6.82
C ILE A 89 10.64 8.96 -6.20
N GLY A 90 10.13 9.92 -6.98
CA GLY A 90 9.74 11.21 -6.50
C GLY A 90 8.31 11.31 -5.95
N SER A 91 7.68 10.17 -5.68
CA SER A 91 6.31 10.13 -5.17
C SER A 91 5.34 11.07 -5.87
N ILE A 92 5.40 11.16 -7.18
CA ILE A 92 4.40 11.88 -7.96
C ILE A 92 3.64 10.96 -8.94
N ASN A 93 2.68 11.54 -9.65
CA ASN A 93 1.85 10.89 -10.69
C ASN A 93 1.16 9.59 -10.26
N ASN A 94 0.97 9.41 -8.96
CA ASN A 94 0.13 8.32 -8.44
C ASN A 94 0.60 6.92 -8.79
N ILE A 95 1.90 6.70 -8.77
CA ILE A 95 2.44 5.43 -9.12
C ILE A 95 2.52 4.64 -7.86
N THR A 96 1.82 3.51 -7.81
CA THR A 96 1.87 2.62 -6.70
C THR A 96 3.14 1.82 -6.76
N LYS A 97 3.45 1.17 -5.66
CA LYS A 97 4.59 0.32 -5.57
C LYS A 97 4.48 -0.88 -6.52
N GLN A 98 3.29 -1.48 -6.56
CA GLN A 98 2.97 -2.62 -7.42
C GLN A 98 3.34 -2.23 -8.85
N SER A 99 2.83 -1.10 -9.31
CA SER A 99 3.12 -0.68 -10.66
C SER A 99 4.62 -0.48 -10.91
N ALA A 100 5.32 0.00 -9.92
CA ALA A 100 6.69 0.36 -10.12
C ALA A 100 7.49 -0.91 -10.25
N CYS A 101 7.09 -1.94 -9.51
CA CYS A 101 7.73 -3.22 -9.60
C CYS A 101 7.54 -3.88 -10.97
N VAL A 102 6.33 -3.80 -11.51
CA VAL A 102 6.08 -4.30 -12.83
C VAL A 102 6.95 -3.53 -13.81
N ALA A 103 6.97 -2.20 -13.67
CA ALA A 103 7.72 -1.40 -14.58
C ALA A 103 9.22 -1.75 -14.50
N MET A 104 9.64 -2.14 -13.33
CA MET A 104 11.03 -2.47 -13.09
C MET A 104 11.33 -3.76 -13.86
N SER A 105 10.40 -4.72 -13.81
CA SER A 105 10.55 -5.94 -14.57
C SER A 105 10.69 -5.62 -16.05
N LYS A 106 9.96 -4.64 -16.54
CA LYS A 106 10.09 -4.28 -17.94
C LYS A 106 11.41 -3.67 -18.24
N LEU A 107 11.94 -2.89 -17.31
CA LEU A 107 13.25 -2.27 -17.52
C LEU A 107 14.36 -3.28 -17.55
N LEU A 108 14.27 -4.26 -16.68
CA LEU A 108 15.26 -5.33 -16.57
C LEU A 108 15.28 -6.09 -17.91
N THR A 109 14.09 -6.45 -18.40
CA THR A 109 13.93 -7.13 -19.70
C THR A 109 14.65 -6.38 -20.77
N GLU A 110 14.71 -5.07 -20.68
CA GLU A 110 15.32 -4.29 -21.76
C GLU A 110 16.86 -4.22 -21.63
N LEU A 111 17.37 -4.57 -20.45
CA LEU A 111 18.81 -4.52 -20.26
C LEU A 111 19.43 -5.86 -20.61
N ASN A 112 20.71 -5.87 -20.94
CA ASN A 112 21.38 -7.14 -20.88
C ASN A 112 22.65 -7.24 -20.01
N SER A 113 22.74 -8.36 -19.30
CA SER A 113 23.83 -8.69 -18.46
C SER A 113 25.20 -8.42 -19.04
N ASP A 114 25.43 -8.81 -20.28
CA ASP A 114 26.76 -8.70 -20.85
C ASP A 114 27.26 -7.28 -20.86
N ASP A 115 26.38 -6.34 -21.06
CA ASP A 115 26.78 -4.94 -21.00
C ASP A 115 27.19 -4.55 -19.60
N ILE A 116 26.54 -5.13 -18.61
CA ILE A 116 26.82 -4.76 -17.23
C ILE A 116 28.17 -5.39 -16.87
N LYS A 117 28.35 -6.68 -17.22
CA LYS A 117 29.65 -7.33 -17.00
C LYS A 117 30.76 -6.55 -17.61
N LYS A 118 30.55 -5.99 -18.80
CA LYS A 118 31.58 -5.15 -19.36
C LYS A 118 31.88 -3.96 -18.43
N LEU A 119 30.86 -3.35 -17.84
CA LEU A 119 31.07 -2.19 -16.97
C LEU A 119 31.81 -2.63 -15.70
N ARG A 120 31.39 -3.77 -15.17
CA ARG A 120 31.97 -4.34 -13.98
C ARG A 120 33.45 -4.63 -14.13
N ASP A 121 33.86 -4.98 -15.33
CA ASP A 121 35.23 -5.28 -15.61
C ASP A 121 36.12 -4.02 -15.63
N ASN A 122 35.55 -2.85 -15.93
CA ASN A 122 36.31 -1.60 -15.88
C ASN A 122 36.57 -1.11 -14.45
N GLU A 123 35.94 -1.75 -13.46
CA GLU A 123 36.06 -1.29 -12.06
C GLU A 123 37.28 -1.89 -11.39
N GLU A 124 37.97 -1.07 -10.60
CA GLU A 124 39.03 -1.51 -9.69
C GLU A 124 38.38 -2.41 -8.67
N LEU A 125 39.10 -3.38 -8.13
CA LEU A 125 38.49 -4.28 -7.17
C LEU A 125 38.07 -3.57 -5.91
N ASN A 126 37.09 -4.15 -5.20
CA ASN A 126 36.50 -3.51 -4.01
C ASN A 126 35.79 -2.16 -4.25
N SER A 127 35.72 -1.70 -5.51
CA SER A 127 34.83 -0.59 -5.88
C SER A 127 33.40 -0.94 -5.46
N PRO A 128 32.70 0.01 -4.84
CA PRO A 128 31.34 -0.32 -4.34
C PRO A 128 30.31 -0.43 -5.49
N LYS A 129 30.65 0.12 -6.66
CA LYS A 129 29.88 -0.14 -7.87
C LYS A 129 29.71 -1.64 -8.17
N ILE A 130 30.75 -2.42 -7.95
CA ILE A 130 30.73 -3.84 -8.27
C ILE A 130 29.56 -4.53 -7.63
N ARG A 131 29.28 -4.16 -6.40
CA ARG A 131 28.17 -4.77 -5.67
C ARG A 131 26.84 -4.43 -6.36
N VAL A 132 26.71 -3.20 -6.88
CA VAL A 132 25.45 -2.81 -7.49
C VAL A 132 25.31 -3.52 -8.84
N TYR A 133 26.34 -3.45 -9.65
CA TYR A 133 26.38 -4.21 -10.88
C TYR A 133 25.97 -5.66 -10.69
N ASN A 134 26.49 -6.34 -9.68
CA ASN A 134 26.14 -7.75 -9.52
C ASN A 134 24.71 -7.89 -9.09
N THR A 135 24.20 -6.91 -8.37
CA THR A 135 22.84 -7.01 -7.89
C THR A 135 21.90 -6.86 -9.08
N VAL A 136 22.18 -5.88 -9.91
CA VAL A 136 21.40 -5.65 -11.08
C VAL A 136 21.48 -6.88 -12.01
N ILE A 137 22.68 -7.41 -12.24
CA ILE A 137 22.83 -8.63 -13.02
C ILE A 137 21.97 -9.74 -12.50
N SER A 138 21.95 -9.98 -11.19
CA SER A 138 21.10 -11.07 -10.68
C SER A 138 19.64 -10.78 -10.88
N TYR A 139 19.26 -9.51 -10.81
CA TYR A 139 17.87 -9.18 -11.09
C TYR A 139 17.50 -9.43 -12.54
N ILE A 140 18.36 -9.02 -13.46
CA ILE A 140 18.14 -9.31 -14.86
C ILE A 140 17.98 -10.80 -15.10
N GLU A 141 18.82 -11.63 -14.48
CA GLU A 141 18.73 -13.08 -14.70
C GLU A 141 17.50 -13.66 -14.05
N SER A 142 17.16 -13.27 -12.82
CA SER A 142 15.90 -13.73 -12.21
C SER A 142 14.74 -13.37 -13.09
N ASN A 143 14.76 -12.14 -13.61
CA ASN A 143 13.62 -11.60 -14.33
C ASN A 143 13.40 -12.37 -15.63
N ARG A 144 14.49 -12.69 -16.28
CA ARG A 144 14.48 -13.53 -17.46
C ARG A 144 13.92 -14.93 -17.18
N LYS A 145 14.32 -15.56 -16.08
CA LYS A 145 13.77 -16.88 -15.73
C LYS A 145 12.31 -16.81 -15.38
N ASN A 146 11.94 -15.87 -14.54
CA ASN A 146 10.58 -15.81 -14.02
C ASN A 146 10.23 -14.39 -13.56
N ASN A 147 9.64 -13.63 -14.45
CA ASN A 147 9.40 -12.25 -14.13
C ASN A 147 8.32 -12.08 -13.08
N LYS A 148 7.35 -12.97 -13.04
CA LYS A 148 6.37 -12.90 -11.96
C LYS A 148 7.02 -13.04 -10.58
N GLN A 149 7.95 -13.99 -10.47
CA GLN A 149 8.65 -14.20 -9.21
C GLN A 149 9.49 -12.98 -8.87
N THR A 150 10.21 -12.45 -9.86
CA THR A 150 11.07 -11.30 -9.65
C THR A 150 10.27 -10.08 -9.19
N ILE A 151 9.11 -9.89 -9.80
CA ILE A 151 8.20 -8.82 -9.40
C ILE A 151 7.76 -9.00 -7.96
N HIS A 152 7.46 -10.24 -7.57
CA HIS A 152 7.00 -10.49 -6.19
CA HIS A 152 7.03 -10.50 -6.18
C HIS A 152 8.11 -10.14 -5.18
N LEU A 153 9.34 -10.51 -5.49
CA LEU A 153 10.51 -10.15 -4.66
C LEU A 153 10.69 -8.65 -4.52
N LEU A 154 10.64 -7.96 -5.65
CA LEU A 154 10.69 -6.50 -5.63
C LEU A 154 9.62 -5.87 -4.73
N LYS A 155 8.39 -6.41 -4.74
CA LYS A 155 7.28 -5.88 -3.91
C LYS A 155 7.60 -6.00 -2.44
N ARG A 156 8.42 -6.98 -2.09
CA ARG A 156 8.77 -7.24 -0.69
C ARG A 156 9.87 -6.36 -0.14
N LEU A 157 10.65 -5.73 -1.00
CA LEU A 157 11.68 -4.83 -0.54
C LEU A 157 11.09 -3.60 0.18
N PRO A 158 11.78 -3.12 1.22
CA PRO A 158 11.39 -1.85 1.82
C PRO A 158 11.46 -0.74 0.79
N ALA A 159 10.45 0.11 0.76
CA ALA A 159 10.38 1.21 -0.19
C ALA A 159 11.74 1.86 -0.47
N ASP A 160 12.51 2.16 0.58
CA ASP A 160 13.73 2.95 0.40
C ASP A 160 14.79 2.15 -0.35
N VAL A 161 14.81 0.84 -0.17
CA VAL A 161 15.81 0.04 -0.88
C VAL A 161 15.34 -0.23 -2.31
N LEU A 162 14.02 -0.44 -2.51
CA LEU A 162 13.46 -0.54 -3.86
C LEU A 162 13.84 0.69 -4.68
N LYS A 163 13.68 1.87 -4.09
CA LYS A 163 13.96 3.10 -4.82
C LYS A 163 15.42 3.26 -5.12
N LYS A 164 16.25 2.76 -4.24
CA LYS A 164 17.69 2.75 -4.50
C LYS A 164 17.97 1.84 -5.70
N THR A 165 17.43 0.63 -5.64
CA THR A 165 17.66 -0.36 -6.67
C THR A 165 17.18 0.15 -8.02
N ILE A 166 15.99 0.72 -8.04
CA ILE A 166 15.45 1.29 -9.26
C ILE A 166 16.40 2.32 -9.81
N LYS A 167 16.81 3.20 -8.94
CA LYS A 167 17.64 4.33 -9.36
C LYS A 167 18.95 3.83 -9.94
N ASN A 168 19.50 2.82 -9.31
CA ASN A 168 20.77 2.25 -9.79
C ASN A 168 20.61 1.60 -11.17
N THR A 169 19.52 0.85 -11.34
CA THR A 169 19.15 0.27 -12.58
C THR A 169 18.92 1.33 -13.64
N LEU A 170 18.24 2.41 -13.30
CA LEU A 170 18.03 3.51 -14.27
C LEU A 170 19.32 4.14 -14.66
N ASP A 171 20.26 4.29 -13.72
CA ASP A 171 21.53 4.94 -14.05
C ASP A 171 22.34 4.07 -14.97
N ILE A 172 22.32 2.78 -14.69
CA ILE A 172 23.05 1.83 -15.52
C ILE A 172 22.49 1.83 -16.95
N HIS A 173 21.15 1.77 -17.05
CA HIS A 173 20.46 1.91 -18.32
C HIS A 173 20.86 3.13 -19.08
N LYS A 174 20.95 4.29 -18.42
CA LYS A 174 21.41 5.49 -19.16
C LYS A 174 22.83 5.40 -19.59
N SER A 175 23.70 4.87 -18.76
CA SER A 175 25.11 4.97 -19.10
C SER A 175 25.48 3.97 -20.20
N ILE A 176 24.94 2.77 -20.15
CA ILE A 176 25.17 1.83 -21.21
C ILE A 176 24.81 2.46 -22.56
N THR A 177 23.76 3.28 -22.59
CA THR A 177 23.23 3.79 -23.84
C THR A 177 23.98 4.98 -24.34
N ILE A 178 24.63 5.73 -23.47
CA ILE A 178 25.61 6.75 -23.94
C ILE A 178 27.07 6.22 -23.90
N ASN A 179 27.23 4.93 -24.23
CA ASN A 179 28.52 4.19 -24.34
C ASN A 179 28.37 2.72 -23.96
N SER B 7 -11.26 11.86 11.06
CA SER B 7 -9.89 11.28 10.84
C SER B 7 -9.02 12.00 9.80
N ARG B 8 -8.33 13.03 10.31
CA ARG B 8 -7.86 14.14 9.47
C ARG B 8 -6.42 14.59 9.66
N ARG B 9 -6.06 15.38 8.68
CA ARG B 9 -4.67 15.70 8.46
C ARG B 9 -4.18 16.84 9.36
N ASN B 10 -2.99 16.65 9.94
CA ASN B 10 -2.31 17.70 10.64
C ASN B 10 -1.78 18.75 9.72
N PRO B 11 -1.69 19.98 10.23
CA PRO B 11 -1.23 21.03 9.39
C PRO B 11 0.22 20.82 9.00
N CYS B 12 0.56 21.25 7.80
CA CYS B 12 1.92 21.18 7.38
C CYS B 12 2.81 22.23 8.04
N LYS B 13 3.84 21.73 8.68
CA LYS B 13 4.80 22.57 9.41
C LYS B 13 5.51 23.49 8.50
N PHE B 14 5.65 23.15 7.24
CA PHE B 14 6.30 24.09 6.33
C PHE B 14 5.35 25.27 6.04
N GLU B 15 4.06 24.99 6.00
CA GLU B 15 3.05 25.94 5.55
C GLU B 15 2.85 26.86 6.74
N ILE B 16 2.89 26.30 7.93
CA ILE B 16 2.88 27.11 9.13
C ILE B 16 3.93 28.19 9.15
N ARG B 17 5.10 27.95 8.61
CA ARG B 17 6.16 29.00 8.53
C ARG B 17 6.18 29.74 7.28
N GLY B 18 5.27 29.47 6.36
CA GLY B 18 5.22 30.29 5.10
C GLY B 18 4.42 29.53 4.08
N HIS B 19 5.14 29.02 3.08
CA HIS B 19 4.57 28.24 1.97
C HIS B 19 5.30 26.89 1.82
N CYS B 20 4.55 25.79 1.93
CA CYS B 20 5.08 24.46 1.67
C CYS B 20 5.57 24.43 0.27
N LEU B 21 6.79 23.95 0.08
CA LEU B 21 7.41 23.90 -1.27
C LEU B 21 7.57 22.46 -1.80
N ASN B 22 6.91 21.53 -1.13
CA ASN B 22 6.99 20.13 -1.41
CA ASN B 22 6.97 20.15 -1.45
C ASN B 22 5.90 19.61 -2.42
N GLY B 23 5.19 20.50 -3.11
CA GLY B 23 4.10 20.12 -4.03
C GLY B 23 3.15 19.06 -3.51
N LYS B 24 2.70 18.15 -4.39
CA LYS B 24 1.74 17.10 -4.03
C LYS B 24 2.34 15.95 -3.23
N ARG B 25 3.64 15.84 -3.19
CA ARG B 25 4.28 14.83 -2.38
CA ARG B 25 4.27 14.82 -2.37
C ARG B 25 3.93 14.99 -0.90
N CYS B 26 3.64 16.22 -0.46
CA CYS B 26 3.40 16.48 0.99
C CYS B 26 2.05 15.92 1.40
N HIS B 27 2.04 15.12 2.44
CA HIS B 27 0.82 14.49 2.97
CA HIS B 27 0.81 14.51 2.89
C HIS B 27 0.11 15.30 4.01
N PHE B 28 0.67 16.43 4.43
CA PHE B 28 0.01 17.21 5.48
C PHE B 28 -1.00 18.21 4.94
N SER B 29 -1.79 18.83 5.80
CA SER B 29 -2.82 19.76 5.34
C SER B 29 -2.30 21.10 4.99
N HIS B 30 -2.68 21.60 3.83
CA HIS B 30 -2.41 22.91 3.40
C HIS B 30 -3.71 23.70 3.33
N ASN B 31 -4.73 23.17 3.96
CA ASN B 31 -6.06 23.76 3.82
C ASN B 31 -6.47 24.47 5.11
N TYR B 32 -6.37 25.79 5.11
CA TYR B 32 -6.58 26.57 6.35
C TYR B 32 -7.93 26.29 7.05
N PHE B 33 -8.95 25.92 6.27
CA PHE B 33 -10.28 25.63 6.83
C PHE B 33 -10.26 24.48 7.76
N GLU B 34 -9.29 23.59 7.66
CA GLU B 34 -9.29 22.47 8.58
C GLU B 34 -8.23 22.59 9.68
N TRP B 35 -7.46 23.66 9.70
CA TRP B 35 -6.40 23.82 10.70
C TRP B 35 -6.96 24.14 12.06
N PRO B 36 -6.37 23.61 13.10
CA PRO B 36 -6.68 24.23 14.42
C PRO B 36 -6.25 25.73 14.53
N PRO B 37 -6.95 26.50 15.37
CA PRO B 37 -6.68 27.90 15.46
C PRO B 37 -5.23 28.19 15.81
N HIS B 38 -4.63 27.41 16.69
CA HIS B 38 -3.27 27.74 17.12
C HIS B 38 -2.33 27.76 15.93
N ALA B 39 -2.52 26.84 14.99
CA ALA B 39 -1.63 26.83 13.86
C ALA B 39 -1.85 27.98 12.94
N LEU B 40 -3.10 28.42 12.82
CA LEU B 40 -3.37 29.63 12.03
C LEU B 40 -2.76 30.88 12.73
N LEU B 41 -2.84 30.94 14.05
CA LEU B 41 -2.16 32.02 14.79
C LEU B 41 -0.68 32.05 14.63
N VAL B 42 -0.03 30.88 14.66
CA VAL B 42 1.42 30.84 14.51
C VAL B 42 1.80 31.29 13.13
N ARG B 43 1.04 30.84 12.12
CA ARG B 43 1.46 31.17 10.75
C ARG B 43 1.36 32.61 10.49
N GLN B 44 0.34 33.24 11.03
CA GLN B 44 0.19 34.69 10.82
C GLN B 44 1.41 35.43 11.32
N ASN B 45 1.90 35.03 12.47
CA ASN B 45 3.13 35.64 12.96
C ASN B 45 4.36 35.43 12.07
N PHE B 46 4.59 34.20 11.57
CA PHE B 46 5.70 34.01 10.62
C PHE B 46 5.49 34.82 9.39
N MET B 47 4.23 34.90 8.93
CA MET B 47 4.00 35.63 7.66
C MET B 47 4.15 37.15 7.88
N LEU B 48 3.68 37.66 9.02
CA LEU B 48 3.87 39.11 9.26
C LEU B 48 5.33 39.43 9.33
N ASN B 49 6.10 38.57 10.00
CA ASN B 49 7.58 38.79 9.99
C ASN B 49 8.11 38.89 8.62
N ARG B 50 7.65 38.00 7.75
CA ARG B 50 8.16 38.00 6.38
C ARG B 50 7.72 39.21 5.60
N ILE B 51 6.47 39.61 5.76
CA ILE B 51 6.02 40.82 5.09
C ILE B 51 6.82 42.03 5.56
N LEU B 52 7.00 42.15 6.86
CA LEU B 52 7.78 43.31 7.38
C LEU B 52 9.20 43.30 6.83
N LYS B 53 9.88 42.14 6.89
CA LYS B 53 11.26 42.01 6.39
C LYS B 53 11.36 42.38 4.93
N SER B 54 10.34 42.03 4.17
CA SER B 54 10.37 42.30 2.75
C SER B 54 10.14 43.75 2.36
N MET B 55 9.91 44.65 3.30
CA MET B 55 9.89 46.07 2.94
C MET B 55 10.98 46.88 3.66
N ASP B 56 12.09 46.24 4.00
CA ASP B 56 13.27 46.90 4.61
C ASP B 56 14.02 47.80 3.63
N LEU B 62 21.94 47.97 3.68
CA LEU B 62 22.76 48.33 4.84
C LEU B 62 24.21 47.81 4.80
N ASP B 63 24.44 46.60 4.28
CA ASP B 63 25.83 46.10 4.14
C ASP B 63 26.64 46.92 3.13
N GLU B 64 25.98 47.91 2.55
CA GLU B 64 26.63 49.07 1.95
C GLU B 64 27.47 49.87 2.95
N ILE B 65 27.19 49.77 4.25
CA ILE B 65 27.69 50.72 5.24
C ILE B 65 28.62 50.12 6.32
N ASP B 66 29.63 50.90 6.74
CA ASP B 66 30.65 50.46 7.72
C ASP B 66 30.09 50.13 9.13
N GLY B 67 30.40 48.92 9.59
CA GLY B 67 29.96 48.41 10.89
C GLY B 67 28.75 47.48 10.84
N ALA B 68 28.09 47.42 9.67
CA ALA B 68 26.84 46.67 9.51
C ALA B 68 27.08 45.18 9.49
N ALA B 69 28.00 44.73 8.63
CA ALA B 69 28.27 43.29 8.41
C ALA B 69 28.71 42.59 9.70
N GLU B 70 29.44 43.34 10.53
CA GLU B 70 29.88 42.88 11.84
C GLU B 70 28.72 42.42 12.73
N LEU B 71 27.56 43.09 12.62
CA LEU B 71 26.37 42.70 13.44
C LEU B 71 25.77 41.32 13.08
N ASP B 72 26.16 40.77 11.92
CA ASP B 72 25.70 39.44 11.45
C ASP B 72 26.60 38.28 11.90
N ARG B 73 27.78 38.59 12.45
CA ARG B 73 28.73 37.58 12.94
C ARG B 73 28.22 36.90 14.20
N THR B 74 28.84 35.79 14.54
CA THR B 74 28.33 34.87 15.56
C THR B 74 28.12 35.52 16.93
N GLU B 75 29.06 36.35 17.36
CA GLU B 75 28.97 36.84 18.75
C GLU B 75 28.06 38.09 18.90
N GLU B 76 27.89 38.84 17.82
CA GLU B 76 27.07 40.02 17.81
C GLU B 76 25.63 39.57 17.68
N TYR B 77 25.42 38.44 17.00
CA TYR B 77 24.12 37.80 16.94
C TYR B 77 23.71 37.30 18.33
N ALA B 78 24.66 36.81 19.10
CA ALA B 78 24.34 36.31 20.43
C ALA B 78 24.08 37.43 21.40
N LEU B 79 24.77 38.54 21.19
CA LEU B 79 24.62 39.73 22.03
C LEU B 79 23.27 40.42 21.75
N GLY B 80 22.89 40.41 20.49
CA GLY B 80 21.72 41.12 20.02
C GLY B 80 22.12 42.54 19.87
N VAL B 81 21.24 43.30 19.27
CA VAL B 81 21.42 44.73 19.21
C VAL B 81 21.63 45.37 20.60
N VAL B 82 20.88 44.97 21.60
CA VAL B 82 20.95 45.58 22.91
C VAL B 82 22.30 45.21 23.54
N GLY B 83 22.71 43.95 23.46
CA GLY B 83 24.04 43.51 23.91
C GLY B 83 25.17 44.27 23.20
N VAL B 84 25.03 44.47 21.93
CA VAL B 84 26.01 45.20 21.18
C VAL B 84 26.09 46.63 21.72
N LEU B 85 24.95 47.25 22.01
CA LEU B 85 24.96 48.63 22.43
C LEU B 85 25.48 48.75 23.88
N GLU B 86 25.07 47.86 24.76
CA GLU B 86 25.52 47.84 26.12
C GLU B 86 27.04 47.57 26.17
N SER B 87 27.51 46.70 25.28
CA SER B 87 28.93 46.39 25.18
C SER B 87 29.73 47.58 24.70
N TYR B 88 29.24 48.32 23.72
CA TYR B 88 29.91 49.54 23.30
C TYR B 88 30.00 50.53 24.45
N ILE B 89 28.94 50.65 25.23
CA ILE B 89 28.96 51.57 26.34
C ILE B 89 30.08 51.18 27.32
N GLY B 90 30.22 49.89 27.64
CA GLY B 90 31.22 49.44 28.59
C GLY B 90 32.59 49.13 27.95
N SER B 91 32.78 49.55 26.72
CA SER B 91 33.97 49.21 25.95
C SER B 91 34.45 47.74 26.01
N ILE B 92 33.53 46.79 25.95
CA ILE B 92 33.88 45.35 25.91
C ILE B 92 33.38 44.71 24.62
N ASN B 93 33.73 43.45 24.44
CA ASN B 93 33.35 42.63 23.27
C ASN B 93 33.64 43.20 21.91
N ASN B 94 34.61 44.10 21.83
CA ASN B 94 35.11 44.55 20.55
C ASN B 94 34.09 45.18 19.64
N ILE B 95 33.20 45.97 20.22
CA ILE B 95 32.23 46.69 19.42
C ILE B 95 32.81 48.00 19.04
N THR B 96 32.93 48.24 17.74
CA THR B 96 33.40 49.52 17.26
C THR B 96 32.27 50.54 17.33
N LYS B 97 32.62 51.79 17.16
CA LYS B 97 31.67 52.86 17.12
C LYS B 97 30.70 52.74 15.95
N GLN B 98 31.25 52.39 14.79
CA GLN B 98 30.51 52.17 13.55
C GLN B 98 29.42 51.15 13.83
N SER B 99 29.79 50.02 14.38
CA SER B 99 28.80 48.99 14.66
C SER B 99 27.73 49.45 15.64
N ALA B 100 28.11 50.25 16.62
CA ALA B 100 27.20 50.66 17.62
C ALA B 100 26.16 51.60 17.01
N CYS B 101 26.59 52.40 16.06
CA CYS B 101 25.70 53.33 15.38
C CYS B 101 24.69 52.60 14.51
N VAL B 102 25.16 51.57 13.80
CA VAL B 102 24.25 50.73 13.02
C VAL B 102 23.24 50.08 13.98
N ALA B 103 23.74 49.60 15.11
CA ALA B 103 22.86 48.89 16.02
C ALA B 103 21.83 49.86 16.59
N MET B 104 22.24 51.11 16.71
CA MET B 104 21.39 52.11 17.28
C MET B 104 20.25 52.36 16.29
N SER B 105 20.59 52.43 15.02
CA SER B 105 19.57 52.56 13.99
C SER B 105 18.57 51.44 14.08
N LYS B 106 19.05 50.24 14.34
CA LYS B 106 18.12 49.13 14.45
C LYS B 106 17.24 49.27 15.66
N LEU B 107 17.78 49.80 16.74
CA LEU B 107 16.99 49.96 17.97
C LEU B 107 15.89 51.03 17.75
N LEU B 108 16.25 52.11 17.06
CA LEU B 108 15.35 53.18 16.76
C LEU B 108 14.15 52.66 15.89
N THR B 109 14.47 51.89 14.85
CA THR B 109 13.49 51.20 14.05
C THR B 109 12.53 50.39 14.86
N GLU B 110 12.96 49.84 15.96
CA GLU B 110 12.04 49.00 16.74
C GLU B 110 11.15 49.81 17.64
N LEU B 111 11.50 51.06 17.89
CA LEU B 111 10.72 51.85 18.83
C LEU B 111 9.64 52.56 18.06
N ASN B 112 8.56 52.91 18.70
CA ASN B 112 7.76 53.94 18.05
C ASN B 112 7.45 55.22 18.86
N SER B 113 7.52 56.33 18.13
CA SER B 113 7.28 57.65 18.65
C SER B 113 6.07 57.74 19.58
N ASP B 114 4.95 57.17 19.16
CA ASP B 114 3.73 57.37 19.91
C ASP B 114 3.88 56.90 21.32
N ASP B 115 4.63 55.83 21.53
CA ASP B 115 4.85 55.37 22.88
C ASP B 115 5.66 56.37 23.69
N ILE B 116 6.58 57.07 23.04
CA ILE B 116 7.44 58.00 23.73
C ILE B 116 6.56 59.22 24.06
N LYS B 117 5.78 59.70 23.08
CA LYS B 117 4.86 60.81 23.32
C LYS B 117 3.97 60.51 24.48
N LYS B 118 3.50 59.29 24.60
CA LYS B 118 2.69 58.98 25.75
C LYS B 118 3.50 59.17 27.04
N LEU B 119 4.78 58.80 27.05
CA LEU B 119 5.60 58.97 28.26
C LEU B 119 5.82 60.44 28.55
N ARG B 120 6.10 61.19 27.49
CA ARG B 120 6.32 62.61 27.57
C ARG B 120 5.13 63.36 28.17
N ASP B 121 3.94 62.89 27.87
CA ASP B 121 2.73 63.47 28.40
C ASP B 121 2.52 63.24 29.91
N ASN B 122 3.09 62.18 30.46
CA ASN B 122 3.03 61.96 31.90
C ASN B 122 3.96 62.88 32.68
N GLU B 123 4.84 63.61 32.00
CA GLU B 123 5.85 64.42 32.68
C GLU B 123 5.31 65.79 33.03
N GLU B 124 5.66 66.26 34.23
CA GLU B 124 5.40 67.65 34.66
C GLU B 124 6.21 68.53 33.73
N LEU B 125 5.75 69.75 33.47
CA LEU B 125 6.50 70.63 32.56
C LEU B 125 7.87 70.99 33.14
N ASN B 126 8.80 71.32 32.25
CA ASN B 126 10.19 71.56 32.63
C ASN B 126 10.94 70.38 33.27
N SER B 127 10.31 69.21 33.36
CA SER B 127 11.05 67.96 33.65
C SER B 127 12.18 67.78 32.63
N PRO B 128 13.38 67.43 33.10
CA PRO B 128 14.49 67.27 32.13
C PRO B 128 14.36 66.00 31.24
N LYS B 129 13.54 65.03 31.67
CA LYS B 129 13.17 63.90 30.82
C LYS B 129 12.58 64.32 29.47
N ILE B 130 11.78 65.37 29.48
CA ILE B 130 11.12 65.85 28.28
C ILE B 130 12.12 66.12 27.16
N ARG B 131 13.25 66.71 27.52
CA ARG B 131 14.28 66.99 26.53
C ARG B 131 14.82 65.66 25.92
N VAL B 132 14.96 64.60 26.73
CA VAL B 132 15.50 63.37 26.21
C VAL B 132 14.47 62.69 25.34
N TYR B 133 13.24 62.56 25.85
CA TYR B 133 12.13 62.07 25.04
C TYR B 133 12.05 62.74 23.68
N ASN B 134 12.16 64.06 23.62
CA ASN B 134 12.10 64.70 22.31
C ASN B 134 13.30 64.41 21.46
N THR B 135 14.45 64.22 22.07
CA THR B 135 15.66 63.92 21.30
C THR B 135 15.53 62.51 20.67
N VAL B 136 15.08 61.57 21.47
CA VAL B 136 14.87 60.25 21.00
C VAL B 136 13.79 60.22 19.90
N ILE B 137 12.67 60.94 20.10
CA ILE B 137 11.65 61.04 19.09
C ILE B 137 12.23 61.58 17.80
N SER B 138 13.04 62.62 17.86
CA SER B 138 13.58 63.11 16.58
C SER B 138 14.51 62.10 15.95
N TYR B 139 15.22 61.32 16.77
CA TYR B 139 16.09 60.26 16.18
C TYR B 139 15.27 59.17 15.49
N ILE B 140 14.20 58.74 16.14
CA ILE B 140 13.28 57.80 15.54
C ILE B 140 12.76 58.30 14.20
N GLU B 141 12.39 59.58 14.11
CA GLU B 141 11.82 60.11 12.86
C GLU B 141 12.89 60.28 11.80
N SER B 142 14.07 60.79 12.14
CA SER B 142 15.18 60.82 11.19
C SER B 142 15.51 59.44 10.66
N ASN B 143 15.56 58.46 11.56
CA ASN B 143 15.94 57.12 11.21
C ASN B 143 14.96 56.52 10.23
N ARG B 144 13.69 56.74 10.49
CA ARG B 144 12.62 56.30 9.60
C ARG B 144 12.74 56.93 8.22
N LYS B 145 13.04 58.23 8.14
CA LYS B 145 13.21 58.89 6.83
C LYS B 145 14.45 58.40 6.08
N ASN B 146 15.57 58.35 6.78
CA ASN B 146 16.82 57.99 6.17
C ASN B 146 17.78 57.42 7.20
N ASN B 147 17.77 56.10 7.33
CA ASN B 147 18.61 55.50 8.33
C ASN B 147 20.11 55.67 8.02
N LYS B 148 20.50 55.66 6.75
CA LYS B 148 21.92 55.83 6.41
C LYS B 148 22.41 57.18 6.86
N GLN B 149 21.58 58.20 6.69
CA GLN B 149 21.91 59.55 7.15
C GLN B 149 21.99 59.58 8.67
N THR B 150 21.00 58.99 9.33
CA THR B 150 20.94 59.00 10.78
C THR B 150 22.17 58.31 11.38
N ILE B 151 22.57 57.20 10.78
CA ILE B 151 23.75 56.49 11.18
C ILE B 151 24.99 57.37 11.01
N HIS B 152 25.07 58.12 9.92
CA HIS B 152 26.22 58.98 9.69
CA HIS B 152 26.23 59.00 9.70
C HIS B 152 26.31 60.09 10.76
N LEU B 153 25.17 60.69 11.12
CA LEU B 153 25.11 61.67 12.21
C LEU B 153 25.59 61.08 13.52
N LEU B 154 25.07 59.91 13.85
CA LEU B 154 25.45 59.24 15.07
C LEU B 154 26.96 59.02 15.15
N LYS B 155 27.59 58.64 14.04
CA LYS B 155 29.04 58.46 13.99
C LYS B 155 29.83 59.72 14.30
N ARG B 156 29.23 60.87 14.02
CA ARG B 156 29.88 62.18 14.24
C ARG B 156 29.85 62.63 15.68
N LEU B 157 28.95 62.09 16.48
CA LEU B 157 28.83 62.53 17.84
C LEU B 157 30.09 62.15 18.61
N PRO B 158 30.51 63.01 19.53
CA PRO B 158 31.54 62.61 20.48
C PRO B 158 31.14 61.34 21.25
N ALA B 159 32.06 60.41 21.37
CA ALA B 159 31.79 59.15 22.05
C ALA B 159 30.93 59.31 23.29
N ASP B 160 31.24 60.29 24.14
CA ASP B 160 30.55 60.37 25.43
C ASP B 160 29.07 60.76 25.26
N VAL B 161 28.76 61.54 24.22
CA VAL B 161 27.38 61.94 24.02
C VAL B 161 26.60 60.83 23.27
N LEU B 162 27.27 60.14 22.36
CA LEU B 162 26.72 58.94 21.76
C LEU B 162 26.31 57.92 22.81
N LYS B 163 27.17 57.69 23.78
CA LYS B 163 26.88 56.70 24.81
C LYS B 163 25.75 57.11 25.71
N LYS B 164 25.63 58.41 25.94
CA LYS B 164 24.54 58.94 26.70
C LYS B 164 23.23 58.67 25.92
N THR B 165 23.24 59.05 24.64
CA THR B 165 22.08 58.94 23.81
C THR B 165 21.64 57.48 23.70
N ILE B 166 22.58 56.59 23.46
CA ILE B 166 22.31 55.17 23.42
C ILE B 166 21.69 54.70 24.73
N LYS B 167 22.29 55.11 25.82
CA LYS B 167 21.80 54.68 27.13
C LYS B 167 20.36 55.14 27.39
N ASN B 168 20.08 56.38 27.01
CA ASN B 168 18.73 56.91 27.19
C ASN B 168 17.73 56.13 26.37
N THR B 169 18.11 55.85 25.11
CA THR B 169 17.28 55.12 24.22
C THR B 169 17.05 53.71 24.76
N LEU B 170 18.09 53.08 25.29
CA LEU B 170 17.92 51.76 25.89
C LEU B 170 16.99 51.80 27.04
N ASP B 171 17.06 52.84 27.86
CA ASP B 171 16.21 52.89 29.07
C ASP B 171 14.76 53.07 28.66
N ILE B 172 14.54 53.90 27.69
CA ILE B 172 13.20 54.12 27.22
C ILE B 172 12.61 52.80 26.65
N HIS B 173 13.40 52.11 25.84
CA HIS B 173 13.05 50.81 25.27
C HIS B 173 12.68 49.83 26.34
N LYS B 174 13.42 49.77 27.44
CA LYS B 174 13.02 48.87 28.53
CA LYS B 174 12.96 48.87 28.51
C LYS B 174 11.73 49.32 29.20
N SER B 175 11.56 50.62 29.38
CA SER B 175 10.43 51.01 30.24
C SER B 175 9.13 50.89 29.47
N ILE B 176 9.12 51.26 28.19
CA ILE B 176 7.93 51.07 27.39
C ILE B 176 7.48 49.63 27.44
N THR B 177 8.42 48.69 27.50
CA THR B 177 8.09 47.28 27.41
C THR B 177 7.66 46.68 28.73
N ILE B 178 8.05 47.26 29.86
CA ILE B 178 7.40 46.90 31.14
C ILE B 178 6.28 47.92 31.55
N ASN B 179 5.55 48.42 30.56
CA ASN B 179 4.40 49.37 30.66
C ASN B 179 4.30 50.28 29.44
N GLY C 4 11.89 22.84 -47.06
CA GLY C 4 11.65 21.83 -45.97
C GLY C 4 11.99 22.38 -44.58
N SER C 5 11.93 21.52 -43.57
CA SER C 5 12.48 21.88 -42.28
C SER C 5 14.02 21.91 -42.38
N MET C 6 14.65 22.77 -41.60
CA MET C 6 16.10 22.90 -41.62
C MET C 6 16.78 21.66 -40.97
N SER C 7 15.98 20.81 -40.34
CA SER C 7 16.47 19.83 -39.39
C SER C 7 15.63 18.59 -39.39
N ARG C 8 16.25 17.48 -38.99
CA ARG C 8 15.58 16.22 -38.91
C ARG C 8 16.00 15.61 -37.59
N ARG C 9 15.11 14.91 -36.94
CA ARG C 9 15.41 14.29 -35.68
C ARG C 9 16.35 13.07 -35.85
N ASN C 10 17.34 13.00 -34.98
CA ASN C 10 18.21 11.87 -34.95
C ASN C 10 17.51 10.70 -34.31
N PRO C 11 17.97 9.50 -34.65
CA PRO C 11 17.37 8.31 -34.08
C PRO C 11 17.66 8.15 -32.60
N CYS C 12 16.70 7.66 -31.88
CA CYS C 12 16.85 7.48 -30.46
C CYS C 12 17.74 6.31 -30.15
N LYS C 13 18.81 6.62 -29.42
CA LYS C 13 19.81 5.65 -29.10
C LYS C 13 19.23 4.55 -28.28
N PHE C 14 18.17 4.81 -27.55
CA PHE C 14 17.59 3.72 -26.77
C PHE C 14 16.84 2.74 -27.70
N GLU C 15 16.28 3.28 -28.76
CA GLU C 15 15.46 2.54 -29.66
C GLU C 15 16.44 1.70 -30.50
N ILE C 16 17.55 2.29 -30.86
CA ILE C 16 18.57 1.60 -31.58
C ILE C 16 19.01 0.31 -30.88
N ARG C 17 18.98 0.28 -29.55
CA ARG C 17 19.26 -0.97 -28.83
C ARG C 17 18.11 -1.78 -28.44
N GLY C 18 16.90 -1.37 -28.81
CA GLY C 18 15.73 -2.17 -28.44
C GLY C 18 14.51 -1.28 -28.56
N HIS C 19 13.91 -1.02 -27.41
CA HIS C 19 12.75 -0.19 -27.27
C HIS C 19 13.02 1.02 -26.29
N CYS C 20 12.89 2.23 -26.78
CA CYS C 20 12.87 3.41 -25.92
C CYS C 20 11.81 3.31 -24.88
N LEU C 21 12.16 3.53 -23.63
CA LEU C 21 11.22 3.37 -22.50
C LEU C 21 10.93 4.75 -21.85
N ASN C 22 11.28 5.83 -22.54
CA ASN C 22 11.14 7.17 -22.04
C ASN C 22 9.81 7.87 -22.39
N GLY C 23 8.83 7.15 -22.92
CA GLY C 23 7.54 7.74 -23.36
C GLY C 23 7.66 8.99 -24.16
N LYS C 24 6.73 9.94 -23.98
CA LYS C 24 6.69 11.20 -24.78
C LYS C 24 7.74 12.21 -24.43
N ARG C 25 8.35 12.08 -23.27
CA ARG C 25 9.45 12.93 -22.93
C ARG C 25 10.57 12.89 -23.98
N CYS C 26 10.77 11.73 -24.66
CA CYS C 26 11.97 11.56 -25.53
C CYS C 26 11.78 12.35 -26.79
N HIS C 27 12.77 13.19 -27.11
CA HIS C 27 12.74 14.07 -28.27
CA HIS C 27 12.66 14.06 -28.26
C HIS C 27 13.32 13.46 -29.49
N PHE C 28 13.90 12.26 -29.39
CA PHE C 28 14.56 11.70 -30.57
C PHE C 28 13.56 10.95 -31.44
N SER C 29 13.97 10.57 -32.64
CA SER C 29 13.06 9.84 -33.55
C SER C 29 12.89 8.38 -33.19
N HIS C 30 11.65 7.95 -33.10
CA HIS C 30 11.27 6.56 -32.91
C HIS C 30 10.57 6.07 -34.18
N ASN C 31 10.79 6.78 -35.25
CA ASN C 31 10.10 6.46 -36.50
C ASN C 31 11.10 5.90 -37.53
N TYR C 32 11.04 4.60 -37.74
CA TYR C 32 12.06 3.93 -38.61
C TYR C 32 12.11 4.49 -40.01
N PHE C 33 10.99 5.02 -40.52
CA PHE C 33 10.97 5.62 -41.89
C PHE C 33 11.88 6.79 -42.00
N GLU C 34 12.28 7.41 -40.90
CA GLU C 34 13.18 8.59 -41.06
C GLU C 34 14.60 8.33 -40.57
N TRP C 35 14.88 7.10 -40.17
CA TRP C 35 16.24 6.77 -39.75
C TRP C 35 17.19 6.60 -40.93
N PRO C 36 18.43 7.00 -40.74
CA PRO C 36 19.42 6.51 -41.72
C PRO C 36 19.59 5.01 -41.70
N PRO C 37 20.09 4.47 -42.80
CA PRO C 37 20.23 3.00 -42.91
C PRO C 37 21.15 2.39 -41.87
N HIS C 38 22.22 3.09 -41.54
CA HIS C 38 23.13 2.48 -40.56
C HIS C 38 22.47 2.22 -39.26
N ALA C 39 21.61 3.12 -38.83
CA ALA C 39 20.98 2.90 -37.55
C ALA C 39 20.01 1.76 -37.58
N LEU C 40 19.30 1.63 -38.68
CA LEU C 40 18.38 0.50 -38.84
C LEU C 40 19.16 -0.83 -38.88
N LEU C 41 20.33 -0.83 -39.51
CA LEU C 41 21.24 -2.02 -39.46
C LEU C 41 21.71 -2.34 -38.08
N VAL C 42 22.11 -1.31 -37.33
CA VAL C 42 22.59 -1.59 -35.94
C VAL C 42 21.47 -2.16 -35.12
N ARG C 43 20.26 -1.57 -35.23
CA ARG C 43 19.18 -2.01 -34.33
C ARG C 43 18.81 -3.42 -34.60
N GLN C 44 18.82 -3.80 -35.87
CA GLN C 44 18.48 -5.24 -36.19
C GLN C 44 19.40 -6.20 -35.46
N ASN C 45 20.68 -5.86 -35.41
CA ASN C 45 21.60 -6.68 -34.69
C ASN C 45 21.34 -6.74 -33.24
N PHE C 46 21.08 -5.60 -32.60
CA PHE C 46 20.72 -5.68 -31.19
C PHE C 46 19.46 -6.49 -31.01
N MET C 47 18.51 -6.32 -31.92
CA MET C 47 17.22 -7.04 -31.70
C MET C 47 17.39 -8.55 -31.96
N LEU C 48 18.16 -8.90 -32.98
CA LEU C 48 18.41 -10.34 -33.19
C LEU C 48 19.08 -10.95 -32.00
N ASN C 49 20.08 -10.24 -31.44
CA ASN C 49 20.72 -10.76 -30.20
C ASN C 49 19.67 -11.01 -29.13
N ARG C 50 18.72 -10.12 -29.03
CA ARG C 50 17.71 -10.25 -27.99
C ARG C 50 16.76 -11.39 -28.27
N ILE C 51 16.33 -11.52 -29.51
CA ILE C 51 15.44 -12.60 -29.85
C ILE C 51 16.12 -13.96 -29.62
N LEU C 52 17.36 -14.10 -30.06
CA LEU C 52 18.09 -15.34 -29.80
C LEU C 52 18.21 -15.63 -28.33
N LYS C 53 18.61 -14.64 -27.53
CA LYS C 53 18.77 -14.84 -26.06
C LYS C 53 17.48 -15.25 -25.41
N SER C 54 16.37 -14.70 -25.91
CA SER C 54 15.08 -14.99 -25.31
C SER C 54 14.52 -16.36 -25.65
N MET C 55 15.21 -17.17 -26.44
CA MET C 55 14.79 -18.57 -26.57
C MET C 55 15.84 -19.60 -26.09
N ASP C 56 16.66 -19.20 -25.13
CA ASP C 56 17.63 -20.07 -24.46
C ASP C 56 16.90 -21.14 -23.64
N LEU C 62 20.30 -23.12 -16.74
CA LEU C 62 21.67 -23.62 -16.61
C LEU C 62 22.27 -23.46 -15.22
N ASP C 63 22.02 -22.34 -14.53
CA ASP C 63 22.53 -22.18 -13.14
C ASP C 63 21.90 -23.19 -12.17
N GLU C 64 21.01 -24.03 -12.71
CA GLU C 64 20.68 -25.31 -12.13
C GLU C 64 21.88 -26.25 -12.00
N ILE C 65 22.93 -26.05 -12.81
CA ILE C 65 23.95 -27.08 -13.02
C ILE C 65 25.38 -26.68 -12.58
N ASP C 66 26.13 -27.66 -12.06
CA ASP C 66 27.47 -27.44 -11.48
C ASP C 66 28.51 -26.96 -12.50
N GLY C 67 29.15 -25.83 -12.17
CA GLY C 67 30.19 -25.21 -12.99
C GLY C 67 29.70 -24.03 -13.81
N ALA C 68 28.38 -23.87 -13.88
CA ALA C 68 27.76 -22.83 -14.73
C ALA C 68 27.96 -21.42 -14.17
N ALA C 69 27.62 -21.23 -12.90
CA ALA C 69 27.64 -19.88 -12.26
C ALA C 69 29.04 -19.28 -12.30
N GLU C 70 30.04 -20.17 -12.19
CA GLU C 70 31.46 -19.80 -12.26
C GLU C 70 31.81 -19.06 -13.56
N LEU C 71 31.15 -19.42 -14.67
CA LEU C 71 31.40 -18.74 -15.94
C LEU C 71 30.94 -17.26 -16.00
N ASP C 72 30.10 -16.84 -15.04
CA ASP C 72 29.58 -15.44 -14.93
C ASP C 72 30.46 -14.51 -14.09
N ARG C 73 31.42 -15.09 -13.36
CA ARG C 73 32.36 -14.33 -12.53
C ARG C 73 33.31 -13.50 -13.38
N THR C 74 33.99 -12.57 -12.73
CA THR C 74 34.76 -11.53 -13.41
C THR C 74 35.84 -12.07 -14.34
N GLU C 75 36.58 -13.07 -13.92
CA GLU C 75 37.74 -13.49 -14.71
C GLU C 75 37.37 -14.48 -15.85
N GLU C 76 36.28 -15.20 -15.67
CA GLU C 76 35.81 -16.16 -16.65
C GLU C 76 35.14 -15.36 -17.75
N TYR C 77 34.54 -14.23 -17.37
CA TYR C 77 33.96 -13.31 -18.33
C TYR C 77 35.03 -12.67 -19.18
N ALA C 78 36.15 -12.35 -18.59
CA ALA C 78 37.26 -11.79 -19.37
C ALA C 78 37.95 -12.83 -20.27
N LEU C 79 37.98 -14.08 -19.81
CA LEU C 79 38.57 -15.17 -20.58
C LEU C 79 37.69 -15.47 -21.81
N GLY C 80 36.38 -15.39 -21.59
CA GLY C 80 35.43 -15.91 -22.57
C GLY C 80 35.39 -17.42 -22.52
N VAL C 81 34.43 -17.98 -23.21
CA VAL C 81 34.29 -19.40 -23.30
C VAL C 81 35.54 -20.06 -23.86
N VAL C 82 36.15 -19.46 -24.85
CA VAL C 82 37.32 -20.04 -25.46
C VAL C 82 38.50 -19.97 -24.48
N GLY C 83 38.69 -18.82 -23.82
CA GLY C 83 39.72 -18.70 -22.76
C GLY C 83 39.52 -19.75 -21.67
N VAL C 84 38.29 -19.96 -21.29
CA VAL C 84 37.99 -20.91 -20.25
C VAL C 84 38.43 -22.27 -20.72
N LEU C 85 38.11 -22.62 -21.97
CA LEU C 85 38.40 -23.94 -22.44
C LEU C 85 39.93 -24.15 -22.63
N GLU C 86 40.62 -23.16 -23.20
CA GLU C 86 42.01 -23.20 -23.39
C GLU C 86 42.76 -23.29 -22.04
N SER C 87 42.22 -22.60 -21.04
CA SER C 87 42.75 -22.63 -19.69
C SER C 87 42.60 -23.98 -19.09
N TYR C 88 41.46 -24.60 -19.27
CA TYR C 88 41.26 -25.95 -18.73
C TYR C 88 42.26 -26.92 -19.36
N ILE C 89 42.52 -26.77 -20.65
CA ILE C 89 43.45 -27.62 -21.33
C ILE C 89 44.87 -27.47 -20.77
N GLY C 90 45.31 -26.25 -20.53
CA GLY C 90 46.60 -25.99 -19.91
C GLY C 90 46.62 -25.99 -18.37
N SER C 91 45.57 -26.48 -17.74
CA SER C 91 45.44 -26.46 -16.28
C SER C 91 45.82 -25.15 -15.57
N ILE C 92 45.42 -24.00 -16.11
CA ILE C 92 45.61 -22.74 -15.47
C ILE C 92 44.29 -22.06 -15.17
N ASN C 93 44.37 -20.88 -14.54
CA ASN C 93 43.21 -20.02 -14.18
C ASN C 93 42.08 -20.71 -13.43
N ASN C 94 42.36 -21.84 -12.78
CA ASN C 94 41.41 -22.45 -11.85
C ASN C 94 40.12 -22.88 -12.48
N ILE C 95 40.19 -23.43 -13.67
CA ILE C 95 38.99 -23.86 -14.35
C ILE C 95 38.78 -25.31 -14.01
N THR C 96 37.64 -25.60 -13.40
CA THR C 96 37.29 -26.97 -13.03
C THR C 96 36.78 -27.66 -14.25
N LYS C 97 36.66 -28.96 -14.14
CA LYS C 97 36.17 -29.77 -15.21
C LYS C 97 34.70 -29.45 -15.51
N GLN C 98 33.93 -29.30 -14.45
CA GLN C 98 32.52 -28.96 -14.51
C GLN C 98 32.37 -27.69 -15.35
N SER C 99 33.12 -26.66 -15.01
CA SER C 99 33.02 -25.43 -15.77
C SER C 99 33.37 -25.62 -17.24
N ALA C 100 34.37 -26.45 -17.50
CA ALA C 100 34.86 -26.56 -18.85
C ALA C 100 33.81 -27.24 -19.68
N CYS C 101 33.06 -28.15 -19.07
CA CYS C 101 32.01 -28.87 -19.77
C CYS C 101 30.84 -27.96 -20.12
N VAL C 102 30.48 -27.09 -19.17
CA VAL C 102 29.47 -26.08 -19.42
C VAL C 102 29.95 -25.19 -20.57
N ALA C 103 31.19 -24.78 -20.51
CA ALA C 103 31.72 -23.89 -21.52
C ALA C 103 31.70 -24.57 -22.86
N MET C 104 31.88 -25.89 -22.83
CA MET C 104 31.95 -26.65 -24.04
C MET C 104 30.58 -26.70 -24.66
N SER C 105 29.56 -26.89 -23.83
CA SER C 105 28.18 -26.76 -24.30
C SER C 105 27.91 -25.41 -24.96
N LYS C 106 28.43 -24.33 -24.39
CA LYS C 106 28.25 -23.03 -25.00
C LYS C 106 28.96 -22.91 -26.29
N LEU C 107 30.15 -23.51 -26.40
CA LEU C 107 30.87 -23.49 -27.70
C LEU C 107 30.09 -24.26 -28.79
N LEU C 108 29.52 -25.40 -28.41
CA LEU C 108 28.82 -26.25 -29.34
C LEU C 108 27.58 -25.51 -29.88
N THR C 109 26.82 -24.89 -28.97
CA THR C 109 25.70 -24.00 -29.31
C THR C 109 26.10 -22.94 -30.31
N GLU C 110 27.33 -22.46 -30.27
CA GLU C 110 27.74 -21.43 -31.23
C GLU C 110 28.14 -21.98 -32.59
N LEU C 111 28.37 -23.28 -32.66
CA LEU C 111 28.78 -23.87 -33.93
C LEU C 111 27.57 -24.32 -34.70
N ASN C 112 27.69 -24.42 -36.00
CA ASN C 112 26.67 -25.24 -36.66
C ASN C 112 27.15 -26.38 -37.59
N SER C 113 26.43 -27.49 -37.49
CA SER C 113 26.70 -28.71 -38.21
C SER C 113 26.97 -28.52 -39.66
N ASP C 114 26.17 -27.70 -40.32
CA ASP C 114 26.33 -27.53 -41.74
C ASP C 114 27.69 -27.08 -42.11
N ASP C 115 28.27 -26.21 -41.31
CA ASP C 115 29.63 -25.75 -41.62
C ASP C 115 30.64 -26.90 -41.50
N ILE C 116 30.39 -27.82 -40.57
CA ILE C 116 31.32 -28.91 -40.35
C ILE C 116 31.15 -29.87 -41.52
N LYS C 117 29.90 -30.18 -41.88
CA LYS C 117 29.66 -31.03 -43.05
C LYS C 117 30.35 -30.48 -44.26
N LYS C 118 30.36 -29.18 -44.44
CA LYS C 118 31.06 -28.63 -45.55
C LYS C 118 32.56 -28.95 -45.46
N LEU C 119 33.13 -28.90 -44.27
CA LEU C 119 34.56 -29.22 -44.12
C LEU C 119 34.82 -30.69 -44.40
N ARG C 120 33.93 -31.53 -43.87
CA ARG C 120 33.99 -32.97 -44.04
C ARG C 120 34.00 -33.35 -45.52
N ASP C 121 33.27 -32.61 -46.32
CA ASP C 121 33.16 -32.88 -47.74
C ASP C 121 34.42 -32.52 -48.49
N ASN C 122 35.24 -31.60 -47.97
CA ASN C 122 36.55 -31.32 -48.59
C ASN C 122 37.61 -32.38 -48.30
N GLU C 123 37.33 -33.32 -47.40
CA GLU C 123 38.31 -34.33 -47.04
C GLU C 123 38.30 -35.48 -48.04
N GLU C 124 39.51 -35.97 -48.34
CA GLU C 124 39.71 -37.23 -49.08
C GLU C 124 39.16 -38.35 -48.21
N LEU C 125 38.64 -39.41 -48.82
CA LEU C 125 38.04 -40.44 -47.99
C LEU C 125 39.12 -41.14 -47.14
N ASN C 126 38.69 -41.75 -46.04
CA ASN C 126 39.62 -42.33 -45.06
C ASN C 126 40.62 -41.38 -44.40
N SER C 127 40.50 -40.08 -44.68
CA SER C 127 41.12 -39.05 -43.82
C SER C 127 40.66 -39.24 -42.36
N PRO C 128 41.62 -39.23 -41.42
CA PRO C 128 41.22 -39.36 -40.00
C PRO C 128 40.43 -38.12 -39.42
N LYS C 129 40.55 -36.96 -40.07
CA LYS C 129 39.72 -35.78 -39.74
C LYS C 129 38.22 -36.08 -39.80
N ILE C 130 37.82 -36.91 -40.76
CA ILE C 130 36.42 -37.27 -40.92
C ILE C 130 35.81 -37.80 -39.63
N ARG C 131 36.55 -38.62 -38.94
CA ARG C 131 36.06 -39.17 -37.68
C ARG C 131 35.86 -38.04 -36.64
N VAL C 132 36.77 -37.06 -36.61
CA VAL C 132 36.63 -36.02 -35.60
C VAL C 132 35.42 -35.11 -35.97
N TYR C 133 35.38 -34.66 -37.22
CA TYR C 133 34.21 -33.96 -37.72
C TYR C 133 32.90 -34.62 -37.35
N ASN C 134 32.78 -35.92 -37.53
CA ASN C 134 31.51 -36.58 -37.19
C ASN C 134 31.27 -36.63 -35.71
N THR C 135 32.33 -36.71 -34.93
CA THR C 135 32.19 -36.71 -33.48
C THR C 135 31.67 -35.32 -33.01
N VAL C 136 32.30 -34.27 -33.52
CA VAL C 136 31.89 -32.92 -33.20
C VAL C 136 30.44 -32.65 -33.65
N ILE C 137 30.10 -33.07 -34.89
CA ILE C 137 28.72 -33.00 -35.36
C ILE C 137 27.76 -33.70 -34.44
N SER C 138 28.09 -34.90 -33.97
CA SER C 138 27.11 -35.53 -33.04
C SER C 138 27.02 -34.77 -31.71
N TYR C 139 28.11 -34.16 -31.27
CA TYR C 139 28.05 -33.40 -30.02
C TYR C 139 27.16 -32.16 -30.19
N ILE C 140 27.32 -31.47 -31.32
CA ILE C 140 26.48 -30.34 -31.63
C ILE C 140 25.00 -30.75 -31.60
N GLU C 141 24.68 -31.91 -32.19
CA GLU C 141 23.27 -32.32 -32.27
C GLU C 141 22.75 -32.77 -30.93
N SER C 142 23.54 -33.52 -30.15
CA SER C 142 23.14 -33.84 -28.75
C SER C 142 22.92 -32.59 -27.94
N ASN C 143 23.83 -31.63 -28.08
CA ASN C 143 23.79 -30.41 -27.28
C ASN C 143 22.52 -29.60 -27.57
N ARG C 144 22.19 -29.52 -28.85
CA ARG C 144 20.97 -28.89 -29.29
C ARG C 144 19.73 -29.57 -28.71
N LYS C 145 19.67 -30.90 -28.71
CA LYS C 145 18.50 -31.61 -28.15
C LYS C 145 18.40 -31.44 -26.65
N ASN C 146 19.51 -31.63 -25.96
CA ASN C 146 19.51 -31.57 -24.52
C ASN C 146 20.90 -31.21 -24.00
N ASN C 147 21.11 -29.92 -23.77
CA ASN C 147 22.43 -29.53 -23.34
C ASN C 147 22.79 -30.03 -21.95
N LYS C 148 21.81 -30.14 -21.05
CA LYS C 148 22.11 -30.66 -19.70
C LYS C 148 22.63 -32.09 -19.79
N GLN C 149 22.02 -32.88 -20.66
CA GLN C 149 22.45 -34.25 -20.87
C GLN C 149 23.86 -34.27 -21.48
N THR C 150 24.06 -33.46 -22.50
CA THR C 150 25.33 -33.40 -23.17
C THR C 150 26.46 -33.01 -22.20
N ILE C 151 26.18 -32.05 -21.34
CA ILE C 151 27.13 -31.62 -20.33
C ILE C 151 27.45 -32.77 -19.38
N HIS C 152 26.45 -33.55 -19.00
CA HIS C 152 26.66 -34.66 -18.08
CA HIS C 152 26.68 -34.68 -18.10
C HIS C 152 27.59 -35.72 -18.73
N LEU C 153 27.37 -36.02 -20.01
CA LEU C 153 28.25 -36.93 -20.76
C LEU C 153 29.67 -36.44 -20.79
N LEU C 154 29.84 -35.16 -21.12
CA LEU C 154 31.15 -34.59 -21.16
C LEU C 154 31.89 -34.72 -19.81
N LYS C 155 31.18 -34.54 -18.69
CA LYS C 155 31.78 -34.68 -17.35
C LYS C 155 32.31 -36.08 -17.10
N ARG C 156 31.71 -37.07 -17.75
CA ARG C 156 32.08 -38.47 -17.58
C ARG C 156 33.31 -38.90 -18.36
N LEU C 157 33.68 -38.14 -19.37
CA LEU C 157 34.85 -38.49 -20.15
C LEU C 157 36.12 -38.38 -19.29
N PRO C 158 37.08 -39.28 -19.53
CA PRO C 158 38.39 -39.12 -18.92
C PRO C 158 39.03 -37.78 -19.33
N ALA C 159 39.60 -37.09 -18.36
CA ALA C 159 40.18 -35.79 -18.61
C ALA C 159 40.89 -35.72 -19.94
N ASP C 160 41.71 -36.70 -20.26
CA ASP C 160 42.60 -36.59 -21.42
C ASP C 160 41.78 -36.64 -22.73
N VAL C 161 40.67 -37.38 -22.73
CA VAL C 161 39.83 -37.44 -23.94
C VAL C 161 38.91 -36.20 -24.04
N LEU C 162 38.42 -35.70 -22.91
CA LEU C 162 37.74 -34.42 -22.89
C LEU C 162 38.60 -33.32 -23.49
N LYS C 163 39.87 -33.24 -23.08
CA LYS C 163 40.76 -32.18 -23.57
C LYS C 163 41.05 -32.32 -25.03
N LYS C 164 41.09 -33.55 -25.51
CA LYS C 164 41.26 -33.80 -26.94
C LYS C 164 40.04 -33.30 -27.69
N THR C 165 38.87 -33.70 -27.21
CA THR C 165 37.61 -33.29 -27.83
C THR C 165 37.45 -31.75 -27.86
N ILE C 166 37.72 -31.10 -26.73
CA ILE C 166 37.66 -29.66 -26.66
C ILE C 166 38.57 -29.08 -27.69
N LYS C 167 39.77 -29.60 -27.76
CA LYS C 167 40.79 -28.99 -28.60
C LYS C 167 40.38 -29.11 -30.05
N ASN C 168 39.81 -30.24 -30.37
CA ASN C 168 39.35 -30.48 -31.75
C ASN C 168 38.21 -29.52 -32.12
N THR C 169 37.26 -29.38 -31.18
CA THR C 169 36.17 -28.44 -31.35
C THR C 169 36.69 -27.00 -31.47
N LEU C 170 37.67 -26.61 -30.65
CA LEU C 170 38.23 -25.30 -30.77
C LEU C 170 38.88 -25.09 -32.08
N ASP C 171 39.57 -26.11 -32.60
CA ASP C 171 40.31 -25.92 -33.88
C ASP C 171 39.30 -25.77 -35.01
N ILE C 172 38.24 -26.53 -34.93
CA ILE C 172 37.22 -26.43 -35.95
C ILE C 172 36.55 -25.05 -35.95
N HIS C 173 36.24 -24.56 -34.75
CA HIS C 173 35.69 -23.24 -34.55
C HIS C 173 36.59 -22.20 -35.18
N LYS C 174 37.90 -22.27 -34.99
CA LYS C 174 38.77 -21.26 -35.58
C LYS C 174 38.79 -21.41 -37.07
N SER C 175 38.79 -22.63 -37.59
CA SER C 175 39.02 -22.75 -39.04
C SER C 175 37.77 -22.36 -39.83
N ILE C 176 36.60 -22.73 -39.35
CA ILE C 176 35.36 -22.24 -39.96
C ILE C 176 35.30 -20.72 -40.08
N THR C 177 35.86 -20.03 -39.11
CA THR C 177 35.77 -18.60 -39.07
C THR C 177 36.82 -17.94 -39.93
N ILE C 178 37.96 -18.56 -40.19
CA ILE C 178 38.87 -18.05 -41.22
C ILE C 178 38.69 -18.78 -42.57
N ASN C 179 37.43 -19.12 -42.89
CA ASN C 179 36.98 -19.79 -44.15
C ASN C 179 35.80 -20.76 -43.92
N ARG D 8 -10.58 43.09 29.45
CA ARG D 8 -11.15 41.74 29.69
C ARG D 8 -10.73 41.20 31.07
N ARG D 9 -11.66 40.55 31.76
CA ARG D 9 -11.36 40.10 33.14
C ARG D 9 -10.52 38.83 33.12
N ASN D 10 -9.50 38.81 33.97
CA ASN D 10 -8.73 37.66 34.19
C ASN D 10 -9.49 36.61 34.96
N PRO D 11 -9.14 35.34 34.75
CA PRO D 11 -9.79 34.27 35.45
C PRO D 11 -9.51 34.30 36.93
N CYS D 12 -10.52 33.96 37.71
CA CYS D 12 -10.39 33.92 39.15
C CYS D 12 -9.58 32.72 39.61
N LYS D 13 -8.51 33.02 40.30
CA LYS D 13 -7.56 32.02 40.74
C LYS D 13 -8.19 31.07 41.70
N PHE D 14 -9.23 31.50 42.41
CA PHE D 14 -9.91 30.51 43.24
C PHE D 14 -10.72 29.52 42.40
N GLU D 15 -11.26 30.00 41.27
CA GLU D 15 -12.14 29.20 40.44
C GLU D 15 -11.22 28.22 39.68
N ILE D 16 -10.06 28.68 39.28
CA ILE D 16 -9.08 27.82 38.67
C ILE D 16 -8.74 26.60 39.53
N ARG D 17 -8.75 26.70 40.85
CA ARG D 17 -8.55 25.53 41.70
C ARG D 17 -9.78 24.83 42.14
N GLY D 18 -10.96 25.31 41.74
CA GLY D 18 -12.20 24.63 42.18
C GLY D 18 -13.37 25.56 41.96
N HIS D 19 -13.95 25.99 43.08
CA HIS D 19 -15.05 26.92 43.12
C HIS D 19 -14.70 28.19 43.95
N CYS D 20 -14.77 29.36 43.34
CA CYS D 20 -14.67 30.64 44.06
C CYS D 20 -15.73 30.69 45.10
N LEU D 21 -15.38 31.06 46.31
CA LEU D 21 -16.31 31.13 47.43
C LEU D 21 -16.52 32.56 47.91
N ASN D 22 -16.07 33.52 47.10
CA ASN D 22 -16.14 34.92 47.43
CA ASN D 22 -16.16 34.93 47.44
C ASN D 22 -17.43 35.66 46.96
N GLY D 23 -18.48 34.93 46.59
CA GLY D 23 -19.71 35.53 46.01
C GLY D 23 -19.50 36.67 45.02
N LYS D 24 -20.37 37.69 45.07
CA LYS D 24 -20.30 38.83 44.15
C LYS D 24 -19.18 39.82 44.44
N ARG D 25 -18.59 39.75 45.59
CA ARG D 25 -17.46 40.60 45.90
CA ARG D 25 -17.45 40.60 45.89
C ARG D 25 -16.29 40.38 44.92
N CYS D 26 -16.17 39.15 44.36
CA CYS D 26 -15.00 38.81 43.50
C CYS D 26 -15.16 39.47 42.14
N HIS D 27 -14.15 40.20 41.74
CA HIS D 27 -14.19 40.95 40.50
C HIS D 27 -13.55 40.19 39.33
N PHE D 28 -13.07 38.96 39.56
CA PHE D 28 -12.43 38.21 38.47
C PHE D 28 -13.45 37.40 37.73
N SER D 29 -13.05 36.84 36.59
CA SER D 29 -13.98 36.09 35.72
C SER D 29 -14.24 34.69 36.22
N HIS D 30 -15.50 34.36 36.36
CA HIS D 30 -15.95 33.04 36.69
C HIS D 30 -16.65 32.45 35.46
N ASN D 31 -16.45 33.07 34.31
CA ASN D 31 -17.13 32.66 33.10
C ASN D 31 -16.18 31.93 32.18
N TYR D 32 -16.30 30.60 32.14
CA TYR D 32 -15.32 29.80 31.35
C TYR D 32 -15.20 30.22 29.87
N PHE D 33 -16.29 30.73 29.27
CA PHE D 33 -16.25 31.16 27.87
C PHE D 33 -15.25 32.23 27.63
N GLU D 34 -14.87 32.98 28.65
CA GLU D 34 -13.90 34.05 28.40
C GLU D 34 -12.52 33.73 28.93
N TRP D 35 -12.31 32.53 29.45
CA TRP D 35 -10.96 32.14 29.95
C TRP D 35 -10.02 31.80 28.84
N PRO D 36 -8.76 32.15 28.98
CA PRO D 36 -7.80 31.50 28.08
C PRO D 36 -7.70 29.98 28.27
N PRO D 37 -7.26 29.25 27.23
CA PRO D 37 -7.21 27.79 27.28
C PRO D 37 -6.37 27.28 28.40
N HIS D 38 -5.25 27.92 28.68
CA HIS D 38 -4.39 27.35 29.73
C HIS D 38 -5.09 27.27 31.04
N ALA D 39 -5.85 28.30 31.37
CA ALA D 39 -6.52 28.30 32.67
C ALA D 39 -7.58 27.21 32.74
N LEU D 40 -8.31 27.00 31.63
CA LEU D 40 -9.30 25.94 31.58
C LEU D 40 -8.60 24.57 31.71
N LEU D 41 -7.44 24.41 31.10
CA LEU D 41 -6.62 23.15 31.30
C LEU D 41 -6.22 22.97 32.75
N VAL D 42 -5.74 24.04 33.41
CA VAL D 42 -5.24 23.89 34.79
C VAL D 42 -6.42 23.54 35.68
N ARG D 43 -7.56 24.18 35.48
CA ARG D 43 -8.71 23.88 36.35
C ARG D 43 -9.17 22.47 36.22
N GLN D 44 -9.16 21.94 34.99
CA GLN D 44 -9.61 20.53 34.81
C GLN D 44 -8.78 19.62 35.65
N ASN D 45 -7.47 19.87 35.65
CA ASN D 45 -6.62 19.06 36.49
C ASN D 45 -6.93 19.15 37.98
N PHE D 46 -7.12 20.37 38.52
CA PHE D 46 -7.45 20.47 39.94
C PHE D 46 -8.78 19.76 40.19
N MET D 47 -9.73 19.87 39.24
CA MET D 47 -11.04 19.32 39.47
C MET D 47 -10.97 17.80 39.38
N LEU D 48 -10.20 17.29 38.44
CA LEU D 48 -10.07 15.82 38.35
C LEU D 48 -9.44 15.28 39.64
N ASN D 49 -8.42 15.98 40.16
CA ASN D 49 -7.82 15.55 41.47
C ASN D 49 -8.86 15.50 42.54
N ARG D 50 -9.73 16.50 42.55
CA ARG D 50 -10.78 16.51 43.58
C ARG D 50 -11.84 15.41 43.39
N ILE D 51 -12.26 15.18 42.17
CA ILE D 51 -13.21 14.11 41.93
C ILE D 51 -12.61 12.75 42.31
N LEU D 52 -11.38 12.50 41.89
CA LEU D 52 -10.73 11.22 42.28
C LEU D 52 -10.61 11.07 43.79
N LYS D 53 -10.12 12.10 44.47
CA LYS D 53 -10.03 12.07 45.93
C LYS D 53 -11.39 11.79 46.59
N SER D 54 -12.45 12.35 46.05
CA SER D 54 -13.75 12.20 46.67
C SER D 54 -14.39 10.84 46.49
N MET D 55 -13.74 9.92 45.80
CA MET D 55 -14.26 8.54 45.78
C MET D 55 -13.28 7.50 46.35
N ASP D 56 -12.42 7.95 47.27
CA ASP D 56 -11.53 7.08 48.04
C ASP D 56 -12.31 6.15 48.98
N LEU D 62 -9.29 4.46 56.12
CA LEU D 62 -7.95 3.89 56.31
C LEU D 62 -7.35 4.14 57.69
N ASP D 63 -7.55 5.32 58.29
CA ASP D 63 -7.05 5.59 59.65
C ASP D 63 -7.76 4.71 60.69
N GLU D 64 -8.67 3.88 60.22
CA GLU D 64 -9.08 2.66 60.91
C GLU D 64 -7.93 1.64 61.14
N ILE D 65 -6.87 1.72 60.33
CA ILE D 65 -5.89 0.63 60.24
C ILE D 65 -4.45 0.99 60.68
N ASP D 66 -3.78 0.02 61.30
CA ASP D 66 -2.41 0.23 61.86
C ASP D 66 -1.32 0.56 60.84
N GLY D 67 -0.63 1.67 61.08
CA GLY D 67 0.45 2.17 60.19
C GLY D 67 0.03 3.29 59.26
N ALA D 68 -1.29 3.53 59.14
CA ALA D 68 -1.84 4.49 58.19
C ALA D 68 -1.59 5.93 58.60
N ALA D 69 -1.95 6.27 59.84
CA ALA D 69 -1.85 7.66 60.36
C ALA D 69 -0.40 8.16 60.30
N GLU D 70 0.55 7.25 60.52
CA GLU D 70 1.99 7.54 60.42
C GLU D 70 2.37 8.14 59.07
N LEU D 71 1.72 7.72 57.99
CA LEU D 71 2.03 8.23 56.64
C LEU D 71 1.66 9.71 56.43
N ASP D 72 0.83 10.26 57.35
CA ASP D 72 0.40 11.68 57.31
C ASP D 72 1.31 12.64 58.08
N ARG D 73 2.24 12.08 58.88
CA ARG D 73 3.22 12.87 59.66
C ARG D 73 4.23 13.55 58.76
N THR D 74 4.92 14.51 59.33
CA THR D 74 5.73 15.44 58.55
C THR D 74 6.81 14.75 57.69
N GLU D 75 7.49 13.73 58.24
CA GLU D 75 8.64 13.19 57.54
C GLU D 75 8.25 12.11 56.51
N GLU D 76 7.13 11.46 56.74
CA GLU D 76 6.61 10.44 55.81
C GLU D 76 5.96 11.15 54.61
N TYR D 77 5.41 12.33 54.86
CA TYR D 77 4.92 13.21 53.81
C TYR D 77 6.06 13.68 52.94
N ALA D 78 7.20 13.98 53.52
CA ALA D 78 8.35 14.46 52.72
C ALA D 78 9.01 13.33 51.94
N LEU D 79 8.96 12.14 52.52
CA LEU D 79 9.49 10.94 51.86
C LEU D 79 8.62 10.55 50.64
N GLY D 80 7.30 10.73 50.80
CA GLY D 80 6.34 10.21 49.88
C GLY D 80 6.19 8.72 50.10
N VAL D 81 5.19 8.15 49.45
CA VAL D 81 5.00 6.71 49.45
C VAL D 81 6.24 5.95 48.97
N VAL D 82 6.92 6.44 47.95
CA VAL D 82 8.06 5.72 47.40
C VAL D 82 9.22 5.81 48.39
N GLY D 83 9.48 6.99 48.95
CA GLY D 83 10.49 7.18 50.03
C GLY D 83 10.21 6.28 51.22
N VAL D 84 8.97 6.17 51.61
CA VAL D 84 8.61 5.33 52.71
C VAL D 84 8.96 3.90 52.37
N LEU D 85 8.62 3.46 51.16
CA LEU D 85 8.83 2.05 50.83
C LEU D 85 10.36 1.73 50.67
N GLU D 86 11.11 2.62 50.02
CA GLU D 86 12.52 2.48 49.85
C GLU D 86 13.22 2.52 51.21
N SER D 87 12.73 3.35 52.12
CA SER D 87 13.24 3.41 53.49
C SER D 87 13.02 2.13 54.21
N TYR D 88 11.84 1.56 54.08
CA TYR D 88 11.59 0.28 54.74
C TYR D 88 12.56 -0.78 54.24
N ILE D 89 12.81 -0.79 52.94
CA ILE D 89 13.67 -1.79 52.35
C ILE D 89 15.11 -1.65 52.90
N GLY D 90 15.63 -0.43 53.01
CA GLY D 90 16.92 -0.19 53.65
C GLY D 90 16.94 -0.03 55.17
N SER D 91 15.86 -0.42 55.84
CA SER D 91 15.73 -0.26 57.29
C SER D 91 16.17 1.10 57.86
N ILE D 92 15.81 2.20 57.20
CA ILE D 92 16.05 3.53 57.73
C ILE D 92 14.76 4.31 57.96
N ASN D 93 14.90 5.53 58.48
CA ASN D 93 13.80 6.47 58.74
C ASN D 93 12.60 5.92 59.53
N ASN D 94 12.82 4.85 60.28
CA ASN D 94 11.83 4.36 61.26
C ASN D 94 10.53 3.94 60.70
N ILE D 95 10.57 3.30 59.54
CA ILE D 95 9.35 2.89 58.89
C ILE D 95 9.07 1.52 59.39
N THR D 96 7.90 1.35 60.00
CA THR D 96 7.45 0.04 60.45
C THR D 96 6.92 -0.74 59.29
N LYS D 97 6.74 -2.03 59.52
CA LYS D 97 6.20 -2.91 58.52
C LYS D 97 4.76 -2.55 58.17
N GLN D 98 3.97 -2.24 59.20
CA GLN D 98 2.58 -1.83 59.07
C GLN D 98 2.52 -0.65 58.12
N SER D 99 3.31 0.37 58.37
CA SER D 99 3.31 1.54 57.48
C SER D 99 3.68 1.19 56.04
N ALA D 100 4.61 0.26 55.87
CA ALA D 100 5.12 -0.01 54.58
C ALA D 100 4.04 -0.73 53.78
N CYS D 101 3.24 -1.54 54.45
CA CYS D 101 2.15 -2.23 53.82
C CYS D 101 1.06 -1.27 53.38
N VAL D 102 0.74 -0.30 54.21
CA VAL D 102 -0.21 0.73 53.84
C VAL D 102 0.33 1.50 52.63
N ALA D 103 1.62 1.84 52.68
CA ALA D 103 2.21 2.60 51.60
C ALA D 103 2.20 1.77 50.31
N MET D 104 2.27 0.46 50.46
CA MET D 104 2.28 -0.42 49.34
C MET D 104 0.90 -0.42 48.69
N SER D 105 -0.13 -0.47 49.52
CA SER D 105 -1.50 -0.31 49.01
C SER D 105 -1.67 0.96 48.21
N LYS D 106 -1.09 2.05 48.66
CA LYS D 106 -1.18 3.28 47.93
C LYS D 106 -0.43 3.25 46.63
N LEU D 107 0.72 2.56 46.61
CA LEU D 107 1.46 2.40 45.35
C LEU D 107 0.66 1.56 44.30
N LEU D 108 0.02 0.51 44.78
CA LEU D 108 -0.74 -0.39 43.94
C LEU D 108 -1.90 0.38 43.30
N THR D 109 -2.63 1.13 44.11
CA THR D 109 -3.67 2.02 43.66
C THR D 109 -3.21 2.92 42.55
N GLU D 110 -1.95 3.31 42.55
CA GLU D 110 -1.48 4.24 41.51
C GLU D 110 -1.11 3.52 40.24
N LEU D 111 -0.97 2.21 40.31
CA LEU D 111 -0.55 1.48 39.12
C LEU D 111 -1.77 1.01 38.35
N ASN D 112 -1.66 0.75 37.07
CA ASN D 112 -2.70 -0.07 36.48
C ASN D 112 -2.28 -1.34 35.71
N SER D 113 -3.05 -2.40 35.94
CA SER D 113 -2.87 -3.69 35.38
C SER D 113 -2.59 -3.71 33.90
N ASP D 114 -3.33 -2.95 33.12
CA ASP D 114 -3.13 -2.96 31.69
C ASP D 114 -1.74 -2.64 31.30
N ASP D 115 -1.10 -1.71 32.00
CA ASP D 115 0.30 -1.37 31.67
C ASP D 115 1.21 -2.57 31.95
N ILE D 116 0.89 -3.33 32.99
CA ILE D 116 1.74 -4.45 33.36
C ILE D 116 1.51 -5.57 32.32
N LYS D 117 0.24 -5.85 31.96
CA LYS D 117 -0.06 -6.78 30.89
C LYS D 117 0.68 -6.45 29.64
N LYS D 118 0.76 -5.18 29.28
CA LYS D 118 1.54 -4.82 28.13
C LYS D 118 3.00 -5.27 28.30
N LEU D 119 3.58 -5.11 29.49
CA LEU D 119 5.00 -5.49 29.70
C LEU D 119 5.12 -6.99 29.61
N ARG D 120 4.16 -7.68 30.19
CA ARG D 120 4.13 -9.14 30.23
C ARG D 120 4.08 -9.74 28.83
N ASP D 121 3.41 -9.05 27.93
CA ASP D 121 3.32 -9.47 26.56
C ASP D 121 4.64 -9.34 25.78
N ASN D 122 5.52 -8.41 26.16
CA ASN D 122 6.84 -8.31 25.54
C ASN D 122 7.79 -9.43 25.95
N GLU D 123 7.43 -10.23 26.93
CA GLU D 123 8.34 -11.25 27.48
C GLU D 123 8.25 -12.53 26.70
N GLU D 124 9.41 -13.16 26.48
CA GLU D 124 9.51 -14.52 25.92
C GLU D 124 8.86 -15.44 26.93
N LEU D 125 8.28 -16.54 26.49
CA LEU D 125 7.61 -17.44 27.45
C LEU D 125 8.62 -18.05 28.41
N ASN D 126 8.15 -18.45 29.58
CA ASN D 126 9.01 -18.95 30.66
C ASN D 126 10.07 -17.95 31.20
N SER D 127 10.05 -16.70 30.73
CA SER D 127 10.78 -15.63 31.40
C SER D 127 10.34 -15.54 32.85
N PRO D 128 11.28 -15.38 33.78
CA PRO D 128 10.88 -15.35 35.21
C PRO D 128 10.19 -14.02 35.60
N LYS D 129 10.39 -12.97 34.78
CA LYS D 129 9.63 -11.72 34.92
C LYS D 129 8.10 -11.94 34.88
N ILE D 130 7.64 -12.85 34.05
CA ILE D 130 6.22 -13.14 33.91
C ILE D 130 5.58 -13.46 35.23
N ARG D 131 6.27 -14.23 36.05
CA ARG D 131 5.75 -14.59 37.36
C ARG D 131 5.60 -13.32 38.24
N VAL D 132 6.53 -12.38 38.14
CA VAL D 132 6.47 -11.23 39.00
C VAL D 132 5.34 -10.32 38.50
N TYR D 133 5.33 -10.04 37.21
CA TYR D 133 4.23 -9.30 36.61
C TYR D 133 2.87 -9.83 37.03
N ASN D 134 2.68 -11.15 37.00
CA ASN D 134 1.37 -11.67 37.42
C ASN D 134 1.12 -11.51 38.88
N THR D 135 2.19 -11.53 39.67
CA THR D 135 2.00 -11.37 41.12
C THR D 135 1.58 -9.95 41.42
N VAL D 136 2.26 -8.99 40.78
CA VAL D 136 1.94 -7.62 40.93
C VAL D 136 0.50 -7.35 40.44
N ILE D 137 0.15 -7.89 39.28
CA ILE D 137 -1.22 -7.72 38.75
C ILE D 137 -2.21 -8.22 39.75
N SER D 138 -1.99 -9.38 40.35
CA SER D 138 -3.02 -9.87 41.30
C SER D 138 -3.08 -9.00 42.52
N TYR D 139 -1.95 -8.42 42.92
CA TYR D 139 -1.97 -7.48 44.06
C TYR D 139 -2.74 -6.21 43.73
N ILE D 140 -2.50 -5.64 42.55
CA ILE D 140 -3.29 -4.53 42.08
C ILE D 140 -4.79 -4.83 42.10
N GLU D 141 -5.20 -6.01 41.64
CA GLU D 141 -6.63 -6.33 41.59
C GLU D 141 -7.19 -6.59 42.97
N SER D 142 -6.48 -7.31 43.83
CA SER D 142 -6.94 -7.46 45.22
C SER D 142 -7.10 -6.12 45.86
N ASN D 143 -6.13 -5.24 45.65
CA ASN D 143 -6.09 -3.98 46.33
C ASN D 143 -7.30 -3.13 45.93
N ARG D 144 -7.61 -3.16 44.64
CA ARG D 144 -8.77 -2.48 44.10
C ARG D 144 -10.08 -3.01 44.69
N LYS D 145 -10.22 -4.32 44.84
CA LYS D 145 -11.41 -4.88 45.48
C LYS D 145 -11.50 -4.55 46.95
N ASN D 146 -10.41 -4.75 47.67
CA ASN D 146 -10.43 -4.58 49.12
C ASN D 146 -9.03 -4.26 49.62
N ASN D 147 -8.72 -2.99 49.74
CA ASN D 147 -7.40 -2.62 50.15
C ASN D 147 -7.09 -2.98 51.61
N LYS D 148 -8.08 -2.94 52.49
CA LYS D 148 -7.84 -3.39 53.88
C LYS D 148 -7.40 -4.86 53.94
N GLN D 149 -8.04 -5.70 53.13
CA GLN D 149 -7.69 -7.11 53.07
C GLN D 149 -6.29 -7.28 52.48
N THR D 150 -6.02 -6.55 51.40
CA THR D 150 -4.73 -6.64 50.74
C THR D 150 -3.59 -6.23 51.67
N ILE D 151 -3.82 -5.16 52.42
CA ILE D 151 -2.87 -4.73 53.44
C ILE D 151 -2.63 -5.80 54.48
N HIS D 152 -3.68 -6.48 54.92
CA HIS D 152 -3.55 -7.50 55.94
CA HIS D 152 -3.55 -7.52 55.93
C HIS D 152 -2.67 -8.67 55.43
N LEU D 153 -2.90 -9.08 54.17
CA LEU D 153 -2.08 -10.10 53.53
C LEU D 153 -0.62 -9.71 53.47
N LEU D 154 -0.37 -8.48 53.03
CA LEU D 154 0.99 -7.99 52.96
C LEU D 154 1.69 -8.03 54.33
N LYS D 155 0.98 -7.70 55.41
CA LYS D 155 1.56 -7.76 56.76
C LYS D 155 2.00 -9.15 57.15
N ARG D 156 1.34 -10.15 56.58
CA ARG D 156 1.62 -11.55 56.91
C ARG D 156 2.82 -12.12 56.20
N LEU D 157 3.26 -11.48 55.13
CA LEU D 157 4.42 -11.96 54.43
C LEU D 157 5.69 -11.84 55.28
N PRO D 158 6.62 -12.80 55.11
CA PRO D 158 7.92 -12.66 55.77
C PRO D 158 8.60 -11.40 55.27
N ALA D 159 9.18 -10.65 56.18
CA ALA D 159 9.87 -9.42 55.81
C ALA D 159 10.63 -9.52 54.48
N ASP D 160 11.41 -10.59 54.28
CA ASP D 160 12.29 -10.65 53.12
C ASP D 160 11.51 -10.79 51.81
N VAL D 161 10.35 -11.45 51.85
CA VAL D 161 9.55 -11.58 50.65
C VAL D 161 8.72 -10.28 50.41
N LEU D 162 8.21 -9.67 51.48
CA LEU D 162 7.59 -8.36 51.36
C LEU D 162 8.53 -7.36 50.68
N LYS D 163 9.78 -7.32 51.11
CA LYS D 163 10.74 -6.39 50.54
C LYS D 163 11.02 -6.66 49.09
N LYS D 164 11.01 -7.94 48.73
CA LYS D 164 11.20 -8.35 47.35
C LYS D 164 10.01 -7.85 46.53
N THR D 165 8.80 -8.10 47.03
CA THR D 165 7.60 -7.70 46.38
C THR D 165 7.52 -6.19 46.19
N ILE D 166 7.80 -5.45 47.26
CA ILE D 166 7.83 -3.99 47.19
C ILE D 166 8.80 -3.53 46.14
N LYS D 167 9.97 -4.12 46.16
CA LYS D 167 11.02 -3.71 45.22
C LYS D 167 10.61 -3.96 43.77
N ASN D 168 9.98 -5.10 43.54
CA ASN D 168 9.53 -5.46 42.20
C ASN D 168 8.43 -4.52 41.70
N THR D 169 7.48 -4.22 42.60
CA THR D 169 6.49 -3.21 42.33
C THR D 169 7.09 -1.85 42.07
N LEU D 170 8.08 -1.43 42.85
CA LEU D 170 8.70 -0.15 42.60
C LEU D 170 9.38 -0.12 41.27
N ASP D 171 10.03 -1.22 40.89
CA ASP D 171 10.78 -1.22 39.63
C ASP D 171 9.79 -1.13 38.47
N ILE D 172 8.68 -1.84 38.60
CA ILE D 172 7.70 -1.80 37.56
C ILE D 172 7.09 -0.39 37.41
N HIS D 173 6.74 0.22 38.53
CA HIS D 173 6.33 1.60 38.60
C HIS D 173 7.30 2.53 37.91
N LYS D 174 8.61 2.40 38.15
CA LYS D 174 9.56 3.28 37.46
C LYS D 174 9.61 3.00 35.99
N SER D 175 9.57 1.74 35.58
CA SER D 175 9.80 1.47 34.16
C SER D 175 8.59 1.84 33.29
N ILE D 176 7.39 1.56 33.77
CA ILE D 176 6.19 2.02 33.07
C ILE D 176 6.25 3.52 32.82
N THR D 177 6.77 4.28 33.76
CA THR D 177 6.74 5.74 33.69
C THR D 177 7.85 6.31 32.83
N ILE D 178 8.96 5.60 32.63
CA ILE D 178 9.92 5.97 31.56
C ILE D 178 9.72 5.13 30.26
N ASN D 179 8.44 4.84 29.94
CA ASN D 179 7.97 4.12 28.73
C ASN D 179 6.68 3.32 29.01
N GLY E 4 41.63 12.70 -36.70
CA GLY E 4 41.16 11.42 -36.06
C GLY E 4 42.30 10.42 -35.86
N SER E 5 41.96 9.21 -35.41
CA SER E 5 42.94 8.12 -35.41
C SER E 5 43.19 7.70 -36.87
N MET E 6 44.40 7.24 -37.15
CA MET E 6 44.74 6.83 -38.50
C MET E 6 44.02 5.53 -38.90
N SER E 7 43.36 4.89 -37.94
CA SER E 7 42.93 3.52 -38.06
C SER E 7 41.65 3.26 -37.33
N ARG E 8 40.93 2.23 -37.76
CA ARG E 8 39.69 1.83 -37.12
C ARG E 8 39.68 0.32 -37.06
N ARG E 9 39.09 -0.26 -36.03
CA ARG E 9 39.11 -1.69 -35.85
C ARG E 9 38.12 -2.37 -36.80
N ASN E 10 38.58 -3.44 -37.42
CA ASN E 10 37.76 -4.23 -38.25
C ASN E 10 36.84 -5.05 -37.42
N PRO E 11 35.70 -5.42 -38.02
CA PRO E 11 34.75 -6.22 -37.28
C PRO E 11 35.25 -7.61 -37.02
N CYS E 12 34.90 -8.14 -35.87
CA CYS E 12 35.30 -9.46 -35.51
C CYS E 12 34.54 -10.53 -36.30
N LYS E 13 35.30 -11.34 -37.00
CA LYS E 13 34.72 -12.39 -37.86
C LYS E 13 33.96 -13.40 -37.06
N PHE E 14 34.29 -13.57 -35.79
CA PHE E 14 33.48 -14.47 -35.01
C PHE E 14 32.10 -13.88 -34.67
N GLU E 15 32.08 -12.54 -34.48
CA GLU E 15 30.89 -11.85 -34.07
C GLU E 15 30.00 -11.79 -35.33
N ILE E 16 30.61 -11.57 -36.49
CA ILE E 16 29.88 -11.63 -37.75
C ILE E 16 29.07 -12.92 -37.93
N ARG E 17 29.52 -14.05 -37.40
CA ARG E 17 28.76 -15.28 -37.47
C ARG E 17 27.96 -15.60 -36.31
N GLY E 18 27.97 -14.77 -35.30
CA GLY E 18 27.16 -15.03 -34.11
C GLY E 18 27.73 -14.16 -32.99
N HIS E 19 28.32 -14.82 -32.00
CA HIS E 19 28.88 -14.22 -30.82
C HIS E 19 30.37 -14.62 -30.63
N CYS E 20 31.27 -13.65 -30.64
CA CYS E 20 32.68 -13.86 -30.33
C CYS E 20 32.79 -14.44 -28.97
N LEU E 21 33.54 -15.55 -28.84
CA LEU E 21 33.68 -16.27 -27.57
C LEU E 21 35.09 -16.13 -27.00
N ASN E 22 35.86 -15.22 -27.55
CA ASN E 22 37.27 -15.03 -27.20
C ASN E 22 37.53 -14.03 -26.07
N GLY E 23 36.50 -13.61 -25.36
CA GLY E 23 36.62 -12.56 -24.31
C GLY E 23 37.45 -11.36 -24.67
N LYS E 24 38.22 -10.83 -23.70
CA LYS E 24 39.03 -9.62 -23.89
C LYS E 24 40.29 -9.79 -24.72
N ARG E 25 40.71 -11.02 -24.89
CA ARG E 25 41.84 -11.30 -25.80
C ARG E 25 41.57 -10.79 -27.23
N CYS E 26 40.29 -10.76 -27.68
CA CYS E 26 39.99 -10.44 -29.09
C CYS E 26 40.15 -8.93 -29.32
N HIS E 27 40.95 -8.58 -30.30
CA HIS E 27 41.27 -7.19 -30.57
C HIS E 27 40.39 -6.61 -31.66
N PHE E 28 39.46 -7.39 -32.20
CA PHE E 28 38.62 -6.85 -33.28
C PHE E 28 37.41 -6.14 -32.68
N SER E 29 36.63 -5.43 -33.52
CA SER E 29 35.48 -4.69 -33.03
C SER E 29 34.29 -5.55 -32.80
N HIS E 30 33.72 -5.44 -31.61
CA HIS E 30 32.48 -6.07 -31.27
C HIS E 30 31.39 -4.96 -31.12
N ASN E 31 31.64 -3.79 -31.68
CA ASN E 31 30.76 -2.67 -31.50
C ASN E 31 30.02 -2.33 -32.80
N TYR E 32 28.76 -2.73 -32.89
CA TYR E 32 28.04 -2.62 -34.20
C TYR E 32 28.03 -1.21 -34.77
N PHE E 33 28.09 -0.20 -33.88
CA PHE E 33 28.07 1.19 -34.34
C PHE E 33 29.21 1.50 -35.19
N GLU E 34 30.30 0.76 -35.09
CA GLU E 34 31.45 1.12 -35.94
C GLU E 34 31.65 0.15 -37.13
N TRP E 35 30.77 -0.82 -37.30
CA TRP E 35 30.90 -1.74 -38.40
C TRP E 35 30.49 -1.15 -39.71
N PRO E 36 31.18 -1.51 -40.76
CA PRO E 36 30.56 -1.22 -42.07
C PRO E 36 29.22 -1.97 -42.31
N PRO E 37 28.36 -1.41 -43.16
CA PRO E 37 27.04 -1.99 -43.39
C PRO E 37 27.10 -3.42 -43.89
N HIS E 38 28.05 -3.73 -44.75
CA HIS E 38 28.08 -5.10 -45.27
C HIS E 38 28.20 -6.12 -44.16
N ALA E 39 29.04 -5.83 -43.17
CA ALA E 39 29.21 -6.81 -42.09
C ALA E 39 27.99 -6.95 -41.27
N LEU E 40 27.31 -5.85 -41.04
CA LEU E 40 26.02 -5.92 -40.30
C LEU E 40 24.96 -6.70 -41.09
N LEU E 41 24.95 -6.55 -42.41
CA LEU E 41 24.06 -7.39 -43.27
C LEU E 41 24.41 -8.85 -43.23
N VAL E 42 25.73 -9.19 -43.25
CA VAL E 42 26.11 -10.61 -43.23
C VAL E 42 25.74 -11.20 -41.88
N ARG E 43 25.99 -10.48 -40.79
CA ARG E 43 25.69 -11.07 -39.48
C ARG E 43 24.23 -11.32 -39.31
N GLN E 44 23.40 -10.44 -39.83
CA GLN E 44 21.94 -10.65 -39.68
C GLN E 44 21.54 -11.96 -40.31
N ASN E 45 22.08 -12.22 -41.46
CA ASN E 45 21.81 -13.54 -42.12
C ASN E 45 22.26 -14.75 -41.34
N PHE E 46 23.51 -14.71 -40.79
CA PHE E 46 23.91 -15.82 -39.91
C PHE E 46 23.03 -15.93 -38.72
N MET E 47 22.61 -14.79 -38.15
CA MET E 47 21.80 -14.87 -36.90
C MET E 47 20.38 -15.36 -37.21
N LEU E 48 19.82 -14.90 -38.32
CA LEU E 48 18.49 -15.41 -38.71
C LEU E 48 18.54 -16.91 -38.92
N ASN E 49 19.59 -17.39 -39.59
CA ASN E 49 19.74 -18.89 -39.78
C ASN E 49 19.75 -19.57 -38.43
N ARG E 50 20.43 -18.99 -37.47
CA ARG E 50 20.52 -19.60 -36.17
CA ARG E 50 20.52 -19.60 -36.17
C ARG E 50 19.20 -19.55 -35.44
N ILE E 51 18.51 -18.42 -35.49
CA ILE E 51 17.21 -18.33 -34.82
C ILE E 51 16.24 -19.34 -35.44
N LEU E 52 16.18 -19.40 -36.76
CA LEU E 52 15.28 -20.40 -37.41
C LEU E 52 15.62 -21.82 -37.01
N LYS E 53 16.90 -22.18 -37.07
CA LYS E 53 17.35 -23.52 -36.69
C LYS E 53 16.95 -23.85 -35.25
N SER E 54 17.07 -22.87 -34.38
CA SER E 54 16.81 -23.12 -32.95
C SER E 54 15.31 -23.30 -32.63
N MET E 55 14.40 -23.21 -33.60
CA MET E 55 13.00 -23.56 -33.31
C MET E 55 12.49 -24.74 -34.12
N ASP E 56 13.39 -25.65 -34.49
CA ASP E 56 13.03 -26.97 -35.00
C ASP E 56 12.53 -27.86 -33.85
N ARG E 73 25.33 -38.14 -44.17
CA ARG E 73 26.54 -38.73 -44.76
C ARG E 73 27.09 -37.91 -45.91
N THR E 74 28.33 -38.21 -46.29
CA THR E 74 29.08 -37.38 -47.22
C THR E 74 28.38 -37.17 -48.59
N GLU E 75 27.79 -38.23 -49.15
CA GLU E 75 27.32 -38.13 -50.53
C GLU E 75 25.88 -37.56 -50.62
N GLU E 76 25.12 -37.71 -49.56
CA GLU E 76 23.76 -37.20 -49.47
C GLU E 76 23.81 -35.71 -49.15
N TYR E 77 24.83 -35.30 -48.41
CA TYR E 77 25.16 -33.90 -48.22
C TYR E 77 25.56 -33.22 -49.54
N ALA E 78 26.28 -33.92 -50.41
CA ALA E 78 26.68 -33.32 -51.67
C ALA E 78 25.50 -33.24 -52.64
N LEU E 79 24.58 -34.19 -52.50
CA LEU E 79 23.43 -34.27 -53.37
C LEU E 79 22.46 -33.18 -53.01
N GLY E 80 22.39 -32.91 -51.71
CA GLY E 80 21.39 -32.06 -51.18
C GLY E 80 20.08 -32.80 -51.15
N VAL E 81 19.11 -32.20 -50.48
CA VAL E 81 17.78 -32.76 -50.43
C VAL E 81 17.19 -32.96 -51.84
N VAL E 82 17.41 -32.03 -52.74
CA VAL E 82 16.88 -32.14 -54.07
C VAL E 82 17.58 -33.29 -54.83
N GLY E 83 18.91 -33.39 -54.74
CA GLY E 83 19.68 -34.50 -55.33
C GLY E 83 19.27 -35.84 -54.79
N VAL E 84 19.00 -35.90 -53.51
CA VAL E 84 18.50 -37.10 -52.89
C VAL E 84 17.16 -37.47 -53.48
N LEU E 85 16.26 -36.50 -53.66
CA LEU E 85 14.94 -36.83 -54.14
C LEU E 85 14.96 -37.19 -55.62
N GLU E 86 15.71 -36.44 -56.42
CA GLU E 86 15.85 -36.72 -57.84
C GLU E 86 16.51 -38.10 -58.07
N SER E 87 17.47 -38.47 -57.22
CA SER E 87 18.12 -39.76 -57.25
C SER E 87 17.15 -40.87 -56.92
N TYR E 88 16.31 -40.68 -55.91
CA TYR E 88 15.31 -41.68 -55.61
C TYR E 88 14.38 -41.89 -56.79
N ILE E 89 13.98 -40.82 -57.43
CA ILE E 89 13.11 -40.93 -58.57
C ILE E 89 13.77 -41.78 -59.68
N GLY E 90 15.05 -41.55 -59.98
CA GLY E 90 15.77 -42.34 -61.00
C GLY E 90 16.42 -43.62 -60.48
N SER E 91 16.07 -44.05 -59.28
CA SER E 91 16.69 -45.21 -58.63
C SER E 91 18.23 -45.30 -58.68
N ILE E 92 18.92 -44.19 -58.50
CA ILE E 92 20.37 -44.18 -58.43
C ILE E 92 20.86 -43.67 -57.08
N ASN E 93 22.19 -43.69 -56.89
CA ASN E 93 22.89 -43.25 -55.69
C ASN E 93 22.41 -43.84 -54.38
N ASN E 94 21.79 -45.02 -54.43
CA ASN E 94 21.49 -45.76 -53.21
C ASN E 94 20.62 -45.01 -52.24
N ILE E 95 19.61 -44.34 -52.75
CA ILE E 95 18.66 -43.69 -51.91
C ILE E 95 17.51 -44.64 -51.66
N THR E 96 17.30 -44.95 -50.38
CA THR E 96 16.16 -45.74 -49.97
C THR E 96 14.90 -44.89 -49.92
N LYS E 97 13.77 -45.57 -49.83
CA LYS E 97 12.49 -44.92 -49.77
C LYS E 97 12.36 -44.10 -48.49
N GLN E 98 12.81 -44.67 -47.39
CA GLN E 98 12.78 -43.94 -46.14
C GLN E 98 13.53 -42.66 -46.26
N SER E 99 14.75 -42.71 -46.77
CA SER E 99 15.51 -41.48 -46.88
C SER E 99 14.83 -40.45 -47.75
N ALA E 100 14.14 -40.90 -48.78
CA ALA E 100 13.51 -39.99 -49.69
C ALA E 100 12.35 -39.30 -48.99
N CYS E 101 11.66 -40.03 -48.12
CA CYS E 101 10.54 -39.50 -47.38
C CYS E 101 10.98 -38.44 -46.39
N VAL E 102 12.08 -38.71 -45.69
CA VAL E 102 12.67 -37.74 -44.80
C VAL E 102 13.07 -36.49 -45.61
N ALA E 103 13.68 -36.71 -46.76
CA ALA E 103 14.14 -35.60 -47.56
C ALA E 103 12.93 -34.79 -48.04
N MET E 104 11.81 -35.47 -48.24
CA MET E 104 10.62 -34.85 -48.75
C MET E 104 10.06 -33.95 -47.65
N SER E 105 10.08 -34.43 -46.42
CA SER E 105 9.72 -33.60 -45.28
C SER E 105 10.58 -32.35 -45.19
N LYS E 106 11.86 -32.47 -45.44
CA LYS E 106 12.70 -31.29 -45.45
C LYS E 106 12.36 -30.33 -46.55
N LEU E 107 12.00 -30.85 -47.71
CA LEU E 107 11.64 -29.99 -48.85
C LEU E 107 10.33 -29.23 -48.54
N LEU E 108 9.38 -29.91 -47.92
CA LEU E 108 8.11 -29.32 -47.58
C LEU E 108 8.31 -28.17 -46.55
N THR E 109 9.10 -28.42 -45.50
CA THR E 109 9.55 -27.39 -44.54
C THR E 109 10.16 -26.18 -45.20
N GLU E 110 10.86 -26.34 -46.30
CA GLU E 110 11.41 -25.18 -47.00
C GLU E 110 10.37 -24.40 -47.85
N LEU E 111 9.26 -25.03 -48.16
CA LEU E 111 8.30 -24.36 -49.04
C LEU E 111 7.35 -23.57 -48.16
N ASN E 112 6.75 -22.54 -48.69
CA ASN E 112 5.58 -22.07 -47.98
C ASN E 112 4.26 -21.93 -48.79
N SER E 113 3.19 -22.30 -48.12
CA SER E 113 1.87 -22.36 -48.67
C SER E 113 1.49 -21.13 -49.44
N ASP E 114 1.80 -19.97 -48.89
CA ASP E 114 1.38 -18.73 -49.50
C ASP E 114 1.88 -18.58 -50.89
N ASP E 115 3.10 -19.03 -51.15
CA ASP E 115 3.62 -18.99 -52.53
C ASP E 115 2.84 -19.92 -53.44
N ILE E 116 2.37 -21.04 -52.92
CA ILE E 116 1.67 -21.97 -53.74
C ILE E 116 0.30 -21.36 -54.03
N LYS E 117 -0.37 -20.84 -52.98
CA LYS E 117 -1.68 -20.18 -53.16
C LYS E 117 -1.59 -19.10 -54.20
N LYS E 118 -0.50 -18.36 -54.21
CA LYS E 118 -0.32 -17.40 -55.26
C LYS E 118 -0.30 -18.07 -56.64
N LEU E 119 0.34 -19.22 -56.77
CA LEU E 119 0.39 -19.90 -58.07
C LEU E 119 -1.00 -20.42 -58.45
N ARG E 120 -1.68 -20.99 -57.47
CA ARG E 120 -2.99 -21.50 -57.64
C ARG E 120 -3.95 -20.44 -58.17
N ASP E 121 -3.76 -19.21 -57.73
CA ASP E 121 -4.61 -18.11 -58.13
C ASP E 121 -4.38 -17.65 -59.57
N ASN E 122 -3.22 -17.91 -60.13
CA ASN E 122 -2.97 -17.65 -61.55
C ASN E 122 -3.57 -18.68 -62.48
N GLU E 123 -4.07 -19.79 -61.93
CA GLU E 123 -4.65 -20.82 -62.77
C GLU E 123 -6.08 -20.49 -63.14
N GLU E 124 -6.42 -20.79 -64.39
CA GLU E 124 -7.80 -20.80 -64.85
C GLU E 124 -8.56 -21.87 -64.05
N LEU E 125 -9.86 -21.69 -63.82
CA LEU E 125 -10.56 -22.68 -63.04
C LEU E 125 -10.63 -24.03 -63.77
N ASN E 126 -10.78 -25.11 -63.00
CA ASN E 126 -10.73 -26.47 -63.55
C ASN E 126 -9.42 -26.91 -64.21
N SER E 127 -8.39 -26.07 -64.13
CA SER E 127 -7.03 -26.51 -64.43
C SER E 127 -6.64 -27.66 -63.53
N PRO E 128 -6.01 -28.69 -64.10
CA PRO E 128 -5.67 -29.84 -63.26
C PRO E 128 -4.50 -29.54 -62.28
N LYS E 129 -3.72 -28.49 -62.58
CA LYS E 129 -2.66 -28.04 -61.66
C LYS E 129 -3.22 -27.71 -60.28
N ILE E 130 -4.43 -27.16 -60.25
CA ILE E 130 -5.07 -26.78 -59.02
C ILE E 130 -5.13 -27.94 -58.02
N ARG E 131 -5.42 -29.11 -58.52
CA ARG E 131 -5.48 -30.28 -57.65
C ARG E 131 -4.09 -30.59 -57.08
N VAL E 132 -3.03 -30.42 -57.88
CA VAL E 132 -1.71 -30.75 -57.36
C VAL E 132 -1.29 -29.68 -56.32
N TYR E 133 -1.43 -28.41 -56.69
CA TYR E 133 -1.19 -27.34 -55.74
C TYR E 133 -1.88 -27.56 -54.40
N ASN E 134 -3.15 -27.96 -54.40
CA ASN E 134 -3.81 -28.21 -53.13
C ASN E 134 -3.25 -29.42 -52.41
N THR E 135 -2.79 -30.41 -53.15
CA THR E 135 -2.21 -31.60 -52.52
C THR E 135 -0.90 -31.23 -51.81
N VAL E 136 -0.07 -30.49 -52.52
CA VAL E 136 1.15 -30.05 -51.98
C VAL E 136 0.90 -29.15 -50.76
N ILE E 137 -0.03 -28.19 -50.87
CA ILE E 137 -0.40 -27.34 -49.75
C ILE E 137 -0.80 -28.17 -48.55
N SER E 138 -1.61 -29.21 -48.73
CA SER E 138 -1.94 -30.01 -47.54
C SER E 138 -0.73 -30.74 -46.98
N TYR E 139 0.18 -31.15 -47.84
CA TYR E 139 1.39 -31.83 -47.33
C TYR E 139 2.25 -30.86 -46.50
N ILE E 140 2.42 -29.64 -47.01
CA ILE E 140 3.12 -28.62 -46.28
C ILE E 140 2.49 -28.39 -44.91
N GLU E 141 1.17 -28.35 -44.83
CA GLU E 141 0.49 -28.09 -43.55
C GLU E 141 0.55 -29.28 -42.61
N SER E 142 0.36 -30.50 -43.11
CA SER E 142 0.61 -31.70 -42.28
C SER E 142 2.02 -31.70 -41.75
N ASN E 143 2.98 -31.40 -42.62
CA ASN E 143 4.38 -31.53 -42.27
C ASN E 143 4.71 -30.57 -41.16
N ARG E 144 4.17 -29.37 -41.26
CA ARG E 144 4.35 -28.35 -40.26
C ARG E 144 3.78 -28.80 -38.91
N LYS E 145 2.61 -29.42 -38.92
CA LYS E 145 2.01 -29.89 -37.65
C LYS E 145 2.81 -31.01 -37.06
N ASN E 146 3.14 -31.99 -37.88
CA ASN E 146 3.79 -33.19 -37.39
C ASN E 146 4.56 -33.86 -38.50
N ASN E 147 5.84 -33.54 -38.57
CA ASN E 147 6.63 -34.06 -39.67
C ASN E 147 6.88 -35.56 -39.53
N LYS E 148 7.00 -36.09 -38.32
CA LYS E 148 7.13 -37.53 -38.14
C LYS E 148 5.92 -38.29 -38.71
N GLN E 149 4.74 -37.76 -38.46
CA GLN E 149 3.54 -38.37 -38.99
C GLN E 149 3.56 -38.27 -40.52
N THR E 150 3.90 -37.08 -41.03
CA THR E 150 3.83 -36.85 -42.47
C THR E 150 4.79 -37.79 -43.19
N ILE E 151 5.97 -37.97 -42.59
CA ILE E 151 6.95 -38.90 -43.11
C ILE E 151 6.41 -40.33 -43.12
N HIS E 152 5.69 -40.71 -42.08
CA HIS E 152 5.14 -42.06 -42.00
CA HIS E 152 5.11 -42.06 -42.01
C HIS E 152 4.10 -42.29 -43.13
N LEU E 153 3.25 -41.29 -43.37
CA LEU E 153 2.29 -41.35 -44.47
C LEU E 153 2.99 -41.52 -45.80
N LEU E 154 4.00 -40.70 -46.02
CA LEU E 154 4.74 -40.76 -47.28
C LEU E 154 5.34 -42.15 -47.50
N LYS E 155 5.84 -42.78 -46.45
CA LYS E 155 6.40 -44.15 -46.56
C LYS E 155 5.38 -45.18 -46.99
N ARG E 156 4.13 -44.93 -46.68
CA ARG E 156 3.05 -45.85 -47.03
C ARG E 156 2.61 -45.76 -48.47
N LEU E 157 2.91 -44.66 -49.14
CA LEU E 157 2.45 -44.50 -50.50
C LEU E 157 3.12 -45.54 -51.39
N PRO E 158 2.40 -46.06 -52.39
CA PRO E 158 3.06 -46.84 -53.42
C PRO E 158 4.18 -46.06 -54.10
N ALA E 159 5.32 -46.70 -54.28
CA ALA E 159 6.47 -46.06 -54.89
C ALA E 159 6.14 -45.12 -56.05
N ASP E 160 5.28 -45.56 -56.96
CA ASP E 160 5.01 -44.76 -58.17
C ASP E 160 4.27 -43.46 -57.85
N VAL E 161 3.43 -43.48 -56.82
CA VAL E 161 2.68 -42.25 -56.47
C VAL E 161 3.58 -41.33 -55.61
N LEU E 162 4.39 -41.91 -54.74
CA LEU E 162 5.39 -41.14 -54.04
C LEU E 162 6.27 -40.36 -55.01
N LYS E 163 6.71 -41.02 -56.05
CA LYS E 163 7.61 -40.38 -57.01
C LYS E 163 6.92 -39.31 -57.76
N LYS E 164 5.63 -39.49 -58.00
CA LYS E 164 4.84 -38.45 -58.68
C LYS E 164 4.74 -37.23 -57.77
N THR E 165 4.39 -37.48 -56.52
CA THR E 165 4.24 -36.42 -55.54
C THR E 165 5.53 -35.65 -55.37
N ILE E 166 6.64 -36.37 -55.20
CA ILE E 166 7.94 -35.75 -55.09
C ILE E 166 8.22 -34.88 -56.26
N LYS E 167 7.96 -35.41 -57.43
CA LYS E 167 8.29 -34.70 -58.65
C LYS E 167 7.48 -33.43 -58.79
N ASN E 168 6.22 -33.51 -58.43
CA ASN E 168 5.36 -32.31 -58.45
C ASN E 168 5.87 -31.23 -57.48
N THR E 169 6.22 -31.67 -56.28
CA THR E 169 6.75 -30.80 -55.27
C THR E 169 8.03 -30.18 -55.73
N LEU E 170 8.90 -30.98 -56.35
CA LEU E 170 10.13 -30.43 -56.89
C LEU E 170 9.86 -29.39 -57.94
N ASP E 171 8.84 -29.61 -58.78
CA ASP E 171 8.60 -28.68 -59.91
C ASP E 171 8.06 -27.37 -59.39
N ILE E 172 7.22 -27.47 -58.37
CA ILE E 172 6.72 -26.28 -57.75
C ILE E 172 7.84 -25.47 -57.07
N HIS E 173 8.72 -26.17 -56.35
CA HIS E 173 9.88 -25.56 -55.74
C HIS E 173 10.70 -24.82 -56.76
N LYS E 174 10.94 -25.41 -57.92
CA LYS E 174 11.75 -24.69 -58.92
C LYS E 174 11.03 -23.50 -59.46
N SER E 175 9.73 -23.62 -59.66
CA SER E 175 9.04 -22.53 -60.39
C SER E 175 8.79 -21.33 -59.47
N ILE E 176 8.46 -21.55 -58.21
CA ILE E 176 8.45 -20.46 -57.23
C ILE E 176 9.73 -19.66 -57.21
N THR E 177 10.85 -20.32 -57.39
CA THR E 177 12.13 -19.66 -57.23
C THR E 177 12.55 -18.93 -58.47
N ILE E 178 12.08 -19.33 -59.64
CA ILE E 178 12.28 -18.49 -60.84
C ILE E 178 11.02 -17.63 -61.15
N ASN E 179 10.36 -17.16 -60.08
CA ASN E 179 9.14 -16.28 -60.09
C ASN E 179 8.19 -16.57 -58.92
N GLY F 4 42.44 -10.05 -61.28
CA GLY F 4 41.46 -10.94 -60.58
C GLY F 4 40.79 -11.93 -61.53
N SER F 5 39.81 -12.67 -61.02
CA SER F 5 38.93 -13.42 -61.91
C SER F 5 38.05 -12.42 -62.70
N MET F 6 37.69 -12.81 -63.91
CA MET F 6 36.88 -11.95 -64.74
C MET F 6 35.42 -11.88 -64.22
N SER F 7 35.07 -12.73 -63.24
CA SER F 7 33.73 -13.02 -62.88
C SER F 7 33.55 -13.35 -61.41
N ARG F 8 32.32 -13.13 -60.90
CA ARG F 8 32.04 -13.40 -59.55
C ARG F 8 30.73 -14.15 -59.59
N ARG F 9 30.51 -15.07 -58.66
CA ARG F 9 29.27 -15.80 -58.62
C ARG F 9 28.11 -14.95 -58.09
N ASN F 10 26.98 -15.03 -58.78
CA ASN F 10 25.77 -14.44 -58.31
C ASN F 10 25.20 -15.22 -57.17
N PRO F 11 24.41 -14.53 -56.34
CA PRO F 11 23.79 -15.20 -55.23
C PRO F 11 22.71 -16.17 -55.65
N CYS F 12 22.60 -17.25 -54.93
CA CYS F 12 21.64 -18.23 -55.26
C CYS F 12 20.26 -17.77 -54.88
N LYS F 13 19.40 -17.80 -55.86
CA LYS F 13 18.02 -17.41 -55.66
C LYS F 13 17.32 -18.30 -54.69
N PHE F 14 17.71 -19.54 -54.55
CA PHE F 14 17.03 -20.38 -53.57
C PHE F 14 17.44 -20.01 -52.15
N GLU F 15 18.69 -19.56 -52.00
CA GLU F 15 19.24 -19.23 -50.72
C GLU F 15 18.61 -17.87 -50.35
N ILE F 16 18.45 -16.99 -51.31
CA ILE F 16 17.81 -15.73 -51.08
C ILE F 16 16.44 -15.90 -50.44
N ARG F 17 15.71 -16.96 -50.77
CA ARG F 17 14.41 -17.22 -50.12
C ARG F 17 14.44 -18.16 -49.00
N GLY F 18 15.61 -18.62 -48.58
CA GLY F 18 15.68 -19.46 -47.38
C GLY F 18 17.02 -20.20 -47.45
N HIS F 19 16.93 -21.51 -47.67
CA HIS F 19 18.09 -22.41 -47.73
C HIS F 19 18.11 -23.21 -49.06
N CYS F 20 19.15 -23.05 -49.85
CA CYS F 20 19.35 -23.82 -51.11
C CYS F 20 19.43 -25.27 -50.76
N LEU F 21 18.66 -26.08 -51.46
CA LEU F 21 18.55 -27.51 -51.10
C LEU F 21 19.21 -28.39 -52.20
N ASN F 22 19.93 -27.76 -53.09
CA ASN F 22 20.51 -28.38 -54.24
CA ASN F 22 20.54 -28.48 -54.20
C ASN F 22 21.96 -28.92 -54.00
N GLY F 23 22.41 -29.01 -52.75
CA GLY F 23 23.78 -29.40 -52.45
C GLY F 23 24.86 -28.80 -53.33
N LYS F 24 25.90 -29.57 -53.63
CA LYS F 24 27.04 -29.09 -54.45
C LYS F 24 26.75 -28.95 -55.94
N ARG F 25 25.65 -29.49 -56.40
CA ARG F 25 25.25 -29.29 -57.80
CA ARG F 25 25.23 -29.29 -57.79
C ARG F 25 24.99 -27.80 -58.11
N CYS F 26 24.61 -27.00 -57.10
CA CYS F 26 24.28 -25.57 -57.34
C CYS F 26 25.54 -24.76 -57.54
N HIS F 27 25.60 -24.05 -58.65
CA HIS F 27 26.78 -23.30 -59.01
C HIS F 27 26.70 -21.84 -58.58
N PHE F 28 25.62 -21.42 -57.93
CA PHE F 28 25.53 -20.03 -57.47
C PHE F 28 26.15 -19.84 -56.08
N SER F 29 26.32 -18.59 -55.66
CA SER F 29 26.95 -18.34 -54.35
C SER F 29 26.03 -18.57 -53.18
N HIS F 30 26.50 -19.34 -52.23
CA HIS F 30 25.86 -19.50 -50.96
C HIS F 30 26.70 -18.84 -49.87
N ASN F 31 27.59 -17.96 -50.28
CA ASN F 31 28.50 -17.34 -49.31
C ASN F 31 28.16 -15.87 -49.06
N TYR F 32 27.56 -15.58 -47.92
CA TYR F 32 26.97 -14.20 -47.69
C TYR F 32 28.00 -13.07 -47.81
N PHE F 33 29.27 -13.39 -47.53
CA PHE F 33 30.38 -12.41 -47.62
C PHE F 33 30.55 -11.93 -48.99
N GLU F 34 30.07 -12.66 -50.00
CA GLU F 34 30.29 -12.13 -51.38
C GLU F 34 29.01 -11.61 -52.04
N TRP F 35 27.92 -11.62 -51.30
CA TRP F 35 26.64 -11.14 -51.87
C TRP F 35 26.56 -9.62 -51.92
N PRO F 36 25.93 -9.08 -52.93
CA PRO F 36 25.58 -7.69 -52.84
C PRO F 36 24.57 -7.41 -51.74
N PRO F 37 24.59 -6.19 -51.22
CA PRO F 37 23.70 -5.85 -50.07
C PRO F 37 22.23 -6.08 -50.35
N HIS F 38 21.79 -5.79 -51.56
CA HIS F 38 20.36 -5.96 -51.83
C HIS F 38 19.89 -7.37 -51.62
N ALA F 39 20.72 -8.33 -51.99
CA ALA F 39 20.30 -9.70 -51.84
C ALA F 39 20.28 -10.12 -50.39
N LEU F 40 21.25 -9.65 -49.63
CA LEU F 40 21.22 -9.91 -48.19
C LEU F 40 19.95 -9.26 -47.56
N LEU F 41 19.58 -8.06 -48.00
CA LEU F 41 18.31 -7.42 -47.50
C LEU F 41 17.06 -8.20 -47.89
N VAL F 42 17.00 -8.71 -49.13
CA VAL F 42 15.83 -9.50 -49.52
C VAL F 42 15.74 -10.79 -48.74
N ARG F 43 16.86 -11.45 -48.53
CA ARG F 43 16.81 -12.73 -47.77
C ARG F 43 16.36 -12.54 -46.38
N GLN F 44 16.80 -11.47 -45.74
CA GLN F 44 16.38 -11.25 -44.32
C GLN F 44 14.88 -11.17 -44.26
N ASN F 45 14.28 -10.49 -45.21
CA ASN F 45 12.82 -10.41 -45.21
C ASN F 45 12.15 -11.74 -45.39
N PHE F 46 12.63 -12.57 -46.36
CA PHE F 46 12.02 -13.93 -46.49
C PHE F 46 12.24 -14.71 -45.24
N MET F 47 13.40 -14.55 -44.60
CA MET F 47 13.67 -15.36 -43.38
C MET F 47 12.84 -14.88 -42.20
N LEU F 48 12.70 -13.57 -42.06
CA LEU F 48 11.84 -13.05 -40.95
C LEU F 48 10.44 -13.55 -41.14
N ASN F 49 9.94 -13.50 -42.37
CA ASN F 49 8.54 -14.05 -42.62
C ASN F 49 8.49 -15.48 -42.17
N ARG F 50 9.52 -16.24 -42.44
CA ARG F 50 9.49 -17.64 -42.06
C ARG F 50 9.57 -17.82 -40.57
N ILE F 51 10.45 -17.04 -39.92
CA ILE F 51 10.55 -17.17 -38.45
C ILE F 51 9.22 -16.81 -37.81
N LEU F 52 8.61 -15.70 -38.26
CA LEU F 52 7.32 -15.30 -37.69
C LEU F 52 6.27 -16.38 -37.89
N LYS F 53 6.16 -16.90 -39.11
CA LYS F 53 5.16 -17.93 -39.43
C LYS F 53 5.34 -19.17 -38.55
N SER F 54 6.59 -19.52 -38.30
CA SER F 54 6.87 -20.72 -37.53
C SER F 54 6.57 -20.60 -36.04
N MET F 55 6.11 -19.46 -35.56
CA MET F 55 5.66 -19.39 -34.17
C MET F 55 4.18 -19.03 -34.01
N ASP F 56 3.36 -19.42 -34.99
CA ASP F 56 1.91 -19.46 -34.86
C ASP F 56 1.45 -20.65 -33.99
N ARG F 73 -9.34 -20.39 -49.99
CA ARG F 73 -9.87 -20.60 -51.34
C ARG F 73 -9.51 -19.46 -52.24
N THR F 74 -9.68 -19.66 -53.53
CA THR F 74 -9.16 -18.76 -54.56
C THR F 74 -9.67 -17.32 -54.42
N GLU F 75 -10.95 -17.13 -54.13
CA GLU F 75 -11.50 -15.77 -54.17
C GLU F 75 -11.31 -14.99 -52.84
N GLU F 76 -11.16 -15.71 -51.74
CA GLU F 76 -10.92 -15.09 -50.44
C GLU F 76 -9.46 -14.71 -50.35
N TYR F 77 -8.61 -15.48 -51.01
CA TYR F 77 -7.20 -15.12 -51.17
C TYR F 77 -7.07 -13.83 -51.97
N ALA F 78 -7.92 -13.63 -52.98
CA ALA F 78 -7.80 -12.47 -53.81
C ALA F 78 -8.31 -11.24 -53.08
N LEU F 79 -9.28 -11.48 -52.22
CA LEU F 79 -9.92 -10.42 -51.48
C LEU F 79 -9.00 -9.93 -50.38
N GLY F 80 -8.27 -10.88 -49.82
CA GLY F 80 -7.44 -10.64 -48.70
C GLY F 80 -8.33 -10.58 -47.50
N VAL F 81 -7.72 -10.55 -46.33
CA VAL F 81 -8.45 -10.37 -45.10
C VAL F 81 -9.31 -9.08 -45.08
N VAL F 82 -8.81 -7.99 -45.60
CA VAL F 82 -9.54 -6.77 -45.61
C VAL F 82 -10.76 -6.87 -46.57
N GLY F 83 -10.55 -7.40 -47.78
CA GLY F 83 -11.64 -7.64 -48.73
C GLY F 83 -12.71 -8.56 -48.14
N VAL F 84 -12.27 -9.59 -47.46
CA VAL F 84 -13.20 -10.48 -46.84
C VAL F 84 -14.03 -9.70 -45.84
N LEU F 85 -13.39 -8.83 -45.05
CA LEU F 85 -14.11 -8.15 -44.00
C LEU F 85 -15.04 -7.09 -44.57
N GLU F 86 -14.56 -6.32 -45.54
CA GLU F 86 -15.35 -5.34 -46.20
C GLU F 86 -16.56 -5.98 -46.94
N SER F 87 -16.35 -7.17 -47.50
CA SER F 87 -17.40 -7.92 -48.18
C SER F 87 -18.44 -8.40 -47.18
N TYR F 88 -18.03 -8.89 -46.04
CA TYR F 88 -19.00 -9.26 -45.01
C TYR F 88 -19.85 -8.05 -44.60
N ILE F 89 -19.22 -6.90 -44.47
CA ILE F 89 -19.96 -5.71 -44.09
C ILE F 89 -21.02 -5.36 -45.13
N GLY F 90 -20.69 -5.40 -46.42
CA GLY F 90 -21.67 -5.15 -47.48
C GLY F 90 -22.52 -6.38 -47.92
N SER F 91 -22.48 -7.47 -47.16
CA SER F 91 -23.14 -8.74 -47.50
C SER F 91 -22.94 -9.23 -48.95
N ILE F 92 -21.73 -9.14 -49.48
CA ILE F 92 -21.43 -9.67 -50.82
C ILE F 92 -20.36 -10.72 -50.74
N ASN F 93 -20.04 -11.32 -51.91
CA ASN F 93 -19.02 -12.35 -52.08
C ASN F 93 -19.09 -13.53 -51.12
N ASN F 94 -20.27 -13.79 -50.59
CA ASN F 94 -20.53 -15.05 -49.87
C ASN F 94 -19.67 -15.25 -48.68
N ILE F 95 -19.44 -14.19 -47.94
CA ILE F 95 -18.65 -14.29 -46.73
C ILE F 95 -19.60 -14.58 -45.60
N THR F 96 -19.41 -15.72 -44.95
CA THR F 96 -20.16 -16.05 -43.78
C THR F 96 -19.62 -15.29 -42.56
N LYS F 97 -20.40 -15.30 -41.50
CA LYS F 97 -20.04 -14.64 -40.27
C LYS F 97 -18.83 -15.32 -39.64
N GLN F 98 -18.79 -16.66 -39.67
CA GLN F 98 -17.65 -17.42 -39.18
C GLN F 98 -16.41 -16.86 -39.85
N SER F 99 -16.41 -16.87 -41.17
CA SER F 99 -15.21 -16.49 -41.90
C SER F 99 -14.77 -15.08 -41.56
N ALA F 100 -15.72 -14.20 -41.36
CA ALA F 100 -15.40 -12.83 -41.08
C ALA F 100 -14.73 -12.72 -39.71
N CYS F 101 -15.16 -13.56 -38.76
CA CYS F 101 -14.61 -13.56 -37.43
C CYS F 101 -13.17 -14.08 -37.45
N VAL F 102 -12.92 -15.13 -38.22
CA VAL F 102 -11.56 -15.63 -38.41
C VAL F 102 -10.71 -14.55 -39.07
N ALA F 103 -11.26 -13.91 -40.10
CA ALA F 103 -10.51 -12.87 -40.76
C ALA F 103 -10.19 -11.70 -39.78
N MET F 104 -11.10 -11.47 -38.84
CA MET F 104 -10.98 -10.36 -37.90
C MET F 104 -9.84 -10.70 -36.94
N SER F 105 -9.78 -11.95 -36.48
CA SER F 105 -8.65 -12.40 -35.73
C SER F 105 -7.33 -12.17 -36.46
N LYS F 106 -7.29 -12.40 -37.75
CA LYS F 106 -6.04 -12.17 -38.50
C LYS F 106 -5.72 -10.71 -38.53
N LEU F 107 -6.75 -9.86 -38.64
CA LEU F 107 -6.51 -8.43 -38.72
C LEU F 107 -5.95 -7.90 -37.38
N LEU F 108 -6.49 -8.42 -36.29
CA LEU F 108 -6.07 -8.04 -34.97
C LEU F 108 -4.59 -8.42 -34.73
N THR F 109 -4.23 -9.65 -35.08
CA THR F 109 -2.85 -10.12 -35.08
C THR F 109 -1.94 -9.17 -35.81
N GLU F 110 -2.41 -8.55 -36.87
CA GLU F 110 -1.51 -7.65 -37.64
C GLU F 110 -1.36 -6.27 -37.01
N LEU F 111 -2.27 -5.93 -36.11
CA LEU F 111 -2.22 -4.61 -35.51
C LEU F 111 -1.36 -4.67 -34.26
N ASN F 112 -0.80 -3.55 -33.87
CA ASN F 112 -0.32 -3.55 -32.49
C ASN F 112 -0.83 -2.43 -31.57
N SER F 113 -1.13 -2.83 -30.34
CA SER F 113 -1.64 -1.98 -29.32
C SER F 113 -0.93 -0.64 -29.20
N ASP F 114 0.40 -0.64 -29.24
CA ASP F 114 1.14 0.56 -28.98
C ASP F 114 0.81 1.64 -29.98
N ASP F 115 0.58 1.28 -31.22
CA ASP F 115 0.17 2.27 -32.20
C ASP F 115 -1.22 2.85 -31.86
N ILE F 116 -2.11 2.03 -31.28
CA ILE F 116 -3.45 2.50 -30.97
C ILE F 116 -3.32 3.44 -29.76
N LYS F 117 -2.57 3.02 -28.73
CA LYS F 117 -2.31 3.87 -27.57
C LYS F 117 -1.75 5.20 -28.00
N LYS F 118 -0.85 5.22 -28.97
CA LYS F 118 -0.40 6.51 -29.47
C LYS F 118 -1.56 7.35 -30.03
N LEU F 119 -2.51 6.73 -30.74
CA LEU F 119 -3.65 7.49 -31.29
C LEU F 119 -4.55 7.98 -30.17
N ARG F 120 -4.79 7.11 -29.20
CA ARG F 120 -5.61 7.41 -28.05
C ARG F 120 -5.10 8.62 -27.26
N ASP F 121 -3.78 8.77 -27.24
CA ASP F 121 -3.15 9.88 -26.55
C ASP F 121 -3.35 11.23 -27.26
N ASN F 122 -3.55 11.22 -28.57
CA ASN F 122 -3.83 12.45 -29.29
C ASN F 122 -5.26 12.94 -29.08
N GLU F 123 -6.10 12.15 -28.44
CA GLU F 123 -7.52 12.51 -28.29
C GLU F 123 -7.73 13.38 -27.07
N GLU F 124 -8.61 14.38 -27.23
CA GLU F 124 -9.14 15.19 -26.11
C GLU F 124 -9.95 14.26 -25.23
N LEU F 125 -10.01 14.52 -23.94
CA LEU F 125 -10.70 13.58 -23.07
C LEU F 125 -12.18 13.57 -23.39
N ASN F 126 -12.86 12.49 -23.02
CA ASN F 126 -14.27 12.28 -23.35
C ASN F 126 -14.60 12.22 -24.84
N SER F 127 -13.59 12.28 -25.72
CA SER F 127 -13.75 11.95 -27.14
C SER F 127 -14.32 10.53 -27.24
N PRO F 128 -15.33 10.33 -28.10
CA PRO F 128 -15.94 8.99 -28.18
C PRO F 128 -15.03 7.97 -28.90
N LYS F 129 -14.04 8.47 -29.67
CA LYS F 129 -12.98 7.62 -30.22
C LYS F 129 -12.24 6.81 -29.15
N ILE F 130 -12.02 7.40 -27.99
CA ILE F 130 -11.30 6.73 -26.92
C ILE F 130 -11.92 5.39 -26.59
N ARG F 131 -13.24 5.36 -26.57
CA ARG F 131 -13.94 4.11 -26.22
C ARG F 131 -13.70 3.05 -27.31
N VAL F 132 -13.62 3.47 -28.57
CA VAL F 132 -13.38 2.50 -29.62
C VAL F 132 -11.93 2.03 -29.57
N TYR F 133 -10.99 2.95 -29.52
CA TYR F 133 -9.59 2.59 -29.30
C TYR F 133 -9.40 1.59 -28.19
N ASN F 134 -10.03 1.79 -27.05
CA ASN F 134 -9.84 0.81 -25.96
C ASN F 134 -10.47 -0.52 -26.26
N THR F 135 -11.57 -0.50 -27.01
CA THR F 135 -12.25 -1.73 -27.34
C THR F 135 -11.36 -2.57 -28.30
N VAL F 136 -10.82 -1.90 -29.30
CA VAL F 136 -9.93 -2.52 -30.20
C VAL F 136 -8.70 -3.03 -29.45
N ILE F 137 -8.11 -2.22 -28.58
CA ILE F 137 -6.94 -2.64 -27.82
C ILE F 137 -7.28 -3.89 -27.05
N SER F 138 -8.43 -3.96 -26.42
CA SER F 138 -8.73 -5.21 -25.65
C SER F 138 -8.92 -6.40 -26.56
N TYR F 139 -9.42 -6.16 -27.77
CA TYR F 139 -9.53 -7.26 -28.73
C TYR F 139 -8.16 -7.77 -29.16
N ILE F 140 -7.25 -6.84 -29.47
CA ILE F 140 -5.90 -7.20 -29.83
C ILE F 140 -5.25 -8.03 -28.73
N GLU F 141 -5.45 -7.65 -27.47
CA GLU F 141 -4.82 -8.40 -26.35
C GLU F 141 -5.49 -9.75 -26.10
N SER F 142 -6.82 -9.83 -26.16
CA SER F 142 -7.49 -11.14 -26.12
C SER F 142 -7.00 -12.04 -27.24
N ASN F 143 -6.89 -11.48 -28.44
CA ASN F 143 -6.58 -12.27 -29.62
C ASN F 143 -5.21 -12.86 -29.48
N ARG F 144 -4.30 -12.06 -28.97
CA ARG F 144 -2.93 -12.49 -28.73
C ARG F 144 -2.87 -13.61 -27.72
N LYS F 145 -3.63 -13.50 -26.63
CA LYS F 145 -3.66 -14.58 -25.62
C LYS F 145 -4.27 -15.84 -26.17
N ASN F 146 -5.43 -15.71 -26.82
CA ASN F 146 -6.17 -16.88 -27.27
C ASN F 146 -7.07 -16.51 -28.44
N ASN F 147 -6.55 -16.69 -29.64
CA ASN F 147 -7.33 -16.28 -30.77
C ASN F 147 -8.57 -17.15 -31.00
N LYS F 148 -8.52 -18.44 -30.66
CA LYS F 148 -9.72 -19.27 -30.79
C LYS F 148 -10.86 -18.74 -29.89
N GLN F 149 -10.51 -18.33 -28.68
CA GLN F 149 -11.50 -17.77 -27.75
C GLN F 149 -12.03 -16.45 -28.30
N THR F 150 -11.12 -15.60 -28.77
CA THR F 150 -11.51 -14.30 -29.29
C THR F 150 -12.45 -14.44 -30.50
N ILE F 151 -12.14 -15.39 -31.37
CA ILE F 151 -13.01 -15.70 -32.50
C ILE F 151 -14.39 -16.13 -32.03
N HIS F 152 -14.45 -16.96 -30.99
CA HIS F 152 -15.73 -17.46 -30.49
CA HIS F 152 -15.73 -17.43 -30.47
C HIS F 152 -16.60 -16.27 -29.96
N LEU F 153 -15.96 -15.35 -29.24
CA LEU F 153 -16.65 -14.15 -28.75
C LEU F 153 -17.20 -13.33 -29.88
N LEU F 154 -16.36 -13.09 -30.88
CA LEU F 154 -16.79 -12.34 -32.04
C LEU F 154 -18.02 -12.98 -32.70
N LYS F 155 -18.08 -14.32 -32.80
CA LYS F 155 -19.21 -15.00 -33.41
C LYS F 155 -20.50 -14.75 -32.65
N ARG F 156 -20.39 -14.50 -31.34
CA ARG F 156 -21.55 -14.27 -30.49
C ARG F 156 -22.14 -12.88 -30.59
N LEU F 157 -21.37 -11.92 -31.09
CA LEU F 157 -21.88 -10.56 -31.21
C LEU F 157 -23.04 -10.50 -32.23
N PRO F 158 -24.04 -9.67 -31.95
CA PRO F 158 -25.06 -9.39 -32.98
C PRO F 158 -24.43 -8.84 -34.25
N ALA F 159 -24.86 -9.35 -35.39
CA ALA F 159 -24.30 -8.94 -36.66
C ALA F 159 -23.99 -7.46 -36.73
N ASP F 160 -24.90 -6.62 -36.30
CA ASP F 160 -24.75 -5.17 -36.51
C ASP F 160 -23.59 -4.60 -35.67
N VAL F 161 -23.36 -5.17 -34.49
CA VAL F 161 -22.28 -4.68 -33.66
C VAL F 161 -20.92 -5.26 -34.14
N LEU F 162 -20.93 -6.52 -34.58
CA LEU F 162 -19.75 -7.10 -35.23
C LEU F 162 -19.30 -6.23 -36.39
N LYS F 163 -20.23 -5.78 -37.21
CA LYS F 163 -19.89 -5.00 -38.39
C LYS F 163 -19.37 -3.65 -38.03
N LYS F 164 -19.88 -3.11 -36.93
CA LYS F 164 -19.39 -1.84 -36.42
C LYS F 164 -17.93 -2.03 -35.97
N THR F 165 -17.72 -3.06 -35.18
CA THR F 165 -16.42 -3.34 -34.62
C THR F 165 -15.39 -3.54 -35.76
N ILE F 166 -15.76 -4.35 -36.73
CA ILE F 166 -14.88 -4.64 -37.86
C ILE F 166 -14.55 -3.37 -38.57
N LYS F 167 -15.57 -2.58 -38.81
CA LYS F 167 -15.36 -1.31 -39.52
C LYS F 167 -14.42 -0.35 -38.75
N ASN F 168 -14.58 -0.30 -37.45
CA ASN F 168 -13.72 0.55 -36.63
C ASN F 168 -12.27 0.05 -36.67
N THR F 169 -12.11 -1.27 -36.54
CA THR F 169 -10.80 -1.88 -36.64
C THR F 169 -10.19 -1.63 -37.99
N LEU F 170 -10.96 -1.73 -39.06
CA LEU F 170 -10.44 -1.44 -40.40
C LEU F 170 -10.03 -0.01 -40.56
N ASP F 171 -10.77 0.91 -39.96
CA ASP F 171 -10.42 2.32 -40.09
C ASP F 171 -9.13 2.60 -39.36
N ILE F 172 -9.01 2.01 -38.19
CA ILE F 172 -7.80 2.22 -37.41
C ILE F 172 -6.56 1.69 -38.17
N HIS F 173 -6.69 0.50 -38.72
CA HIS F 173 -5.67 -0.13 -39.54
C HIS F 173 -5.25 0.76 -40.67
N LYS F 174 -6.20 1.38 -41.37
CA LYS F 174 -5.79 2.29 -42.44
C LYS F 174 -5.09 3.51 -41.90
N SER F 175 -5.54 4.06 -40.78
CA SER F 175 -5.01 5.37 -40.41
C SER F 175 -3.60 5.22 -39.81
N ILE F 176 -3.39 4.19 -39.01
CA ILE F 176 -2.04 3.92 -38.52
C ILE F 176 -1.04 3.80 -39.65
N THR F 177 -1.47 3.24 -40.77
CA THR F 177 -0.56 3.00 -41.88
C THR F 177 -0.32 4.24 -42.73
N ILE F 178 -1.24 5.19 -42.76
CA ILE F 178 -0.92 6.50 -43.38
C ILE F 178 -0.53 7.55 -42.31
N ASN F 179 0.20 7.09 -41.27
CA ASN F 179 0.75 7.89 -40.15
C ASN F 179 0.81 7.09 -38.85
N GLY G 4 7.55 -71.40 16.85
CA GLY G 4 7.97 -70.15 16.13
C GLY G 4 8.76 -69.19 17.01
N SER G 5 9.08 -68.02 16.51
CA SER G 5 9.57 -66.94 17.37
C SER G 5 8.42 -66.44 18.28
N MET G 6 8.76 -66.01 19.48
CA MET G 6 7.76 -65.55 20.42
C MET G 6 7.19 -64.16 20.00
N SER G 7 7.78 -63.56 18.97
CA SER G 7 7.62 -62.17 18.68
C SER G 7 7.74 -61.86 17.21
N ARG G 8 7.12 -60.76 16.79
CA ARG G 8 7.20 -60.32 15.43
C ARG G 8 7.49 -58.82 15.53
N ARG G 9 8.22 -58.26 14.59
CA ARG G 9 8.51 -56.82 14.58
CA ARG G 9 8.45 -56.85 14.65
C ARG G 9 7.30 -55.96 14.18
N ASN G 10 7.06 -54.91 14.94
CA ASN G 10 6.06 -53.94 14.62
C ASN G 10 6.52 -53.09 13.49
N PRO G 11 5.57 -52.54 12.76
CA PRO G 11 5.93 -51.67 11.69
C PRO G 11 6.56 -50.38 12.13
N CYS G 12 7.50 -49.89 11.35
CA CYS G 12 8.15 -48.67 11.68
C CYS G 12 7.27 -47.44 11.43
N LYS G 13 7.07 -46.66 12.49
CA LYS G 13 6.20 -45.51 12.43
C LYS G 13 6.71 -44.50 11.48
N PHE G 14 8.02 -44.45 11.27
CA PHE G 14 8.50 -43.51 10.28
C PHE G 14 8.11 -43.94 8.88
N GLU G 15 8.08 -45.26 8.65
CA GLU G 15 7.90 -45.82 7.32
C GLU G 15 6.40 -45.66 7.05
N ILE G 16 5.58 -45.87 8.07
CA ILE G 16 4.18 -45.62 7.96
C ILE G 16 3.83 -44.21 7.44
N ARG G 17 4.62 -43.20 7.76
CA ARG G 17 4.41 -41.87 7.23
C ARG G 17 5.21 -41.54 6.04
N GLY G 18 6.01 -42.46 5.53
CA GLY G 18 6.76 -42.17 4.29
C GLY G 18 7.87 -43.20 4.24
N HIS G 19 9.10 -42.70 4.39
CA HIS G 19 10.32 -43.48 4.31
C HIS G 19 11.14 -43.29 5.61
N CYS G 20 11.39 -44.38 6.33
CA CYS G 20 12.31 -44.39 7.46
C CYS G 20 13.63 -43.94 7.02
N LEU G 21 14.20 -42.99 7.76
CA LEU G 21 15.50 -42.40 7.38
C LEU G 21 16.60 -42.79 8.39
N ASN G 22 16.29 -43.76 9.24
CA ASN G 22 17.18 -44.17 10.31
C ASN G 22 18.14 -45.31 9.95
N GLY G 23 18.32 -45.60 8.67
CA GLY G 23 19.17 -46.72 8.23
C GLY G 23 19.03 -47.99 9.06
N LYS G 24 20.13 -48.70 9.28
CA LYS G 24 20.10 -50.01 9.95
C LYS G 24 19.92 -49.93 11.46
N ARG G 25 20.12 -48.76 12.01
CA ARG G 25 19.89 -48.55 13.43
CA ARG G 25 19.88 -48.55 13.43
C ARG G 25 18.43 -48.88 13.81
N CYS G 26 17.49 -48.71 12.87
CA CYS G 26 16.06 -48.88 13.18
C CYS G 26 15.72 -50.37 13.31
N HIS G 27 15.12 -50.72 14.42
CA HIS G 27 14.83 -52.10 14.73
C HIS G 27 13.40 -52.47 14.38
N PHE G 28 12.63 -51.55 13.83
CA PHE G 28 11.24 -51.89 13.49
C PHE G 28 11.17 -52.51 12.07
N SER G 29 10.01 -53.04 11.71
CA SER G 29 9.83 -53.61 10.35
C SER G 29 9.64 -52.60 9.27
N HIS G 30 10.47 -52.71 8.24
CA HIS G 30 10.32 -51.96 7.00
C HIS G 30 9.87 -52.90 5.88
N ASN G 31 9.34 -54.05 6.25
CA ASN G 31 8.97 -55.07 5.27
C ASN G 31 7.45 -55.21 5.14
N TYR G 32 6.91 -54.63 4.07
CA TYR G 32 5.41 -54.53 3.96
C TYR G 32 4.70 -55.87 4.04
N PHE G 33 5.38 -56.95 3.63
CA PHE G 33 4.77 -58.31 3.72
C PHE G 33 4.48 -58.73 5.13
N GLU G 34 5.13 -58.15 6.12
CA GLU G 34 4.80 -58.57 7.50
C GLU G 34 3.96 -57.53 8.28
N TRP G 35 3.57 -56.44 7.64
CA TRP G 35 2.74 -55.45 8.31
C TRP G 35 1.30 -55.86 8.42
N PRO G 36 0.65 -55.43 9.46
CA PRO G 36 -0.81 -55.64 9.52
C PRO G 36 -1.48 -54.71 8.52
N PRO G 37 -2.66 -55.10 8.07
CA PRO G 37 -3.34 -54.34 7.03
C PRO G 37 -3.57 -52.87 7.42
N HIS G 38 -3.91 -52.62 8.69
CA HIS G 38 -4.18 -51.21 9.07
C HIS G 38 -3.01 -50.30 8.82
N ALA G 39 -1.81 -50.78 9.09
CA ALA G 39 -0.65 -49.94 8.86
C ALA G 39 -0.41 -49.69 7.42
N LEU G 40 -0.68 -50.70 6.59
CA LEU G 40 -0.49 -50.51 5.15
C LEU G 40 -1.52 -49.50 4.64
N LEU G 41 -2.75 -49.57 5.17
CA LEU G 41 -3.79 -48.57 4.81
C LEU G 41 -3.42 -47.16 5.23
N VAL G 42 -2.84 -47.01 6.42
CA VAL G 42 -2.46 -45.64 6.88
C VAL G 42 -1.36 -45.12 5.98
N ARG G 43 -0.39 -45.96 5.62
CA ARG G 43 0.76 -45.45 4.88
C ARG G 43 0.36 -45.01 3.54
N GLN G 44 -0.58 -45.73 2.93
CA GLN G 44 -1.04 -45.34 1.58
C GLN G 44 -1.61 -43.95 1.62
N ASN G 45 -2.38 -43.66 2.65
CA ASN G 45 -2.90 -42.27 2.80
C ASN G 45 -1.84 -41.22 2.98
N PHE G 46 -0.84 -41.45 3.83
CA PHE G 46 0.25 -40.46 3.92
C PHE G 46 0.96 -40.36 2.62
N MET G 47 1.13 -41.48 1.92
CA MET G 47 1.94 -41.39 0.67
C MET G 47 1.11 -40.69 -0.42
N LEU G 48 -0.18 -40.98 -0.50
CA LEU G 48 -1.01 -40.27 -1.51
C LEU G 48 -0.97 -38.76 -1.24
N ASN G 49 -1.07 -38.37 0.03
CA ASN G 49 -0.96 -36.92 0.35
C ASN G 49 0.32 -36.37 -0.19
N ARG G 50 1.40 -37.12 -0.02
CA ARG G 50 2.69 -36.63 -0.46
C ARG G 50 2.78 -36.56 -1.97
N ILE G 51 2.24 -37.57 -2.65
CA ILE G 51 2.28 -37.54 -4.11
C ILE G 51 1.48 -36.36 -4.63
N LEU G 52 0.28 -36.18 -4.11
CA LEU G 52 -0.54 -35.03 -4.52
C LEU G 52 0.18 -33.72 -4.28
N LYS G 53 0.72 -33.53 -3.07
CA LYS G 53 1.41 -32.28 -2.73
C LYS G 53 2.56 -32.03 -3.69
N SER G 54 3.26 -33.08 -4.07
CA SER G 54 4.44 -32.92 -4.91
C SER G 54 4.13 -32.58 -6.37
N MET G 55 2.86 -32.47 -6.75
CA MET G 55 2.57 -31.96 -8.08
C MET G 55 1.71 -30.68 -8.09
N ASP G 56 1.74 -29.90 -7.00
CA ASP G 56 1.22 -28.53 -7.05
C ASP G 56 2.10 -27.69 -7.97
N ASP G 66 -0.05 -11.96 -3.44
CA ASP G 66 -0.58 -11.21 -2.27
C ASP G 66 -1.76 -11.90 -1.56
N GLY G 67 -1.60 -12.09 -0.24
CA GLY G 67 -2.63 -12.69 0.62
C GLY G 67 -2.38 -14.15 0.94
N ALA G 68 -1.42 -14.76 0.23
CA ALA G 68 -1.12 -16.20 0.35
C ALA G 68 -0.41 -16.56 1.65
N ALA G 69 0.69 -15.86 1.93
CA ALA G 69 1.53 -16.13 3.12
C ALA G 69 0.72 -16.03 4.43
N GLU G 70 -0.22 -15.09 4.44
CA GLU G 70 -1.13 -14.88 5.57
C GLU G 70 -1.89 -16.16 5.96
N LEU G 71 -2.24 -16.98 4.96
CA LEU G 71 -2.99 -18.22 5.23
C LEU G 71 -2.19 -19.28 5.99
N ASP G 72 -0.86 -19.11 6.05
CA ASP G 72 0.05 -20.02 6.79
C ASP G 72 0.27 -19.65 8.25
N ARG G 73 -0.18 -18.46 8.64
CA ARG G 73 -0.04 -17.97 10.03
C ARG G 73 -0.93 -18.73 10.99
N THR G 74 -0.65 -18.58 12.27
CA THR G 74 -1.26 -19.41 13.29
C THR G 74 -2.79 -19.39 13.29
N GLU G 75 -3.42 -18.22 13.12
CA GLU G 75 -4.87 -18.15 13.34
C GLU G 75 -5.67 -18.50 12.06
N GLU G 76 -5.04 -18.35 10.90
CA GLU G 76 -5.66 -18.68 9.63
C GLU G 76 -5.57 -20.19 9.44
N TYR G 77 -4.51 -20.78 9.98
CA TYR G 77 -4.39 -22.23 10.04
C TYR G 77 -5.49 -22.82 10.93
N ALA G 78 -5.82 -22.15 12.04
CA ALA G 78 -6.83 -22.68 12.93
C ALA G 78 -8.25 -22.50 12.38
N LEU G 79 -8.42 -21.46 11.58
CA LEU G 79 -9.68 -21.19 10.92
C LEU G 79 -9.94 -22.15 9.75
N GLY G 80 -8.85 -22.51 9.08
CA GLY G 80 -8.92 -23.30 7.92
C GLY G 80 -9.39 -22.41 6.80
N VAL G 81 -9.31 -22.95 5.59
CA VAL G 81 -9.78 -22.22 4.42
C VAL G 81 -11.26 -21.82 4.54
N VAL G 82 -12.09 -22.69 5.09
CA VAL G 82 -13.47 -22.39 5.25
C VAL G 82 -13.66 -21.26 6.27
N GLY G 83 -12.98 -21.36 7.42
CA GLY G 83 -13.03 -20.31 8.47
C GLY G 83 -12.60 -18.98 7.90
N VAL G 84 -11.57 -19.00 7.09
CA VAL G 84 -11.05 -17.79 6.52
C VAL G 84 -12.08 -17.19 5.63
N LEU G 85 -12.77 -18.02 4.84
CA LEU G 85 -13.77 -17.51 3.91
C LEU G 85 -15.05 -17.02 4.63
N GLU G 86 -15.53 -17.78 5.60
CA GLU G 86 -16.64 -17.39 6.40
C GLU G 86 -16.34 -16.08 7.20
N SER G 87 -15.12 -15.94 7.68
CA SER G 87 -14.69 -14.74 8.40
C SER G 87 -14.64 -13.52 7.48
N TYR G 88 -14.16 -13.69 6.29
CA TYR G 88 -14.20 -12.60 5.32
C TYR G 88 -15.65 -12.18 5.05
N ILE G 89 -16.55 -13.13 4.90
CA ILE G 89 -17.93 -12.80 4.65
C ILE G 89 -18.50 -11.94 5.82
N GLY G 90 -18.23 -12.32 7.06
CA GLY G 90 -18.70 -11.57 8.22
C GLY G 90 -17.76 -10.43 8.67
N SER G 91 -16.79 -10.05 7.85
CA SER G 91 -15.81 -9.04 8.17
C SER G 91 -15.16 -9.15 9.57
N ILE G 92 -14.83 -10.35 10.02
CA ILE G 92 -14.11 -10.53 11.27
C ILE G 92 -12.76 -11.19 11.04
N ASN G 93 -12.02 -11.36 12.14
CA ASN G 93 -10.71 -12.02 12.16
C ASN G 93 -9.69 -11.51 11.14
N ASN G 94 -9.86 -10.28 10.70
CA ASN G 94 -8.82 -9.60 9.96
C ASN G 94 -8.44 -10.30 8.70
N ILE G 95 -9.44 -10.80 7.98
CA ILE G 95 -9.19 -11.42 6.70
C ILE G 95 -9.31 -10.34 5.65
N THR G 96 -8.24 -10.13 4.90
CA THR G 96 -8.27 -9.24 3.78
C THR G 96 -8.95 -9.90 2.60
N LYS G 97 -9.27 -9.11 1.61
CA LYS G 97 -9.85 -9.59 0.38
C LYS G 97 -8.88 -10.51 -0.38
N GLN G 98 -7.63 -10.10 -0.45
CA GLN G 98 -6.56 -10.83 -1.08
C GLN G 98 -6.55 -12.23 -0.49
N SER G 99 -6.48 -12.33 0.83
CA SER G 99 -6.42 -13.64 1.45
C SER G 99 -7.64 -14.47 1.13
N ALA G 100 -8.79 -13.83 1.03
CA ALA G 100 -10.00 -14.57 0.86
C ALA G 100 -10.00 -15.17 -0.52
N CYS G 101 -9.43 -14.42 -1.48
CA CYS G 101 -9.37 -14.88 -2.86
C CYS G 101 -8.42 -16.08 -3.01
N VAL G 102 -7.28 -16.02 -2.33
CA VAL G 102 -6.37 -17.16 -2.29
C VAL G 102 -7.09 -18.37 -1.65
N ALA G 103 -7.80 -18.12 -0.56
CA ALA G 103 -8.46 -19.19 0.10
C ALA G 103 -9.53 -19.80 -0.83
N MET G 104 -10.10 -18.96 -1.67
CA MET G 104 -11.20 -19.38 -2.52
C MET G 104 -10.60 -20.31 -3.57
N SER G 105 -9.43 -19.96 -4.07
CA SER G 105 -8.72 -20.84 -4.98
C SER G 105 -8.45 -22.18 -4.37
N LYS G 106 -8.07 -22.20 -3.11
CA LYS G 106 -7.87 -23.47 -2.45
C LYS G 106 -9.13 -24.25 -2.32
N LEU G 107 -10.24 -23.57 -2.07
CA LEU G 107 -11.53 -24.28 -1.94
C LEU G 107 -11.96 -24.90 -3.30
N LEU G 108 -11.73 -24.16 -4.37
CA LEU G 108 -12.06 -24.59 -5.70
C LEU G 108 -11.25 -25.86 -6.09
N THR G 109 -9.94 -25.81 -5.85
CA THR G 109 -9.05 -26.96 -5.97
C THR G 109 -9.55 -28.18 -5.24
N GLU G 110 -10.22 -28.01 -4.13
CA GLU G 110 -10.70 -29.18 -3.40
C GLU G 110 -12.00 -29.74 -3.98
N LEU G 111 -12.68 -28.95 -4.79
CA LEU G 111 -13.99 -29.41 -5.27
C LEU G 111 -13.76 -30.15 -6.56
N ASN G 112 -14.65 -31.03 -6.93
CA ASN G 112 -14.62 -31.38 -8.34
C ASN G 112 -15.93 -31.24 -9.14
N SER G 113 -15.74 -30.75 -10.36
CA SER G 113 -16.80 -30.48 -11.28
C SER G 113 -17.83 -31.58 -11.35
N ASP G 114 -17.38 -32.82 -11.45
CA ASP G 114 -18.30 -33.92 -11.70
C ASP G 114 -19.33 -34.05 -10.62
N ASP G 115 -18.96 -33.77 -9.38
CA ASP G 115 -19.93 -33.74 -8.32
C ASP G 115 -20.97 -32.61 -8.50
N ILE G 116 -20.54 -31.47 -9.05
CA ILE G 116 -21.46 -30.36 -9.24
C ILE G 116 -22.40 -30.73 -10.38
N LYS G 117 -21.84 -31.23 -11.48
CA LYS G 117 -22.66 -31.69 -12.62
C LYS G 117 -23.71 -32.68 -12.16
N LYS G 118 -23.34 -33.57 -11.26
CA LYS G 118 -24.35 -34.46 -10.72
C LYS G 118 -25.48 -33.67 -10.04
N LEU G 119 -25.14 -32.61 -9.28
CA LEU G 119 -26.17 -31.83 -8.59
C LEU G 119 -27.02 -31.09 -9.58
N ARG G 120 -26.37 -30.53 -10.58
CA ARG G 120 -27.03 -29.82 -11.65
C ARG G 120 -28.06 -30.67 -12.39
N ASP G 121 -27.77 -31.95 -12.53
CA ASP G 121 -28.65 -32.88 -13.19
C ASP G 121 -29.92 -33.22 -12.37
N ASN G 122 -29.88 -33.09 -11.05
CA ASN G 122 -31.07 -33.26 -10.23
C ASN G 122 -32.02 -32.06 -10.29
N GLU G 123 -31.60 -30.95 -10.90
CA GLU G 123 -32.42 -29.74 -10.92
C GLU G 123 -33.42 -29.79 -12.05
N GLU G 124 -34.63 -29.31 -11.77
CA GLU G 124 -35.66 -29.04 -12.79
C GLU G 124 -35.11 -27.95 -13.69
N LEU G 125 -35.48 -27.93 -14.96
CA LEU G 125 -34.94 -26.91 -15.82
C LEU G 125 -35.41 -25.51 -15.40
N ASN G 126 -34.63 -24.50 -15.79
CA ASN G 126 -34.87 -23.11 -15.36
C ASN G 126 -34.80 -22.83 -13.85
N SER G 127 -34.46 -23.85 -13.05
CA SER G 127 -34.07 -23.64 -11.66
C SER G 127 -32.92 -22.62 -11.63
N PRO G 128 -33.01 -21.62 -10.73
CA PRO G 128 -31.93 -20.63 -10.67
C PRO G 128 -30.59 -21.20 -10.09
N LYS G 129 -30.67 -22.32 -9.35
CA LYS G 129 -29.47 -23.05 -8.90
C LYS G 129 -28.55 -23.42 -10.06
N ILE G 130 -29.15 -23.78 -11.20
CA ILE G 130 -28.37 -24.17 -12.37
C ILE G 130 -27.34 -23.12 -12.73
N ARG G 131 -27.74 -21.86 -12.66
CA ARG G 131 -26.84 -20.77 -13.01
C ARG G 131 -25.67 -20.72 -12.02
N VAL G 132 -25.93 -20.98 -10.75
CA VAL G 132 -24.84 -20.91 -9.77
C VAL G 132 -23.90 -22.13 -9.96
N TYR G 133 -24.47 -23.34 -10.02
CA TYR G 133 -23.70 -24.53 -10.36
C TYR G 133 -22.80 -24.32 -11.57
N ASN G 134 -23.30 -23.73 -12.66
CA ASN G 134 -22.42 -23.52 -13.82
C ASN G 134 -21.35 -22.46 -13.56
N THR G 135 -21.66 -21.47 -12.73
CA THR G 135 -20.68 -20.45 -12.41
C THR G 135 -19.52 -21.10 -11.58
N VAL G 136 -19.90 -21.90 -10.59
CA VAL G 136 -18.94 -22.55 -9.79
C VAL G 136 -18.11 -23.50 -10.65
N ILE G 137 -18.77 -24.28 -11.52
CA ILE G 137 -18.03 -25.18 -12.40
C ILE G 137 -17.03 -24.40 -13.22
N SER G 138 -17.40 -23.25 -13.77
CA SER G 138 -16.40 -22.54 -14.57
C SER G 138 -15.27 -22.01 -13.71
N TYR G 139 -15.57 -21.64 -12.46
CA TYR G 139 -14.48 -21.20 -11.55
C TYR G 139 -13.51 -22.36 -11.24
N ILE G 140 -14.06 -23.53 -10.95
CA ILE G 140 -13.24 -24.72 -10.77
C ILE G 140 -12.34 -24.97 -11.97
N GLU G 141 -12.85 -24.84 -13.19
CA GLU G 141 -12.05 -25.14 -14.37
C GLU G 141 -11.03 -24.06 -14.65
N SER G 142 -11.39 -22.78 -14.49
CA SER G 142 -10.39 -21.71 -14.57
C SER G 142 -9.27 -21.92 -13.55
N ASN G 143 -9.66 -22.26 -12.32
CA ASN G 143 -8.72 -22.39 -11.26
C ASN G 143 -7.72 -23.50 -11.53
N ARG G 144 -8.24 -24.60 -12.06
CA ARG G 144 -7.41 -25.74 -12.45
C ARG G 144 -6.41 -25.35 -13.55
N LYS G 145 -6.85 -24.59 -14.55
CA LYS G 145 -5.93 -24.14 -15.62
C LYS G 145 -4.89 -23.15 -15.12
N ASN G 146 -5.33 -22.15 -14.38
CA ASN G 146 -4.44 -21.10 -13.91
C ASN G 146 -4.98 -20.45 -12.65
N ASN G 147 -4.53 -20.95 -11.50
CA ASN G 147 -5.06 -20.45 -10.26
C ASN G 147 -4.62 -19.02 -9.97
N LYS G 148 -3.42 -18.63 -10.39
CA LYS G 148 -2.99 -17.23 -10.23
C LYS G 148 -3.94 -16.28 -10.99
N GLN G 149 -4.33 -16.66 -12.19
CA GLN G 149 -5.24 -15.84 -12.98
C GLN G 149 -6.59 -15.80 -12.27
N THR G 150 -7.06 -16.96 -11.83
CA THR G 150 -8.39 -17.07 -11.23
C THR G 150 -8.47 -16.22 -9.96
N ILE G 151 -7.40 -16.26 -9.18
CA ILE G 151 -7.26 -15.40 -8.02
C ILE G 151 -7.30 -13.92 -8.37
N HIS G 152 -6.62 -13.52 -9.45
CA HIS G 152 -6.66 -12.14 -9.88
C HIS G 152 -8.07 -11.67 -10.26
N LEU G 153 -8.79 -12.48 -11.02
CA LEU G 153 -10.17 -12.21 -11.33
C LEU G 153 -10.98 -12.00 -10.06
N LEU G 154 -10.84 -12.93 -9.13
CA LEU G 154 -11.64 -12.89 -7.92
C LEU G 154 -11.39 -11.57 -7.18
N LYS G 155 -10.15 -11.09 -7.18
CA LYS G 155 -9.82 -9.81 -6.54
C LYS G 155 -10.53 -8.62 -7.17
N ARG G 156 -10.84 -8.73 -8.45
CA ARG G 156 -11.51 -7.65 -9.20
C ARG G 156 -12.99 -7.56 -8.92
N LEU G 157 -13.60 -8.62 -8.41
CA LEU G 157 -15.03 -8.61 -8.21
C LEU G 157 -15.39 -7.62 -7.10
N PRO G 158 -16.55 -6.97 -7.25
CA PRO G 158 -17.03 -6.13 -6.15
C PRO G 158 -17.25 -6.97 -4.90
N ALA G 159 -16.82 -6.47 -3.76
CA ALA G 159 -16.92 -7.21 -2.54
C ALA G 159 -18.22 -8.00 -2.39
N ASP G 160 -19.35 -7.37 -2.68
CA ASP G 160 -20.66 -8.01 -2.42
C ASP G 160 -20.88 -9.22 -3.32
N VAL G 161 -20.35 -9.19 -4.54
CA VAL G 161 -20.54 -10.32 -5.45
C VAL G 161 -19.50 -11.43 -5.14
N LEU G 162 -18.29 -11.04 -4.77
CA LEU G 162 -17.32 -12.00 -4.23
C LEU G 162 -17.88 -12.78 -3.07
N LYS G 163 -18.51 -12.09 -2.12
CA LYS G 163 -19.07 -12.75 -0.96
C LYS G 163 -20.24 -13.65 -1.27
N LYS G 164 -21.01 -13.28 -2.28
CA LYS G 164 -22.05 -14.14 -2.78
C LYS G 164 -21.45 -15.43 -3.35
N THR G 165 -20.47 -15.25 -4.22
CA THR G 165 -19.84 -16.36 -4.90
C THR G 165 -19.21 -17.32 -3.88
N ILE G 166 -18.48 -16.77 -2.93
CA ILE G 166 -17.86 -17.57 -1.88
C ILE G 166 -18.88 -18.35 -1.13
N LYS G 167 -19.96 -17.67 -0.76
CA LYS G 167 -21.01 -18.32 -0.01
C LYS G 167 -21.67 -19.47 -0.78
N ASN G 168 -21.88 -19.26 -2.07
CA ASN G 168 -22.45 -20.31 -2.89
C ASN G 168 -21.52 -21.51 -2.97
N THR G 169 -20.24 -21.23 -3.18
CA THR G 169 -19.24 -22.28 -3.26
C THR G 169 -19.16 -23.02 -1.95
N LEU G 170 -19.22 -22.30 -0.82
CA LEU G 170 -19.23 -22.95 0.46
C LEU G 170 -20.42 -23.84 0.62
N ASP G 171 -21.57 -23.41 0.16
CA ASP G 171 -22.80 -24.20 0.37
C ASP G 171 -22.74 -25.48 -0.46
N ILE G 172 -22.23 -25.35 -1.67
CA ILE G 172 -22.09 -26.51 -2.53
C ILE G 172 -21.11 -27.53 -1.90
N HIS G 173 -19.97 -27.02 -1.44
CA HIS G 173 -18.98 -27.84 -0.71
C HIS G 173 -19.60 -28.58 0.45
N LYS G 174 -20.45 -27.93 1.25
CA LYS G 174 -21.09 -28.68 2.35
C LYS G 174 -22.04 -29.73 1.82
N SER G 175 -22.79 -29.42 0.77
CA SER G 175 -23.90 -30.32 0.43
C SER G 175 -23.36 -31.56 -0.31
N ILE G 176 -22.36 -31.38 -1.16
CA ILE G 176 -21.69 -32.54 -1.76
C ILE G 176 -21.18 -33.50 -0.71
N THR G 177 -20.72 -32.98 0.42
CA THR G 177 -20.11 -33.83 1.42
C THR G 177 -21.13 -34.52 2.30
N ILE G 178 -22.32 -33.96 2.46
CA ILE G 178 -23.40 -34.72 3.13
C ILE G 178 -24.36 -35.37 2.10
N ASN G 179 -23.77 -35.84 0.98
CA ASN G 179 -24.44 -36.52 -0.16
C ASN G 179 -23.79 -36.22 -1.50
N ARG H 9 8.27 28.20 29.08
CA ARG H 9 8.77 29.61 29.08
C ARG H 9 7.62 30.54 28.65
N ASN H 10 7.47 31.65 29.36
CA ASN H 10 6.59 32.66 28.96
C ASN H 10 7.07 33.37 27.73
N PRO H 11 6.14 33.93 26.96
CA PRO H 11 6.54 34.69 25.81
C PRO H 11 7.32 35.95 26.16
N CYS H 12 8.28 36.29 25.33
CA CYS H 12 9.03 37.48 25.50
C CYS H 12 8.24 38.72 25.14
N LYS H 13 8.18 39.63 26.10
CA LYS H 13 7.39 40.83 25.97
C LYS H 13 7.97 41.75 24.95
N PHE H 14 9.23 41.65 24.67
CA PHE H 14 9.77 42.43 23.56
C PHE H 14 9.35 41.88 22.19
N GLU H 15 9.19 40.55 22.11
CA GLU H 15 8.87 39.90 20.88
C GLU H 15 7.36 40.15 20.63
N ILE H 16 6.57 40.12 21.69
CA ILE H 16 5.18 40.47 21.59
C ILE H 16 4.96 41.84 20.92
N ARG H 17 5.85 42.81 21.12
CA ARG H 17 5.71 44.08 20.44
C ARG H 17 6.48 44.22 19.17
N GLY H 18 7.19 43.19 18.75
CA GLY H 18 7.90 43.28 17.49
C GLY H 18 8.93 42.18 17.49
N HIS H 19 10.20 42.60 17.56
CA HIS H 19 11.33 41.72 17.58
C HIS H 19 12.19 41.96 18.85
N CYS H 20 12.36 40.94 19.66
CA CYS H 20 13.32 40.95 20.74
C CYS H 20 14.70 41.27 20.19
N LEU H 21 15.38 42.25 20.79
CA LEU H 21 16.69 42.67 20.35
C LEU H 21 17.80 42.28 21.39
N ASN H 22 17.47 41.42 22.34
CA ASN H 22 18.33 41.02 23.42
CA ASN H 22 18.38 41.01 23.40
C ASN H 22 19.18 39.75 23.11
N GLY H 23 19.26 39.31 21.85
CA GLY H 23 19.97 38.07 21.47
C GLY H 23 19.75 36.86 22.39
N LYS H 24 20.81 36.08 22.65
CA LYS H 24 20.73 34.88 23.50
C LYS H 24 20.65 35.17 24.97
N ARG H 25 20.97 36.36 25.39
CA ARG H 25 20.80 36.71 26.81
CA ARG H 25 20.79 36.72 26.80
C ARG H 25 19.34 36.55 27.27
N CYS H 26 18.35 36.70 26.36
CA CYS H 26 16.93 36.69 26.75
C CYS H 26 16.48 35.27 27.03
N HIS H 27 15.90 35.07 28.19
CA HIS H 27 15.51 33.74 28.63
C HIS H 27 14.04 33.45 28.33
N PHE H 28 13.32 34.40 27.71
CA PHE H 28 11.89 34.16 27.45
C PHE H 28 11.69 33.49 26.10
N SER H 29 10.47 33.03 25.83
CA SER H 29 10.20 32.28 24.57
C SER H 29 10.04 33.18 23.39
N HIS H 30 10.78 32.90 22.35
CA HIS H 30 10.68 33.57 21.08
C HIS H 30 10.12 32.55 20.08
N ASN H 31 9.57 31.46 20.59
CA ASN H 31 9.07 30.41 19.72
C ASN H 31 7.51 30.43 19.67
N TYR H 32 6.96 30.93 18.57
CA TYR H 32 5.53 31.13 18.51
C TYR H 32 4.73 29.85 18.79
N PHE H 33 5.27 28.67 18.44
CA PHE H 33 4.53 27.39 18.64
C PHE H 33 4.21 27.19 20.07
N GLU H 34 4.94 27.81 20.98
CA GLU H 34 4.66 27.55 22.38
C GLU H 34 3.91 28.69 23.04
N TRP H 35 3.60 29.75 22.30
CA TRP H 35 2.90 30.87 22.88
C TRP H 35 1.44 30.60 23.11
N PRO H 36 0.88 31.11 24.18
CA PRO H 36 -0.59 31.14 24.23
C PRO H 36 -1.21 32.04 23.14
N PRO H 37 -2.46 31.74 22.76
CA PRO H 37 -3.11 32.43 21.62
C PRO H 37 -3.20 33.90 21.86
N HIS H 38 -3.47 34.31 23.09
CA HIS H 38 -3.60 35.78 23.33
C HIS H 38 -2.36 36.54 22.96
N ALA H 39 -1.20 35.98 23.26
CA ALA H 39 0.06 36.69 22.95
C ALA H 39 0.31 36.77 21.49
N LEU H 40 -0.04 35.70 20.78
CA LEU H 40 0.05 35.73 19.29
C LEU H 40 -0.90 36.74 18.69
N LEU H 41 -2.10 36.84 19.24
CA LEU H 41 -3.04 37.88 18.78
C LEU H 41 -2.51 39.30 19.06
N VAL H 42 -1.91 39.53 20.24
CA VAL H 42 -1.44 40.89 20.57
C VAL H 42 -0.30 41.25 19.65
N ARG H 43 0.58 40.29 19.40
CA ARG H 43 1.72 40.61 18.53
C ARG H 43 1.34 40.94 17.16
N GLN H 44 0.35 40.22 16.63
CA GLN H 44 -0.11 40.55 15.24
C GLN H 44 -0.53 41.97 15.15
N ASN H 45 -1.26 42.45 16.17
CA ASN H 45 -1.68 43.84 16.16
C ASN H 45 -0.56 44.82 16.20
N PHE H 46 0.43 44.61 17.10
CA PHE H 46 1.60 45.54 17.08
C PHE H 46 2.30 45.44 15.73
N MET H 47 2.37 44.24 15.14
CA MET H 47 3.15 44.13 13.87
C MET H 47 2.37 44.74 12.73
N LEU H 48 1.05 44.56 12.71
CA LEU H 48 0.27 45.24 11.67
C LEU H 48 0.48 46.72 11.78
N ASN H 49 0.44 47.25 12.98
CA ASN H 49 0.61 48.73 13.16
C ASN H 49 1.93 49.16 12.59
N ARG H 50 2.94 48.35 12.81
CA ARG H 50 4.26 48.66 12.29
C ARG H 50 4.32 48.56 10.77
N ILE H 51 3.72 47.52 10.23
CA ILE H 51 3.71 47.41 8.74
C ILE H 51 2.99 48.58 8.12
N LEU H 52 1.82 48.93 8.65
CA LEU H 52 1.07 50.06 8.08
C LEU H 52 1.84 51.34 8.18
N LYS H 53 2.41 51.62 9.34
CA LYS H 53 3.24 52.84 9.53
C LYS H 53 4.41 52.89 8.53
N SER H 54 5.02 51.74 8.25
CA SER H 54 6.19 51.72 7.40
C SER H 54 5.87 51.93 5.90
N MET H 55 4.62 52.09 5.53
CA MET H 55 4.32 52.45 4.16
C MET H 55 3.53 53.78 4.03
N ASP H 56 3.64 54.67 5.02
CA ASP H 56 3.20 56.06 4.82
C ASP H 56 4.10 56.73 3.76
N ILE H 65 5.70 70.17 5.56
CA ILE H 65 4.52 70.97 5.21
C ILE H 65 4.00 71.76 6.42
N ASP H 66 3.53 72.98 6.17
CA ASP H 66 3.07 73.92 7.24
C ASP H 66 1.86 73.42 8.05
N GLY H 67 2.04 73.39 9.36
CA GLY H 67 0.99 72.95 10.30
C GLY H 67 1.16 71.52 10.82
N ALA H 68 2.07 70.77 10.18
CA ALA H 68 2.25 69.34 10.47
C ALA H 68 2.97 69.12 11.79
N ALA H 69 4.12 69.79 11.97
CA ALA H 69 4.98 69.59 13.16
C ALA H 69 4.22 69.92 14.45
N GLU H 70 3.34 70.93 14.36
CA GLU H 70 2.47 71.33 15.47
C GLU H 70 1.66 70.15 16.02
N LEU H 71 1.23 69.22 15.15
CA LEU H 71 0.40 68.10 15.60
C LEU H 71 1.15 67.09 16.47
N ASP H 72 2.49 67.18 16.49
CA ASP H 72 3.38 66.32 17.32
C ASP H 72 3.69 66.88 18.71
N ARG H 73 3.31 68.14 18.95
CA ARG H 73 3.50 68.79 20.26
C ARG H 73 2.59 68.21 21.31
N THR H 74 2.91 68.49 22.55
CA THR H 74 2.27 67.83 23.69
C THR H 74 0.73 67.95 23.72
N GLU H 75 0.19 69.13 23.41
CA GLU H 75 -1.24 69.33 23.64
C GLU H 75 -2.09 68.88 22.44
N GLU H 76 -1.48 68.87 21.26
CA GLU H 76 -2.17 68.39 20.05
C GLU H 76 -2.18 66.85 20.07
N TYR H 77 -1.15 66.27 20.67
CA TYR H 77 -1.10 64.84 20.91
C TYR H 77 -2.19 64.42 21.89
N ALA H 78 -2.43 65.23 22.90
CA ALA H 78 -3.48 64.91 23.88
C ALA H 78 -4.90 65.09 23.31
N LEU H 79 -5.03 66.05 22.42
CA LEU H 79 -6.29 66.34 21.74
C LEU H 79 -6.65 65.23 20.75
N GLY H 80 -5.61 64.72 20.08
CA GLY H 80 -5.78 63.81 18.98
C GLY H 80 -6.22 64.56 17.79
N VAL H 81 -6.21 63.91 16.66
CA VAL H 81 -6.70 64.50 15.43
C VAL H 81 -8.12 65.04 15.57
N VAL H 82 -8.98 64.32 16.26
CA VAL H 82 -10.36 64.70 16.31
C VAL H 82 -10.46 65.95 17.22
N GLY H 83 -9.77 65.93 18.36
CA GLY H 83 -9.69 67.11 19.25
C GLY H 83 -9.18 68.33 18.52
N VAL H 84 -8.16 68.14 17.70
CA VAL H 84 -7.62 69.20 16.97
C VAL H 84 -8.68 69.77 16.06
N LEU H 85 -9.42 68.91 15.38
CA LEU H 85 -10.35 69.38 14.39
C LEU H 85 -11.55 70.07 15.07
N GLU H 86 -12.07 69.46 16.13
CA GLU H 86 -13.17 70.00 16.86
C GLU H 86 -12.78 71.37 17.48
N SER H 87 -11.53 71.48 17.92
CA SER H 87 -11.00 72.71 18.46
C SER H 87 -10.95 73.77 17.41
N TYR H 88 -10.52 73.42 16.20
CA TYR H 88 -10.47 74.40 15.14
C TYR H 88 -11.88 74.93 14.85
N ILE H 89 -12.86 74.03 14.85
CA ILE H 89 -14.23 74.41 14.58
C ILE H 89 -14.78 75.37 15.64
N GLY H 90 -14.54 75.11 16.91
CA GLY H 90 -14.87 76.07 17.98
C GLY H 90 -13.86 77.19 18.29
N SER H 91 -12.89 77.41 17.42
CA SER H 91 -11.84 78.40 17.63
C SER H 91 -11.24 78.39 19.03
N ILE H 92 -10.97 77.23 19.58
CA ILE H 92 -10.18 77.13 20.81
C ILE H 92 -8.86 76.37 20.64
N ASN H 93 -8.08 76.28 21.73
CA ASN H 93 -6.78 75.59 21.79
C ASN H 93 -5.75 75.95 20.71
N ASN H 94 -5.88 77.12 20.09
CA ASN H 94 -4.84 77.68 19.24
C ASN H 94 -4.52 76.83 18.06
N ILE H 95 -5.55 76.25 17.46
CA ILE H 95 -5.35 75.44 16.28
C ILE H 95 -5.42 76.35 15.09
N THR H 96 -4.36 76.41 14.31
CA THR H 96 -4.34 77.16 13.07
C THR H 96 -5.06 76.39 11.99
N LYS H 97 -5.33 77.09 10.90
CA LYS H 97 -5.98 76.50 9.77
C LYS H 97 -5.10 75.44 9.11
N GLN H 98 -3.82 75.75 8.98
CA GLN H 98 -2.80 74.86 8.43
C GLN H 98 -2.85 73.54 9.18
N SER H 99 -2.77 73.60 10.49
CA SER H 99 -2.83 72.38 11.28
C SER H 99 -4.11 71.59 11.08
N ALA H 100 -5.22 72.29 10.95
CA ALA H 100 -6.49 71.62 10.89
C ALA H 100 -6.59 70.88 9.58
N CYS H 101 -6.00 71.45 8.52
CA CYS H 101 -5.97 70.81 7.23
C CYS H 101 -5.12 69.54 7.22
N VAL H 102 -3.96 69.61 7.86
CA VAL H 102 -3.14 68.41 8.04
C VAL H 102 -3.94 67.37 8.82
N ALA H 103 -4.62 67.79 9.88
CA ALA H 103 -5.31 66.85 10.72
C ALA H 103 -6.46 66.23 9.93
N MET H 104 -6.98 66.98 9.01
CA MET H 104 -8.09 66.53 8.20
C MET H 104 -7.58 65.44 7.26
N SER H 105 -6.39 65.65 6.69
CA SER H 105 -5.76 64.61 5.89
C SER H 105 -5.58 63.33 6.67
N LYS H 106 -5.21 63.44 7.94
CA LYS H 106 -5.08 62.24 8.75
C LYS H 106 -6.38 61.60 9.02
N LEU H 107 -7.44 62.39 9.19
CA LEU H 107 -8.79 61.80 9.40
C LEU H 107 -9.30 61.04 8.14
N LEU H 108 -9.04 61.63 6.98
CA LEU H 108 -9.45 61.04 5.73
C LEU H 108 -8.75 59.68 5.56
N THR H 109 -7.43 59.66 5.79
CA THR H 109 -6.64 58.44 5.74
C THR H 109 -7.26 57.36 6.58
N GLU H 110 -7.91 57.72 7.66
CA GLU H 110 -8.47 56.71 8.55
C GLU H 110 -9.83 56.21 8.10
N LEU H 111 -10.45 56.93 7.18
CA LEU H 111 -11.77 56.51 6.72
C LEU H 111 -11.64 55.62 5.51
N ASN H 112 -12.63 54.79 5.25
CA ASN H 112 -12.66 54.25 3.90
C ASN H 112 -13.97 54.41 3.09
N SER H 113 -13.76 54.74 1.82
CA SER H 113 -14.80 54.99 0.86
C SER H 113 -15.94 54.00 0.90
N ASP H 114 -15.62 52.71 0.96
CA ASP H 114 -16.63 51.71 0.88
C ASP H 114 -17.67 51.88 1.95
N ASP H 115 -17.25 52.27 3.13
CA ASP H 115 -18.21 52.45 4.22
C ASP H 115 -19.12 53.61 3.91
N ILE H 116 -18.60 54.62 3.24
CA ILE H 116 -19.41 55.78 2.94
C ILE H 116 -20.41 55.36 1.83
N LYS H 117 -19.92 54.67 0.79
CA LYS H 117 -20.79 54.18 -0.27
C LYS H 117 -21.92 53.36 0.29
N LYS H 118 -21.63 52.55 1.28
CA LYS H 118 -22.70 51.84 1.92
C LYS H 118 -23.73 52.81 2.50
N LEU H 119 -23.28 53.91 3.11
CA LEU H 119 -24.24 54.85 3.73
C LEU H 119 -25.05 55.52 2.62
N ARG H 120 -24.36 55.91 1.56
CA ARG H 120 -24.93 56.58 0.44
C ARG H 120 -26.05 55.76 -0.20
N ASP H 121 -25.87 54.44 -0.17
CA ASP H 121 -26.86 53.56 -0.72
C ASP H 121 -28.17 53.47 0.11
N ASN H 122 -28.09 53.75 1.41
CA ASN H 122 -29.30 53.77 2.24
C ASN H 122 -30.14 55.02 2.03
N GLU H 123 -29.62 56.00 1.28
CA GLU H 123 -30.32 57.28 1.10
C GLU H 123 -31.29 57.23 -0.04
N GLU H 124 -32.46 57.84 0.18
CA GLU H 124 -33.47 58.08 -0.88
C GLU H 124 -32.81 59.00 -1.89
N LEU H 125 -33.17 58.92 -3.17
CA LEU H 125 -32.51 59.77 -4.17
C LEU H 125 -32.85 61.23 -3.93
N ASN H 126 -31.98 62.11 -4.41
CA ASN H 126 -32.07 63.56 -4.12
C ASN H 126 -31.97 63.99 -2.64
N SER H 127 -31.73 63.04 -1.71
CA SER H 127 -31.35 63.37 -0.35
C SER H 127 -30.10 64.26 -0.40
N PRO H 128 -30.09 65.36 0.36
CA PRO H 128 -28.92 66.24 0.31
C PRO H 128 -27.67 65.62 0.99
N LYS H 129 -27.85 64.60 1.84
CA LYS H 129 -26.72 63.81 2.36
C LYS H 129 -25.84 63.22 1.24
N ILE H 130 -26.47 62.79 0.16
CA ILE H 130 -25.74 62.19 -0.94
C ILE H 130 -24.61 63.10 -1.44
N ARG H 131 -24.89 64.38 -1.53
CA ARG H 131 -23.89 65.32 -2.00
C ARG H 131 -22.71 65.39 -1.01
N VAL H 132 -22.99 65.27 0.29
CA VAL H 132 -21.89 65.36 1.25
C VAL H 132 -21.09 64.05 1.18
N TYR H 133 -21.78 62.91 1.27
CA TYR H 133 -21.11 61.63 1.08
C TYR H 133 -20.19 61.61 -0.13
N ASN H 134 -20.64 62.10 -1.27
CA ASN H 134 -19.76 62.10 -2.44
C ASN H 134 -18.60 63.05 -2.30
N THR H 135 -18.80 64.15 -1.58
CA THR H 135 -17.75 65.10 -1.41
C THR H 135 -16.66 64.46 -0.54
N VAL H 136 -17.09 63.84 0.54
CA VAL H 136 -16.18 63.20 1.43
C VAL H 136 -15.45 62.06 0.71
N ILE H 137 -16.18 61.25 -0.05
CA ILE H 137 -15.56 60.20 -0.84
C ILE H 137 -14.50 60.77 -1.76
N SER H 138 -14.77 61.87 -2.46
CA SER H 138 -13.71 62.40 -3.35
C SER H 138 -12.54 62.92 -2.57
N TYR H 139 -12.77 63.43 -1.37
CA TYR H 139 -11.65 63.86 -0.53
C TYR H 139 -10.80 62.68 -0.07
N ILE H 140 -11.45 61.60 0.38
CA ILE H 140 -10.74 60.41 0.71
C ILE H 140 -9.87 59.91 -0.45
N GLU H 141 -10.39 59.95 -1.67
CA GLU H 141 -9.63 59.43 -2.82
C GLU H 141 -8.52 60.37 -3.22
N SER H 142 -8.77 61.68 -3.22
CA SER H 142 -7.67 62.64 -3.46
C SER H 142 -6.59 62.46 -2.45
N ASN H 143 -6.98 62.28 -1.19
CA ASN H 143 -6.03 62.23 -0.08
C ASN H 143 -5.13 61.03 -0.22
N ARG H 144 -5.74 59.92 -0.60
CA ARG H 144 -5.02 58.68 -0.86
C ARG H 144 -4.02 58.83 -2.03
N LYS H 145 -4.40 59.48 -3.10
CA LYS H 145 -3.47 59.73 -4.21
C LYS H 145 -2.35 60.67 -3.84
N ASN H 146 -2.69 61.80 -3.23
CA ASN H 146 -1.71 62.82 -2.95
C ASN H 146 -2.17 63.68 -1.78
N ASN H 147 -1.73 63.30 -0.59
CA ASN H 147 -2.19 64.02 0.57
C ASN H 147 -1.66 65.44 0.65
N LYS H 148 -0.44 65.68 0.17
CA LYS H 148 0.07 67.07 0.13
C LYS H 148 -0.80 67.98 -0.73
N GLN H 149 -1.25 67.47 -1.88
CA GLN H 149 -2.13 68.23 -2.76
C GLN H 149 -3.48 68.45 -2.08
N THR H 150 -4.02 67.40 -1.49
CA THR H 150 -5.32 67.50 -0.83
C THR H 150 -5.28 68.51 0.31
N ILE H 151 -4.19 68.50 1.09
CA ILE H 151 -3.99 69.48 2.14
C ILE H 151 -3.96 70.90 1.57
N HIS H 152 -3.30 71.09 0.43
CA HIS H 152 -3.22 72.43 -0.16
C HIS H 152 -4.60 72.93 -0.55
N LEU H 153 -5.40 72.06 -1.17
CA LEU H 153 -6.79 72.40 -1.53
C LEU H 153 -7.59 72.81 -0.31
N LEU H 154 -7.50 72.01 0.75
CA LEU H 154 -8.21 72.31 1.97
C LEU H 154 -7.85 73.68 2.53
N LYS H 155 -6.57 74.06 2.45
CA LYS H 155 -6.13 75.38 2.93
C LYS H 155 -6.76 76.52 2.17
N ARG H 156 -7.11 76.27 0.91
CA ARG H 156 -7.71 77.28 0.05
C ARG H 156 -9.18 77.52 0.28
N LEU H 157 -9.86 76.58 0.92
CA LEU H 157 -11.27 76.76 1.19
C LEU H 157 -11.52 77.93 2.17
N PRO H 158 -12.61 78.67 1.97
CA PRO H 158 -13.02 79.64 2.98
C PRO H 158 -13.25 78.96 4.31
N ALA H 159 -12.74 79.56 5.38
CA ALA H 159 -12.89 79.00 6.70
C ALA H 159 -14.24 78.34 6.93
N ASP H 160 -15.33 79.01 6.57
CA ASP H 160 -16.67 78.54 6.96
C ASP H 160 -17.02 77.23 6.21
N VAL H 161 -16.51 77.07 4.99
CA VAL H 161 -16.80 75.86 4.25
C VAL H 161 -15.86 74.72 4.72
N LEU H 162 -14.61 75.05 5.01
CA LEU H 162 -13.70 74.08 5.62
C LEU H 162 -14.30 73.50 6.88
N LYS H 163 -14.85 74.34 7.73
CA LYS H 163 -15.41 73.88 8.99
C LYS H 163 -16.63 73.01 8.79
N LYS H 164 -17.39 73.32 7.74
CA LYS H 164 -18.54 72.52 7.39
C LYS H 164 -18.06 71.14 6.94
N THR H 165 -17.09 71.13 6.03
CA THR H 165 -16.54 69.89 5.51
C THR H 165 -15.93 69.02 6.64
N ILE H 166 -15.13 69.63 7.51
CA ILE H 166 -14.58 68.92 8.63
C ILE H 166 -15.68 68.31 9.43
N LYS H 167 -16.69 69.09 9.71
CA LYS H 167 -17.74 68.63 10.61
C LYS H 167 -18.47 67.45 10.02
N ASN H 168 -18.72 67.54 8.72
CA ASN H 168 -19.41 66.48 8.03
C ASN H 168 -18.58 65.19 8.07
N THR H 169 -17.26 65.33 7.81
CA THR H 169 -16.35 64.22 7.87
C THR H 169 -16.29 63.65 9.27
N LEU H 170 -16.25 64.48 10.30
CA LEU H 170 -16.30 64.00 11.65
C LEU H 170 -17.58 63.28 11.96
N ASP H 171 -18.71 63.76 11.46
CA ASP H 171 -20.00 63.08 11.76
C ASP H 171 -20.04 61.72 11.08
N ILE H 172 -19.55 61.66 9.88
CA ILE H 172 -19.53 60.40 9.16
C ILE H 172 -18.63 59.38 9.87
N HIS H 173 -17.44 59.84 10.28
CA HIS H 173 -16.53 59.05 11.08
C HIS H 173 -17.17 58.51 12.32
N LYS H 174 -17.94 59.32 13.05
CA LYS H 174 -18.61 58.76 14.26
C LYS H 174 -19.70 57.79 13.92
N SER H 175 -20.47 58.05 12.86
CA SER H 175 -21.61 57.16 12.63
C SER H 175 -21.17 55.80 12.05
N ILE H 176 -20.20 55.79 11.14
CA ILE H 176 -19.67 54.53 10.66
C ILE H 176 -19.19 53.66 11.82
N THR H 177 -18.66 54.28 12.86
CA THR H 177 -18.07 53.52 13.97
C THR H 177 -19.05 53.07 15.01
N ILE H 178 -20.20 53.73 15.13
CA ILE H 178 -21.34 53.12 15.89
C ILE H 178 -22.38 52.40 14.96
N ASN H 179 -21.87 51.74 13.91
CA ASN H 179 -22.62 50.95 12.89
C ASN H 179 -21.93 51.01 11.51
N ARG I 9 -26.23 35.35 10.49
CA ARG I 9 -25.73 35.08 9.11
C ARG I 9 -24.33 34.47 9.18
N ASN I 10 -24.11 33.45 8.37
CA ASN I 10 -22.82 32.88 8.22
C ASN I 10 -21.89 33.79 7.45
N PRO I 11 -20.59 33.65 7.69
CA PRO I 11 -19.64 34.47 7.00
C PRO I 11 -19.60 34.15 5.52
N CYS I 12 -19.42 35.18 4.71
CA CYS I 12 -19.33 35.01 3.32
C CYS I 12 -17.99 34.38 2.94
N LYS I 13 -18.10 33.27 2.23
CA LYS I 13 -16.93 32.48 1.80
C LYS I 13 -16.08 33.23 0.81
N PHE I 14 -16.65 34.21 0.12
CA PHE I 14 -15.77 35.04 -0.73
C PHE I 14 -14.94 36.02 0.09
N GLU I 15 -15.50 36.48 1.20
CA GLU I 15 -14.91 37.52 2.02
C GLU I 15 -13.83 36.82 2.86
N ILE I 16 -14.09 35.59 3.26
CA ILE I 16 -13.10 34.77 3.89
C ILE I 16 -11.81 34.62 3.08
N ARG I 17 -11.88 34.62 1.77
CA ARG I 17 -10.69 34.59 0.95
C ARG I 17 -10.20 35.87 0.48
N GLY I 18 -10.85 36.96 0.84
CA GLY I 18 -10.38 38.27 0.36
C GLY I 18 -11.54 39.25 0.53
N HIS I 19 -12.03 39.74 -0.60
CA HIS I 19 -13.12 40.70 -0.67
C HIS I 19 -14.29 40.12 -1.53
N CYS I 20 -15.47 39.97 -0.96
CA CYS I 20 -16.69 39.64 -1.70
C CYS I 20 -16.93 40.66 -2.77
N LEU I 21 -17.15 40.20 -3.99
CA LEU I 21 -17.33 41.11 -5.16
C LEU I 21 -18.79 41.08 -5.66
N ASN I 22 -19.67 40.48 -4.88
CA ASN I 22 -21.06 40.25 -5.27
C ASN I 22 -22.03 41.37 -4.88
N GLY I 23 -21.53 42.54 -4.49
CA GLY I 23 -22.36 43.65 -4.02
C GLY I 23 -23.47 43.28 -3.08
N LYS I 24 -24.62 43.95 -3.21
CA LYS I 24 -25.77 43.76 -2.30
C LYS I 24 -26.53 42.47 -2.52
N ARG I 25 -26.32 41.85 -3.66
CA ARG I 25 -26.93 40.55 -3.89
C ARG I 25 -26.54 39.54 -2.81
N CYS I 26 -25.33 39.66 -2.23
CA CYS I 26 -24.80 38.60 -1.34
C CYS I 26 -25.50 38.69 -0.01
N HIS I 27 -26.06 37.58 0.42
CA HIS I 27 -26.83 37.53 1.65
C HIS I 27 -26.00 37.07 2.82
N PHE I 28 -24.70 36.79 2.62
CA PHE I 28 -23.88 36.29 3.77
C PHE I 28 -23.28 37.46 4.54
N SER I 29 -22.70 37.19 5.71
CA SER I 29 -22.15 38.26 6.52
C SER I 29 -20.81 38.74 6.02
N HIS I 30 -20.69 40.04 5.88
CA HIS I 30 -19.44 40.72 5.56
C HIS I 30 -19.02 41.52 6.77
N ASN I 31 -19.58 41.20 7.92
CA ASN I 31 -19.37 41.99 9.12
C ASN I 31 -18.51 41.25 10.12
N TYR I 32 -17.25 41.63 10.19
CA TYR I 32 -16.28 40.82 10.98
C TYR I 32 -16.69 40.69 12.45
N PHE I 33 -17.43 41.67 12.98
CA PHE I 33 -17.88 41.59 14.38
C PHE I 33 -18.77 40.44 14.63
N GLU I 34 -19.40 39.89 13.61
CA GLU I 34 -20.28 38.76 13.90
C GLU I 34 -19.70 37.41 13.48
N TRP I 35 -18.48 37.40 12.99
CA TRP I 35 -17.86 36.14 12.50
C TRP I 35 -17.33 35.31 13.65
N PRO I 36 -17.45 34.00 13.54
CA PRO I 36 -16.71 33.20 14.50
C PRO I 36 -15.18 33.40 14.32
N PRO I 37 -14.42 33.17 15.40
CA PRO I 37 -12.98 33.34 15.38
C PRO I 37 -12.26 32.52 14.30
N HIS I 38 -12.70 31.29 14.07
CA HIS I 38 -12.01 30.50 13.04
C HIS I 38 -12.04 31.19 11.68
N ALA I 39 -13.16 31.79 11.33
CA ALA I 39 -13.23 32.41 10.01
C ALA I 39 -12.37 33.63 9.91
N LEU I 40 -12.29 34.38 11.03
CA LEU I 40 -11.40 35.53 11.05
C LEU I 40 -9.91 35.09 10.96
N LEU I 41 -9.59 33.95 11.58
CA LEU I 41 -8.21 33.39 11.43
C LEU I 41 -7.94 32.96 10.03
N VAL I 42 -8.90 32.29 9.35
CA VAL I 42 -8.65 31.80 7.99
C VAL I 42 -8.49 32.95 7.06
N ARG I 43 -9.30 33.98 7.23
CA ARG I 43 -9.18 35.13 6.31
C ARG I 43 -7.88 35.84 6.45
N GLN I 44 -7.38 35.97 7.67
CA GLN I 44 -6.09 36.64 7.83
C GLN I 44 -5.02 35.92 7.03
N ASN I 45 -5.03 34.61 7.10
CA ASN I 45 -4.08 33.85 6.30
C ASN I 45 -4.19 34.06 4.81
N PHE I 46 -5.41 34.01 4.25
CA PHE I 46 -5.52 34.29 2.83
C PHE I 46 -5.07 35.70 2.53
N MET I 47 -5.40 36.64 3.40
CA MET I 47 -5.01 38.03 3.11
C MET I 47 -3.49 38.19 3.21
N LEU I 48 -2.88 37.57 4.21
CA LEU I 48 -1.40 37.71 4.33
C LEU I 48 -0.73 37.12 3.11
N ASN I 49 -1.23 35.96 2.65
CA ASN I 49 -0.70 35.40 1.39
C ASN I 49 -0.80 36.42 0.25
N ARG I 50 -1.91 37.11 0.16
CA ARG I 50 -2.07 38.04 -0.91
C ARG I 50 -1.14 39.24 -0.75
N ILE I 51 -1.01 39.75 0.47
CA ILE I 51 -0.15 40.89 0.66
C ILE I 51 1.29 40.52 0.34
N LEU I 52 1.75 39.37 0.83
CA LEU I 52 3.10 38.93 0.51
C LEU I 52 3.32 38.77 -0.97
N LYS I 53 2.40 38.10 -1.65
CA LYS I 53 2.49 37.90 -3.12
C LYS I 53 2.57 39.23 -3.86
N SER I 54 1.80 40.20 -3.39
CA SER I 54 1.75 41.49 -4.09
C SER I 54 3.02 42.35 -3.92
N MET I 55 4.02 41.90 -3.18
CA MET I 55 5.28 42.63 -3.15
C MET I 55 6.50 41.79 -3.60
N ASP I 56 6.28 40.75 -4.40
CA ASP I 56 7.38 40.10 -5.11
C ASP I 56 7.99 41.06 -6.13
N GLU I 64 10.11 35.14 -18.23
CA GLU I 64 11.03 36.08 -18.89
C GLU I 64 12.52 35.71 -18.64
N ILE I 65 12.76 34.87 -17.63
CA ILE I 65 14.07 34.22 -17.45
C ILE I 65 14.02 32.71 -17.74
N ASP I 66 15.09 32.18 -18.33
CA ASP I 66 15.15 30.78 -18.78
C ASP I 66 15.03 29.74 -17.64
N GLY I 67 14.06 28.83 -17.80
CA GLY I 67 13.82 27.74 -16.84
C GLY I 67 12.64 28.01 -15.92
N ALA I 68 12.15 29.26 -15.92
CA ALA I 68 11.08 29.70 -15.01
C ALA I 68 9.70 29.15 -15.38
N ALA I 69 9.30 29.32 -16.64
CA ALA I 69 7.98 28.88 -17.12
C ALA I 69 7.77 27.37 -16.92
N GLU I 70 8.85 26.61 -17.07
CA GLU I 70 8.84 25.15 -16.85
C GLU I 70 8.33 24.77 -15.47
N LEU I 71 8.62 25.59 -14.46
CA LEU I 71 8.17 25.31 -13.08
C LEU I 71 6.65 25.41 -12.88
N ASP I 72 5.94 26.02 -13.84
CA ASP I 72 4.47 26.16 -13.82
C ASP I 72 3.71 25.01 -14.48
N ARG I 73 4.43 24.14 -15.20
CA ARG I 73 3.85 22.97 -15.88
C ARG I 73 3.38 21.92 -14.89
N THR I 74 2.58 20.98 -15.39
CA THR I 74 1.84 20.04 -14.54
C THR I 74 2.72 19.23 -13.60
N GLU I 75 3.85 18.74 -14.08
CA GLU I 75 4.62 17.78 -13.28
C GLU I 75 5.61 18.46 -12.32
N GLU I 76 6.01 19.67 -12.63
CA GLU I 76 6.90 20.45 -11.79
C GLU I 76 6.08 21.05 -10.64
N TYR I 77 4.82 21.34 -10.93
CA TYR I 77 3.88 21.74 -9.91
C TYR I 77 3.67 20.61 -8.92
N ALA I 78 3.64 19.39 -9.40
CA ALA I 78 3.37 18.25 -8.49
C ALA I 78 4.59 17.92 -7.66
N LEU I 79 5.76 18.19 -8.25
CA LEU I 79 7.00 17.95 -7.61
C LEU I 79 7.20 18.99 -6.50
N GLY I 80 6.80 20.22 -6.79
CA GLY I 80 7.10 21.33 -5.96
C GLY I 80 8.53 21.73 -6.19
N VAL I 81 8.90 22.88 -5.64
CA VAL I 81 10.27 23.37 -5.72
C VAL I 81 11.25 22.38 -5.12
N VAL I 82 10.91 21.73 -4.02
CA VAL I 82 11.80 20.76 -3.43
C VAL I 82 11.94 19.53 -4.34
N GLY I 83 10.82 19.00 -4.87
CA GLY I 83 10.85 17.85 -5.83
C GLY I 83 11.65 18.16 -7.08
N VAL I 84 11.52 19.38 -7.56
CA VAL I 84 12.29 19.80 -8.64
C VAL I 84 13.77 19.75 -8.32
N LEU I 85 14.15 20.25 -7.14
CA LEU I 85 15.55 20.35 -6.82
C LEU I 85 16.13 18.97 -6.51
N GLU I 86 15.41 18.16 -5.74
CA GLU I 86 15.80 16.77 -5.49
C GLU I 86 15.91 15.90 -6.82
N SER I 87 15.01 16.14 -7.78
CA SER I 87 15.07 15.54 -9.08
C SER I 87 16.28 15.97 -9.87
N TYR I 88 16.60 17.25 -9.88
CA TYR I 88 17.81 17.71 -10.55
C TYR I 88 19.05 17.03 -9.97
N ILE I 89 19.10 16.89 -8.65
CA ILE I 89 20.22 16.24 -8.04
C ILE I 89 20.36 14.81 -8.52
N GLY I 90 19.27 14.06 -8.59
CA GLY I 90 19.31 12.65 -9.05
C GLY I 90 19.18 12.48 -10.56
N SER I 91 19.31 13.57 -11.31
CA SER I 91 19.13 13.56 -12.75
C SER I 91 17.89 12.78 -13.26
N ILE I 92 16.75 12.95 -12.60
CA ILE I 92 15.48 12.40 -13.08
C ILE I 92 14.46 13.51 -13.35
N ASN I 93 13.31 13.09 -13.86
CA ASN I 93 12.18 13.97 -14.20
C ASN I 93 12.49 15.18 -15.06
N ASN I 94 13.56 15.13 -15.82
CA ASN I 94 13.80 16.10 -16.90
C ASN I 94 13.91 17.50 -16.42
N ILE I 95 14.60 17.67 -15.31
CA ILE I 95 14.79 19.00 -14.78
C ILE I 95 16.08 19.50 -15.34
N THR I 96 16.02 20.60 -16.05
CA THR I 96 17.21 21.25 -16.56
C THR I 96 17.91 22.02 -15.45
N LYS I 97 19.13 22.42 -15.72
CA LYS I 97 19.89 23.22 -14.79
C LYS I 97 19.24 24.57 -14.55
N GLN I 98 18.77 25.19 -15.64
CA GLN I 98 18.11 26.51 -15.63
C GLN I 98 16.94 26.45 -14.67
N SER I 99 16.09 25.44 -14.83
CA SER I 99 14.99 25.28 -13.95
C SER I 99 15.37 25.06 -12.49
N ALA I 100 16.45 24.34 -12.25
CA ALA I 100 16.83 24.03 -10.91
C ALA I 100 17.32 25.32 -10.24
N CYS I 101 17.95 26.21 -11.00
CA CYS I 101 18.44 27.46 -10.46
C CYS I 101 17.32 28.41 -10.10
N VAL I 102 16.29 28.46 -10.94
CA VAL I 102 15.08 29.21 -10.63
C VAL I 102 14.42 28.65 -9.40
N ALA I 103 14.32 27.34 -9.35
CA ALA I 103 13.74 26.72 -8.19
C ALA I 103 14.55 27.02 -6.91
N MET I 104 15.85 27.14 -7.07
CA MET I 104 16.72 27.37 -5.93
C MET I 104 16.45 28.78 -5.43
N SER I 105 16.29 29.73 -6.34
CA SER I 105 15.93 31.08 -5.95
C SER I 105 14.64 31.09 -5.16
N LYS I 106 13.68 30.28 -5.56
CA LYS I 106 12.43 30.22 -4.82
C LYS I 106 12.62 29.65 -3.46
N LEU I 107 13.51 28.67 -3.34
CA LEU I 107 13.77 28.06 -2.03
C LEU I 107 14.44 29.08 -1.08
N LEU I 108 15.36 29.85 -1.60
CA LEU I 108 16.10 30.83 -0.85
C LEU I 108 15.12 31.91 -0.31
N THR I 109 14.25 32.42 -1.19
CA THR I 109 13.12 33.32 -0.84
C THR I 109 12.29 32.78 0.29
N GLU I 110 12.14 31.48 0.40
CA GLU I 110 11.34 30.93 1.48
C GLU I 110 12.11 30.81 2.80
N LEU I 111 13.43 30.86 2.73
CA LEU I 111 14.21 30.70 3.96
C LEU I 111 14.40 32.05 4.59
N ASN I 112 14.62 32.11 5.88
CA ASN I 112 15.24 33.33 6.37
C ASN I 112 16.56 33.20 7.19
N SER I 113 17.45 34.13 6.90
CA SER I 113 18.75 34.22 7.52
C SER I 113 18.75 34.01 9.00
N ASP I 114 17.83 34.64 9.72
CA ASP I 114 17.87 34.59 11.15
C ASP I 114 17.78 33.19 11.66
N ASP I 115 17.00 32.34 11.01
CA ASP I 115 16.92 30.94 11.41
C ASP I 115 18.24 30.19 11.16
N ILE I 116 18.99 30.58 10.14
CA ILE I 116 20.28 29.97 9.89
C ILE I 116 21.29 30.45 10.94
N LYS I 117 21.31 31.77 11.19
CA LYS I 117 22.16 32.31 12.23
C LYS I 117 21.92 31.56 13.53
N LYS I 118 20.66 31.26 13.85
CA LYS I 118 20.39 30.55 15.06
C LYS I 118 21.05 29.19 15.03
N LEU I 119 21.06 28.52 13.89
CA LEU I 119 21.71 27.21 13.79
C LEU I 119 23.23 27.34 13.89
N ARG I 120 23.77 28.35 13.22
CA ARG I 120 25.16 28.63 13.25
C ARG I 120 25.67 28.82 14.69
N ASP I 121 24.84 29.42 15.53
CA ASP I 121 25.21 29.71 16.89
C ASP I 121 25.26 28.47 17.77
N ASN I 122 24.53 27.43 17.40
CA ASN I 122 24.63 26.14 18.11
C ASN I 122 25.87 25.32 17.73
N GLU I 123 26.64 25.75 16.73
CA GLU I 123 27.84 25.04 16.33
C GLU I 123 29.04 25.41 17.17
N GLU I 124 29.85 24.40 17.49
CA GLU I 124 31.17 24.57 18.10
C GLU I 124 32.00 25.35 17.12
N LEU I 125 32.98 26.14 17.58
CA LEU I 125 33.79 26.89 16.60
C LEU I 125 34.63 25.94 15.73
N ASN I 126 34.99 26.40 14.55
CA ASN I 126 35.71 25.58 13.56
C ASN I 126 34.96 24.33 13.06
N SER I 127 33.70 24.14 13.48
CA SER I 127 32.80 23.23 12.77
C SER I 127 32.73 23.59 11.30
N PRO I 128 32.85 22.57 10.43
CA PRO I 128 32.75 22.88 8.98
C PRO I 128 31.32 23.31 8.51
N LYS I 129 30.30 22.96 9.30
CA LYS I 129 28.92 23.43 9.03
C LYS I 129 28.84 24.95 8.97
N ILE I 130 29.62 25.62 9.80
CA ILE I 130 29.64 27.07 9.84
C ILE I 130 29.89 27.68 8.48
N ARG I 131 30.80 27.08 7.74
CA ARG I 131 31.09 27.60 6.39
C ARG I 131 29.85 27.44 5.48
N VAL I 132 29.10 26.35 5.64
CA VAL I 132 27.98 26.14 4.74
C VAL I 132 26.86 27.11 5.13
N TYR I 133 26.55 27.17 6.42
CA TYR I 133 25.60 28.16 6.92
C TYR I 133 25.89 29.55 6.40
N ASN I 134 27.15 29.98 6.41
CA ASN I 134 27.44 31.33 5.93
C ASN I 134 27.27 31.45 4.44
N THR I 135 27.51 30.35 3.73
CA THR I 135 27.35 30.40 2.29
C THR I 135 25.86 30.54 1.94
N VAL I 136 25.04 29.75 2.61
CA VAL I 136 23.64 29.80 2.38
C VAL I 136 23.10 31.18 2.76
N ILE I 137 23.53 31.71 3.90
CA ILE I 137 23.14 33.04 4.31
C ILE I 137 23.50 34.04 3.26
N SER I 138 24.69 33.98 2.69
CA SER I 138 24.96 34.97 1.63
C SER I 138 24.11 34.77 0.38
N TYR I 139 23.75 33.52 0.07
CA TYR I 139 22.85 33.28 -1.08
C TYR I 139 21.46 33.87 -0.80
N ILE I 140 20.95 33.64 0.40
CA ILE I 140 19.69 34.23 0.80
C ILE I 140 19.71 35.76 0.62
N GLU I 141 20.80 36.41 1.04
CA GLU I 141 20.88 37.89 0.97
C GLU I 141 21.04 38.37 -0.46
N SER I 142 21.89 37.70 -1.27
CA SER I 142 21.96 38.05 -2.69
C SER I 142 20.61 37.90 -3.35
N ASN I 143 19.92 36.80 -3.03
CA ASN I 143 18.67 36.49 -3.70
C ASN I 143 17.62 37.54 -3.40
N ARG I 144 17.59 37.96 -2.16
CA ARG I 144 16.72 39.03 -1.72
C ARG I 144 16.99 40.35 -2.45
N LYS I 145 18.26 40.72 -2.61
CA LYS I 145 18.61 41.93 -3.35
C LYS I 145 18.26 41.83 -4.82
N ASN I 146 18.65 40.74 -5.43
CA ASN I 146 18.47 40.60 -6.88
C ASN I 146 18.42 39.13 -7.28
N ASN I 147 17.22 38.60 -7.35
CA ASN I 147 17.10 37.19 -7.62
C ASN I 147 17.52 36.82 -9.04
N LYS I 148 17.30 37.70 -10.01
CA LYS I 148 17.75 37.44 -11.37
C LYS I 148 19.27 37.28 -11.43
N GLN I 149 19.97 38.15 -10.71
CA GLN I 149 21.42 38.06 -10.64
C GLN I 149 21.83 36.75 -9.95
N THR I 150 21.18 36.43 -8.83
CA THR I 150 21.54 35.28 -8.06
C THR I 150 21.34 34.01 -8.89
N ILE I 151 20.26 33.97 -9.63
CA ILE I 151 19.98 32.86 -10.54
C ILE I 151 21.08 32.75 -11.58
N HIS I 152 21.54 33.86 -12.12
CA HIS I 152 22.57 33.84 -13.15
CA HIS I 152 22.60 33.84 -13.12
C HIS I 152 23.88 33.24 -12.57
N LEU I 153 24.24 33.64 -11.37
CA LEU I 153 25.40 33.09 -10.67
C LEU I 153 25.28 31.59 -10.50
N LEU I 154 24.13 31.16 -10.01
CA LEU I 154 23.90 29.74 -9.80
C LEU I 154 24.08 28.95 -11.08
N LYS I 155 23.63 29.49 -12.21
CA LYS I 155 23.79 28.76 -13.50
C LYS I 155 25.23 28.61 -13.92
N ARG I 156 26.10 29.50 -13.44
CA ARG I 156 27.51 29.46 -13.77
C ARG I 156 28.29 28.44 -12.96
N LEU I 157 27.74 27.99 -11.84
CA LEU I 157 28.44 27.02 -11.04
C LEU I 157 28.58 25.68 -11.78
N PRO I 158 29.69 24.99 -11.57
CA PRO I 158 29.80 23.64 -12.08
C PRO I 158 28.70 22.76 -11.51
N ALA I 159 28.08 21.97 -12.36
CA ALA I 159 27.01 21.08 -11.90
C ALA I 159 27.25 20.47 -10.52
N ASP I 160 28.43 19.92 -10.28
CA ASP I 160 28.65 19.17 -9.05
C ASP I 160 28.62 20.10 -7.80
N VAL I 161 29.05 21.36 -7.97
CA VAL I 161 29.03 22.27 -6.82
C VAL I 161 27.59 22.86 -6.64
N LEU I 162 26.89 23.12 -7.74
CA LEU I 162 25.50 23.47 -7.66
C LEU I 162 24.70 22.45 -6.88
N LYS I 163 24.93 21.18 -7.17
CA LYS I 163 24.18 20.14 -6.51
C LYS I 163 24.50 20.02 -5.06
N LYS I 164 25.75 20.29 -4.73
CA LYS I 164 26.17 20.32 -3.33
C LYS I 164 25.44 21.45 -2.62
N THR I 165 25.45 22.62 -3.24
CA THR I 165 24.85 23.80 -2.65
C THR I 165 23.35 23.59 -2.43
N ILE I 166 22.68 23.11 -3.46
CA ILE I 166 21.28 22.81 -3.37
C ILE I 166 21.03 21.88 -2.22
N LYS I 167 21.82 20.84 -2.16
CA LYS I 167 21.58 19.78 -1.17
C LYS I 167 21.74 20.33 0.23
N ASN I 168 22.73 21.19 0.40
CA ASN I 168 22.96 21.80 1.71
C ASN I 168 21.76 22.70 2.10
N THR I 169 21.30 23.52 1.13
CA THR I 169 20.17 24.36 1.32
C THR I 169 18.94 23.53 1.64
N LEU I 170 18.72 22.43 0.94
CA LEU I 170 17.59 21.58 1.25
C LEU I 170 17.67 20.99 2.62
N ASP I 171 18.86 20.61 3.06
CA ASP I 171 18.99 20.00 4.39
C ASP I 171 18.70 21.05 5.47
N ILE I 172 19.18 22.25 5.24
CA ILE I 172 18.93 23.32 6.20
C ILE I 172 17.45 23.66 6.31
N HIS I 173 16.80 23.74 5.15
CA HIS I 173 15.33 23.91 5.06
C HIS I 173 14.59 22.85 5.81
N LYS I 174 14.97 21.59 5.69
CA LYS I 174 14.28 20.57 6.48
C LYS I 174 14.53 20.74 7.98
N SER I 175 15.77 21.09 8.37
CA SER I 175 16.07 20.98 9.79
C SER I 175 15.50 22.15 10.56
N ILE I 176 15.53 23.33 9.96
CA ILE I 176 14.81 24.47 10.53
C ILE I 176 13.35 24.17 10.81
N THR I 177 12.73 23.39 9.95
CA THR I 177 11.30 23.13 10.08
C THR I 177 10.97 22.04 11.06
N ILE I 178 11.88 21.12 11.33
CA ILE I 178 11.70 20.20 12.49
C ILE I 178 12.49 20.67 13.74
N ASN I 179 12.53 22.00 13.95
CA ASN I 179 13.17 22.73 15.08
C ASN I 179 13.72 24.08 14.65
N ARG J 9 11.13 24.29 35.19
CA ARG J 9 11.10 22.82 35.40
C ARG J 9 10.13 22.11 34.51
N ASN J 10 10.56 20.96 34.02
CA ASN J 10 9.71 20.12 33.25
C ASN J 10 8.71 19.43 34.10
N PRO J 11 7.55 19.11 33.52
CA PRO J 11 6.54 18.42 34.28
C PRO J 11 6.95 17.01 34.70
N CYS J 12 6.56 16.62 35.89
CA CYS J 12 6.89 15.34 36.39
C CYS J 12 6.07 14.24 35.72
N LYS J 13 6.79 13.29 35.13
CA LYS J 13 6.17 12.25 34.35
C LYS J 13 5.32 11.38 35.20
N PHE J 14 5.59 11.30 36.48
CA PHE J 14 4.71 10.52 37.32
C PHE J 14 3.39 11.25 37.55
N GLU J 15 3.45 12.58 37.59
CA GLU J 15 2.28 13.42 37.91
C GLU J 15 1.40 13.46 36.62
N ILE J 16 2.06 13.44 35.45
CA ILE J 16 1.37 13.32 34.21
C ILE J 16 0.49 12.07 34.14
N ARG J 17 0.87 10.99 34.79
CA ARG J 17 0.02 9.80 34.81
C ARG J 17 -0.84 9.67 35.99
N GLY J 18 -0.79 10.62 36.90
CA GLY J 18 -1.61 10.49 38.10
C GLY J 18 -1.01 11.41 39.13
N HIS J 19 -0.51 10.80 40.21
CA HIS J 19 0.05 11.49 41.33
C HIS J 19 1.51 11.02 41.55
N CYS J 20 2.46 11.93 41.48
CA CYS J 20 3.85 11.68 41.89
C CYS J 20 3.86 11.21 43.33
N LEU J 21 4.55 10.12 43.59
CA LEU J 21 4.61 9.51 44.92
C LEU J 21 6.04 9.63 45.54
N ASN J 22 6.87 10.44 44.93
CA ASN J 22 8.24 10.60 45.31
C ASN J 22 8.51 11.73 46.36
N GLY J 23 7.47 12.26 47.00
CA GLY J 23 7.61 13.41 47.94
C GLY J 23 8.51 14.52 47.49
N LYS J 24 9.28 15.09 48.42
CA LYS J 24 10.17 16.25 48.12
C LYS J 24 11.43 15.90 47.36
N ARG J 25 11.79 14.63 47.35
CA ARG J 25 12.93 14.21 46.55
C ARG J 25 12.76 14.57 45.07
N CYS J 26 11.52 14.63 44.54
CA CYS J 26 11.30 14.80 43.09
C CYS J 26 11.60 16.23 42.70
N HIS J 27 12.46 16.40 41.71
CA HIS J 27 12.88 17.73 41.28
C HIS J 27 12.06 18.25 40.10
N PHE J 28 11.09 17.48 39.61
CA PHE J 28 10.29 17.96 38.46
C PHE J 28 9.09 18.79 38.92
N SER J 29 8.41 19.44 37.99
CA SER J 29 7.27 20.33 38.35
C SER J 29 6.01 19.55 38.64
N HIS J 30 5.41 19.80 39.79
CA HIS J 30 4.12 19.30 40.17
C HIS J 30 3.12 20.47 40.16
N ASN J 31 3.48 21.58 39.52
CA ASN J 31 2.65 22.76 39.53
C ASN J 31 1.98 22.98 38.18
N TYR J 32 0.68 22.69 38.11
CA TYR J 32 -0.02 22.73 36.81
C TYR J 32 0.05 24.07 36.12
N PHE J 33 0.15 25.17 36.89
CA PHE J 33 0.26 26.52 36.30
C PHE J 33 1.48 26.67 35.45
N GLU J 34 2.49 25.86 35.63
CA GLU J 34 3.69 26.04 34.79
C GLU J 34 3.84 24.97 33.71
N TRP J 35 2.88 24.06 33.60
CA TRP J 35 2.98 22.99 32.61
C TRP J 35 2.61 23.47 31.22
N PRO J 36 3.25 22.93 30.21
CA PRO J 36 2.73 23.18 28.90
C PRO J 36 1.38 22.51 28.71
N PRO J 37 0.59 23.02 27.78
CA PRO J 37 -0.77 22.51 27.57
C PRO J 37 -0.80 21.03 27.23
N HIS J 38 0.15 20.57 26.44
CA HIS J 38 0.09 19.15 26.06
C HIS J 38 0.15 18.22 27.28
N ALA J 39 0.99 18.55 28.24
CA ALA J 39 1.08 17.71 29.37
C ALA J 39 -0.18 17.72 30.21
N LEU J 40 -0.82 18.90 30.33
CA LEU J 40 -2.09 18.98 31.05
C LEU J 40 -3.21 18.18 30.31
N LEU J 41 -3.19 18.20 28.97
CA LEU J 41 -4.08 17.33 28.19
C LEU J 41 -3.83 15.84 28.40
N VAL J 42 -2.55 15.43 28.42
CA VAL J 42 -2.26 14.00 28.59
C VAL J 42 -2.68 13.57 29.98
N ARG J 43 -2.42 14.41 31.01
CA ARG J 43 -2.78 13.99 32.38
C ARG J 43 -4.25 13.86 32.58
N GLN J 44 -5.03 14.75 31.99
CA GLN J 44 -6.51 14.59 32.08
C GLN J 44 -6.97 13.26 31.56
N ASN J 45 -6.38 12.82 30.46
CA ASN J 45 -6.73 11.47 29.96
C ASN J 45 -6.40 10.36 30.91
N PHE J 46 -5.18 10.36 31.46
CA PHE J 46 -4.86 9.30 32.40
C PHE J 46 -5.77 9.36 33.59
N MET J 47 -6.09 10.59 34.02
CA MET J 47 -6.93 10.71 35.25
C MET J 47 -8.38 10.30 34.96
N LEU J 48 -8.91 10.67 33.78
CA LEU J 48 -10.27 10.19 33.44
C LEU J 48 -10.29 8.68 33.44
N ASN J 49 -9.26 8.06 32.87
CA ASN J 49 -9.24 6.58 32.81
C ASN J 49 -9.30 6.03 34.20
N ARG J 50 -8.57 6.67 35.11
CA ARG J 50 -8.54 6.20 36.48
CA ARG J 50 -8.53 6.20 36.49
C ARG J 50 -9.85 6.42 37.20
N ILE J 51 -10.45 7.58 36.99
CA ILE J 51 -11.77 7.82 37.59
C ILE J 51 -12.78 6.82 37.07
N LEU J 52 -12.82 6.61 35.78
CA LEU J 52 -13.78 5.63 35.24
C LEU J 52 -13.57 4.24 35.80
N LYS J 53 -12.31 3.77 35.80
CA LYS J 53 -11.98 2.44 36.34
C LYS J 53 -12.41 2.32 37.79
N SER J 54 -12.25 3.39 38.56
CA SER J 54 -12.54 3.31 39.98
C SER J 54 -14.04 3.30 40.31
N MET J 55 -14.91 3.35 39.32
CA MET J 55 -16.33 3.13 39.62
C MET J 55 -16.94 1.93 38.88
N ASP J 56 -16.10 0.94 38.56
CA ASP J 56 -16.55 -0.28 37.90
C ASP J 56 -17.41 -1.14 38.82
N LEU J 62 -16.17 -9.27 39.35
CA LEU J 62 -16.33 -10.13 38.18
C LEU J 62 -15.59 -11.46 38.26
N ASP J 63 -14.37 -11.49 38.81
CA ASP J 63 -13.65 -12.79 38.99
C ASP J 63 -14.38 -13.72 39.98
N GLU J 64 -15.49 -13.23 40.53
CA GLU J 64 -16.54 -14.06 41.08
C GLU J 64 -17.15 -15.04 40.04
N ILE J 65 -17.05 -14.73 38.75
CA ILE J 65 -17.88 -15.37 37.72
C ILE J 65 -17.11 -16.17 36.66
N ASP J 66 -17.71 -17.29 36.23
CA ASP J 66 -17.05 -18.22 35.28
C ASP J 66 -16.76 -17.63 33.89
N GLY J 67 -15.49 -17.73 33.48
CA GLY J 67 -15.01 -17.24 32.20
C GLY J 67 -14.28 -15.91 32.27
N ALA J 68 -14.39 -15.23 33.42
CA ALA J 68 -13.86 -13.87 33.60
C ALA J 68 -12.34 -13.83 33.70
N ALA J 69 -11.78 -14.67 34.60
CA ALA J 69 -10.33 -14.72 34.84
C ALA J 69 -9.54 -15.04 33.57
N GLU J 70 -10.13 -15.90 32.72
CA GLU J 70 -9.55 -16.27 31.43
C GLU J 70 -9.24 -15.04 30.56
N LEU J 71 -10.06 -13.99 30.65
CA LEU J 71 -9.86 -12.78 29.84
C LEU J 71 -8.64 -11.95 30.23
N ASP J 72 -8.07 -12.24 31.41
CA ASP J 72 -6.82 -11.58 31.91
C ASP J 72 -5.51 -12.28 31.49
N ARG J 73 -5.61 -13.50 30.93
CA ARG J 73 -4.46 -14.30 30.50
C ARG J 73 -3.82 -13.70 29.27
N THR J 74 -2.61 -14.15 28.98
CA THR J 74 -1.75 -13.50 28.01
C THR J 74 -2.37 -13.39 26.62
N GLU J 75 -3.03 -14.46 26.16
CA GLU J 75 -3.47 -14.46 24.76
C GLU J 75 -4.83 -13.77 24.56
N GLU J 76 -5.62 -13.73 25.61
CA GLU J 76 -6.93 -13.07 25.58
C GLU J 76 -6.72 -11.56 25.72
N TYR J 77 -5.68 -11.17 26.42
CA TYR J 77 -5.23 -9.81 26.48
C TYR J 77 -4.75 -9.33 25.13
N ALA J 78 -4.05 -10.17 24.40
CA ALA J 78 -3.56 -9.77 23.07
C ALA J 78 -4.68 -9.72 22.03
N LEU J 79 -5.68 -10.56 22.22
CA LEU J 79 -6.85 -10.59 21.35
C LEU J 79 -7.71 -9.35 21.56
N GLY J 80 -7.82 -8.95 22.83
CA GLY J 80 -8.75 -7.95 23.21
C GLY J 80 -10.14 -8.53 23.24
N VAL J 81 -11.06 -7.77 23.80
CA VAL J 81 -12.44 -8.22 23.90
C VAL J 81 -13.01 -8.54 22.52
N VAL J 82 -12.70 -7.73 21.53
CA VAL J 82 -13.24 -7.93 20.20
C VAL J 82 -12.62 -9.22 19.61
N GLY J 83 -11.30 -9.41 19.75
CA GLY J 83 -10.63 -10.65 19.31
C GLY J 83 -11.24 -11.86 19.97
N VAL J 84 -11.51 -11.76 21.25
CA VAL J 84 -12.10 -12.84 21.97
C VAL J 84 -13.43 -13.15 21.35
N LEU J 85 -14.23 -12.13 21.04
CA LEU J 85 -15.59 -12.39 20.59
C LEU J 85 -15.59 -12.94 19.13
N GLU J 86 -14.74 -12.40 18.29
CA GLU J 86 -14.59 -12.82 16.93
C GLU J 86 -14.06 -14.27 16.88
N SER J 87 -13.14 -14.59 17.80
CA SER J 87 -12.62 -15.93 17.94
C SER J 87 -13.69 -16.90 18.37
N TYR J 88 -14.52 -16.53 19.33
CA TYR J 88 -15.62 -17.40 19.69
C TYR J 88 -16.53 -17.68 18.48
N ILE J 89 -16.84 -16.65 17.71
CA ILE J 89 -17.71 -16.82 16.56
C ILE J 89 -17.11 -17.81 15.57
N GLY J 90 -15.82 -17.72 15.28
CA GLY J 90 -15.15 -18.66 14.39
C GLY J 90 -14.62 -19.95 15.05
N SER J 91 -15.05 -20.23 16.27
CA SER J 91 -14.55 -21.36 17.04
C SER J 91 -13.02 -21.57 16.98
N ILE J 92 -12.23 -20.51 17.10
CA ILE J 92 -10.81 -20.63 17.27
C ILE J 92 -10.30 -20.05 18.61
N ASN J 93 -8.99 -20.16 18.84
CA ASN J 93 -8.29 -19.66 20.02
C ASN J 93 -8.90 -20.07 21.39
N ASN J 94 -9.66 -21.15 21.41
CA ASN J 94 -10.06 -21.77 22.66
C ASN J 94 -10.89 -20.90 23.54
N ILE J 95 -11.79 -20.14 22.93
CA ILE J 95 -12.65 -19.27 23.68
C ILE J 95 -13.88 -20.05 24.03
N THR J 96 -14.14 -20.20 25.32
CA THR J 96 -15.34 -20.84 25.79
C THR J 96 -16.50 -19.89 25.66
N LYS J 97 -17.69 -20.45 25.79
CA LYS J 97 -18.90 -19.68 25.79
C LYS J 97 -18.96 -18.69 26.97
N GLN J 98 -18.59 -19.17 28.15
CA GLN J 98 -18.55 -18.41 29.40
C GLN J 98 -17.69 -17.16 29.17
N SER J 99 -16.48 -17.34 28.67
CA SER J 99 -15.63 -16.21 28.38
C SER J 99 -16.20 -15.22 27.38
N ALA J 100 -16.89 -15.73 26.37
CA ALA J 100 -17.39 -14.88 25.34
C ALA J 100 -18.52 -14.03 25.90
N CYS J 101 -19.29 -14.58 26.83
CA CYS J 101 -20.36 -13.84 27.46
C CYS J 101 -19.85 -12.73 28.35
N VAL J 102 -18.79 -13.02 29.11
CA VAL J 102 -18.14 -11.97 29.91
C VAL J 102 -17.62 -10.89 28.95
N ALA J 103 -16.99 -11.29 27.88
CA ALA J 103 -16.43 -10.34 26.97
C ALA J 103 -17.53 -9.50 26.37
N MET J 104 -18.69 -10.09 26.20
CA MET J 104 -19.81 -9.41 25.58
C MET J 104 -20.28 -8.34 26.53
N SER J 105 -20.35 -8.68 27.82
CA SER J 105 -20.64 -7.68 28.84
C SER J 105 -19.68 -6.51 28.80
N LYS J 106 -18.41 -6.79 28.61
CA LYS J 106 -17.46 -5.69 28.51
C LYS J 106 -17.66 -4.87 27.26
N LEU J 107 -18.04 -5.49 26.15
CA LEU J 107 -18.33 -4.72 24.94
C LEU J 107 -19.53 -3.80 25.13
N LEU J 108 -20.56 -4.32 25.78
CA LEU J 108 -21.79 -3.59 26.02
C LEU J 108 -21.50 -2.36 26.87
N THR J 109 -20.75 -2.55 27.94
CA THR J 109 -20.23 -1.47 28.80
C THR J 109 -19.52 -0.39 28.01
N GLU J 110 -18.83 -0.75 26.95
CA GLU J 110 -18.14 0.24 26.16
C GLU J 110 -19.07 0.99 25.20
N LEU J 111 -20.24 0.45 24.95
CA LEU J 111 -21.12 1.12 23.98
C LEU J 111 -21.99 2.09 24.72
N ASN J 112 -22.51 3.08 24.05
CA ASN J 112 -23.66 3.73 24.64
C ASN J 112 -24.94 3.84 23.78
N SER J 113 -26.05 3.62 24.46
CA SER J 113 -27.38 3.65 23.88
C SER J 113 -27.63 4.82 22.97
N ASP J 114 -27.25 6.02 23.40
CA ASP J 114 -27.56 7.19 22.61
C ASP J 114 -27.00 7.12 21.21
N ASP J 115 -25.82 6.55 21.05
CA ASP J 115 -25.26 6.39 19.71
C ASP J 115 -26.10 5.41 18.88
N ILE J 116 -26.67 4.39 19.51
CA ILE J 116 -27.46 3.43 18.80
C ILE J 116 -28.78 4.12 18.41
N LYS J 117 -29.40 4.84 19.35
CA LYS J 117 -30.63 5.58 19.03
C LYS J 117 -30.41 6.48 17.88
N LYS J 118 -29.24 7.11 17.81
CA LYS J 118 -28.97 7.96 16.66
C LYS J 118 -28.97 7.15 15.37
N LEU J 119 -28.42 5.93 15.39
CA LEU J 119 -28.44 5.08 14.20
C LEU J 119 -29.87 4.64 13.84
N ARG J 120 -30.63 4.26 14.87
CA ARG J 120 -31.98 3.85 14.74
C ARG J 120 -32.84 4.92 14.04
N ASP J 121 -32.55 6.17 14.35
CA ASP J 121 -33.30 7.28 13.80
C ASP J 121 -33.03 7.50 12.31
N ASN J 122 -31.86 7.09 11.82
CA ASN J 122 -31.57 7.17 10.39
C ASN J 122 -32.26 6.09 9.56
N GLU J 123 -32.88 5.10 10.21
CA GLU J 123 -33.53 4.02 9.52
C GLU J 123 -34.93 4.41 9.06
N GLU J 124 -35.28 3.97 7.85
CA GLU J 124 -36.65 4.03 7.34
C GLU J 124 -37.49 3.12 8.22
N LEU J 125 -38.77 3.42 8.39
CA LEU J 125 -39.58 2.59 9.25
C LEU J 125 -39.73 1.17 8.70
N ASN J 126 -40.00 0.22 9.59
CA ASN J 126 -40.06 -1.21 9.21
C ASN J 126 -38.77 -1.79 8.63
N SER J 127 -37.68 -1.03 8.62
CA SER J 127 -36.35 -1.60 8.45
C SER J 127 -36.11 -2.68 9.50
N PRO J 128 -35.60 -3.84 9.07
CA PRO J 128 -35.31 -4.89 10.08
C PRO J 128 -34.12 -4.57 11.03
N LYS J 129 -33.24 -3.64 10.63
CA LYS J 129 -32.17 -3.14 11.52
C LYS J 129 -32.73 -2.58 12.84
N ILE J 130 -33.89 -1.95 12.77
CA ILE J 130 -34.52 -1.36 13.94
C ILE J 130 -34.69 -2.37 15.06
N ARG J 131 -35.08 -3.58 14.71
CA ARG J 131 -35.24 -4.63 15.71
C ARG J 131 -33.89 -4.96 16.36
N VAL J 132 -32.82 -4.95 15.58
CA VAL J 132 -31.54 -5.36 16.17
C VAL J 132 -31.05 -4.21 17.06
N TYR J 133 -31.04 -2.99 16.52
CA TYR J 133 -30.75 -1.83 17.35
C TYR J 133 -31.49 -1.87 18.70
N ASN J 134 -32.77 -2.15 18.71
CA ASN J 134 -33.49 -2.16 19.99
C ASN J 134 -33.08 -3.33 20.88
N THR J 135 -32.67 -4.42 20.29
CA THR J 135 -32.23 -5.55 21.08
C THR J 135 -30.89 -5.20 21.75
N VAL J 136 -29.98 -4.63 20.99
CA VAL J 136 -28.71 -4.23 21.49
C VAL J 136 -28.90 -3.15 22.59
N ILE J 137 -29.75 -2.16 22.33
CA ILE J 137 -30.06 -1.16 23.33
C ILE J 137 -30.54 -1.80 24.61
N SER J 138 -31.43 -2.78 24.53
CA SER J 138 -31.89 -3.39 25.81
C SER J 138 -30.78 -4.17 26.50
N TYR J 139 -29.87 -4.75 25.73
CA TYR J 139 -28.75 -5.44 26.35
C TYR J 139 -27.84 -4.45 27.06
N ILE J 140 -27.56 -3.34 26.42
CA ILE J 140 -26.76 -2.30 27.04
C ILE J 140 -27.38 -1.88 28.36
N GLU J 141 -28.71 -1.69 28.39
CA GLU J 141 -29.37 -1.20 29.61
C GLU J 141 -29.41 -2.27 30.67
N SER J 142 -29.70 -3.52 30.30
CA SER J 142 -29.60 -4.61 31.29
C SER J 142 -28.20 -4.69 31.86
N ASN J 143 -27.19 -4.58 31.00
CA ASN J 143 -25.83 -4.79 31.40
C ASN J 143 -25.41 -3.73 32.40
N ARG J 144 -25.84 -2.51 32.12
CA ARG J 144 -25.60 -1.38 33.02
C ARG J 144 -26.26 -1.58 34.38
N LYS J 145 -27.49 -2.07 34.42
CA LYS J 145 -28.15 -2.36 35.70
C LYS J 145 -27.47 -3.47 36.45
N ASN J 146 -27.22 -4.57 35.77
CA ASN J 146 -26.71 -5.76 36.43
C ASN J 146 -25.97 -6.64 35.43
N ASN J 147 -24.67 -6.44 35.36
CA ASN J 147 -23.93 -7.16 34.37
C ASN J 147 -23.86 -8.66 34.69
N LYS J 148 -23.84 -9.04 35.97
CA LYS J 148 -23.81 -10.46 36.31
C LYS J 148 -25.06 -11.18 35.80
N GLN J 149 -26.19 -10.51 35.96
CA GLN J 149 -27.45 -11.05 35.44
C GLN J 149 -27.41 -11.13 33.91
N THR J 150 -26.97 -10.05 33.28
CA THR J 150 -26.93 -10.01 31.84
C THR J 150 -26.03 -11.13 31.27
N ILE J 151 -24.89 -11.34 31.92
CA ILE J 151 -23.99 -12.41 31.54
C ILE J 151 -24.67 -13.76 31.67
N HIS J 152 -25.45 -13.95 32.73
CA HIS J 152 -26.11 -15.24 32.95
CA HIS J 152 -26.15 -15.22 32.94
C HIS J 152 -27.14 -15.51 31.83
N LEU J 153 -27.90 -14.48 31.45
CA LEU J 153 -28.83 -14.58 30.32
C LEU J 153 -28.11 -14.96 29.05
N LEU J 154 -27.01 -14.27 28.77
CA LEU J 154 -26.25 -14.55 27.56
C LEU J 154 -25.79 -16.01 27.51
N LYS J 155 -25.38 -16.56 28.65
CA LYS J 155 -24.95 -17.97 28.70
C LYS J 155 -26.05 -18.94 28.35
N ARG J 156 -27.30 -18.54 28.60
CA ARG J 156 -28.45 -19.39 28.33
C ARG J 156 -28.87 -19.42 26.88
N LEU J 157 -28.47 -18.44 26.10
CA LEU J 157 -28.84 -18.40 24.71
C LEU J 157 -28.23 -19.59 23.95
N PRO J 158 -28.98 -20.13 22.99
CA PRO J 158 -28.36 -21.13 22.10
C PRO J 158 -27.16 -20.55 21.37
N ALA J 159 -26.08 -21.30 21.29
CA ALA J 159 -24.87 -20.85 20.65
C ALA J 159 -25.12 -20.03 19.39
N ASP J 160 -25.99 -20.49 18.51
CA ASP J 160 -26.15 -19.84 17.22
C ASP J 160 -26.78 -18.44 17.36
N VAL J 161 -27.65 -18.26 18.34
CA VAL J 161 -28.28 -16.94 18.53
C VAL J 161 -27.31 -16.00 19.30
N LEU J 162 -26.57 -16.53 20.27
CA LEU J 162 -25.52 -15.78 20.90
C LEU J 162 -24.54 -15.21 19.88
N LYS J 163 -24.11 -16.04 18.92
CA LYS J 163 -23.17 -15.60 17.93
C LYS J 163 -23.75 -14.56 17.03
N LYS J 164 -25.03 -14.64 16.78
CA LYS J 164 -25.71 -13.65 15.96
C LYS J 164 -25.72 -12.34 16.72
N THR J 165 -26.13 -12.42 17.97
CA THR J 165 -26.20 -11.21 18.83
C THR J 165 -24.83 -10.52 18.96
N ILE J 166 -23.80 -11.32 19.24
CA ILE J 166 -22.45 -10.81 19.31
C ILE J 166 -22.09 -10.12 18.04
N LYS J 167 -22.35 -10.79 16.95
CA LYS J 167 -21.93 -10.26 15.68
C LYS J 167 -22.62 -8.92 15.41
N ASN J 168 -23.90 -8.85 15.73
CA ASN J 168 -24.63 -7.63 15.50
C ASN J 168 -24.08 -6.47 16.36
N THR J 169 -23.81 -6.77 17.62
CA THR J 169 -23.17 -5.85 18.50
C THR J 169 -21.80 -5.42 17.99
N LEU J 170 -20.99 -6.33 17.52
CA LEU J 170 -19.72 -5.99 16.96
C LEU J 170 -19.85 -5.10 15.77
N ASP J 171 -20.85 -5.33 14.93
CA ASP J 171 -21.00 -4.52 13.72
C ASP J 171 -21.42 -3.11 14.08
N ILE J 172 -22.27 -3.01 15.07
CA ILE J 172 -22.71 -1.70 15.52
C ILE J 172 -21.55 -0.90 16.13
N HIS J 173 -20.76 -1.58 16.98
CA HIS J 173 -19.54 -1.01 17.52
C HIS J 173 -18.64 -0.48 16.44
N LYS J 174 -18.45 -1.23 15.35
CA LYS J 174 -17.55 -0.73 14.30
C LYS J 174 -18.15 0.42 13.59
N SER J 175 -19.44 0.39 13.35
CA SER J 175 -20.00 1.46 12.49
C SER J 175 -20.14 2.79 13.25
N ILE J 176 -20.53 2.74 14.52
CA ILE J 176 -20.49 3.95 15.35
C ILE J 176 -19.14 4.64 15.31
N THR J 177 -18.07 3.84 15.26
CA THR J 177 -16.74 4.39 15.38
C THR J 177 -16.21 4.91 14.07
N ILE J 178 -16.68 4.41 12.94
CA ILE J 178 -16.38 5.09 11.66
C ILE J 178 -17.54 6.03 11.22
N ASN J 179 -18.16 6.70 12.20
CA ASN J 179 -19.25 7.70 12.06
C ASN J 179 -20.21 7.66 13.27
N ARG K 8 -19.55 25.41 7.94
CA ARG K 8 -19.38 24.49 9.10
C ARG K 8 -20.31 24.89 10.26
N ARG K 9 -20.91 23.90 10.92
CA ARG K 9 -21.83 24.21 12.01
C ARG K 9 -21.10 24.61 13.30
N ASN K 10 -21.60 25.65 13.96
CA ASN K 10 -21.11 26.04 15.24
C ASN K 10 -21.58 25.12 16.32
N PRO K 11 -20.78 25.02 17.39
CA PRO K 11 -21.14 24.12 18.44
C PRO K 11 -22.41 24.57 19.15
N CYS K 12 -23.20 23.61 19.57
CA CYS K 12 -24.40 23.89 20.31
C CYS K 12 -24.13 24.32 21.74
N LYS K 13 -24.62 25.49 22.06
CA LYS K 13 -24.36 26.13 23.36
C LYS K 13 -25.00 25.35 24.46
N PHE K 14 -26.04 24.63 24.18
CA PHE K 14 -26.54 23.75 25.18
C PHE K 14 -25.62 22.58 25.49
N GLU K 15 -24.96 22.09 24.47
CA GLU K 15 -24.13 20.89 24.57
C GLU K 15 -22.85 21.32 25.27
N ILE K 16 -22.37 22.50 24.95
CA ILE K 16 -21.27 23.09 25.67
C ILE K 16 -21.47 23.11 27.18
N ARG K 17 -22.69 23.27 27.67
CA ARG K 17 -22.94 23.21 29.11
C ARG K 17 -23.41 21.94 29.61
N GLY K 18 -23.50 20.93 28.77
CA GLY K 18 -23.90 19.60 29.27
C GLY K 18 -24.37 18.81 28.04
N HIS K 19 -25.67 18.55 28.00
CA HIS K 19 -26.32 17.78 26.96
C HIS K 19 -27.46 18.60 26.36
N CYS K 20 -27.40 18.83 25.05
CA CYS K 20 -28.49 19.42 24.31
C CYS K 20 -29.70 18.55 24.43
N LEU K 21 -30.84 19.16 24.76
CA LEU K 21 -32.08 18.39 25.03
C LEU K 21 -33.16 18.70 23.95
N ASN K 22 -32.73 19.34 22.87
CA ASN K 22 -33.59 19.77 21.81
CA ASN K 22 -33.66 19.73 21.81
C ASN K 22 -33.76 18.74 20.66
N GLY K 23 -33.35 17.48 20.85
CA GLY K 23 -33.36 16.47 19.80
C GLY K 23 -32.90 16.93 18.43
N LYS K 24 -33.56 16.44 17.36
CA LYS K 24 -33.17 16.76 15.97
C LYS K 24 -33.58 18.15 15.52
N ARG K 25 -34.46 18.80 16.25
CA ARG K 25 -34.80 20.20 15.95
C ARG K 25 -33.55 21.13 16.01
N CYS K 26 -32.54 20.80 16.84
CA CYS K 26 -31.35 21.67 17.00
C CYS K 26 -30.44 21.60 15.78
N HIS K 27 -30.14 22.76 15.21
CA HIS K 27 -29.33 22.88 14.00
CA HIS K 27 -29.36 22.80 13.99
C HIS K 27 -27.86 23.01 14.28
N PHE K 28 -27.46 23.11 15.54
CA PHE K 28 -26.05 23.30 15.84
C PHE K 28 -25.30 21.98 15.93
N SER K 29 -23.96 22.04 15.99
CA SER K 29 -23.16 20.82 16.04
C SER K 29 -23.12 20.19 17.40
N HIS K 30 -23.43 18.91 17.45
CA HIS K 30 -23.29 18.09 18.66
C HIS K 30 -22.14 17.09 18.44
N ASN K 31 -21.33 17.35 17.44
CA ASN K 31 -20.28 16.40 17.09
C ASN K 31 -18.87 16.92 17.51
N TYR K 32 -18.33 16.37 18.58
CA TYR K 32 -17.10 16.95 19.18
C TYR K 32 -15.92 17.01 18.20
N PHE K 33 -15.90 16.10 17.22
CA PHE K 33 -14.83 16.08 16.20
C PHE K 33 -14.79 17.32 15.39
N GLU K 34 -15.88 18.07 15.31
CA GLU K 34 -15.82 19.29 14.52
C GLU K 34 -15.77 20.55 15.37
N TRP K 35 -15.73 20.41 16.69
CA TRP K 35 -15.74 21.61 17.56
C TRP K 35 -14.40 22.27 17.60
N PRO K 36 -14.38 23.58 17.73
CA PRO K 36 -13.08 24.18 18.06
C PRO K 36 -12.62 23.78 19.45
N PRO K 37 -11.31 23.79 19.70
CA PRO K 37 -10.78 23.42 20.99
C PRO K 37 -11.38 24.21 22.14
N HIS K 38 -11.58 25.50 21.98
CA HIS K 38 -12.06 26.29 23.10
C HIS K 38 -13.38 25.79 23.61
N ALA K 39 -14.24 25.39 22.70
CA ALA K 39 -15.54 24.89 23.14
C ALA K 39 -15.46 23.57 23.84
N LEU K 40 -14.56 22.71 23.39
CA LEU K 40 -14.34 21.45 24.07
C LEU K 40 -13.78 21.72 25.50
N LEU K 41 -12.86 22.68 25.63
CA LEU K 41 -12.32 23.04 26.97
C LEU K 41 -13.41 23.58 27.88
N VAL K 42 -14.32 24.45 27.37
CA VAL K 42 -15.35 24.98 28.21
C VAL K 42 -16.27 23.89 28.66
N ARG K 43 -16.62 22.97 27.75
CA ARG K 43 -17.58 21.92 28.13
C ARG K 43 -17.04 21.01 29.17
N GLN K 44 -15.76 20.71 29.11
CA GLN K 44 -15.16 19.86 30.13
C GLN K 44 -15.30 20.44 31.47
N ASN K 45 -15.06 21.74 31.58
CA ASN K 45 -15.28 22.39 32.88
C ASN K 45 -16.72 22.31 33.35
N PHE K 46 -17.72 22.59 32.48
CA PHE K 46 -19.13 22.47 32.97
C PHE K 46 -19.41 21.04 33.33
N MET K 47 -18.84 20.06 32.58
CA MET K 47 -19.16 18.64 32.92
C MET K 47 -18.45 18.19 34.20
N LEU K 48 -17.22 18.64 34.41
CA LEU K 48 -16.54 18.31 35.68
C LEU K 48 -17.32 18.89 36.84
N ASN K 49 -17.79 20.13 36.70
CA ASN K 49 -18.63 20.70 37.81
C ASN K 49 -19.80 19.83 38.08
N ARG K 50 -20.41 19.33 37.02
CA ARG K 50 -21.60 18.49 37.20
C ARG K 50 -21.27 17.14 37.82
N ILE K 51 -20.17 16.54 37.39
CA ILE K 51 -19.77 15.26 37.99
C ILE K 51 -19.48 15.45 39.47
N LEU K 52 -18.73 16.48 39.81
CA LEU K 52 -18.40 16.72 41.23
C LEU K 52 -19.65 16.93 42.03
N LYS K 53 -20.55 17.79 41.54
CA LYS K 53 -21.81 18.10 42.27
C LYS K 53 -22.64 16.84 42.50
N SER K 54 -22.63 15.97 41.52
CA SER K 54 -23.42 14.76 41.63
C SER K 54 -22.87 13.70 42.60
N MET K 55 -21.74 13.93 43.23
CA MET K 55 -21.30 13.03 44.29
C MET K 55 -21.14 13.70 45.66
N ASP K 56 -21.84 14.81 45.92
CA ASP K 56 -21.94 15.35 47.30
C ASP K 56 -22.74 14.40 48.21
N GLU K 64 -31.34 19.80 55.60
CA GLU K 64 -31.66 19.12 56.86
C GLU K 64 -31.22 19.91 58.12
N ILE K 65 -30.24 20.78 57.97
CA ILE K 65 -29.50 21.32 59.14
C ILE K 65 -29.62 22.85 59.33
N ASP K 66 -29.65 23.28 60.61
CA ASP K 66 -29.86 24.71 60.98
C ASP K 66 -28.75 25.65 60.49
N GLY K 67 -29.16 26.69 59.76
CA GLY K 67 -28.25 27.72 59.22
C GLY K 67 -27.92 27.53 57.75
N ALA K 68 -28.27 26.37 57.20
CA ALA K 68 -27.91 26.00 55.82
C ALA K 68 -28.73 26.76 54.77
N ALA K 69 -30.06 26.73 54.91
CA ALA K 69 -30.98 27.36 53.96
C ALA K 69 -30.71 28.88 53.81
N GLU K 70 -30.32 29.51 54.91
CA GLU K 70 -29.93 30.91 54.94
C GLU K 70 -28.82 31.26 53.93
N LEU K 71 -27.88 30.32 53.71
CA LEU K 71 -26.78 30.56 52.77
C LEU K 71 -27.21 30.65 51.30
N ASP K 72 -28.44 30.21 50.99
CA ASP K 72 -29.02 30.25 49.64
C ASP K 72 -29.79 31.53 49.32
N ARG K 73 -30.06 32.35 50.34
CA ARG K 73 -30.75 33.64 50.18
C ARG K 73 -29.92 34.65 49.43
N THR K 74 -30.57 35.71 48.98
CA THR K 74 -29.96 36.67 48.05
C THR K 74 -28.66 37.31 48.55
N GLU K 75 -28.60 37.70 49.83
CA GLU K 75 -27.44 38.48 50.28
C GLU K 75 -26.26 37.60 50.72
N GLU K 76 -26.55 36.36 51.10
CA GLU K 76 -25.52 35.42 51.52
C GLU K 76 -24.88 34.83 50.25
N TYR K 77 -25.67 34.73 49.18
CA TYR K 77 -25.15 34.38 47.88
C TYR K 77 -24.18 35.45 47.38
N ALA K 78 -24.48 36.72 47.66
CA ALA K 78 -23.64 37.80 47.15
C ALA K 78 -22.37 37.91 47.95
N LEU K 79 -22.46 37.57 49.23
CA LEU K 79 -21.34 37.58 50.12
C LEU K 79 -20.39 36.42 49.80
N GLY K 80 -20.98 35.27 49.45
CA GLY K 80 -20.26 34.06 49.24
C GLY K 80 -19.99 33.48 50.59
N VAL K 81 -19.48 32.26 50.59
CA VAL K 81 -19.03 31.64 51.79
C VAL K 81 -17.98 32.47 52.55
N VAL K 82 -17.02 33.06 51.86
CA VAL K 82 -16.01 33.81 52.52
C VAL K 82 -16.65 35.07 53.16
N GLY K 83 -17.50 35.77 52.42
CA GLY K 83 -18.17 36.99 52.91
C GLY K 83 -18.99 36.65 54.13
N VAL K 84 -19.67 35.54 54.10
CA VAL K 84 -20.42 35.12 55.21
C VAL K 84 -19.52 34.94 56.40
N LEU K 85 -18.35 34.31 56.22
CA LEU K 85 -17.50 34.00 57.34
C LEU K 85 -16.80 35.25 57.89
N GLU K 86 -16.32 36.12 57.01
CA GLU K 86 -15.78 37.37 57.37
C GLU K 86 -16.82 38.28 58.09
N SER K 87 -18.06 38.24 57.64
CA SER K 87 -19.16 38.98 58.26
C SER K 87 -19.44 38.45 59.66
N TYR K 88 -19.44 37.14 59.83
CA TYR K 88 -19.66 36.59 61.18
C TYR K 88 -18.55 37.05 62.12
N ILE K 89 -17.33 37.08 61.63
CA ILE K 89 -16.22 37.52 62.45
C ILE K 89 -16.41 38.97 62.91
N GLY K 90 -16.79 39.86 62.01
CA GLY K 90 -17.05 41.28 62.38
C GLY K 90 -18.46 41.58 62.91
N SER K 91 -19.22 40.54 63.24
CA SER K 91 -20.64 40.68 63.65
C SER K 91 -21.53 41.61 62.79
N ILE K 92 -21.41 41.54 61.47
CA ILE K 92 -22.26 42.31 60.57
C ILE K 92 -23.04 41.40 59.66
N ASN K 93 -23.90 42.01 58.84
CA ASN K 93 -24.77 41.33 57.88
C ASN K 93 -25.57 40.16 58.41
N ASN K 94 -25.81 40.14 59.71
CA ASN K 94 -26.82 39.23 60.29
C ASN K 94 -26.52 37.79 60.09
N ILE K 95 -25.25 37.44 60.21
CA ILE K 95 -24.86 36.05 60.05
C ILE K 95 -24.91 35.40 61.40
N THR K 96 -25.74 34.40 61.53
CA THR K 96 -25.81 33.65 62.78
C THR K 96 -24.62 32.71 62.88
N LYS K 97 -24.42 32.18 64.07
CA LYS K 97 -23.38 31.22 64.31
C LYS K 97 -23.60 29.93 63.51
N GLN K 98 -24.85 29.46 63.48
CA GLN K 98 -25.28 28.26 62.74
C GLN K 98 -24.86 28.41 61.29
N SER K 99 -25.22 29.52 60.68
CA SER K 99 -24.82 29.75 59.31
C SER K 99 -23.32 29.76 59.09
N ALA K 100 -22.59 30.32 60.05
CA ALA K 100 -21.17 30.50 59.87
C ALA K 100 -20.52 29.11 59.92
N CYS K 101 -21.07 28.22 60.73
CA CYS K 101 -20.56 26.88 60.82
C CYS K 101 -20.79 26.08 59.55
N VAL K 102 -21.98 26.20 58.98
CA VAL K 102 -22.26 25.59 57.71
C VAL K 102 -21.30 26.14 56.65
N ALA K 103 -21.11 27.43 56.64
CA ALA K 103 -20.24 28.05 55.67
C ALA K 103 -18.80 27.57 55.84
N MET K 104 -18.45 27.28 57.09
CA MET K 104 -17.13 26.83 57.42
C MET K 104 -16.94 25.41 56.84
N SER K 105 -17.96 24.58 56.99
CA SER K 105 -17.92 23.26 56.35
C SER K 105 -17.71 23.38 54.85
N LYS K 106 -18.36 24.34 54.21
CA LYS K 106 -18.18 24.50 52.78
C LYS K 106 -16.78 24.92 52.46
N LEU K 107 -16.19 25.75 53.31
CA LEU K 107 -14.83 26.23 53.05
C LEU K 107 -13.83 25.06 53.17
N LEU K 108 -14.05 24.20 54.17
CA LEU K 108 -13.20 23.10 54.42
C LEU K 108 -13.22 22.14 53.20
N THR K 109 -14.41 21.81 52.73
CA THR K 109 -14.63 21.02 51.51
C THR K 109 -13.85 21.58 50.36
N GLU K 110 -13.67 22.88 50.28
CA GLU K 110 -12.92 23.44 49.15
C GLU K 110 -11.40 23.34 49.32
N LEU K 111 -10.94 23.11 50.54
CA LEU K 111 -9.50 23.09 50.77
C LEU K 111 -9.02 21.65 50.61
N ASN K 112 -7.76 21.48 50.30
CA ASN K 112 -7.24 20.17 50.52
C ASN K 112 -5.97 20.05 51.39
N SER K 113 -6.01 19.03 52.22
CA SER K 113 -4.96 18.70 53.17
C SER K 113 -3.57 18.77 52.59
N ASP K 114 -3.37 18.21 51.40
CA ASP K 114 -2.04 18.13 50.85
C ASP K 114 -1.41 19.48 50.69
N ASP K 115 -2.20 20.49 50.34
CA ASP K 115 -1.66 21.84 50.24
C ASP K 115 -1.22 22.35 51.61
N ILE K 116 -1.94 21.96 52.66
CA ILE K 116 -1.63 22.47 53.98
C ILE K 116 -0.36 21.75 54.44
N LYS K 117 -0.31 20.42 54.28
CA LYS K 117 0.92 19.68 54.58
C LYS K 117 2.12 20.27 53.90
N LYS K 118 1.98 20.71 52.66
CA LYS K 118 3.09 21.36 52.03
C LYS K 118 3.49 22.60 52.79
N LEU K 119 2.52 23.37 53.30
CA LEU K 119 2.85 24.62 54.02
C LEU K 119 3.53 24.27 55.35
N ARG K 120 2.99 23.27 56.01
CA ARG K 120 3.50 22.80 57.26
C ARG K 120 4.96 22.38 57.16
N ASP K 121 5.34 21.84 56.02
CA ASP K 121 6.69 21.38 55.80
C ASP K 121 7.69 22.52 55.65
N ASN K 122 7.23 23.70 55.22
CA ASN K 122 8.10 24.86 55.12
C ASN K 122 8.39 25.48 56.46
N GLU K 123 7.71 25.03 57.52
CA GLU K 123 7.86 25.67 58.84
C GLU K 123 9.01 25.07 59.60
N GLU K 124 9.75 25.94 60.29
CA GLU K 124 10.78 25.54 61.27
C GLU K 124 10.06 24.81 62.39
N LEU K 125 10.72 23.86 63.04
CA LEU K 125 10.02 23.09 64.09
C LEU K 125 9.68 24.01 65.26
N ASN K 126 8.67 23.61 66.03
CA ASN K 126 8.13 24.41 67.11
C ASN K 126 7.53 25.77 66.70
N SER K 127 7.48 26.07 65.40
CA SER K 127 6.67 27.18 64.90
C SER K 127 5.22 27.00 65.36
N PRO K 128 4.59 28.07 65.89
CA PRO K 128 3.21 27.91 66.35
C PRO K 128 2.19 27.72 65.18
N LYS K 129 2.57 28.12 63.96
CA LYS K 129 1.78 27.83 62.77
C LYS K 129 1.48 26.35 62.61
N ILE K 130 2.44 25.50 62.96
CA ILE K 130 2.29 24.06 62.84
C ILE K 130 1.06 23.57 63.55
N ARG K 131 0.79 24.11 64.72
CA ARG K 131 -0.38 23.70 65.48
C ARG K 131 -1.68 24.10 64.73
N VAL K 132 -1.67 25.25 64.06
CA VAL K 132 -2.89 25.67 63.40
C VAL K 132 -3.09 24.84 62.14
N TYR K 133 -2.03 24.71 61.34
CA TYR K 133 -2.07 23.79 60.20
C TYR K 133 -2.62 22.44 60.56
N ASN K 134 -2.16 21.83 61.65
CA ASN K 134 -2.67 20.51 61.98
C ASN K 134 -4.12 20.56 62.41
N THR K 135 -4.52 21.65 63.03
CA THR K 135 -5.90 21.76 63.45
C THR K 135 -6.81 21.84 62.21
N VAL K 136 -6.42 22.68 61.27
CA VAL K 136 -7.15 22.84 60.08
C VAL K 136 -7.19 21.52 59.31
N ILE K 137 -6.04 20.85 59.17
CA ILE K 137 -6.00 19.54 58.53
C ILE K 137 -6.98 18.59 59.19
N SER K 138 -7.04 18.55 60.52
CA SER K 138 -8.01 17.58 61.14
C SER K 138 -9.45 18.00 60.89
N TYR K 139 -9.70 19.30 60.79
CA TYR K 139 -11.06 19.75 60.45
C TYR K 139 -11.42 19.33 59.02
N ILE K 140 -10.50 19.52 58.09
CA ILE K 140 -10.73 19.09 56.71
C ILE K 140 -11.07 17.62 56.66
N GLU K 141 -10.35 16.78 57.42
CA GLU K 141 -10.57 15.32 57.36
C GLU K 141 -11.85 14.94 58.05
N SER K 142 -12.16 15.54 59.20
CA SER K 142 -13.49 15.31 59.83
C SER K 142 -14.61 15.69 58.88
N ASN K 143 -14.46 16.83 58.23
CA ASN K 143 -15.51 17.37 57.40
C ASN K 143 -15.78 16.44 56.26
N ARG K 144 -14.70 15.91 55.70
CA ARG K 144 -14.79 14.96 54.60
C ARG K 144 -15.51 13.70 55.03
N LYS K 145 -15.20 13.17 56.20
CA LYS K 145 -15.90 11.97 56.71
C LYS K 145 -17.37 12.24 57.00
N ASN K 146 -17.64 13.32 57.71
CA ASN K 146 -18.99 13.61 58.15
C ASN K 146 -19.17 15.09 58.41
N ASN K 147 -19.65 15.79 57.40
CA ASN K 147 -19.76 17.20 57.54
C ASN K 147 -20.83 17.61 58.53
N LYS K 148 -21.91 16.84 58.65
CA LYS K 148 -22.94 17.17 59.65
C LYS K 148 -22.36 17.14 61.07
N GLN K 149 -21.53 16.14 61.32
CA GLN K 149 -20.87 16.03 62.63
C GLN K 149 -19.92 17.18 62.83
N THR K 150 -19.13 17.48 61.81
CA THR K 150 -18.13 18.55 61.92
C THR K 150 -18.80 19.90 62.17
N ILE K 151 -19.91 20.15 61.49
CA ILE K 151 -20.71 21.34 61.74
C ILE K 151 -21.20 21.39 63.17
N HIS K 152 -21.64 20.25 63.71
CA HIS K 152 -22.16 20.22 65.07
CA HIS K 152 -22.12 20.21 65.09
C HIS K 152 -21.04 20.59 66.09
N LEU K 153 -19.85 20.04 65.87
CA LEU K 153 -18.67 20.38 66.70
C LEU K 153 -18.37 21.86 66.65
N LEU K 154 -18.35 22.41 65.45
CA LEU K 154 -18.07 23.82 65.28
C LEU K 154 -19.08 24.69 66.04
N LYS K 155 -20.36 24.30 66.04
CA LYS K 155 -21.39 25.05 66.79
C LYS K 155 -21.12 25.08 68.28
N ARG K 156 -20.43 24.06 68.78
CA ARG K 156 -20.16 23.92 70.22
C ARG K 156 -18.98 24.76 70.69
N LEU K 157 -18.14 25.18 69.77
CA LEU K 157 -17.01 26.00 70.16
C LEU K 157 -17.46 27.37 70.71
N PRO K 158 -16.72 27.89 71.69
CA PRO K 158 -16.98 29.26 72.14
C PRO K 158 -16.77 30.23 70.99
N ALA K 159 -17.69 31.16 70.84
CA ALA K 159 -17.61 32.10 69.76
C ALA K 159 -16.18 32.55 69.45
N ASP K 160 -15.42 32.92 70.48
CA ASP K 160 -14.14 33.55 70.24
C ASP K 160 -13.13 32.56 69.60
N VAL K 161 -13.28 31.27 69.91
CA VAL K 161 -12.36 30.29 69.36
C VAL K 161 -12.84 29.90 67.96
N LEU K 162 -14.15 29.81 67.75
CA LEU K 162 -14.70 29.62 66.42
C LEU K 162 -14.20 30.69 65.47
N LYS K 163 -14.23 31.92 65.90
CA LYS K 163 -13.77 33.02 65.05
C LYS K 163 -12.30 32.99 64.76
N LYS K 164 -11.53 32.53 65.73
CA LYS K 164 -10.09 32.34 65.53
C LYS K 164 -9.88 31.25 64.46
N THR K 165 -10.54 30.12 64.66
CA THR K 165 -10.42 29.00 63.75
C THR K 165 -10.82 29.38 62.31
N ILE K 166 -11.98 30.01 62.17
CA ILE K 166 -12.42 30.53 60.88
C ILE K 166 -11.39 31.43 60.25
N LYS K 167 -10.88 32.36 61.03
CA LYS K 167 -9.92 33.32 60.52
C LYS K 167 -8.63 32.63 60.05
N ASN K 168 -8.19 31.63 60.81
CA ASN K 168 -7.00 30.89 60.41
C ASN K 168 -7.25 30.16 59.11
N THR K 169 -8.40 29.50 59.02
CA THR K 169 -8.76 28.76 57.83
C THR K 169 -8.84 29.70 56.64
N LEU K 170 -9.44 30.87 56.82
CA LEU K 170 -9.51 31.84 55.74
C LEU K 170 -8.14 32.27 55.31
N ASP K 171 -7.22 32.47 56.25
CA ASP K 171 -5.88 32.96 55.89
C ASP K 171 -5.17 31.88 55.09
N ILE K 172 -5.33 30.65 55.52
CA ILE K 172 -4.69 29.56 54.82
C ILE K 172 -5.23 29.47 53.37
N HIS K 173 -6.55 29.58 53.23
CA HIS K 173 -7.24 29.57 51.94
C HIS K 173 -6.73 30.64 51.04
N LYS K 174 -6.52 31.85 51.54
CA LYS K 174 -5.95 32.88 50.70
C LYS K 174 -4.53 32.60 50.33
N SER K 175 -3.73 32.07 51.25
CA SER K 175 -2.29 32.00 50.93
C SER K 175 -2.03 30.85 49.96
N ILE K 176 -2.69 29.72 50.16
CA ILE K 176 -2.55 28.61 49.21
C ILE K 176 -2.86 29.07 47.77
N THR K 177 -3.83 29.97 47.62
CA THR K 177 -4.25 30.40 46.33
C THR K 177 -3.36 31.46 45.70
N ILE K 178 -2.63 32.24 46.48
CA ILE K 178 -1.54 33.07 45.91
C ILE K 178 -0.15 32.40 46.04
N ASN K 179 -0.11 31.07 45.92
CA ASN K 179 1.09 30.18 45.99
C ASN K 179 0.79 28.80 46.60
N ARG L 9 -11.75 48.05 31.21
CA ARG L 9 -12.22 48.95 30.10
C ARG L 9 -12.46 48.13 28.85
N ASN L 10 -13.56 48.42 28.17
CA ASN L 10 -13.85 47.82 26.91
C ASN L 10 -12.95 48.38 25.84
N PRO L 11 -12.66 47.57 24.82
CA PRO L 11 -11.88 48.05 23.73
C PRO L 11 -12.51 49.20 22.98
N CYS L 12 -11.70 50.14 22.55
CA CYS L 12 -12.19 51.22 21.78
C CYS L 12 -12.56 50.80 20.36
N LYS L 13 -13.81 51.08 20.01
CA LYS L 13 -14.36 50.70 18.74
C LYS L 13 -13.64 51.43 17.61
N PHE L 14 -13.05 52.58 17.87
CA PHE L 14 -12.29 53.21 16.80
C PHE L 14 -10.97 52.50 16.54
N GLU L 15 -10.40 51.93 17.58
CA GLU L 15 -9.09 51.31 17.54
C GLU L 15 -9.31 49.94 16.90
N ILE L 16 -10.43 49.29 17.21
CA ILE L 16 -10.83 48.07 16.55
C ILE L 16 -10.87 48.20 15.01
N ARG L 17 -11.23 49.37 14.48
CA ARG L 17 -11.15 49.57 13.01
C ARG L 17 -9.93 50.22 12.51
N GLY L 18 -8.98 50.52 13.36
CA GLY L 18 -7.74 51.11 12.85
C GLY L 18 -7.08 51.76 14.06
N HIS L 19 -7.01 53.08 14.00
CA HIS L 19 -6.38 53.91 15.02
C HIS L 19 -7.37 54.95 15.60
N CYS L 20 -7.61 54.89 16.90
CA CYS L 20 -8.40 55.89 17.61
C CYS L 20 -7.75 57.22 17.44
N LEU L 21 -8.54 58.23 17.05
CA LEU L 21 -8.02 59.57 16.75
C LEU L 21 -8.52 60.59 17.78
N ASN L 22 -9.08 60.10 18.87
CA ASN L 22 -9.65 60.92 19.92
C ASN L 22 -8.66 61.31 21.07
N GLY L 23 -7.35 61.12 20.91
CA GLY L 23 -6.35 61.38 21.97
C GLY L 23 -6.74 60.89 23.34
N LYS L 24 -6.39 61.66 24.37
CA LYS L 24 -6.65 61.27 25.79
C LYS L 24 -8.09 61.42 26.24
N ARG L 25 -8.88 62.16 25.48
CA ARG L 25 -10.30 62.25 25.79
C ARG L 25 -10.99 60.86 25.79
N CYS L 26 -10.49 59.90 24.99
CA CYS L 26 -11.16 58.58 24.83
C CYS L 26 -10.96 57.74 26.08
N HIS L 27 -12.07 57.27 26.64
CA HIS L 27 -12.09 56.48 27.88
CA HIS L 27 -12.00 56.52 27.89
C HIS L 27 -11.97 55.01 27.65
N PHE L 28 -11.97 54.58 26.39
CA PHE L 28 -11.93 53.12 26.14
C PHE L 28 -10.50 52.59 26.06
N SER L 29 -10.33 51.26 26.06
CA SER L 29 -9.00 50.67 26.08
C SER L 29 -8.36 50.71 24.71
N HIS L 30 -7.15 51.22 24.65
CA HIS L 30 -6.31 51.15 23.49
C HIS L 30 -5.13 50.19 23.77
N ASN L 31 -5.28 49.35 24.79
CA ASN L 31 -4.19 48.50 25.19
C ASN L 31 -4.49 47.06 24.80
N TYR L 32 -3.85 46.58 23.74
CA TYR L 32 -4.16 45.24 23.20
C TYR L 32 -4.02 44.10 24.22
N PHE L 33 -3.13 44.25 25.21
CA PHE L 33 -2.98 43.24 26.27
C PHE L 33 -4.20 43.04 27.08
N GLU L 34 -5.11 43.99 27.13
CA GLU L 34 -6.32 43.75 27.91
C GLU L 34 -7.57 43.46 27.04
N TRP L 35 -7.43 43.39 25.72
CA TRP L 35 -8.58 43.13 24.86
C TRP L 35 -8.98 41.68 24.85
N PRO L 36 -10.26 41.41 24.75
CA PRO L 36 -10.63 40.03 24.43
C PRO L 36 -10.14 39.62 23.03
N PRO L 37 -9.93 38.34 22.83
CA PRO L 37 -9.46 37.81 21.59
C PRO L 37 -10.32 38.16 20.36
N HIS L 38 -11.63 38.14 20.51
CA HIS L 38 -12.47 38.50 19.37
C HIS L 38 -12.17 39.90 18.84
N ALA L 39 -11.96 40.86 19.73
CA ALA L 39 -11.68 42.23 19.23
C ALA L 39 -10.34 42.32 18.56
N LEU L 40 -9.35 41.59 19.07
CA LEU L 40 -8.02 41.56 18.41
C LEU L 40 -8.12 40.84 17.03
N LEU L 41 -8.96 39.81 16.93
CA LEU L 41 -9.24 39.19 15.59
C LEU L 41 -9.91 40.15 14.62
N VAL L 42 -10.88 40.94 15.11
CA VAL L 42 -11.60 41.83 14.19
C VAL L 42 -10.66 42.88 13.73
N ARG L 43 -9.84 43.42 14.64
CA ARG L 43 -8.96 44.53 14.24
C ARG L 43 -7.95 44.09 13.23
N GLN L 44 -7.43 42.88 13.37
CA GLN L 44 -6.46 42.40 12.38
C GLN L 44 -7.04 42.38 10.97
N ASN L 45 -8.28 41.96 10.86
CA ASN L 45 -8.96 42.05 9.57
C ASN L 45 -9.09 43.44 9.03
N PHE L 46 -9.54 44.40 9.86
CA PHE L 46 -9.66 45.78 9.31
C PHE L 46 -8.28 46.27 8.95
N MET L 47 -7.27 45.94 9.76
CA MET L 47 -5.91 46.45 9.44
C MET L 47 -5.30 45.78 8.18
N LEU L 48 -5.53 44.49 8.01
CA LEU L 48 -5.06 43.86 6.74
C LEU L 48 -5.74 44.50 5.57
N ASN L 49 -7.06 44.74 5.67
CA ASN L 49 -7.78 45.44 4.54
C ASN L 49 -7.08 46.72 4.23
N ARG L 50 -6.70 47.44 5.27
CA ARG L 50 -6.10 48.74 5.05
CA ARG L 50 -6.10 48.75 5.06
C ARG L 50 -4.70 48.63 4.47
N ILE L 51 -3.94 47.69 4.97
CA ILE L 51 -2.61 47.48 4.38
C ILE L 51 -2.70 47.09 2.89
N LEU L 52 -3.59 46.16 2.57
CA LEU L 52 -3.74 45.76 1.18
C LEU L 52 -4.16 46.93 0.31
N LYS L 53 -5.16 47.68 0.75
CA LYS L 53 -5.62 48.85 -0.01
C LYS L 53 -4.52 49.84 -0.24
N SER L 54 -3.66 50.03 0.75
CA SER L 54 -2.62 51.04 0.65
C SER L 54 -1.47 50.64 -0.27
N MET L 55 -1.50 49.48 -0.89
CA MET L 55 -0.51 49.18 -1.93
C MET L 55 -1.11 48.88 -3.31
N ASP L 56 -2.32 49.37 -3.59
CA ASP L 56 -2.82 49.40 -4.98
C ASP L 56 -1.92 50.35 -5.80
N ILE L 65 -8.54 56.31 -16.31
CA ILE L 65 -8.77 55.39 -17.42
C ILE L 65 -10.28 55.26 -17.67
N ASP L 66 -10.67 55.16 -18.93
CA ASP L 66 -12.08 55.15 -19.33
C ASP L 66 -12.88 53.94 -18.82
N GLY L 67 -13.99 54.24 -18.13
CA GLY L 67 -14.89 53.23 -17.57
C GLY L 67 -14.72 52.99 -16.08
N ALA L 68 -13.63 53.53 -15.52
CA ALA L 68 -13.26 53.30 -14.12
C ALA L 68 -14.17 54.04 -13.15
N ALA L 69 -14.36 55.35 -13.37
CA ALA L 69 -15.13 56.21 -12.46
C ALA L 69 -16.58 55.73 -12.32
N GLU L 70 -17.11 55.21 -13.43
CA GLU L 70 -18.46 54.64 -13.47
C GLU L 70 -18.65 53.55 -12.41
N LEU L 71 -17.61 52.77 -12.12
CA LEU L 71 -17.72 51.68 -11.13
C LEU L 71 -17.92 52.17 -9.68
N ASP L 72 -17.67 53.47 -9.44
CA ASP L 72 -17.83 54.10 -8.11
C ASP L 72 -19.24 54.67 -7.86
N ARG L 73 -20.05 54.74 -8.93
CA ARG L 73 -21.42 55.27 -8.87
C ARG L 73 -22.33 54.34 -8.13
N THR L 74 -23.49 54.87 -7.75
CA THR L 74 -24.34 54.19 -6.75
C THR L 74 -24.76 52.77 -7.19
N GLU L 75 -25.09 52.59 -8.46
CA GLU L 75 -25.69 51.33 -8.86
C GLU L 75 -24.64 50.26 -9.21
N GLU L 76 -23.46 50.70 -9.58
CA GLU L 76 -22.35 49.80 -9.90
C GLU L 76 -21.73 49.32 -8.60
N TYR L 77 -21.78 50.17 -7.58
CA TYR L 77 -21.44 49.78 -6.25
C TYR L 77 -22.37 48.73 -5.69
N ALA L 78 -23.65 48.86 -5.97
CA ALA L 78 -24.63 47.85 -5.48
C ALA L 78 -24.52 46.53 -6.23
N LEU L 79 -24.14 46.62 -7.50
CA LEU L 79 -23.96 45.43 -8.36
C LEU L 79 -22.73 44.65 -7.93
N GLY L 80 -21.69 45.41 -7.55
CA GLY L 80 -20.39 44.83 -7.32
C GLY L 80 -19.76 44.51 -8.61
N VAL L 81 -18.49 44.18 -8.56
CA VAL L 81 -17.74 43.84 -9.75
C VAL L 81 -18.35 42.66 -10.48
N VAL L 82 -18.82 41.65 -9.75
CA VAL L 82 -19.42 40.52 -10.36
C VAL L 82 -20.76 40.92 -11.03
N GLY L 83 -21.59 41.70 -10.34
CA GLY L 83 -22.85 42.23 -10.93
C GLY L 83 -22.60 43.04 -12.19
N VAL L 84 -21.57 43.86 -12.16
CA VAL L 84 -21.21 44.62 -13.30
C VAL L 84 -20.86 43.70 -14.46
N LEU L 85 -20.11 42.64 -14.20
CA LEU L 85 -19.65 41.80 -15.28
C LEU L 85 -20.79 40.93 -15.83
N GLU L 86 -21.61 40.38 -14.94
CA GLU L 86 -22.73 39.59 -15.33
C GLU L 86 -23.74 40.48 -16.14
N SER L 87 -23.88 41.75 -15.73
CA SER L 87 -24.75 42.69 -16.40
C SER L 87 -24.24 42.96 -17.80
N TYR L 88 -22.95 43.14 -17.95
CA TYR L 88 -22.41 43.36 -19.27
C TYR L 88 -22.71 42.15 -20.15
N ILE L 89 -22.56 40.95 -19.61
CA ILE L 89 -22.77 39.75 -20.39
C ILE L 89 -24.23 39.70 -20.89
N GLY L 90 -25.18 40.02 -20.04
CA GLY L 90 -26.61 40.05 -20.45
C GLY L 90 -27.09 41.38 -21.00
N SER L 91 -26.16 42.27 -21.34
CA SER L 91 -26.50 43.61 -21.85
C SER L 91 -27.58 44.37 -21.08
N ILE L 92 -27.56 44.29 -19.76
CA ILE L 92 -28.45 45.10 -18.93
C ILE L 92 -27.67 46.08 -18.02
N ASN L 93 -28.42 46.90 -17.27
CA ASN L 93 -27.91 47.91 -16.33
C ASN L 93 -26.86 48.88 -16.90
N ASN L 94 -26.83 49.06 -18.22
CA ASN L 94 -26.04 50.14 -18.85
C ASN L 94 -24.58 50.03 -18.62
N ILE L 95 -24.07 48.82 -18.66
CA ILE L 95 -22.64 48.63 -18.44
C ILE L 95 -21.98 48.71 -19.78
N THR L 96 -21.07 49.66 -19.93
CA THR L 96 -20.29 49.79 -21.15
C THR L 96 -19.18 48.76 -21.16
N LYS L 97 -18.59 48.58 -22.32
CA LYS L 97 -17.49 47.66 -22.50
C LYS L 97 -16.25 48.10 -21.70
N GLN L 98 -15.99 49.39 -21.71
CA GLN L 98 -14.90 50.03 -20.96
C GLN L 98 -15.03 49.67 -19.47
N SER L 99 -16.21 49.91 -18.90
CA SER L 99 -16.43 49.56 -17.51
C SER L 99 -16.26 48.07 -17.21
N ALA L 100 -16.66 47.22 -18.14
CA ALA L 100 -16.60 45.82 -17.88
C ALA L 100 -15.16 45.39 -17.84
N CYS L 101 -14.33 46.01 -18.68
CA CYS L 101 -12.92 45.67 -18.75
C CYS L 101 -12.19 46.08 -17.47
N VAL L 102 -12.53 47.26 -16.95
CA VAL L 102 -12.00 47.68 -15.68
C VAL L 102 -12.44 46.69 -14.60
N ALA L 103 -13.72 46.33 -14.62
CA ALA L 103 -14.24 45.43 -13.61
C ALA L 103 -13.58 44.07 -13.71
N MET L 104 -13.23 43.69 -14.92
CA MET L 104 -12.54 42.42 -15.17
C MET L 104 -11.13 42.47 -14.57
N SER L 105 -10.43 43.60 -14.76
CA SER L 105 -9.15 43.80 -14.04
C SER L 105 -9.27 43.67 -12.54
N LYS L 106 -10.31 44.25 -11.95
CA LYS L 106 -10.53 44.07 -10.52
C LYS L 106 -10.82 42.66 -10.12
N LEU L 107 -11.55 41.91 -10.95
CA LEU L 107 -11.79 40.50 -10.64
C LEU L 107 -10.48 39.70 -10.67
N LEU L 108 -9.66 39.97 -11.66
CA LEU L 108 -8.40 39.26 -11.85
C LEU L 108 -7.49 39.49 -10.63
N THR L 109 -7.39 40.75 -10.21
CA THR L 109 -6.70 41.13 -8.97
C THR L 109 -7.16 40.35 -7.78
N GLU L 110 -8.44 40.02 -7.71
CA GLU L 110 -8.94 39.27 -6.57
C GLU L 110 -8.62 37.77 -6.65
N LEU L 111 -8.27 37.29 -7.83
CA LEU L 111 -8.01 35.85 -7.96
C LEU L 111 -6.55 35.60 -7.70
N ASN L 112 -6.19 34.40 -7.29
CA ASN L 112 -4.81 34.06 -7.45
C ASN L 112 -4.46 32.77 -8.23
N SER L 113 -3.40 32.90 -9.02
CA SER L 113 -2.92 31.85 -9.88
C SER L 113 -2.85 30.51 -9.20
N ASP L 114 -2.31 30.47 -7.99
CA ASP L 114 -2.05 29.20 -7.36
C ASP L 114 -3.30 28.41 -7.20
N ASP L 115 -4.42 29.06 -6.95
CA ASP L 115 -5.69 28.36 -6.85
C ASP L 115 -6.13 27.79 -8.20
N ILE L 116 -5.80 28.47 -9.28
CA ILE L 116 -6.15 27.99 -10.59
C ILE L 116 -5.24 26.80 -10.90
N LYS L 117 -3.94 26.93 -10.64
CA LYS L 117 -3.00 25.80 -10.87
C LYS L 117 -3.48 24.58 -10.14
N LYS L 118 -4.00 24.76 -8.94
CA LYS L 118 -4.50 23.62 -8.22
C LYS L 118 -5.67 22.99 -8.96
N LEU L 119 -6.55 23.80 -9.56
CA LEU L 119 -7.66 23.25 -10.34
C LEU L 119 -7.18 22.54 -11.61
N ARG L 120 -6.24 23.18 -12.29
CA ARG L 120 -5.61 22.63 -13.47
C ARG L 120 -5.01 21.25 -13.22
N ASP L 121 -4.47 21.05 -12.04
CA ASP L 121 -3.83 19.81 -11.69
C ASP L 121 -4.83 18.67 -11.47
N ASN L 122 -6.07 19.00 -11.11
CA ASN L 122 -7.13 17.98 -10.99
C ASN L 122 -7.69 17.53 -12.34
N GLU L 123 -7.32 18.19 -13.43
CA GLU L 123 -7.83 17.83 -14.72
C GLU L 123 -7.03 16.66 -15.30
N GLU L 124 -7.74 15.75 -15.94
CA GLU L 124 -7.15 14.75 -16.82
C GLU L 124 -6.46 15.47 -17.96
N LEU L 125 -5.40 14.89 -18.52
CA LEU L 125 -4.73 15.55 -19.61
C LEU L 125 -5.63 15.70 -20.86
N ASN L 126 -5.31 16.69 -21.70
CA ASN L 126 -6.12 16.99 -22.87
C ASN L 126 -7.56 17.39 -22.58
N SER L 127 -7.93 17.54 -21.31
CA SER L 127 -9.14 18.27 -20.95
C SER L 127 -9.13 19.66 -21.53
N PRO L 128 -10.25 20.09 -22.14
CA PRO L 128 -10.25 21.45 -22.74
C PRO L 128 -10.28 22.58 -21.68
N LYS L 129 -10.68 22.24 -20.44
CA LYS L 129 -10.59 23.20 -19.29
C LYS L 129 -9.17 23.73 -19.08
N ILE L 130 -8.18 22.87 -19.31
CA ILE L 130 -6.78 23.22 -19.13
C ILE L 130 -6.42 24.46 -19.95
N ARG L 131 -6.91 24.57 -21.16
CA ARG L 131 -6.64 25.72 -21.98
C ARG L 131 -7.24 26.97 -21.35
N VAL L 132 -8.43 26.86 -20.74
CA VAL L 132 -9.06 28.09 -20.21
C VAL L 132 -8.31 28.49 -18.94
N TYR L 133 -8.08 27.52 -18.04
CA TYR L 133 -7.25 27.77 -16.87
C TYR L 133 -5.95 28.48 -17.20
N ASN L 134 -5.24 28.06 -18.23
CA ASN L 134 -3.99 28.72 -18.59
C ASN L 134 -4.22 30.11 -19.15
N THR L 135 -5.33 30.31 -19.82
CA THR L 135 -5.63 31.65 -20.33
C THR L 135 -5.91 32.62 -19.17
N VAL L 136 -6.71 32.16 -18.23
CA VAL L 136 -7.04 32.97 -17.09
C VAL L 136 -5.77 33.24 -16.26
N ILE L 137 -4.94 32.22 -16.05
CA ILE L 137 -3.67 32.40 -15.38
C ILE L 137 -2.83 33.46 -16.06
N SER L 138 -2.76 33.44 -17.38
CA SER L 138 -1.94 34.50 -18.02
C SER L 138 -2.57 35.88 -17.86
N TYR L 139 -3.90 35.95 -17.83
CA TYR L 139 -4.55 37.25 -17.61
C TYR L 139 -4.26 37.78 -16.20
N ILE L 140 -4.34 36.90 -15.22
CA ILE L 140 -3.98 37.26 -13.86
C ILE L 140 -2.57 37.81 -13.79
N GLU L 141 -1.63 37.17 -14.46
CA GLU L 141 -0.22 37.59 -14.40
C GLU L 141 0.01 38.89 -15.17
N SER L 142 -0.59 39.03 -16.34
CA SER L 142 -0.53 40.32 -17.03
C SER L 142 -1.09 41.43 -16.19
N ASN L 143 -2.23 41.17 -15.56
CA ASN L 143 -2.96 42.18 -14.81
C ASN L 143 -2.14 42.64 -13.62
N ARG L 144 -1.49 41.69 -12.96
CA ARG L 144 -0.57 41.97 -11.88
C ARG L 144 0.61 42.84 -12.34
N LYS L 145 1.22 42.53 -13.48
CA LYS L 145 2.33 43.36 -13.99
C LYS L 145 1.89 44.76 -14.39
N ASN L 146 0.82 44.83 -15.16
CA ASN L 146 0.36 46.10 -15.67
C ASN L 146 -1.15 46.05 -15.96
N ASN L 147 -1.93 46.47 -14.98
CA ASN L 147 -3.34 46.38 -15.17
C ASN L 147 -3.86 47.35 -16.25
N LYS L 148 -3.24 48.51 -16.41
CA LYS L 148 -3.69 49.45 -17.46
C LYS L 148 -3.52 48.82 -18.84
N GLN L 149 -2.41 48.12 -19.03
CA GLN L 149 -2.16 47.42 -20.28
C GLN L 149 -3.18 46.29 -20.46
N THR L 150 -3.40 45.51 -19.40
CA THR L 150 -4.30 44.37 -19.48
C THR L 150 -5.72 44.84 -19.83
N ILE L 151 -6.13 45.94 -19.23
CA ILE L 151 -7.41 46.54 -19.54
C ILE L 151 -7.50 46.94 -21.01
N HIS L 152 -6.42 47.52 -21.53
CA HIS L 152 -6.43 47.99 -22.91
CA HIS L 152 -6.40 47.94 -22.93
C HIS L 152 -6.60 46.78 -23.87
N LEU L 153 -5.90 45.68 -23.59
CA LEU L 153 -6.05 44.45 -24.35
C LEU L 153 -7.49 43.97 -24.32
N LEU L 154 -8.05 43.92 -23.13
CA LEU L 154 -9.41 43.44 -22.97
C LEU L 154 -10.40 44.28 -23.80
N LYS L 155 -10.19 45.59 -23.88
CA LYS L 155 -11.05 46.45 -24.69
C LYS L 155 -10.99 46.14 -26.18
N ARG L 156 -9.86 45.61 -26.62
CA ARG L 156 -9.66 45.27 -28.03
C ARG L 156 -10.32 43.97 -28.46
N LEU L 157 -10.64 43.09 -27.51
CA LEU L 157 -11.26 41.83 -27.86
C LEU L 157 -12.65 42.06 -28.47
N PRO L 158 -13.02 41.23 -29.45
CA PRO L 158 -14.40 41.25 -29.93
C PRO L 158 -15.36 40.96 -28.79
N ALA L 159 -16.44 41.74 -28.69
CA ALA L 159 -17.41 41.57 -27.63
C ALA L 159 -17.67 40.10 -27.26
N ASP L 160 -17.87 39.25 -28.25
CA ASP L 160 -18.30 37.87 -27.96
C ASP L 160 -17.18 37.06 -27.27
N VAL L 161 -15.93 37.37 -27.60
CA VAL L 161 -14.82 36.64 -26.95
C VAL L 161 -14.55 37.24 -25.55
N LEU L 162 -14.66 38.56 -25.42
CA LEU L 162 -14.60 39.18 -24.11
C LEU L 162 -15.61 38.54 -23.15
N LYS L 163 -16.84 38.37 -23.61
CA LYS L 163 -17.89 37.83 -22.76
C LYS L 163 -17.62 36.42 -22.39
N LYS L 164 -16.97 35.68 -23.28
CA LYS L 164 -16.59 34.30 -23.01
C LYS L 164 -15.54 34.28 -21.94
N THR L 165 -14.54 35.12 -22.11
CA THR L 165 -13.43 35.19 -21.17
C THR L 165 -13.91 35.60 -19.76
N ILE L 166 -14.75 36.64 -19.72
CA ILE L 166 -15.36 37.08 -18.46
C ILE L 166 -16.09 35.93 -17.81
N LYS L 167 -16.90 35.27 -18.60
CA LYS L 167 -17.75 34.20 -18.07
C LYS L 167 -16.88 33.07 -17.49
N ASN L 168 -15.81 32.72 -18.20
CA ASN L 168 -14.90 31.68 -17.73
C ASN L 168 -14.20 32.06 -16.40
N THR L 169 -13.74 33.30 -16.34
CA THR L 169 -13.18 33.84 -15.15
C THR L 169 -14.17 33.85 -14.03
N LEU L 170 -15.41 34.25 -14.30
CA LEU L 170 -16.42 34.23 -13.25
C LEU L 170 -16.65 32.86 -12.76
N ASP L 171 -16.63 31.89 -13.64
CA ASP L 171 -16.97 30.51 -13.23
C ASP L 171 -15.85 29.96 -12.37
N ILE L 172 -14.64 30.30 -12.72
CA ILE L 172 -13.51 29.87 -11.93
C ILE L 172 -13.51 30.50 -10.53
N HIS L 173 -13.81 31.79 -10.49
CA HIS L 173 -14.02 32.51 -9.24
C HIS L 173 -15.03 31.82 -8.38
N LYS L 174 -16.17 31.41 -8.93
CA LYS L 174 -17.17 30.78 -8.08
C LYS L 174 -16.70 29.42 -7.63
N SER L 175 -16.03 28.67 -8.48
CA SER L 175 -15.76 27.27 -8.10
C SER L 175 -14.59 27.18 -7.10
N ILE L 176 -13.57 28.02 -7.26
CA ILE L 176 -12.56 28.15 -6.19
C ILE L 176 -13.19 28.37 -4.82
N THR L 177 -14.24 29.17 -4.76
CA THR L 177 -14.78 29.62 -3.49
C THR L 177 -15.69 28.61 -2.88
N ILE L 178 -16.29 27.75 -3.69
CA ILE L 178 -16.99 26.58 -3.11
C ILE L 178 -16.11 25.30 -3.16
N ASN L 179 -14.80 25.50 -2.92
CA ASN L 179 -13.74 24.47 -2.82
C ASN L 179 -12.39 25.02 -3.27
N ARG M 9 1.95 7.59 14.01
CA ARG M 9 0.65 6.87 13.99
C ARG M 9 -0.47 7.83 14.39
N ASN M 10 -1.56 7.75 13.67
CA ASN M 10 -2.75 8.46 14.03
C ASN M 10 -3.44 7.85 15.24
N PRO M 11 -4.15 8.69 15.98
CA PRO M 11 -4.84 8.19 17.14
C PRO M 11 -5.93 7.21 16.77
N CYS M 12 -6.08 6.19 17.59
CA CYS M 12 -7.11 5.25 17.40
C CYS M 12 -8.49 5.83 17.71
N LYS M 13 -9.35 5.74 16.71
CA LYS M 13 -10.71 6.27 16.79
C LYS M 13 -11.53 5.54 17.81
N PHE M 14 -11.19 4.31 18.11
CA PHE M 14 -11.90 3.67 19.23
C PHE M 14 -11.50 4.25 20.60
N GLU M 15 -10.23 4.63 20.72
CA GLU M 15 -9.66 5.04 21.96
C GLU M 15 -10.16 6.46 22.18
N ILE M 16 -10.27 7.21 21.10
CA ILE M 16 -10.87 8.53 21.17
C ILE M 16 -12.26 8.52 21.79
N ARG M 17 -13.04 7.46 21.62
CA ARG M 17 -14.35 7.39 22.24
C ARG M 17 -14.39 6.65 23.51
N GLY M 18 -13.27 6.11 23.95
CA GLY M 18 -13.28 5.38 25.24
C GLY M 18 -12.00 4.58 25.30
N HIS M 19 -12.17 3.25 25.24
CA HIS M 19 -11.10 2.28 25.29
C HIS M 19 -11.13 1.36 24.05
N CYS M 20 -10.06 1.34 23.27
CA CYS M 20 -9.92 0.40 22.14
C CYS M 20 -10.00 -0.98 22.68
N LEU M 21 -10.82 -1.81 22.06
CA LEU M 21 -11.04 -3.19 22.51
C LEU M 21 -10.48 -4.21 21.48
N ASN M 22 -9.69 -3.74 20.54
CA ASN M 22 -9.10 -4.56 19.46
C ASN M 22 -7.73 -5.17 19.81
N GLY M 23 -7.31 -5.19 21.08
CA GLY M 23 -6.00 -5.73 21.48
C GLY M 23 -4.85 -5.32 20.58
N LYS M 24 -3.89 -6.22 20.38
CA LYS M 24 -2.66 -5.93 19.59
C LYS M 24 -2.87 -5.85 18.09
N ARG M 25 -3.98 -6.36 17.62
CA ARG M 25 -4.29 -6.24 16.21
C ARG M 25 -4.34 -4.76 15.78
N CYS M 26 -4.71 -3.83 16.69
CA CYS M 26 -4.94 -2.44 16.30
C CYS M 26 -3.61 -1.74 16.04
N HIS M 27 -3.48 -1.14 14.88
CA HIS M 27 -2.24 -0.51 14.46
C HIS M 27 -2.24 0.99 14.71
N PHE M 28 -3.31 1.53 15.28
CA PHE M 28 -3.33 2.98 15.56
C PHE M 28 -2.71 3.30 16.92
N SER M 29 -2.49 4.57 17.19
CA SER M 29 -1.86 4.97 18.46
C SER M 29 -2.80 4.97 19.62
N HIS M 30 -2.42 4.29 20.67
CA HIS M 30 -3.12 4.31 21.94
C HIS M 30 -2.27 5.08 22.97
N ASN M 31 -1.32 5.87 22.49
CA ASN M 31 -0.34 6.52 23.38
C ASN M 31 -0.60 8.02 23.44
N TYR M 32 -1.21 8.46 24.53
CA TYR M 32 -1.69 9.87 24.56
C TYR M 32 -0.59 10.89 24.35
N PHE M 33 0.64 10.54 24.71
CA PHE M 33 1.80 11.44 24.51
C PHE M 33 2.02 11.77 23.06
N GLU M 34 1.55 10.95 22.14
CA GLU M 34 1.80 11.30 20.73
C GLU M 34 0.56 11.85 20.02
N TRP M 35 -0.56 11.99 20.74
CA TRP M 35 -1.78 12.49 20.10
C TRP M 35 -1.74 13.99 19.88
N PRO M 36 -2.31 14.44 18.79
CA PRO M 36 -2.58 15.86 18.75
C PRO M 36 -3.61 16.32 19.83
N PRO M 37 -3.55 17.59 20.23
CA PRO M 37 -4.40 18.13 21.27
C PRO M 37 -5.89 17.99 20.97
N HIS M 38 -6.30 18.18 19.72
CA HIS M 38 -7.72 18.03 19.44
C HIS M 38 -8.23 16.66 19.83
N ALA M 39 -7.48 15.61 19.54
CA ALA M 39 -8.00 14.30 19.84
C ALA M 39 -8.09 14.08 21.33
N LEU M 40 -7.12 14.60 22.06
CA LEU M 40 -7.14 14.47 23.54
C LEU M 40 -8.35 15.29 24.13
N LEU M 41 -8.67 16.42 23.54
CA LEU M 41 -9.88 17.15 23.90
C LEU M 41 -11.15 16.38 23.56
N VAL M 42 -11.24 15.74 22.39
CA VAL M 42 -12.47 15.01 22.05
C VAL M 42 -12.64 13.82 22.96
N ARG M 43 -11.56 13.12 23.27
CA ARG M 43 -11.70 11.95 24.15
C ARG M 43 -12.13 12.30 25.51
N GLN M 44 -11.65 13.41 26.03
CA GLN M 44 -12.09 13.82 27.41
C GLN M 44 -13.59 14.02 27.45
N ASN M 45 -14.14 14.65 26.39
CA ASN M 45 -15.58 14.79 26.33
C ASN M 45 -16.33 13.48 26.29
N PHE M 46 -15.91 12.53 25.43
CA PHE M 46 -16.60 11.24 25.44
C PHE M 46 -16.45 10.58 26.80
N MET M 47 -15.28 10.69 27.42
CA MET M 47 -15.09 10.02 28.70
C MET M 47 -15.92 10.69 29.81
N LEU M 48 -15.95 12.01 29.80
CA LEU M 48 -16.81 12.70 30.81
C LEU M 48 -18.24 12.27 30.66
N ASN M 49 -18.70 12.20 29.42
CA ASN M 49 -20.11 11.74 29.17
C ASN M 49 -20.32 10.36 29.77
N ARG M 50 -19.34 9.50 29.62
CA ARG M 50 -19.45 8.16 30.18
CA ARG M 50 -19.45 8.15 30.17
C ARG M 50 -19.41 8.16 31.70
N ILE M 51 -18.51 8.94 32.27
CA ILE M 51 -18.44 8.98 33.74
C ILE M 51 -19.74 9.54 34.32
N LEU M 52 -20.24 10.63 33.76
CA LEU M 52 -21.55 11.16 34.22
C LEU M 52 -22.66 10.15 34.09
N LYS M 53 -22.79 9.49 32.94
CA LYS M 53 -23.83 8.48 32.70
C LYS M 53 -23.74 7.33 33.72
N SER M 54 -22.52 6.93 34.04
CA SER M 54 -22.33 5.83 34.95
C SER M 54 -22.66 6.15 36.42
N MET M 55 -23.06 7.37 36.76
CA MET M 55 -23.54 7.61 38.11
C MET M 55 -25.00 8.07 38.17
N ASP M 56 -25.80 7.63 37.21
CA ASP M 56 -27.27 7.70 37.28
C ASP M 56 -27.81 6.63 38.24
N ARG M 73 -38.45 5.83 22.41
CA ARG M 73 -39.00 5.59 21.07
C ARG M 73 -38.57 6.61 20.03
N THR M 74 -38.78 6.28 18.77
CA THR M 74 -38.21 7.02 17.65
C THR M 74 -38.59 8.51 17.64
N GLU M 75 -39.86 8.82 17.92
CA GLU M 75 -40.31 10.20 17.70
C GLU M 75 -40.05 11.11 18.92
N GLU M 76 -39.95 10.52 20.09
CA GLU M 76 -39.67 11.25 21.32
C GLU M 76 -38.16 11.53 21.36
N TYR M 77 -37.37 10.63 20.78
CA TYR M 77 -35.98 10.86 20.57
C TYR M 77 -35.75 12.03 19.63
N ALA M 78 -36.57 12.15 18.61
CA ALA M 78 -36.38 13.24 17.63
C ALA M 78 -36.84 14.57 18.19
N LEU M 79 -37.79 14.50 19.08
CA LEU M 79 -38.31 15.68 19.74
C LEU M 79 -37.32 16.18 20.75
N GLY M 80 -36.67 15.25 21.43
CA GLY M 80 -35.85 15.56 22.57
C GLY M 80 -36.73 15.82 23.76
N VAL M 81 -36.12 15.94 24.93
CA VAL M 81 -36.82 16.29 26.13
C VAL M 81 -37.57 17.63 26.01
N VAL M 82 -36.99 18.62 25.38
CA VAL M 82 -37.63 19.90 25.23
C VAL M 82 -38.84 19.76 24.28
N GLY M 83 -38.69 19.06 23.16
CA GLY M 83 -39.80 18.83 22.21
C GLY M 83 -40.91 18.09 22.90
N VAL M 84 -40.56 17.13 23.74
CA VAL M 84 -41.56 16.35 24.43
C VAL M 84 -42.33 17.26 25.35
N LEU M 85 -41.64 18.19 26.01
CA LEU M 85 -42.32 19.03 26.97
C LEU M 85 -43.14 20.08 26.26
N GLU M 86 -42.59 20.68 25.22
CA GLU M 86 -43.31 21.68 24.45
C GLU M 86 -44.59 21.05 23.80
N SER M 87 -44.46 19.81 23.37
CA SER M 87 -45.57 19.05 22.78
C SER M 87 -46.64 18.78 23.81
N TYR M 88 -46.26 18.42 25.02
CA TYR M 88 -47.24 18.22 26.09
C TYR M 88 -47.98 19.52 26.39
N ILE M 89 -47.28 20.63 26.40
CA ILE M 89 -47.91 21.91 26.61
C ILE M 89 -48.96 22.21 25.51
N GLY M 90 -48.65 21.99 24.25
CA GLY M 90 -49.59 22.21 23.15
C GLY M 90 -50.51 21.00 22.84
N SER M 91 -50.55 20.02 23.71
CA SER M 91 -51.32 18.79 23.49
C SER M 91 -51.18 18.12 22.10
N ILE M 92 -49.97 18.07 21.57
CA ILE M 92 -49.71 17.38 20.31
C ILE M 92 -48.72 16.25 20.50
N ASN M 93 -48.45 15.53 19.41
CA ASN M 93 -47.52 14.40 19.35
C ASN M 93 -47.70 13.32 20.41
N ASN M 94 -48.89 13.21 20.97
CA ASN M 94 -49.22 12.05 21.81
C ASN M 94 -48.36 11.92 23.03
N ILE M 95 -48.05 13.03 23.66
CA ILE M 95 -47.28 12.99 24.88
C ILE M 95 -48.25 12.91 26.03
N THR M 96 -48.14 11.84 26.80
CA THR M 96 -48.91 11.68 28.02
C THR M 96 -48.32 12.52 29.14
N LYS M 97 -49.11 12.69 30.18
CA LYS M 97 -48.70 13.45 31.33
C LYS M 97 -47.52 12.77 32.01
N GLN M 98 -47.59 11.46 32.14
CA GLN M 98 -46.50 10.72 32.74
C GLN M 98 -45.22 10.92 32.02
N SER M 99 -45.23 10.79 30.70
CA SER M 99 -44.02 11.06 29.94
C SER M 99 -43.48 12.47 30.14
N ALA M 100 -44.36 13.44 30.30
CA ALA M 100 -43.93 14.80 30.38
C ALA M 100 -43.25 14.98 31.71
N CYS M 101 -43.74 14.28 32.74
CA CYS M 101 -43.18 14.41 34.08
C CYS M 101 -41.79 13.79 34.15
N VAL M 102 -41.62 12.64 33.50
CA VAL M 102 -40.30 12.02 33.37
C VAL M 102 -39.36 12.96 32.60
N ALA M 103 -39.86 13.54 31.52
CA ALA M 103 -39.04 14.45 30.74
C ALA M 103 -38.65 15.67 31.57
N MET M 104 -39.54 16.05 32.48
CA MET M 104 -39.34 17.26 33.28
C MET M 104 -38.21 16.96 34.28
N SER M 105 -38.23 15.76 34.82
CA SER M 105 -37.13 15.31 35.67
C SER M 105 -35.81 15.33 34.94
N LYS M 106 -35.79 14.93 33.69
CA LYS M 106 -34.57 15.01 32.91
C LYS M 106 -34.13 16.43 32.68
N LEU M 107 -35.08 17.34 32.48
CA LEU M 107 -34.71 18.75 32.27
C LEU M 107 -34.09 19.35 33.55
N LEU M 108 -34.68 19.00 34.69
CA LEU M 108 -34.24 19.50 35.98
C LEU M 108 -32.81 19.04 36.27
N THR M 109 -32.56 17.74 36.07
CA THR M 109 -31.20 17.16 36.08
C THR M 109 -30.19 17.92 35.24
N GLU M 110 -30.60 18.45 34.11
CA GLU M 110 -29.68 19.18 33.27
C GLU M 110 -29.42 20.60 33.78
N LEU M 111 -30.28 21.12 34.63
CA LEU M 111 -30.12 22.51 35.07
C LEU M 111 -29.29 22.51 36.32
N ASN M 112 -28.60 23.59 36.59
CA ASN M 112 -28.12 23.71 37.97
C ASN M 112 -28.52 24.99 38.73
N SER M 113 -28.85 24.77 39.99
CA SER M 113 -29.27 25.79 40.91
C SER M 113 -28.44 27.04 40.87
N ASP M 114 -27.12 26.90 40.84
CA ASP M 114 -26.27 28.07 40.92
C ASP M 114 -26.49 29.03 39.81
N ASP M 115 -26.79 28.53 38.63
CA ASP M 115 -27.13 29.43 37.52
C ASP M 115 -28.45 30.17 37.77
N ILE M 116 -29.39 29.52 38.43
CA ILE M 116 -30.65 30.17 38.69
C ILE M 116 -30.39 31.22 39.77
N LYS M 117 -29.68 30.86 40.85
CA LYS M 117 -29.35 31.84 41.90
C LYS M 117 -28.71 33.04 41.31
N LYS M 118 -27.84 32.86 40.33
CA LYS M 118 -27.26 34.00 39.67
C LYS M 118 -28.33 34.88 39.00
N LEU M 119 -29.34 34.26 38.37
CA LEU M 119 -30.41 35.05 37.75
C LEU M 119 -31.26 35.77 38.79
N ARG M 120 -31.59 35.05 39.85
CA ARG M 120 -32.34 35.58 40.96
C ARG M 120 -31.69 36.82 41.55
N ASP M 121 -30.37 36.84 41.58
CA ASP M 121 -29.63 37.95 42.14
C ASP M 121 -29.66 39.20 41.26
N ASN M 122 -29.87 39.04 39.96
CA ASN M 122 -30.07 40.19 39.08
C ASN M 122 -31.46 40.83 39.19
N GLU M 123 -32.38 40.19 39.90
CA GLU M 123 -33.72 40.73 40.04
C GLU M 123 -33.76 41.80 41.12
N GLU M 124 -34.53 42.86 40.84
CA GLU M 124 -34.96 43.83 41.84
C GLU M 124 -35.81 43.09 42.88
N LEU M 125 -35.80 43.55 44.12
CA LEU M 125 -36.60 42.88 45.12
C LEU M 125 -38.11 42.96 44.83
N ASN M 126 -38.86 42.01 45.36
CA ASN M 126 -40.30 41.90 45.09
C ASN M 126 -40.69 41.72 43.60
N SER M 127 -39.70 41.55 42.71
CA SER M 127 -39.95 40.99 41.39
C SER M 127 -40.67 39.65 41.50
N PRO M 128 -41.75 39.46 40.73
CA PRO M 128 -42.43 38.16 40.80
C PRO M 128 -41.60 36.95 40.23
N LYS M 129 -40.60 37.25 39.40
CA LYS M 129 -39.69 36.21 38.87
C LYS M 129 -39.01 35.46 40.01
N ILE M 130 -38.68 36.18 41.07
CA ILE M 130 -38.02 35.60 42.22
C ILE M 130 -38.78 34.38 42.75
N ARG M 131 -40.09 34.44 42.78
CA ARG M 131 -40.87 33.32 43.27
C ARG M 131 -40.71 32.14 42.32
N VAL M 132 -40.63 32.38 41.00
CA VAL M 132 -40.57 31.24 40.08
C VAL M 132 -39.16 30.62 40.17
N TYR M 133 -38.13 31.46 40.09
CA TYR M 133 -36.78 31.00 40.33
C TYR M 133 -36.68 30.12 41.57
N ASN M 134 -37.25 30.52 42.69
CA ASN M 134 -37.14 29.69 43.91
C ASN M 134 -37.92 28.42 43.80
N THR M 135 -38.99 28.44 43.05
CA THR M 135 -39.77 27.21 42.83
C THR M 135 -38.95 26.20 41.99
N VAL M 136 -38.37 26.70 40.92
CA VAL M 136 -37.58 25.88 40.04
C VAL M 136 -36.37 25.35 40.83
N ILE M 137 -35.68 26.22 41.60
CA ILE M 137 -34.59 25.79 42.45
C ILE M 137 -35.02 24.67 43.37
N SER M 138 -36.19 24.78 44.01
CA SER M 138 -36.59 23.63 44.89
C SER M 138 -36.90 22.38 44.11
N TYR M 139 -37.39 22.51 42.89
CA TYR M 139 -37.61 21.31 42.06
C TYR M 139 -36.29 20.63 41.69
N ILE M 140 -35.31 21.43 41.27
CA ILE M 140 -34.01 20.92 40.98
C ILE M 140 -33.46 20.16 42.16
N GLU M 141 -33.59 20.72 43.38
CA GLU M 141 -33.01 20.07 44.56
C GLU M 141 -33.78 18.81 44.94
N SER M 142 -35.11 18.84 44.88
CA SER M 142 -35.88 17.60 45.09
C SER M 142 -35.47 16.54 44.10
N ASN M 143 -35.31 16.95 42.84
CA ASN M 143 -35.07 16.01 41.76
C ASN M 143 -33.74 15.32 41.94
N ARG M 144 -32.76 16.09 42.36
CA ARG M 144 -31.45 15.59 42.69
C ARG M 144 -31.50 14.59 43.84
N LYS M 145 -32.26 14.87 44.89
CA LYS M 145 -32.36 13.93 46.02
C LYS M 145 -33.08 12.65 45.65
N ASN M 146 -34.22 12.80 44.98
CA ASN M 146 -35.02 11.66 44.65
C ASN M 146 -35.90 11.96 43.44
N ASN M 147 -35.41 11.60 42.26
CA ASN M 147 -36.15 11.93 41.06
C ASN M 147 -37.45 11.14 40.93
N LYS M 148 -37.50 9.91 41.41
CA LYS M 148 -38.74 9.15 41.38
C LYS M 148 -39.83 9.85 42.19
N GLN M 149 -39.46 10.37 43.34
CA GLN M 149 -40.40 11.10 44.17
C GLN M 149 -40.82 12.38 43.46
N THR M 150 -39.87 13.11 42.93
CA THR M 150 -40.15 14.37 42.28
C THR M 150 -41.12 14.16 41.09
N ILE M 151 -40.89 13.08 40.34
CA ILE M 151 -41.76 12.72 39.24
C ILE M 151 -43.17 12.43 39.74
N HIS M 152 -43.29 11.75 40.87
CA HIS M 152 -44.60 11.42 41.42
CA HIS M 152 -44.60 11.44 41.46
C HIS M 152 -45.37 12.69 41.82
N LEU M 153 -44.68 13.64 42.44
CA LEU M 153 -45.25 14.95 42.77
C LEU M 153 -45.75 15.65 41.53
N LEU M 154 -44.90 15.71 40.51
CA LEU M 154 -45.26 16.36 39.27
C LEU M 154 -46.53 15.77 38.65
N LYS M 155 -46.68 14.45 38.72
CA LYS M 155 -47.89 13.78 38.19
C LYS M 155 -49.15 14.22 38.91
N ARG M 156 -49.02 14.61 40.17
CA ARG M 156 -50.16 15.00 40.98
C ARG M 156 -50.64 16.40 40.71
N LEU M 157 -49.80 17.23 40.11
CA LEU M 157 -50.19 18.61 39.86
C LEU M 157 -51.33 18.66 38.85
N PRO M 158 -52.24 19.64 39.02
CA PRO M 158 -53.26 19.84 38.00
C PRO M 158 -52.59 20.19 36.67
N ALA M 159 -53.06 19.58 35.59
CA ALA M 159 -52.48 19.82 34.28
C ALA M 159 -52.06 21.29 34.04
N ASP M 160 -52.92 22.24 34.38
CA ASP M 160 -52.65 23.64 34.04
C ASP M 160 -51.46 24.20 34.83
N VAL M 161 -51.27 23.72 36.04
CA VAL M 161 -50.14 24.21 36.84
C VAL M 161 -48.83 23.48 36.44
N LEU M 162 -48.93 22.19 36.14
CA LEU M 162 -47.82 21.46 35.56
C LEU M 162 -47.29 22.16 34.31
N LYS M 163 -48.19 22.58 33.45
CA LYS M 163 -47.77 23.21 32.21
C LYS M 163 -47.14 24.52 32.45
N LYS M 164 -47.62 25.24 33.46
CA LYS M 164 -47.04 26.51 33.83
C LYS M 164 -45.61 26.27 34.30
N THR M 165 -45.46 25.29 35.19
CA THR M 165 -44.18 25.00 35.78
C THR M 165 -43.16 24.58 34.71
N ILE M 166 -43.58 23.67 33.83
CA ILE M 166 -42.76 23.26 32.71
C ILE M 166 -42.31 24.44 31.91
N LYS M 167 -43.26 25.29 31.59
CA LYS M 167 -42.97 26.42 30.72
C LYS M 167 -41.96 27.34 31.36
N ASN M 168 -42.09 27.54 32.66
CA ASN M 168 -41.15 28.43 33.38
C ASN M 168 -39.75 27.83 33.38
N THR M 169 -39.69 26.53 33.66
CA THR M 169 -38.46 25.81 33.62
C THR M 169 -37.83 25.88 32.22
N LEU M 170 -38.62 25.71 31.17
CA LEU M 170 -38.10 25.80 29.83
C LEU M 170 -37.58 27.17 29.51
N ASP M 171 -38.24 28.21 30.02
CA ASP M 171 -37.79 29.57 29.73
C ASP M 171 -36.48 29.84 30.44
N ILE M 172 -36.37 29.34 31.66
CA ILE M 172 -35.13 29.53 32.40
C ILE M 172 -33.94 28.80 31.72
N HIS M 173 -34.19 27.56 31.31
CA HIS M 173 -33.25 26.77 30.53
C HIS M 173 -32.78 27.50 29.30
N LYS M 174 -33.68 28.14 28.55
CA LYS M 174 -33.21 28.89 27.37
C LYS M 174 -32.41 30.11 27.74
N SER M 175 -32.78 30.80 28.80
CA SER M 175 -32.14 32.10 29.05
C SER M 175 -30.76 31.91 29.68
N ILE M 176 -30.61 30.95 30.57
CA ILE M 176 -29.27 30.58 31.06
C ILE M 176 -28.30 30.29 29.93
N THR M 177 -28.78 29.67 28.87
CA THR M 177 -27.91 29.23 27.80
C THR M 177 -27.57 30.34 26.82
N ILE M 178 -28.42 31.35 26.69
CA ILE M 178 -28.01 32.56 25.92
C ILE M 178 -27.52 33.69 26.87
N ASN M 179 -26.81 33.29 27.95
CA ASN M 179 -26.20 34.16 28.99
C ASN M 179 -26.21 33.50 30.38
N LEU N 3 -11.09 -47.36 32.42
CA LEU N 3 -11.95 -48.12 31.45
C LEU N 3 -11.74 -47.71 29.96
N GLY N 4 -11.25 -46.49 29.77
CA GLY N 4 -11.10 -45.82 28.46
C GLY N 4 -12.13 -44.69 28.31
N SER N 5 -12.03 -43.92 27.23
CA SER N 5 -13.11 -43.00 26.90
C SER N 5 -14.33 -43.80 26.40
N MET N 6 -15.51 -43.28 26.67
CA MET N 6 -16.72 -43.98 26.27
C MET N 6 -16.92 -43.91 24.74
N SER N 7 -16.10 -43.11 24.04
CA SER N 7 -16.35 -42.68 22.70
C SER N 7 -15.09 -42.47 21.90
N ARG N 8 -15.21 -42.57 20.59
CA ARG N 8 -14.07 -42.37 19.70
C ARG N 8 -14.58 -41.49 18.58
N ARG N 9 -13.75 -40.62 18.04
CA ARG N 9 -14.17 -39.75 16.96
C ARG N 9 -14.29 -40.50 15.61
N ASN N 10 -15.38 -40.24 14.90
CA ASN N 10 -15.57 -40.69 13.59
C ASN N 10 -14.72 -39.93 12.62
N PRO N 11 -14.45 -40.53 11.47
CA PRO N 11 -13.61 -39.89 10.50
C PRO N 11 -14.32 -38.76 9.81
N CYS N 12 -13.57 -37.74 9.48
CA CYS N 12 -14.15 -36.61 8.86
C CYS N 12 -14.46 -36.89 7.40
N LYS N 13 -15.72 -36.68 7.08
CA LYS N 13 -16.20 -36.92 5.75
C LYS N 13 -15.53 -36.03 4.73
N PHE N 14 -15.09 -34.85 5.13
CA PHE N 14 -14.38 -34.03 4.19
C PHE N 14 -13.00 -34.58 3.87
N GLU N 15 -12.37 -35.18 4.88
CA GLU N 15 -11.04 -35.66 4.78
C GLU N 15 -11.13 -36.96 3.96
N ILE N 16 -12.17 -37.73 4.16
CA ILE N 16 -12.40 -38.89 3.36
C ILE N 16 -12.42 -38.59 1.87
N ARG N 17 -12.90 -37.44 1.46
CA ARG N 17 -12.87 -37.06 0.04
C ARG N 17 -11.70 -36.28 -0.37
N GLY N 18 -10.78 -36.05 0.54
CA GLY N 18 -9.55 -35.25 0.12
C GLY N 18 -8.96 -34.69 1.40
N HIS N 19 -9.08 -33.36 1.54
CA HIS N 19 -8.54 -32.60 2.67
C HIS N 19 -9.64 -31.75 3.34
N CYS N 20 -9.93 -32.00 4.58
CA CYS N 20 -10.78 -31.12 5.40
C CYS N 20 -10.23 -29.72 5.42
N LEU N 21 -11.08 -28.76 5.11
CA LEU N 21 -10.68 -27.37 4.98
C LEU N 21 -11.27 -26.52 6.13
N ASN N 22 -11.82 -27.18 7.13
CA ASN N 22 -12.51 -26.56 8.22
CA ASN N 22 -12.47 -26.48 8.22
C ASN N 22 -11.59 -26.24 9.43
N GLY N 23 -10.27 -26.32 9.28
CA GLY N 23 -9.31 -26.09 10.41
C GLY N 23 -9.69 -26.75 11.73
N LYS N 24 -9.46 -26.05 12.85
CA LYS N 24 -9.74 -26.59 14.18
C LYS N 24 -11.21 -26.62 14.59
N ARG N 25 -12.03 -25.91 13.88
CA ARG N 25 -13.47 -25.96 14.12
CA ARG N 25 -13.47 -25.96 14.11
C ARG N 25 -14.04 -27.38 13.93
N CYS N 26 -13.41 -28.22 13.08
CA CYS N 26 -13.95 -29.54 12.78
C CYS N 26 -13.69 -30.47 13.93
N HIS N 27 -14.72 -31.10 14.41
CA HIS N 27 -14.64 -31.99 15.55
C HIS N 27 -14.46 -33.46 15.16
N PHE N 28 -14.40 -33.77 13.87
CA PHE N 28 -14.21 -35.18 13.48
C PHE N 28 -12.72 -35.54 13.43
N SER N 29 -12.42 -36.82 13.28
CA SER N 29 -11.00 -37.29 13.24
C SER N 29 -10.36 -37.06 11.91
N HIS N 30 -9.20 -36.43 11.96
CA HIS N 30 -8.35 -36.27 10.81
C HIS N 30 -7.11 -37.11 10.99
N ASN N 31 -7.17 -38.02 11.95
CA ASN N 31 -6.01 -38.85 12.27
C ASN N 31 -6.17 -40.30 11.68
N TYR N 32 -5.48 -40.57 10.57
CA TYR N 32 -5.66 -41.86 9.86
C TYR N 32 -5.43 -43.08 10.77
N PHE N 33 -4.57 -42.97 11.79
CA PHE N 33 -4.30 -44.10 12.74
C PHE N 33 -5.52 -44.52 13.47
N GLU N 34 -6.53 -43.67 13.55
CA GLU N 34 -7.73 -44.10 14.30
C GLU N 34 -8.93 -44.35 13.41
N TRP N 35 -8.75 -44.26 12.11
CA TRP N 35 -9.85 -44.54 11.18
C TRP N 35 -10.11 -46.02 11.00
N PRO N 36 -11.37 -46.38 10.81
CA PRO N 36 -11.61 -47.75 10.36
C PRO N 36 -11.09 -47.96 8.94
N PRO N 37 -10.78 -49.21 8.61
CA PRO N 37 -10.20 -49.53 7.30
C PRO N 37 -11.07 -49.08 6.15
N HIS N 38 -12.38 -49.25 6.27
CA HIS N 38 -13.23 -48.84 5.13
C HIS N 38 -13.06 -47.37 4.74
N ALA N 39 -12.92 -46.49 5.73
CA ALA N 39 -12.76 -45.09 5.41
C ALA N 39 -11.44 -44.79 4.79
N LEU N 40 -10.41 -45.49 5.24
CA LEU N 40 -9.10 -45.34 4.57
C LEU N 40 -9.15 -45.84 3.14
N LEU N 41 -9.86 -46.93 2.90
CA LEU N 41 -10.04 -47.43 1.50
C LEU N 41 -10.79 -46.47 0.63
N VAL N 42 -11.86 -45.86 1.18
CA VAL N 42 -12.65 -44.89 0.37
C VAL N 42 -11.82 -43.67 0.04
N ARG N 43 -11.04 -43.19 0.99
CA ARG N 43 -10.24 -41.98 0.74
C ARG N 43 -9.19 -42.21 -0.29
N GLN N 44 -8.56 -43.37 -0.26
CA GLN N 44 -7.54 -43.67 -1.28
C GLN N 44 -8.11 -43.56 -2.67
N ASN N 45 -9.31 -44.06 -2.84
CA ASN N 45 -9.95 -43.91 -4.15
C ASN N 45 -10.23 -42.51 -4.54
N PHE N 46 -10.81 -41.69 -3.62
CA PHE N 46 -11.00 -40.28 -4.01
C PHE N 46 -9.68 -39.63 -4.31
N MET N 47 -8.64 -39.96 -3.54
CA MET N 47 -7.34 -39.29 -3.76
C MET N 47 -6.70 -39.76 -5.07
N LEU N 48 -6.78 -41.06 -5.38
CA LEU N 48 -6.24 -41.52 -6.67
C LEU N 48 -6.93 -40.83 -7.81
N ASN N 49 -8.26 -40.72 -7.72
CA ASN N 49 -9.00 -39.94 -8.77
C ASN N 49 -8.45 -38.55 -8.93
N ARG N 50 -8.18 -37.92 -7.83
CA ARG N 50 -7.66 -36.55 -7.88
CA ARG N 50 -7.66 -36.54 -7.88
C ARG N 50 -6.24 -36.51 -8.43
N ILE N 51 -5.40 -37.44 -8.02
CA ILE N 51 -4.03 -37.47 -8.58
C ILE N 51 -4.05 -37.71 -10.07
N LEU N 52 -4.85 -38.67 -10.51
CA LEU N 52 -4.97 -38.92 -11.96
C LEU N 52 -5.46 -37.70 -12.70
N LYS N 53 -6.54 -37.09 -12.21
CA LYS N 53 -7.09 -35.89 -12.87
C LYS N 53 -6.05 -34.77 -12.98
N SER N 54 -5.24 -34.63 -11.95
CA SER N 54 -4.28 -33.54 -11.92
C SER N 54 -3.08 -33.73 -12.84
N MET N 55 -2.99 -34.83 -13.58
CA MET N 55 -1.98 -34.93 -14.61
C MET N 55 -2.54 -35.15 -16.03
N ASP N 56 -3.79 -34.73 -16.29
CA ASP N 56 -4.28 -34.60 -17.68
C ASP N 56 -3.47 -33.51 -18.41
N GLU N 64 -11.81 -26.02 -25.88
CA GLU N 64 -11.07 -25.23 -26.87
C GLU N 64 -10.76 -26.01 -28.17
N ILE N 65 -10.88 -27.33 -28.14
CA ILE N 65 -10.98 -28.13 -29.37
C ILE N 65 -12.45 -28.37 -29.68
N ASP N 66 -12.81 -28.34 -30.97
CA ASP N 66 -14.21 -28.44 -31.42
C ASP N 66 -14.90 -29.76 -31.06
N GLY N 67 -16.04 -29.65 -30.39
CA GLY N 67 -16.86 -30.80 -29.98
C GLY N 67 -16.69 -31.17 -28.51
N ALA N 68 -15.68 -30.59 -27.85
CA ALA N 68 -15.32 -30.94 -26.46
C ALA N 68 -16.31 -30.39 -25.44
N ALA N 69 -16.58 -29.08 -25.51
CA ALA N 69 -17.47 -28.39 -24.55
C ALA N 69 -18.88 -29.00 -24.53
N GLU N 70 -19.34 -29.46 -25.70
CA GLU N 70 -20.62 -30.16 -25.86
C GLU N 70 -20.75 -31.38 -24.94
N LEU N 71 -19.64 -32.09 -24.70
CA LEU N 71 -19.67 -33.28 -23.82
C LEU N 71 -19.95 -32.97 -22.33
N ASP N 72 -19.81 -31.69 -21.94
CA ASP N 72 -20.06 -31.21 -20.56
C ASP N 72 -21.51 -30.77 -20.30
N ARG N 73 -22.31 -30.64 -21.38
CA ARG N 73 -23.72 -30.27 -21.28
C ARG N 73 -24.56 -31.36 -20.64
N THR N 74 -25.77 -30.98 -20.24
CA THR N 74 -26.59 -31.84 -19.40
C THR N 74 -26.91 -33.23 -20.00
N GLU N 75 -27.20 -33.29 -21.30
CA GLU N 75 -27.65 -34.57 -21.84
C GLU N 75 -26.49 -35.50 -22.27
N GLU N 76 -25.34 -34.91 -22.57
CA GLU N 76 -24.15 -35.68 -22.95
C GLU N 76 -23.54 -36.25 -21.68
N TYR N 77 -23.69 -35.53 -20.58
CA TYR N 77 -23.28 -36.00 -19.26
C TYR N 77 -24.13 -37.20 -18.86
N ALA N 78 -25.40 -37.18 -19.18
CA ALA N 78 -26.29 -38.30 -18.83
C ALA N 78 -26.03 -39.51 -19.71
N LEU N 79 -25.65 -39.23 -20.96
CA LEU N 79 -25.35 -40.30 -21.91
C LEU N 79 -24.04 -40.99 -21.54
N GLY N 80 -23.09 -40.20 -21.06
CA GLY N 80 -21.75 -40.67 -20.84
C GLY N 80 -21.06 -40.74 -22.17
N VAL N 81 -19.76 -40.94 -22.12
CA VAL N 81 -18.99 -41.14 -23.31
C VAL N 81 -19.50 -42.29 -24.17
N VAL N 82 -19.88 -43.39 -23.56
CA VAL N 82 -20.34 -44.53 -24.31
C VAL N 82 -21.70 -44.20 -24.98
N GLY N 83 -22.61 -43.57 -24.24
CA GLY N 83 -23.91 -43.11 -24.80
C GLY N 83 -23.71 -42.14 -25.94
N VAL N 84 -22.79 -41.23 -25.79
CA VAL N 84 -22.48 -40.33 -26.85
C VAL N 84 -22.00 -41.08 -28.09
N LEU N 85 -21.13 -42.06 -27.93
CA LEU N 85 -20.58 -42.75 -29.06
C LEU N 85 -21.64 -43.67 -29.71
N GLU N 86 -22.41 -44.39 -28.90
CA GLU N 86 -23.50 -45.22 -29.39
C GLU N 86 -24.56 -44.38 -30.13
N SER N 87 -24.82 -43.19 -29.61
CA SER N 87 -25.75 -42.26 -30.23
C SER N 87 -25.22 -41.81 -31.57
N TYR N 88 -23.94 -41.47 -31.66
CA TYR N 88 -23.38 -41.04 -32.95
C TYR N 88 -23.52 -42.16 -33.99
N ILE N 89 -23.28 -43.39 -33.57
CA ILE N 89 -23.41 -44.52 -34.46
C ILE N 89 -24.85 -44.67 -35.00
N GLY N 90 -25.86 -44.57 -34.13
CA GLY N 90 -27.27 -44.59 -34.58
C GLY N 90 -27.87 -43.26 -35.03
N SER N 91 -27.03 -42.26 -35.29
CA SER N 91 -27.49 -40.92 -35.65
C SER N 91 -28.67 -40.38 -34.83
N ILE N 92 -28.63 -40.55 -33.50
CA ILE N 92 -29.59 -39.91 -32.63
C ILE N 92 -28.93 -38.96 -31.62
N ASN N 93 -29.77 -38.33 -30.80
CA ASN N 93 -29.35 -37.39 -29.77
C ASN N 93 -28.36 -36.28 -30.21
N ASN N 94 -28.32 -35.96 -31.50
CA ASN N 94 -27.65 -34.75 -31.99
C ASN N 94 -26.18 -34.71 -31.74
N ILE N 95 -25.54 -35.85 -31.88
CA ILE N 95 -24.12 -35.94 -31.59
C ILE N 95 -23.42 -35.66 -32.89
N THR N 96 -22.62 -34.61 -32.91
CA THR N 96 -21.84 -34.27 -34.07
C THR N 96 -20.63 -35.19 -34.14
N LYS N 97 -20.00 -35.18 -35.29
CA LYS N 97 -18.83 -35.97 -35.53
C LYS N 97 -17.67 -35.52 -34.62
N GLN N 98 -17.51 -34.20 -34.51
CA GLN N 98 -16.49 -33.57 -33.67
C GLN N 98 -16.63 -34.11 -32.24
N SER N 99 -17.83 -34.05 -31.70
CA SER N 99 -18.06 -34.58 -30.36
C SER N 99 -17.74 -36.05 -30.22
N ALA N 100 -18.03 -36.82 -31.25
CA ALA N 100 -17.87 -38.25 -31.16
C ALA N 100 -16.39 -38.57 -31.13
N CYS N 101 -15.60 -37.79 -31.85
CA CYS N 101 -14.16 -37.97 -31.90
C CYS N 101 -13.52 -37.64 -30.56
N VAL N 102 -13.96 -36.55 -29.93
CA VAL N 102 -13.50 -36.20 -28.58
C VAL N 102 -13.88 -37.33 -27.61
N ALA N 103 -15.10 -37.82 -27.74
CA ALA N 103 -15.53 -38.86 -26.85
C ALA N 103 -14.71 -40.13 -27.07
N MET N 104 -14.28 -40.33 -28.30
CA MET N 104 -13.54 -41.52 -28.65
C MET N 104 -12.16 -41.42 -27.98
N SER N 105 -11.56 -40.24 -28.01
CA SER N 105 -10.31 -40.00 -27.30
C SER N 105 -10.46 -40.32 -25.82
N LYS N 106 -11.57 -39.94 -25.22
CA LYS N 106 -11.79 -40.28 -23.82
C LYS N 106 -11.93 -41.76 -23.60
N LEU N 107 -12.54 -42.47 -24.55
CA LEU N 107 -12.68 -43.92 -24.40
C LEU N 107 -11.32 -44.60 -24.49
N LEU N 108 -10.49 -44.12 -25.41
CA LEU N 108 -9.16 -44.72 -25.66
C LEU N 108 -8.30 -44.55 -24.39
N THR N 109 -8.33 -43.34 -23.82
CA THR N 109 -7.70 -43.05 -22.54
C THR N 109 -8.08 -44.05 -21.48
N GLU N 110 -9.31 -44.54 -21.50
CA GLU N 110 -9.75 -45.43 -20.46
C GLU N 110 -9.32 -46.89 -20.73
N LEU N 111 -8.92 -47.19 -21.95
CA LEU N 111 -8.50 -48.56 -22.25
C LEU N 111 -7.01 -48.73 -22.02
N ASN N 112 -6.56 -49.95 -21.78
CA ASN N 112 -5.13 -50.14 -21.93
C ASN N 112 -4.67 -51.27 -22.86
N SER N 113 -3.64 -50.93 -23.62
CA SER N 113 -3.04 -51.81 -24.58
C SER N 113 -2.81 -53.22 -24.11
N ASP N 114 -2.25 -53.37 -22.92
CA ASP N 114 -1.91 -54.70 -22.46
C ASP N 114 -3.09 -55.61 -22.41
N ASP N 115 -4.26 -55.10 -22.08
CA ASP N 115 -5.44 -55.94 -22.09
C ASP N 115 -5.81 -56.37 -23.51
N ILE N 116 -5.55 -55.52 -24.48
CA ILE N 116 -5.88 -55.84 -25.87
C ILE N 116 -4.87 -56.90 -26.35
N LYS N 117 -3.57 -56.66 -26.10
CA LYS N 117 -2.56 -57.65 -26.43
C LYS N 117 -2.89 -59.00 -25.86
N LYS N 118 -3.38 -59.05 -24.64
CA LYS N 118 -3.81 -60.33 -24.12
C LYS N 118 -4.91 -60.95 -24.99
N LEU N 119 -5.87 -60.14 -25.48
CA LEU N 119 -6.95 -60.69 -26.31
C LEU N 119 -6.38 -61.17 -27.64
N ARG N 120 -5.50 -60.38 -28.21
CA ARG N 120 -4.86 -60.68 -29.45
C ARG N 120 -4.12 -62.01 -29.42
N ASP N 121 -3.56 -62.33 -28.28
CA ASP N 121 -2.82 -63.55 -28.11
C ASP N 121 -3.72 -64.80 -28.07
N ASN N 122 -4.97 -64.63 -27.68
CA ASN N 122 -5.93 -65.76 -27.73
C ASN N 122 -6.41 -66.07 -29.14
N GLU N 123 -6.10 -65.23 -30.12
CA GLU N 123 -6.57 -65.42 -31.49
C GLU N 123 -5.69 -66.36 -32.26
N GLU N 124 -6.33 -67.23 -33.05
CA GLU N 124 -5.67 -68.06 -34.07
C GLU N 124 -5.05 -67.12 -35.09
N LEU N 125 -3.94 -67.50 -35.73
CA LEU N 125 -3.29 -66.57 -36.67
C LEU N 125 -4.21 -66.35 -37.87
N ASN N 126 -4.02 -65.21 -38.54
CA ASN N 126 -4.88 -64.78 -39.64
C ASN N 126 -6.37 -64.56 -39.30
N SER N 127 -6.73 -64.66 -38.03
CA SER N 127 -8.03 -64.16 -37.55
C SER N 127 -8.14 -62.68 -37.92
N PRO N 128 -9.31 -62.26 -38.45
CA PRO N 128 -9.45 -60.86 -38.84
C PRO N 128 -9.60 -59.90 -37.62
N LYS N 129 -9.95 -60.45 -36.46
CA LYS N 129 -9.88 -59.70 -35.19
C LYS N 129 -8.50 -59.09 -34.94
N ILE N 130 -7.45 -59.81 -35.28
CA ILE N 130 -6.09 -59.35 -35.02
C ILE N 130 -5.85 -57.99 -35.62
N ARG N 131 -6.37 -57.77 -36.81
CA ARG N 131 -6.19 -56.49 -37.47
C ARG N 131 -6.90 -55.38 -36.69
N VAL N 132 -8.07 -55.69 -36.11
CA VAL N 132 -8.80 -54.65 -35.39
C VAL N 132 -8.08 -54.37 -34.08
N TYR N 133 -7.77 -55.42 -33.32
CA TYR N 133 -6.97 -55.25 -32.10
C TYR N 133 -5.74 -54.41 -32.33
N ASN N 134 -5.00 -54.64 -33.38
CA ASN N 134 -3.80 -53.79 -33.62
C ASN N 134 -4.15 -52.36 -33.97
N THR N 135 -5.28 -52.16 -34.61
CA THR N 135 -5.68 -50.81 -34.98
C THR N 135 -6.04 -50.04 -33.70
N VAL N 136 -6.82 -50.70 -32.85
CA VAL N 136 -7.22 -50.08 -31.62
C VAL N 136 -5.97 -49.80 -30.77
N ILE N 137 -5.06 -50.77 -30.67
CA ILE N 137 -3.82 -50.56 -29.93
C ILE N 137 -3.11 -49.35 -30.44
N SER N 138 -2.99 -49.20 -31.75
CA SER N 138 -2.25 -48.00 -32.22
C SER N 138 -3.00 -46.72 -31.90
N TYR N 139 -4.33 -46.77 -31.90
CA TYR N 139 -5.10 -45.59 -31.51
C TYR N 139 -4.87 -45.23 -30.04
N ILE N 140 -4.92 -46.23 -29.16
CA ILE N 140 -4.60 -46.02 -27.78
C ILE N 140 -3.23 -45.38 -27.61
N GLU N 141 -2.22 -45.86 -28.33
CA GLU N 141 -0.86 -45.30 -28.18
C GLU N 141 -0.73 -43.91 -28.78
N SER N 142 -1.32 -43.66 -29.96
CA SER N 142 -1.37 -42.26 -30.47
C SER N 142 -2.05 -41.33 -29.50
N ASN N 143 -3.17 -41.80 -28.93
CA ASN N 143 -4.01 -40.94 -28.07
C ASN N 143 -3.25 -40.54 -26.81
N ARG N 144 -2.53 -41.52 -26.25
CA ARG N 144 -1.67 -41.30 -25.12
C ARG N 144 -0.57 -40.29 -25.42
N LYS N 145 0.07 -40.39 -26.57
CA LYS N 145 1.11 -39.40 -26.94
C LYS N 145 0.52 -38.01 -27.16
N ASN N 146 -0.54 -37.93 -27.95
CA ASN N 146 -1.08 -36.65 -28.35
C ASN N 146 -2.56 -36.79 -28.70
N ASN N 147 -3.41 -36.56 -27.70
CA ASN N 147 -4.81 -36.78 -27.94
C ASN N 147 -5.42 -35.73 -28.91
N LYS N 148 -4.91 -34.50 -28.92
CA LYS N 148 -5.38 -33.52 -29.90
C LYS N 148 -5.12 -33.98 -31.33
N GLN N 149 -3.94 -34.55 -31.57
CA GLN N 149 -3.59 -35.08 -32.88
C GLN N 149 -4.48 -36.26 -33.23
N THR N 150 -4.65 -37.17 -32.28
CA THR N 150 -5.46 -38.36 -32.50
C THR N 150 -6.92 -37.99 -32.83
N ILE N 151 -7.44 -37.00 -32.12
CA ILE N 151 -8.76 -36.50 -32.40
C ILE N 151 -8.85 -35.94 -33.82
N HIS N 152 -7.82 -35.21 -34.25
CA HIS N 152 -7.84 -34.61 -35.58
CA HIS N 152 -7.81 -34.64 -35.59
C HIS N 152 -7.87 -35.72 -36.67
N LEU N 153 -7.09 -36.76 -36.49
CA LEU N 153 -7.11 -37.92 -37.38
C LEU N 153 -8.48 -38.57 -37.45
N LEU N 154 -9.07 -38.81 -36.29
CA LEU N 154 -10.38 -39.40 -36.23
C LEU N 154 -11.41 -38.57 -37.02
N LYS N 155 -11.33 -37.25 -36.94
CA LYS N 155 -12.29 -36.41 -37.67
C LYS N 155 -12.15 -36.52 -39.18
N ARG N 156 -10.96 -36.89 -39.64
CA ARG N 156 -10.69 -37.05 -41.06
C ARG N 156 -11.20 -38.35 -41.65
N LEU N 157 -11.46 -39.34 -40.81
CA LEU N 157 -11.97 -40.58 -41.32
C LEU N 157 -13.36 -40.40 -41.94
N PRO N 158 -13.64 -41.16 -43.01
CA PRO N 158 -15.01 -41.22 -43.51
C PRO N 158 -15.96 -41.71 -42.42
N ALA N 159 -17.09 -41.05 -42.28
CA ALA N 159 -18.08 -41.42 -41.30
C ALA N 159 -18.20 -42.93 -41.10
N ASP N 160 -18.30 -43.68 -42.19
CA ASP N 160 -18.64 -45.12 -42.08
C ASP N 160 -17.49 -45.91 -41.46
N VAL N 161 -16.25 -45.47 -41.68
CA VAL N 161 -15.11 -46.16 -41.08
C VAL N 161 -14.92 -45.70 -39.62
N LEU N 162 -15.14 -44.41 -39.34
CA LEU N 162 -15.16 -43.94 -37.96
C LEU N 162 -16.14 -44.75 -37.11
N LYS N 163 -17.34 -44.97 -37.63
CA LYS N 163 -18.35 -45.68 -36.87
C LYS N 163 -17.98 -47.12 -36.67
N LYS N 164 -17.29 -47.70 -37.64
CA LYS N 164 -16.79 -49.06 -37.51
C LYS N 164 -15.75 -49.11 -36.40
N THR N 165 -14.81 -48.18 -36.46
CA THR N 165 -13.75 -48.11 -35.48
C THR N 165 -14.30 -47.91 -34.05
N ILE N 166 -15.22 -46.96 -33.89
CA ILE N 166 -15.85 -46.71 -32.62
C ILE N 166 -16.50 -47.96 -32.12
N LYS N 167 -17.23 -48.62 -32.98
CA LYS N 167 -17.98 -49.80 -32.58
C LYS N 167 -17.02 -50.90 -32.11
N ASN N 168 -15.91 -51.04 -32.82
CA ASN N 168 -14.95 -52.08 -32.48
C ASN N 168 -14.32 -51.77 -31.13
N THR N 169 -13.93 -50.51 -30.94
CA THR N 169 -13.42 -50.06 -29.67
C THR N 169 -14.44 -50.26 -28.54
N LEU N 170 -15.71 -49.95 -28.78
CA LEU N 170 -16.72 -50.18 -27.76
C LEU N 170 -16.85 -51.64 -27.44
N ASP N 171 -16.77 -52.52 -28.43
CA ASP N 171 -16.96 -53.94 -28.17
C ASP N 171 -15.80 -54.46 -27.34
N ILE N 172 -14.63 -54.02 -27.68
CA ILE N 172 -13.46 -54.44 -26.95
C ILE N 172 -13.55 -53.98 -25.48
N HIS N 173 -13.94 -52.72 -25.27
CA HIS N 173 -14.16 -52.17 -23.97
C HIS N 173 -15.12 -53.00 -23.19
N LYS N 174 -16.22 -53.43 -23.77
CA LYS N 174 -17.15 -54.27 -23.01
C LYS N 174 -16.55 -55.61 -22.70
N SER N 175 -15.81 -56.21 -23.64
CA SER N 175 -15.41 -57.61 -23.41
C SER N 175 -14.28 -57.68 -22.40
N ILE N 176 -13.32 -56.77 -22.48
CA ILE N 176 -12.29 -56.71 -21.44
C ILE N 176 -12.88 -56.63 -20.04
N THR N 177 -13.97 -55.91 -19.90
CA THR N 177 -14.56 -55.69 -18.60
C THR N 177 -15.41 -56.83 -18.09
N ILE N 178 -15.96 -57.66 -18.98
CA ILE N 178 -16.57 -58.94 -18.52
C ILE N 178 -15.60 -60.12 -18.71
N ASN N 179 -14.30 -59.87 -18.48
CA ASN N 179 -13.17 -60.85 -18.53
C ASN N 179 -11.86 -60.20 -19.00
N GLY O 4 -34.61 -52.34 6.30
CA GLY O 4 -33.84 -51.73 5.17
C GLY O 4 -34.34 -52.17 3.79
N SER O 5 -33.65 -51.77 2.74
CA SER O 5 -33.91 -52.35 1.42
C SER O 5 -33.39 -53.79 1.43
N MET O 6 -34.05 -54.64 0.67
CA MET O 6 -33.68 -56.04 0.61
C MET O 6 -32.32 -56.23 -0.12
N SER O 7 -31.83 -55.16 -0.75
CA SER O 7 -30.79 -55.25 -1.73
C SER O 7 -29.87 -54.06 -1.69
N ARG O 8 -28.64 -54.25 -2.18
CA ARG O 8 -27.68 -53.17 -2.30
C ARG O 8 -27.05 -53.31 -3.69
N ARG O 9 -26.71 -52.18 -4.32
CA ARG O 9 -26.10 -52.23 -5.64
C ARG O 9 -24.64 -52.71 -5.59
N ASN O 10 -24.30 -53.60 -6.51
CA ASN O 10 -22.96 -54.06 -6.67
C ASN O 10 -22.12 -53.00 -7.33
N PRO O 11 -20.81 -53.07 -7.12
CA PRO O 11 -19.95 -52.07 -7.68
C PRO O 11 -19.85 -52.22 -9.18
N CYS O 12 -19.76 -51.11 -9.87
CA CYS O 12 -19.61 -51.13 -11.31
C CYS O 12 -18.21 -51.59 -11.71
N LYS O 13 -18.19 -52.65 -12.50
CA LYS O 13 -16.96 -53.25 -12.95
C LYS O 13 -16.17 -52.28 -13.77
N PHE O 14 -16.81 -51.35 -14.46
CA PHE O 14 -16.03 -50.43 -15.22
C PHE O 14 -15.29 -49.45 -14.29
N GLU O 15 -15.93 -49.12 -13.16
CA GLU O 15 -15.45 -48.14 -12.26
C GLU O 15 -14.30 -48.82 -11.51
N ILE O 16 -14.47 -50.10 -11.20
CA ILE O 16 -13.40 -50.87 -10.60
C ILE O 16 -12.06 -50.81 -11.42
N ARG O 17 -12.12 -50.73 -12.74
CA ARG O 17 -10.94 -50.58 -13.54
C ARG O 17 -10.58 -49.18 -13.89
N GLY O 18 -11.34 -48.20 -13.44
CA GLY O 18 -10.99 -46.81 -13.76
C GLY O 18 -12.23 -46.00 -13.52
N HIS O 19 -12.77 -45.46 -14.62
CA HIS O 19 -13.92 -44.59 -14.62
C HIS O 19 -15.03 -45.14 -15.53
N CYS O 20 -16.19 -45.43 -14.98
CA CYS O 20 -17.40 -45.81 -15.77
C CYS O 20 -17.71 -44.74 -16.73
N LEU O 21 -17.89 -45.11 -17.99
CA LEU O 21 -18.13 -44.12 -19.07
C LEU O 21 -19.58 -44.22 -19.59
N ASN O 22 -20.40 -44.95 -18.88
CA ASN O 22 -21.77 -45.24 -19.30
C ASN O 22 -22.82 -44.22 -18.80
N GLY O 23 -22.42 -43.05 -18.30
CA GLY O 23 -23.34 -42.07 -17.68
C GLY O 23 -24.43 -42.65 -16.78
N LYS O 24 -25.64 -42.08 -16.85
CA LYS O 24 -26.78 -42.51 -16.00
C LYS O 24 -27.43 -43.82 -16.42
N ARG O 25 -27.16 -44.27 -17.61
CA ARG O 25 -27.65 -45.59 -18.02
C ARG O 25 -27.14 -46.71 -17.10
N CYS O 26 -25.96 -46.54 -16.48
CA CYS O 26 -25.36 -47.64 -15.67
C CYS O 26 -26.09 -47.78 -14.37
N HIS O 27 -26.54 -48.99 -14.08
CA HIS O 27 -27.32 -49.27 -12.87
C HIS O 27 -26.46 -49.78 -11.72
N PHE O 28 -25.15 -49.90 -11.91
CA PHE O 28 -24.31 -50.37 -10.81
C PHE O 28 -23.83 -49.22 -9.92
N SER O 29 -23.24 -49.54 -8.76
CA SER O 29 -22.80 -48.48 -7.82
C SER O 29 -21.51 -47.83 -8.24
N HIS O 30 -21.53 -46.51 -8.29
CA HIS O 30 -20.35 -45.70 -8.51
C HIS O 30 -20.01 -44.93 -7.20
N ASN O 31 -20.57 -45.39 -6.09
CA ASN O 31 -20.39 -44.72 -4.84
C ASN O 31 -19.46 -45.53 -3.92
N TYR O 32 -18.23 -45.06 -3.76
CA TYR O 32 -17.21 -45.83 -3.03
C TYR O 32 -17.63 -46.18 -1.59
N PHE O 33 -18.46 -45.33 -0.98
CA PHE O 33 -18.90 -45.56 0.39
C PHE O 33 -19.68 -46.80 0.51
N GLU O 34 -20.26 -47.31 -0.56
CA GLU O 34 -21.07 -48.54 -0.41
C GLU O 34 -20.37 -49.78 -1.00
N TRP O 35 -19.15 -49.65 -1.47
CA TRP O 35 -18.40 -50.79 -2.03
C TRP O 35 -17.84 -51.67 -0.96
N PRO O 36 -17.79 -52.95 -1.23
CA PRO O 36 -17.01 -53.81 -0.33
C PRO O 36 -15.54 -53.52 -0.44
N PRO O 37 -14.80 -53.82 0.60
CA PRO O 37 -13.35 -53.47 0.64
C PRO O 37 -12.55 -54.09 -0.48
N HIS O 38 -12.87 -55.32 -0.85
CA HIS O 38 -12.10 -55.95 -1.95
C HIS O 38 -12.18 -55.14 -3.23
N ALA O 39 -13.35 -54.62 -3.56
CA ALA O 39 -13.43 -53.86 -4.80
C ALA O 39 -12.69 -52.58 -4.75
N LEU O 40 -12.68 -51.94 -3.57
CA LEU O 40 -11.88 -50.69 -3.42
C LEU O 40 -10.39 -51.01 -3.53
N LEU O 41 -9.97 -52.14 -2.98
CA LEU O 41 -8.57 -52.60 -3.16
C LEU O 41 -8.20 -52.87 -4.61
N VAL O 42 -9.08 -53.53 -5.36
CA VAL O 42 -8.76 -53.83 -6.74
C VAL O 42 -8.65 -52.56 -7.49
N ARG O 43 -9.57 -51.63 -7.26
CA ARG O 43 -9.56 -50.41 -8.10
C ARG O 43 -8.34 -49.61 -7.86
N GLN O 44 -7.90 -49.54 -6.60
CA GLN O 44 -6.64 -48.80 -6.34
C GLN O 44 -5.49 -49.33 -7.16
N ASN O 45 -5.40 -50.64 -7.29
CA ASN O 45 -4.36 -51.22 -8.14
C ASN O 45 -4.49 -50.86 -9.58
N PHE O 46 -5.70 -50.96 -10.15
CA PHE O 46 -5.83 -50.51 -11.55
C PHE O 46 -5.50 -49.04 -11.69
N MET O 47 -5.90 -48.23 -10.70
CA MET O 47 -5.65 -46.77 -10.83
C MET O 47 -4.16 -46.44 -10.63
N LEU O 48 -3.50 -47.13 -9.71
CA LEU O 48 -2.03 -46.93 -9.57
C LEU O 48 -1.33 -47.29 -10.85
N ASN O 49 -1.71 -48.43 -11.45
CA ASN O 49 -1.11 -48.77 -12.79
C ASN O 49 -1.28 -47.67 -13.79
N ARG O 50 -2.47 -47.07 -13.80
CA ARG O 50 -2.74 -46.03 -14.76
C ARG O 50 -1.97 -44.76 -14.46
N ILE O 51 -1.87 -44.40 -13.18
CA ILE O 51 -1.08 -43.23 -12.84
C ILE O 51 0.38 -43.43 -13.21
N LEU O 52 0.96 -44.57 -12.85
CA LEU O 52 2.34 -44.85 -13.20
C LEU O 52 2.56 -44.81 -14.69
N LYS O 53 1.70 -45.46 -15.44
CA LYS O 53 1.81 -45.46 -16.92
C LYS O 53 1.78 -44.03 -17.48
N SER O 54 0.94 -43.20 -16.89
CA SER O 54 0.74 -41.88 -17.45
C SER O 54 1.90 -40.92 -17.18
N MET O 55 2.93 -41.35 -16.47
CA MET O 55 4.11 -40.50 -16.37
C MET O 55 5.39 -41.15 -16.94
N ASP O 56 5.27 -42.09 -17.87
CA ASP O 56 6.41 -42.53 -18.66
C ASP O 56 6.89 -41.34 -19.50
N ILE O 65 13.32 -45.81 -31.41
CA ILE O 65 14.64 -46.37 -31.19
C ILE O 65 14.65 -47.83 -31.67
N ASP O 66 15.76 -48.25 -32.28
CA ASP O 66 15.88 -49.58 -32.90
C ASP O 66 15.76 -50.75 -31.91
N GLY O 67 14.84 -51.66 -32.23
CA GLY O 67 14.58 -52.87 -31.43
C GLY O 67 13.35 -52.76 -30.52
N ALA O 68 12.81 -51.53 -30.38
CA ALA O 68 11.71 -51.25 -29.44
C ALA O 68 10.38 -51.79 -29.93
N ALA O 69 10.02 -51.48 -31.17
CA ALA O 69 8.72 -51.87 -31.75
C ALA O 69 8.55 -53.40 -31.75
N GLU O 70 9.65 -54.10 -31.98
CA GLU O 70 9.68 -55.57 -31.96
C GLU O 70 9.12 -56.14 -30.65
N LEU O 71 9.36 -55.45 -29.53
CA LEU O 71 8.89 -55.93 -28.22
C LEU O 71 7.36 -55.91 -28.07
N ASP O 72 6.66 -55.21 -28.97
CA ASP O 72 5.19 -55.10 -28.95
C ASP O 72 4.49 -56.18 -29.77
N ARG O 73 5.26 -56.92 -30.57
CA ARG O 73 4.73 -57.99 -31.43
C ARG O 73 4.26 -59.16 -30.62
N THR O 74 3.48 -60.03 -31.25
CA THR O 74 2.75 -61.09 -30.55
C THR O 74 3.64 -62.02 -29.71
N GLU O 75 4.79 -62.42 -30.23
CA GLU O 75 5.57 -63.45 -29.53
C GLU O 75 6.48 -62.86 -28.43
N GLU O 76 6.86 -61.60 -28.60
CA GLU O 76 7.73 -60.92 -27.62
C GLU O 76 6.86 -60.51 -26.44
N TYR O 77 5.59 -60.21 -26.73
CA TYR O 77 4.60 -59.98 -25.69
C TYR O 77 4.37 -61.26 -24.86
N ALA O 78 4.34 -62.41 -25.50
CA ALA O 78 4.12 -63.68 -24.77
C ALA O 78 5.34 -64.08 -23.97
N LEU O 79 6.51 -63.71 -24.48
CA LEU O 79 7.79 -63.98 -23.81
C LEU O 79 7.97 -63.10 -22.58
N GLY O 80 7.51 -61.86 -22.71
CA GLY O 80 7.75 -60.87 -21.70
C GLY O 80 9.17 -60.41 -21.80
N VAL O 81 9.48 -59.36 -21.09
CA VAL O 81 10.82 -58.81 -21.09
C VAL O 81 11.83 -59.85 -20.62
N VAL O 82 11.48 -60.64 -19.64
CA VAL O 82 12.38 -61.61 -19.14
C VAL O 82 12.59 -62.71 -20.18
N GLY O 83 11.53 -63.19 -20.79
CA GLY O 83 11.61 -64.19 -21.87
C GLY O 83 12.46 -63.67 -23.01
N VAL O 84 12.30 -62.41 -23.34
CA VAL O 84 13.07 -61.83 -24.39
C VAL O 84 14.54 -61.90 -24.00
N LEU O 85 14.86 -61.57 -22.76
CA LEU O 85 16.25 -61.46 -22.38
C LEU O 85 16.86 -62.85 -22.28
N GLU O 86 16.13 -63.81 -21.74
CA GLU O 86 16.61 -65.15 -21.58
C GLU O 86 16.82 -65.78 -22.98
N SER O 87 15.92 -65.45 -23.91
CA SER O 87 16.00 -65.90 -25.29
C SER O 87 17.22 -65.33 -25.97
N TYR O 88 17.52 -64.06 -25.76
CA TYR O 88 18.74 -63.50 -26.31
C TYR O 88 19.98 -64.18 -25.77
N ILE O 89 20.00 -64.47 -24.48
CA ILE O 89 21.10 -65.18 -23.89
C ILE O 89 21.31 -66.58 -24.54
N GLY O 90 20.24 -67.35 -24.74
CA GLY O 90 20.32 -68.64 -25.40
C GLY O 90 20.21 -68.62 -26.92
N SER O 91 20.37 -67.45 -27.53
CA SER O 91 20.26 -67.30 -28.99
C SER O 91 19.06 -67.98 -29.65
N ILE O 92 17.89 -67.93 -29.04
CA ILE O 92 16.67 -68.45 -29.63
C ILE O 92 15.61 -67.35 -29.79
N ASN O 93 14.47 -67.73 -30.37
CA ASN O 93 13.31 -66.86 -30.65
C ASN O 93 13.61 -65.55 -31.39
N ASN O 94 14.72 -65.49 -32.12
CA ASN O 94 14.99 -64.38 -33.01
C ASN O 94 15.06 -63.05 -32.33
N ILE O 95 15.68 -63.01 -31.17
CA ILE O 95 15.83 -61.77 -30.48
C ILE O 95 17.14 -61.16 -30.92
N THR O 96 17.06 -59.96 -31.49
CA THR O 96 18.24 -59.21 -31.86
C THR O 96 18.85 -58.56 -30.62
N LYS O 97 20.07 -58.09 -30.80
CA LYS O 97 20.78 -57.42 -29.74
C LYS O 97 20.08 -56.10 -29.34
N GLN O 98 19.64 -55.37 -30.35
CA GLN O 98 18.90 -54.10 -30.21
C GLN O 98 17.68 -54.33 -29.31
N SER O 99 16.86 -55.32 -29.64
CA SER O 99 15.73 -55.64 -28.82
C SER O 99 16.09 -56.01 -27.39
N ALA O 100 17.21 -56.70 -27.21
CA ALA O 100 17.56 -57.18 -25.89
C ALA O 100 17.97 -56.01 -25.03
N CYS O 101 18.61 -55.04 -25.65
CA CYS O 101 19.02 -53.83 -24.94
C CYS O 101 17.85 -52.96 -24.50
N VAL O 102 16.86 -52.81 -25.37
CA VAL O 102 15.61 -52.16 -25.00
C VAL O 102 14.96 -52.91 -23.85
N ALA O 103 14.91 -54.24 -23.96
CA ALA O 103 14.26 -55.04 -22.94
C ALA O 103 15.00 -54.90 -21.62
N MET O 104 16.30 -54.70 -21.71
CA MET O 104 17.13 -54.57 -20.55
C MET O 104 16.81 -53.25 -19.86
N SER O 105 16.64 -52.20 -20.64
CA SER O 105 16.17 -50.92 -20.10
C SER O 105 14.85 -51.05 -19.38
N LYS O 106 13.93 -51.80 -19.92
CA LYS O 106 12.67 -52.05 -19.24
C LYS O 106 12.83 -52.83 -17.98
N LEU O 107 13.77 -53.76 -17.93
CA LEU O 107 14.01 -54.52 -16.70
C LEU O 107 14.60 -53.64 -15.61
N LEU O 108 15.52 -52.76 -16.00
CA LEU O 108 16.17 -51.82 -15.08
C LEU O 108 15.14 -50.86 -14.46
N THR O 109 14.26 -50.31 -15.30
CA THR O 109 13.13 -49.51 -14.87
C THR O 109 12.28 -50.23 -13.84
N GLU O 110 12.14 -51.54 -13.94
CA GLU O 110 11.29 -52.25 -12.98
C GLU O 110 12.03 -52.53 -11.66
N LEU O 111 13.33 -52.41 -11.66
CA LEU O 111 14.05 -52.68 -10.41
C LEU O 111 14.16 -51.40 -9.60
N ASN O 112 14.35 -51.51 -8.31
CA ASN O 112 14.85 -50.33 -7.65
C ASN O 112 16.12 -50.49 -6.76
N SER O 113 16.98 -49.47 -6.88
CA SER O 113 18.25 -49.42 -6.22
C SER O 113 18.21 -49.80 -4.78
N ASP O 114 17.23 -49.29 -4.06
CA ASP O 114 17.18 -49.52 -2.64
C ASP O 114 17.12 -50.98 -2.30
N ASP O 115 16.42 -51.78 -3.10
CA ASP O 115 16.40 -53.22 -2.86
C ASP O 115 17.78 -53.85 -3.09
N ILE O 116 18.55 -53.32 -4.04
CA ILE O 116 19.87 -53.86 -4.32
C ILE O 116 20.78 -53.45 -3.15
N LYS O 117 20.73 -52.18 -2.74
CA LYS O 117 21.53 -51.73 -1.60
C LYS O 117 21.25 -52.57 -0.39
N LYS O 118 20.01 -52.92 -0.16
CA LYS O 118 19.74 -53.84 0.93
C LYS O 118 20.46 -55.19 0.76
N LEU O 119 20.52 -55.73 -0.46
CA LEU O 119 21.22 -56.99 -0.69
C LEU O 119 22.71 -56.81 -0.46
N ARG O 120 23.24 -55.72 -0.98
CA ARG O 120 24.63 -55.39 -0.86
C ARG O 120 25.08 -55.35 0.60
N ASP O 121 24.19 -54.88 1.46
CA ASP O 121 24.47 -54.75 2.86
C ASP O 121 24.52 -56.10 3.60
N ASN O 122 23.85 -57.12 3.09
CA ASN O 122 23.96 -58.48 3.64
C ASN O 122 25.25 -59.20 3.25
N GLU O 123 26.03 -58.63 2.33
CA GLU O 123 27.25 -59.27 1.90
C GLU O 123 28.38 -58.98 2.89
N GLU O 124 29.20 -60.01 3.13
CA GLU O 124 30.50 -59.85 3.79
C GLU O 124 31.37 -58.96 2.90
N LEU O 125 32.28 -58.21 3.49
CA LEU O 125 33.10 -57.34 2.66
C LEU O 125 34.01 -58.16 1.73
N ASN O 126 34.44 -57.54 0.64
CA ASN O 126 35.23 -58.22 -0.41
C ASN O 126 34.54 -59.42 -1.09
N SER O 127 33.27 -59.69 -0.77
CA SER O 127 32.42 -60.54 -1.60
C SER O 127 32.37 -60.02 -3.03
N PRO O 128 32.51 -60.92 -4.01
CA PRO O 128 32.55 -60.43 -5.42
C PRO O 128 31.14 -60.00 -5.93
N LYS O 129 30.09 -60.44 -5.24
CA LYS O 129 28.74 -59.97 -5.51
C LYS O 129 28.62 -58.45 -5.39
N ILE O 130 29.31 -57.87 -4.43
CA ILE O 130 29.27 -56.43 -4.22
C ILE O 130 29.57 -55.67 -5.50
N ARG O 131 30.54 -56.13 -6.26
CA ARG O 131 30.89 -55.45 -7.49
C ARG O 131 29.72 -55.51 -8.46
N VAL O 132 29.00 -56.64 -8.49
CA VAL O 132 27.94 -56.77 -9.51
C VAL O 132 26.76 -55.90 -9.06
N TYR O 133 26.36 -56.03 -7.79
CA TYR O 133 25.37 -55.12 -7.22
C TYR O 133 25.64 -53.66 -7.56
N ASN O 134 26.86 -53.19 -7.40
CA ASN O 134 27.13 -51.79 -7.71
C ASN O 134 27.02 -51.50 -9.19
N THR O 135 27.33 -52.48 -10.01
CA THR O 135 27.27 -52.28 -11.45
C THR O 135 25.80 -52.13 -11.86
N VAL O 136 24.98 -53.01 -11.32
CA VAL O 136 23.58 -53.00 -11.61
C VAL O 136 22.95 -51.70 -11.09
N ILE O 137 23.30 -51.31 -9.85
CA ILE O 137 22.84 -50.05 -9.32
C ILE O 137 23.19 -48.91 -10.24
N SER O 138 24.41 -48.84 -10.76
CA SER O 138 24.72 -47.71 -11.66
C SER O 138 23.93 -47.79 -12.96
N TYR O 139 23.63 -48.99 -13.43
CA TYR O 139 22.82 -49.10 -14.64
C TYR O 139 21.41 -48.61 -14.38
N ILE O 140 20.83 -49.00 -13.24
CA ILE O 140 19.52 -48.53 -12.85
C ILE O 140 19.48 -47.00 -12.83
N GLU O 141 20.53 -46.37 -12.28
CA GLU O 141 20.54 -44.89 -12.16
C GLU O 141 20.76 -44.23 -13.49
N SER O 142 21.67 -44.74 -14.32
CA SER O 142 21.78 -44.23 -15.69
C SER O 142 20.48 -44.33 -16.42
N ASN O 143 19.81 -45.48 -16.28
CA ASN O 143 18.60 -45.78 -17.06
C ASN O 143 17.50 -44.82 -16.68
N ARG O 144 17.41 -44.54 -15.38
CA ARG O 144 16.46 -43.57 -14.87
C ARG O 144 16.73 -42.17 -15.41
N LYS O 145 17.99 -41.74 -15.45
CA LYS O 145 18.31 -40.41 -16.01
C LYS O 145 18.03 -40.33 -17.50
N ASN O 146 18.50 -41.32 -18.24
CA ASN O 146 18.40 -41.28 -19.68
C ASN O 146 18.42 -42.69 -20.25
N ASN O 147 17.24 -43.25 -20.44
CA ASN O 147 17.20 -44.61 -20.90
C ASN O 147 17.69 -44.75 -22.34
N LYS O 148 17.46 -43.76 -23.20
CA LYS O 148 17.97 -43.85 -24.58
C LYS O 148 19.50 -43.95 -24.59
N GLN O 149 20.14 -43.17 -23.72
CA GLN O 149 21.59 -43.22 -23.60
C GLN O 149 22.02 -44.59 -23.07
N THR O 150 21.34 -45.05 -22.03
CA THR O 150 21.71 -46.31 -21.40
C THR O 150 21.60 -47.45 -22.41
N ILE O 151 20.53 -47.42 -23.20
CA ILE O 151 20.34 -48.40 -24.25
C ILE O 151 21.47 -48.35 -25.26
N HIS O 152 21.92 -47.15 -25.62
CA HIS O 152 22.99 -47.01 -26.60
CA HIS O 152 23.03 -46.99 -26.57
C HIS O 152 24.30 -47.62 -26.06
N LEU O 153 24.60 -47.38 -24.79
CA LEU O 153 25.75 -48.00 -24.12
C LEU O 153 25.68 -49.51 -24.17
N LEU O 154 24.51 -50.04 -23.80
CA LEU O 154 24.32 -51.47 -23.78
C LEU O 154 24.57 -52.09 -25.16
N LYS O 155 24.15 -51.43 -26.23
CA LYS O 155 24.38 -51.90 -27.60
C LYS O 155 25.86 -52.00 -27.96
N ARG O 156 26.67 -51.16 -27.33
CA ARG O 156 28.11 -51.13 -27.59
C ARG O 156 28.89 -52.23 -26.90
N LEU O 157 28.33 -52.83 -25.86
CA LEU O 157 29.04 -53.87 -25.15
C LEU O 157 29.25 -55.10 -26.06
N PRO O 158 30.40 -55.76 -25.92
CA PRO O 158 30.56 -57.05 -26.58
C PRO O 158 29.49 -58.03 -26.14
N ALA O 159 28.91 -58.75 -27.10
CA ALA O 159 27.85 -59.70 -26.81
C ALA O 159 28.05 -60.47 -25.52
N ASP O 160 29.24 -61.00 -25.29
CA ASP O 160 29.46 -61.89 -24.15
C ASP O 160 29.36 -61.14 -22.81
N VAL O 161 29.74 -59.86 -22.79
CA VAL O 161 29.64 -59.09 -21.54
C VAL O 161 28.18 -58.59 -21.34
N LEU O 162 27.51 -58.22 -22.43
CA LEU O 162 26.10 -57.89 -22.36
C LEU O 162 25.31 -59.03 -21.76
N LYS O 163 25.58 -60.25 -22.22
CA LYS O 163 24.86 -61.42 -21.72
C LYS O 163 25.16 -61.69 -20.27
N LYS O 164 26.38 -61.38 -19.85
CA LYS O 164 26.74 -61.53 -18.44
C LYS O 164 25.96 -60.52 -17.62
N THR O 165 25.97 -59.28 -18.08
CA THR O 165 25.27 -58.23 -17.37
C THR O 165 23.76 -58.51 -17.25
N ILE O 166 23.15 -58.91 -18.37
CA ILE O 166 21.75 -59.26 -18.39
C ILE O 166 21.50 -60.34 -17.38
N LYS O 167 22.34 -61.35 -17.39
CA LYS O 167 22.11 -62.51 -16.55
C LYS O 167 22.20 -62.11 -15.07
N ASN O 168 23.14 -61.25 -14.76
CA ASN O 168 23.30 -60.79 -13.36
C ASN O 168 22.11 -59.97 -12.89
N THR O 169 21.65 -59.09 -13.79
CA THR O 169 20.42 -58.34 -13.55
C THR O 169 19.21 -59.24 -13.41
N LEU O 170 19.08 -60.25 -14.26
CA LEU O 170 18.00 -61.18 -14.12
C LEU O 170 18.06 -61.90 -12.79
N ASP O 171 19.26 -62.26 -12.35
CA ASP O 171 19.38 -63.06 -11.11
C ASP O 171 19.00 -62.21 -9.93
N ILE O 172 19.40 -60.95 -9.98
CA ILE O 172 19.05 -60.01 -8.91
C ILE O 172 17.54 -59.72 -8.81
N HIS O 173 16.94 -59.55 -9.97
CA HIS O 173 15.48 -59.47 -10.12
C HIS O 173 14.79 -60.66 -9.50
N LYS O 174 15.26 -61.89 -9.77
CA LYS O 174 14.60 -63.07 -9.15
C LYS O 174 14.82 -63.13 -7.65
N SER O 175 15.99 -62.75 -7.18
CA SER O 175 16.27 -62.98 -5.75
C SER O 175 15.61 -61.91 -4.85
N ILE O 176 15.58 -60.65 -5.30
CA ILE O 176 14.73 -59.65 -4.66
C ILE O 176 13.29 -60.09 -4.48
N THR O 177 12.74 -60.78 -5.47
CA THR O 177 11.35 -61.15 -5.43
C THR O 177 11.07 -62.37 -4.58
N ILE O 178 12.01 -63.26 -4.40
CA ILE O 178 11.85 -64.31 -3.39
C ILE O 178 12.58 -63.96 -2.05
N ASN O 179 12.56 -62.66 -1.69
CA ASN O 179 13.16 -62.06 -0.46
C ASN O 179 13.75 -60.67 -0.68
N GLY P 4 -16.18 -76.63 -6.70
CA GLY P 4 -15.18 -75.73 -7.34
C GLY P 4 -13.87 -76.42 -7.69
N SER P 5 -12.88 -75.66 -8.15
CA SER P 5 -11.53 -76.20 -8.28
C SER P 5 -10.95 -76.37 -6.88
N MET P 6 -10.09 -77.37 -6.72
CA MET P 6 -9.52 -77.66 -5.42
C MET P 6 -8.50 -76.57 -5.01
N SER P 7 -8.17 -75.69 -5.93
CA SER P 7 -7.03 -74.85 -5.83
C SER P 7 -7.26 -73.51 -6.50
N ARG P 8 -6.51 -72.49 -6.05
CA ARG P 8 -6.59 -71.17 -6.61
C ARG P 8 -5.16 -70.70 -6.77
N ARG P 9 -4.88 -69.91 -7.80
CA ARG P 9 -3.53 -69.43 -8.04
C ARG P 9 -3.13 -68.33 -7.03
N ASN P 10 -1.93 -68.46 -6.49
CA ASN P 10 -1.39 -67.47 -5.63
C ASN P 10 -0.94 -66.29 -6.44
N PRO P 11 -0.88 -65.11 -5.78
CA PRO P 11 -0.51 -63.95 -6.48
C PRO P 11 0.95 -63.97 -6.87
N CYS P 12 1.25 -63.41 -8.03
CA CYS P 12 2.62 -63.34 -8.47
C CYS P 12 3.42 -62.31 -7.68
N LYS P 13 4.48 -62.82 -7.05
CA LYS P 13 5.34 -61.98 -6.25
C LYS P 13 5.98 -60.90 -7.07
N PHE P 14 6.18 -61.10 -8.36
CA PHE P 14 6.76 -59.99 -9.13
C PHE P 14 5.74 -58.87 -9.31
N GLU P 15 4.46 -59.26 -9.40
CA GLU P 15 3.38 -58.33 -9.71
C GLU P 15 3.13 -57.55 -8.40
N ILE P 16 3.24 -58.25 -7.27
CA ILE P 16 3.15 -57.64 -6.00
C ILE P 16 4.10 -56.47 -5.86
N ARG P 17 5.27 -56.53 -6.46
CA ARG P 17 6.21 -55.41 -6.38
C ARG P 17 6.18 -54.50 -7.52
N GLY P 18 5.29 -54.73 -8.47
CA GLY P 18 5.19 -53.79 -9.60
C GLY P 18 4.48 -54.52 -10.72
N HIS P 19 5.23 -54.84 -11.78
CA HIS P 19 4.72 -55.51 -12.98
C HIS P 19 5.56 -56.77 -13.26
N CYS P 20 4.93 -57.92 -13.25
CA CYS P 20 5.55 -59.18 -13.71
C CYS P 20 6.04 -59.03 -15.11
N LEU P 21 7.29 -59.40 -15.36
CA LEU P 21 7.90 -59.23 -16.68
C LEU P 21 8.15 -60.61 -17.34
N ASN P 22 7.54 -61.66 -16.80
CA ASN P 22 7.79 -63.02 -17.25
C ASN P 22 6.81 -63.50 -18.34
N GLY P 23 6.05 -62.62 -18.97
CA GLY P 23 5.01 -63.01 -19.94
C GLY P 23 4.12 -64.19 -19.54
N LYS P 24 3.75 -65.03 -20.52
CA LYS P 24 2.89 -66.22 -20.28
C LYS P 24 3.56 -67.39 -19.60
N ARG P 25 4.87 -67.41 -19.57
CA ARG P 25 5.57 -68.42 -18.78
C ARG P 25 5.16 -68.43 -17.30
N CYS P 26 4.77 -67.26 -16.73
CA CYS P 26 4.50 -67.15 -15.29
C CYS P 26 3.16 -67.82 -14.99
N HIS P 27 3.19 -68.73 -14.03
CA HIS P 27 2.00 -69.50 -13.69
C HIS P 27 1.25 -68.91 -12.49
N PHE P 28 1.74 -67.80 -11.94
CA PHE P 28 1.01 -67.20 -10.80
C PHE P 28 -0.08 -66.25 -11.27
N SER P 29 -0.95 -65.83 -10.35
CA SER P 29 -2.05 -64.91 -10.70
C SER P 29 -1.58 -63.48 -10.89
N HIS P 30 -1.93 -62.93 -12.02
CA HIS P 30 -1.79 -61.51 -12.31
C HIS P 30 -3.18 -60.84 -12.34
N ASN P 31 -4.17 -61.49 -11.76
CA ASN P 31 -5.53 -61.01 -11.80
C ASN P 31 -5.95 -60.46 -10.41
N TYR P 32 -6.01 -59.14 -10.27
CA TYR P 32 -6.24 -58.53 -8.91
C TYR P 32 -7.56 -58.98 -8.27
N PHE P 33 -8.55 -59.31 -9.10
CA PHE P 33 -9.85 -59.79 -8.55
C PHE P 33 -9.73 -61.06 -7.79
N GLU P 34 -8.67 -61.83 -7.99
CA GLU P 34 -8.57 -63.10 -7.23
C GLU P 34 -7.50 -63.04 -6.13
N TRP P 35 -6.87 -61.88 -5.94
CA TRP P 35 -5.86 -61.76 -4.88
C TRP P 35 -6.45 -61.60 -3.51
N PRO P 36 -5.80 -62.13 -2.51
CA PRO P 36 -6.21 -61.79 -1.15
C PRO P 36 -5.91 -60.32 -0.87
N PRO P 37 -6.63 -59.76 0.10
CA PRO P 37 -6.46 -58.32 0.38
C PRO P 37 -5.05 -57.95 0.76
N HIS P 38 -4.39 -58.80 1.52
CA HIS P 38 -3.03 -58.40 1.99
C HIS P 38 -2.10 -58.14 0.80
N ALA P 39 -2.23 -58.94 -0.25
CA ALA P 39 -1.35 -58.75 -1.36
C ALA P 39 -1.64 -57.50 -2.12
N LEU P 40 -2.92 -57.16 -2.22
CA LEU P 40 -3.30 -55.92 -2.87
C LEU P 40 -2.81 -54.70 -2.06
N LEU P 41 -2.83 -54.82 -0.74
CA LEU P 41 -2.28 -53.78 0.12
C LEU P 41 -0.80 -53.65 -0.06
N VAL P 42 -0.07 -54.78 -0.11
CA VAL P 42 1.38 -54.68 -0.21
C VAL P 42 1.73 -54.04 -1.55
N ARG P 43 1.03 -54.44 -2.61
CA ARG P 43 1.40 -53.90 -3.92
C ARG P 43 1.18 -52.42 -4.02
N GLN P 44 0.12 -51.93 -3.40
CA GLN P 44 -0.15 -50.49 -3.44
C GLN P 44 0.97 -49.72 -2.84
N ASN P 45 1.51 -50.24 -1.77
CA ASN P 45 2.72 -49.61 -1.16
C ASN P 45 3.94 -49.62 -2.05
N PHE P 46 4.28 -50.76 -2.67
CA PHE P 46 5.40 -50.74 -3.64
C PHE P 46 5.11 -49.81 -4.78
N MET P 47 3.86 -49.77 -5.24
CA MET P 47 3.57 -48.90 -6.43
C MET P 47 3.60 -47.41 -6.01
N LEU P 48 3.09 -47.09 -4.83
CA LEU P 48 3.18 -45.65 -4.36
C LEU P 48 4.61 -45.25 -4.24
N ASN P 49 5.46 -46.15 -3.70
CA ASN P 49 6.92 -45.83 -3.61
C ASN P 49 7.46 -45.52 -4.99
N ARG P 50 7.06 -46.30 -5.97
CA ARG P 50 7.58 -46.11 -7.31
C ARG P 50 7.05 -44.82 -7.95
N ILE P 51 5.77 -44.53 -7.76
CA ILE P 51 5.23 -43.29 -8.29
C ILE P 51 5.90 -42.10 -7.64
N LEU P 52 6.02 -42.12 -6.31
CA LEU P 52 6.74 -41.01 -5.64
C LEU P 52 8.18 -40.85 -6.14
N LYS P 53 8.94 -41.93 -6.20
CA LYS P 53 10.34 -41.87 -6.69
C LYS P 53 10.41 -41.28 -8.10
N SER P 54 9.47 -41.65 -8.94
CA SER P 54 9.52 -41.22 -10.34
C SER P 54 9.19 -39.74 -10.55
N MET P 55 8.89 -38.99 -9.49
CA MET P 55 8.74 -37.55 -9.67
C MET P 55 9.73 -36.72 -8.83
N ASP P 56 10.90 -37.28 -8.52
CA ASP P 56 11.99 -36.56 -7.90
C ASP P 56 12.76 -35.69 -8.91
N ARG P 73 27.42 -44.68 -0.22
CA ARG P 73 28.44 -45.64 0.22
C ARG P 73 27.93 -46.51 1.36
N THR P 74 28.65 -47.58 1.63
CA THR P 74 28.18 -48.65 2.52
C THR P 74 27.84 -48.18 3.93
N GLU P 75 28.67 -47.30 4.51
CA GLU P 75 28.47 -46.97 5.92
C GLU P 75 27.45 -45.83 6.14
N GLU P 76 27.27 -44.99 5.13
CA GLU P 76 26.33 -43.88 5.19
C GLU P 76 24.93 -44.44 4.93
N TYR P 77 24.87 -45.49 4.12
CA TYR P 77 23.64 -46.23 3.93
C TYR P 77 23.22 -46.90 5.24
N ALA P 78 24.16 -47.39 6.01
CA ALA P 78 23.81 -48.09 7.26
C ALA P 78 23.40 -47.11 8.34
N LEU P 79 23.97 -45.93 8.26
CA LEU P 79 23.67 -44.86 9.19
C LEU P 79 22.29 -44.30 8.92
N GLY P 80 21.96 -44.21 7.63
CA GLY P 80 20.77 -43.55 7.21
C GLY P 80 21.01 -42.06 7.26
N VAL P 81 20.07 -41.31 6.67
CA VAL P 81 20.13 -39.88 6.74
C VAL P 81 20.19 -39.35 8.19
N VAL P 82 19.48 -39.97 9.11
CA VAL P 82 19.46 -39.51 10.47
C VAL P 82 20.81 -39.80 11.15
N GLY P 83 21.33 -41.01 10.96
CA GLY P 83 22.66 -41.37 11.45
C GLY P 83 23.73 -40.43 10.91
N VAL P 84 23.63 -40.11 9.63
CA VAL P 84 24.58 -39.21 9.05
C VAL P 84 24.51 -37.89 9.76
N LEU P 85 23.31 -37.39 10.03
CA LEU P 85 23.16 -36.04 10.59
C LEU P 85 23.56 -36.03 12.06
N GLU P 86 23.18 -37.05 12.81
CA GLU P 86 23.59 -37.20 14.20
C GLU P 86 25.12 -37.36 14.32
N SER P 87 25.73 -38.08 13.38
CA SER P 87 27.17 -38.24 13.33
C SER P 87 27.85 -36.91 13.06
N TYR P 88 27.33 -36.11 12.13
CA TYR P 88 27.94 -34.81 11.87
C TYR P 88 27.89 -33.96 13.11
N ILE P 89 26.79 -34.01 13.83
CA ILE P 89 26.65 -33.24 15.06
C ILE P 89 27.70 -33.64 16.10
N GLY P 90 27.93 -34.93 16.30
CA GLY P 90 28.97 -35.42 17.22
C GLY P 90 30.37 -35.57 16.60
N SER P 91 30.60 -35.00 15.43
CA SER P 91 31.88 -35.11 14.72
C SER P 91 32.49 -36.52 14.66
N ILE P 92 31.67 -37.53 14.42
CA ILE P 92 32.17 -38.88 14.22
C ILE P 92 31.81 -39.42 12.83
N ASN P 93 32.26 -40.64 12.55
CA ASN P 93 32.02 -41.35 11.28
C ASN P 93 32.34 -40.58 9.99
N ASN P 94 33.20 -39.58 10.07
CA ASN P 94 33.77 -38.93 8.89
C ASN P 94 32.75 -38.27 8.01
N ILE P 95 31.76 -37.65 8.60
CA ILE P 95 30.75 -36.98 7.83
C ILE P 95 31.22 -35.57 7.62
N THR P 96 31.37 -35.19 6.36
CA THR P 96 31.72 -33.82 6.02
C THR P 96 30.49 -32.94 6.14
N LYS P 97 30.73 -31.64 6.12
CA LYS P 97 29.68 -30.66 6.17
C LYS P 97 28.78 -30.74 4.91
N GLN P 98 29.42 -30.90 3.75
CA GLN P 98 28.76 -31.04 2.44
C GLN P 98 27.76 -32.19 2.52
N SER P 99 28.21 -33.35 2.97
CA SER P 99 27.31 -34.48 3.11
C SER P 99 26.16 -34.23 4.07
N ALA P 100 26.42 -33.52 5.15
CA ALA P 100 25.39 -33.31 6.16
C ALA P 100 24.31 -32.40 5.61
N CYS P 101 24.71 -31.45 4.78
CA CYS P 101 23.77 -30.56 4.14
C CYS P 101 22.88 -31.27 3.13
N VAL P 102 23.46 -32.16 2.34
CA VAL P 102 22.68 -32.99 1.42
C VAL P 102 21.71 -33.85 2.23
N ALA P 103 22.21 -34.44 3.32
CA ALA P 103 21.37 -35.29 4.12
C ALA P 103 20.22 -34.48 4.74
N MET P 104 20.49 -33.22 5.00
CA MET P 104 19.52 -32.35 5.62
C MET P 104 18.43 -32.08 4.61
N SER P 105 18.82 -31.84 3.37
CA SER P 105 17.85 -31.70 2.30
C SER P 105 16.95 -32.93 2.20
N LYS P 106 17.52 -34.09 2.34
CA LYS P 106 16.71 -35.29 2.29
C LYS P 106 15.75 -35.36 3.45
N LEU P 107 16.18 -34.92 4.62
CA LEU P 107 15.31 -34.95 5.81
C LEU P 107 14.13 -33.99 5.65
N LEU P 108 14.40 -32.82 5.08
CA LEU P 108 13.42 -31.82 4.85
C LEU P 108 12.34 -32.34 3.88
N THR P 109 12.78 -32.92 2.77
CA THR P 109 11.92 -33.61 1.80
C THR P 109 11.01 -34.65 2.45
N GLU P 110 11.46 -35.32 3.48
CA GLU P 110 10.60 -36.27 4.15
C GLU P 110 9.58 -35.62 5.11
N LEU P 111 9.82 -34.37 5.51
CA LEU P 111 8.92 -33.75 6.49
C LEU P 111 7.81 -33.05 5.73
N ASN P 112 6.66 -32.85 6.35
CA ASN P 112 5.79 -31.87 5.76
C ASN P 112 5.31 -30.72 6.69
N SER P 113 5.30 -29.53 6.10
CA SER P 113 4.87 -28.32 6.73
C SER P 113 3.64 -28.43 7.58
N ASP P 114 2.60 -29.07 7.05
CA ASP P 114 1.33 -29.12 7.75
C ASP P 114 1.47 -29.75 9.12
N ASP P 115 2.33 -30.75 9.26
CA ASP P 115 2.55 -31.34 10.57
C ASP P 115 3.23 -30.38 11.52
N ILE P 116 4.09 -29.51 11.00
CA ILE P 116 4.78 -28.57 11.84
C ILE P 116 3.79 -27.50 12.26
N LYS P 117 3.01 -26.99 11.30
CA LYS P 117 1.96 -26.01 11.62
C LYS P 117 1.05 -26.54 12.69
N LYS P 118 0.71 -27.81 12.63
CA LYS P 118 -0.09 -28.37 13.72
C LYS P 118 0.63 -28.28 15.07
N LEU P 119 1.93 -28.51 15.10
CA LEU P 119 2.67 -28.38 16.35
C LEU P 119 2.74 -26.94 16.82
N ARG P 120 2.99 -26.04 15.89
CA ARG P 120 3.04 -24.65 16.15
C ARG P 120 1.76 -24.13 16.81
N ASP P 121 0.65 -24.69 16.42
CA ASP P 121 -0.65 -24.28 16.91
C ASP P 121 -0.89 -24.72 18.34
N ASN P 122 -0.24 -25.79 18.78
CA ASN P 122 -0.29 -26.19 20.18
C ASN P 122 0.56 -25.33 21.13
N GLU P 123 1.39 -24.44 20.58
CA GLU P 123 2.24 -23.61 21.41
C GLU P 123 1.49 -22.38 21.92
N GLU P 124 1.76 -22.04 23.19
CA GLU P 124 1.33 -20.78 23.78
C GLU P 124 2.04 -19.66 23.02
N LEU P 125 1.42 -18.49 22.91
CA LEU P 125 2.08 -17.45 22.13
C LEU P 125 3.37 -17.00 22.83
N ASN P 126 4.28 -16.44 22.04
CA ASN P 126 5.62 -16.07 22.52
C ASN P 126 6.50 -17.20 23.03
N SER P 127 6.02 -18.44 22.92
CA SER P 127 6.90 -19.61 23.05
C SER P 127 8.07 -19.50 22.05
N PRO P 128 9.29 -19.76 22.52
CA PRO P 128 10.42 -19.66 21.59
C PRO P 128 10.46 -20.83 20.54
N LYS P 129 9.76 -21.93 20.81
CA LYS P 129 9.60 -23.00 19.82
C LYS P 129 9.00 -22.47 18.52
N ILE P 130 8.09 -21.53 18.62
CA ILE P 130 7.42 -20.98 17.45
C ILE P 130 8.42 -20.50 16.41
N ARG P 131 9.47 -19.87 16.88
CA ARG P 131 10.51 -19.35 15.97
C ARG P 131 11.21 -20.52 15.26
N VAL P 132 11.42 -21.62 15.96
CA VAL P 132 12.16 -22.71 15.33
C VAL P 132 11.21 -23.38 14.32
N TYR P 133 9.98 -23.70 14.74
CA TYR P 133 8.97 -24.22 13.81
C TYR P 133 8.88 -23.41 12.54
N ASN P 134 8.82 -22.09 12.63
CA ASN P 134 8.75 -21.28 11.41
C ASN P 134 10.04 -21.32 10.59
N THR P 135 11.17 -21.49 11.24
CA THR P 135 12.43 -21.62 10.53
C THR P 135 12.47 -22.95 9.73
N VAL P 136 12.11 -24.04 10.40
CA VAL P 136 12.08 -25.33 9.78
C VAL P 136 11.06 -25.30 8.62
N ILE P 137 9.88 -24.73 8.85
CA ILE P 137 8.88 -24.62 7.79
C ILE P 137 9.44 -23.89 6.61
N SER P 138 10.15 -22.79 6.80
CA SER P 138 10.68 -22.10 5.62
C SER P 138 11.78 -22.93 4.93
N TYR P 139 12.54 -23.72 5.70
CA TYR P 139 13.52 -24.61 5.07
C TYR P 139 12.83 -25.69 4.21
N ILE P 140 11.78 -26.31 4.76
CA ILE P 140 11.02 -27.26 4.02
C ILE P 140 10.53 -26.66 2.70
N GLU P 141 10.00 -25.44 2.74
CA GLU P 141 9.44 -24.81 1.52
C GLU P 141 10.53 -24.43 0.55
N SER P 142 11.66 -23.88 1.01
CA SER P 142 12.81 -23.63 0.11
C SER P 142 13.28 -24.90 -0.53
N ASN P 143 13.38 -25.95 0.27
CA ASN P 143 13.92 -27.21 -0.19
C ASN P 143 13.05 -27.79 -1.30
N ARG P 144 11.74 -27.70 -1.10
CA ARG P 144 10.78 -28.14 -2.07
C ARG P 144 10.92 -27.36 -3.37
N LYS P 145 11.09 -26.05 -3.30
CA LYS P 145 11.25 -25.24 -4.54
C LYS P 145 12.56 -25.52 -5.24
N ASN P 146 13.63 -25.57 -4.49
CA ASN P 146 14.94 -25.75 -5.08
C ASN P 146 15.92 -26.33 -4.06
N ASN P 147 16.05 -27.64 -4.08
CA ASN P 147 16.87 -28.27 -3.06
C ASN P 147 18.36 -27.97 -3.27
N LYS P 148 18.81 -27.81 -4.50
CA LYS P 148 20.20 -27.44 -4.73
C LYS P 148 20.53 -26.09 -4.09
N GLN P 149 19.62 -25.14 -4.23
CA GLN P 149 19.80 -23.82 -3.62
C GLN P 149 19.79 -23.95 -2.09
N THR P 150 18.84 -24.71 -1.57
CA THR P 150 18.70 -24.85 -0.14
C THR P 150 19.96 -25.49 0.46
N ILE P 151 20.49 -26.49 -0.24
CA ILE P 151 21.74 -27.12 0.18
C ILE P 151 22.88 -26.11 0.19
N HIS P 152 22.93 -25.23 -0.82
CA HIS P 152 24.01 -24.25 -0.90
CA HIS P 152 23.97 -24.18 -0.93
C HIS P 152 23.94 -23.26 0.29
N LEU P 153 22.74 -22.82 0.64
CA LEU P 153 22.52 -22.00 1.82
C LEU P 153 23.01 -22.69 3.09
N LEU P 154 22.60 -23.94 3.26
CA LEU P 154 22.98 -24.70 4.44
C LEU P 154 24.49 -24.79 4.58
N LYS P 155 25.20 -24.95 3.46
CA LYS P 155 26.68 -25.01 3.48
C LYS P 155 27.33 -23.73 3.96
N ARG P 156 26.63 -22.62 3.75
CA ARG P 156 27.13 -21.30 4.16
C ARG P 156 26.96 -20.99 5.64
N LEU P 157 26.08 -21.70 6.32
CA LEU P 157 25.88 -21.45 7.74
C LEU P 157 27.13 -21.80 8.54
N PRO P 158 27.40 -21.02 9.61
CA PRO P 158 28.46 -21.43 10.53
C PRO P 158 28.16 -22.78 11.14
N ALA P 159 29.16 -23.65 11.20
CA ALA P 159 28.99 -24.99 11.72
C ALA P 159 28.06 -25.06 12.93
N ASP P 160 28.24 -24.17 13.90
CA ASP P 160 27.48 -24.28 15.15
C ASP P 160 25.97 -24.00 14.95
N VAL P 161 25.63 -23.12 13.99
CA VAL P 161 24.22 -22.83 13.74
C VAL P 161 23.61 -23.94 12.84
N LEU P 162 24.37 -24.44 11.88
CA LEU P 162 23.95 -25.60 11.12
C LEU P 162 23.58 -26.76 12.04
N LYS P 163 24.43 -27.04 13.02
CA LYS P 163 24.20 -28.16 13.92
C LYS P 163 22.99 -27.95 14.80
N LYS P 164 22.74 -26.69 15.15
CA LYS P 164 21.55 -26.33 15.90
C LYS P 164 20.32 -26.61 15.04
N THR P 165 20.35 -26.10 13.80
CA THR P 165 19.24 -26.25 12.88
C THR P 165 18.95 -27.75 12.62
N ILE P 166 19.98 -28.52 12.34
CA ILE P 166 19.83 -29.94 12.14
C ILE P 166 19.17 -30.56 13.33
N LYS P 167 19.66 -30.21 14.49
CA LYS P 167 19.19 -30.85 15.72
C LYS P 167 17.73 -30.54 15.98
N ASN P 168 17.35 -29.33 15.66
CA ASN P 168 15.96 -28.92 15.80
C ASN P 168 15.08 -29.68 14.84
N THR P 169 15.53 -29.77 13.59
CA THR P 169 14.83 -30.51 12.57
C THR P 169 14.71 -31.97 12.98
N LEU P 170 15.77 -32.56 13.50
CA LEU P 170 15.71 -33.94 13.94
C LEU P 170 14.75 -34.12 15.05
N ASP P 171 14.68 -33.16 15.96
CA ASP P 171 13.77 -33.32 17.12
C ASP P 171 12.31 -33.24 16.66
N ILE P 172 12.06 -32.33 15.74
CA ILE P 172 10.74 -32.19 15.21
C ILE P 172 10.27 -33.47 14.44
N HIS P 173 11.18 -34.00 13.61
CA HIS P 173 10.98 -35.25 12.94
C HIS P 173 10.63 -36.34 13.94
N LYS P 174 11.34 -36.45 15.06
CA LYS P 174 11.00 -37.52 16.00
C LYS P 174 9.65 -37.28 16.63
N SER P 175 9.32 -36.03 16.93
CA SER P 175 8.13 -35.83 17.76
C SER P 175 6.89 -35.96 16.92
N ILE P 176 6.92 -35.47 15.68
CA ILE P 176 5.79 -35.73 14.75
C ILE P 176 5.47 -37.22 14.62
N THR P 177 6.50 -38.06 14.66
CA THR P 177 6.31 -39.47 14.43
C THR P 177 5.85 -40.21 15.66
N ILE P 178 6.13 -39.71 16.86
CA ILE P 178 5.47 -40.27 18.06
C ILE P 178 4.25 -39.40 18.50
N ASN P 179 3.51 -38.87 17.51
CA ASN P 179 2.28 -38.04 17.67
C ASN P 179 2.16 -36.96 16.57
ZN ZN Q . -0.30 -4.08 -50.29
ZN ZN R . 3.37 20.70 3.01
ZN ZN S . 13.54 7.53 -27.22
ZN ZN T . -13.71 34.52 42.29
ZN ZN U . 36.01 -11.14 -31.26
ZN ZN V . 21.98 -22.78 -54.47
ZN ZN W . 12.44 -47.39 10.60
ZN ZN X . 13.39 38.19 24.16
ZN ZN Y . -20.42 38.11 0.05
ZN ZN Z . 7.37 14.09 40.78
ZN ZN AA . -28.24 21.36 20.38
ZN ZN BA . -10.32 55.41 21.53
ZN ZN CA . -7.09 0.85 18.74
ZN ZN DA . -12.74 -32.23 9.26
ZN ZN EA . -20.92 -47.91 -14.27
ZN ZN FA . 4.08 -63.19 -12.82
#